data_8GAM
#
_entry.id   8GAM
#
_cell.length_a   1.00
_cell.length_b   1.00
_cell.length_c   1.00
_cell.angle_alpha   90.00
_cell.angle_beta   90.00
_cell.angle_gamma   90.00
#
_symmetry.space_group_name_H-M   'P 1'
#
loop_
_entity.id
_entity.type
_entity.pdbx_description
1 polymer Cas7
2 polymer 'Phage associated protein'
3 polymer Cas11
4 polymer 'crRNA (43-MER)'
5 polymer Cas5
6 polymer 'Target strand DNA (25-MER)'
7 polymer "Non target strand DNA (5'-D(P*AP*TP*GP*AP*AP*CP*TP*TP*CP*AP*AP*AP*A)-3')"
#
loop_
_entity_poly.entity_id
_entity_poly.type
_entity_poly.pdbx_seq_one_letter_code
_entity_poly.pdbx_strand_id
1 'polypeptide(L)'
;TIEKRYDFVFLFDVQDGNPNGDPDAGNLPRIDPQTGEGLVTDVCLKRKVRNFIQMTQNDEHHDIFIREKGILNNLIDEAH
EQENVKGKEKGEKTEAARQYMCSRYYDIRTFGAVMTTGKNAGQVRGPVQLTFSRSIDPIMTLEHSITRMAVTNEKDASET
GDNRTMGRKFTVPYGLYRCHGFISTHFAKQTGFSENDLELFWQALVNMFDHDHSAARGQMNARGLYVFEHSNNLGDAPAD
SLFKRIQVVKKDGVEVVRSFDDYLVSVDDKNLEETKLLRKLGG
;
A,B,C,D,E,F,M
2 'polypeptide(L)'
;MILHALTQYYQRKAESDGGIAQEGFENKEIPFIIVIDKQGNFIQLEDTRELKVKKKVGRTFLVPKGLGRSGSKSYEVSNL
LWDHYGYVLAYAGEKGQEQADKQHASFTAKVNELKQALPDDAGVTAVAAFLSSAEEKSKVMQAANWAECAKVKGCNLSFR
LVDEAVDLVCQSKAVREYVSQANQTQSDNAQKGICLVTGKAAPIARLHNAVKGVNAKPAPFASVNLSAFESYGKEQGFAF
PIGEQAMFEYTTALNTLLAGENRFRIGDVTTVCWGAKRTPLEESLASLINGGGKDKPDAHIDAVKALYKSLYNGQYCKPD
GEDKFYLLGLSPNSARIVVRFWHETTVAALSESIAAWYDDLQMVRGENSPYPEYMPLPRLLGNLVLDGKMENLPSDLIAQ
ITDAALNNRVLPVSLLQAALRRNKAEQKITYGRASLLKAYINRAIRAGRLKNMKELTMGLDRNRQDIGYVLGRLFAVLEK
IQAEANPGLNATIADRYFGSASSTPIAVFGTLMRLLPHHLNKLEFEGRAVQLQWEIRQILEHCQRFPNHLNLEQQGLFAI
GYYHETQFLFTKDALKNLFNEA
;
G,H
3 'polypeptide(L)'
;GLDRNRQDIGYVLGRLFAVLEKIQAEANPGLNATIADRYFGSASSTPIAVFGTLMRLLPHHLNKLEFEGRAVQLQWEIRQ
ILEHCQRFPNHLNLEQQGLFAIGYYHETQFLFTKDALKNLFNEA
;
I,J
4 'polyribonucleotide' GUUGAAACAGGGUCAGCUUGCCGUAGGUGGCAUCGCCCUCGUC K
5 'polypeptide(L)'
;RFILEISGDLACFTRSELKVERVSYPVITPSAARNILMAILWKPAIRWKVLKIEILKPIQWTNIRRNEVGTKMSERSGSL
YIEDNRQQRASMLLKDVAYRIHADFDMTSEAGESDNYVKFAEMFKRRAKKGQYFHQPYLGCREFPCDFRLLEKAEDGLPL
EDITQDFGFMLYDMDFSKSDPRDSNNAEPMFYQCKAVNGVITVPP
;
N
6 'polydeoxyribonucleotide'
;(DG)(DC)(DA)(DA)(DG)(DC)(DT)(DG)(DA)(DC)(DC)(DC)(DT)(DG)(DA)(DA)(DG)(DT)(DT)(DC)
(DA)(DT)(DC)(DT)(DG)
;
L
7 'polydeoxyribonucleotide' (DA)(DT)(DG)(DA)(DA)(DC)(DT)(DT)(DC)(DA)(DA)(DA)(DA) O
#
# COMPACT_ATOMS: atom_id res chain seq x y z
N THR A 1 -42.44 15.58 17.78
CA THR A 1 -41.35 14.63 17.54
C THR A 1 -41.84 13.18 17.73
N ILE A 2 -41.04 12.23 17.27
CA ILE A 2 -41.39 10.83 17.41
C ILE A 2 -40.83 10.28 18.71
N GLU A 3 -41.49 9.23 19.22
CA GLU A 3 -41.08 8.59 20.47
C GLU A 3 -40.81 7.10 20.29
N LYS A 4 -40.56 6.64 19.07
CA LYS A 4 -40.35 5.23 18.79
C LYS A 4 -39.23 5.06 17.79
N ARG A 5 -38.60 3.89 17.81
CA ARG A 5 -37.47 3.59 16.94
C ARG A 5 -37.92 2.71 15.78
N TYR A 6 -37.32 2.92 14.61
CA TYR A 6 -37.75 2.24 13.39
C TYR A 6 -36.54 1.65 12.68
N ASP A 7 -36.68 0.40 12.23
CA ASP A 7 -35.66 -0.27 11.43
C ASP A 7 -36.36 -0.91 10.24
N PHE A 8 -36.08 -0.41 9.04
CA PHE A 8 -36.79 -0.88 7.84
C PHE A 8 -35.82 -1.55 6.88
N VAL A 9 -36.26 -2.65 6.29
CA VAL A 9 -35.54 -3.36 5.25
C VAL A 9 -36.33 -3.19 3.95
N PHE A 10 -35.67 -2.66 2.92
CA PHE A 10 -36.31 -2.33 1.65
C PHE A 10 -35.69 -3.23 0.57
N LEU A 11 -36.53 -4.08 -0.03
CA LEU A 11 -36.12 -4.94 -1.13
C LEU A 11 -36.65 -4.35 -2.42
N PHE A 12 -35.75 -3.95 -3.32
CA PHE A 12 -36.14 -3.33 -4.58
C PHE A 12 -35.42 -4.02 -5.73
N ASP A 13 -36.15 -4.25 -6.82
CA ASP A 13 -35.64 -4.99 -7.96
C ASP A 13 -35.42 -4.08 -9.16
N VAL A 14 -34.44 -4.43 -9.98
CA VAL A 14 -34.16 -3.77 -11.25
C VAL A 14 -34.12 -4.84 -12.34
N GLN A 15 -34.86 -4.61 -13.42
CA GLN A 15 -34.96 -5.57 -14.52
C GLN A 15 -33.87 -5.32 -15.57
N ASP A 16 -33.69 -4.07 -15.97
CA ASP A 16 -32.67 -3.73 -16.96
C ASP A 16 -32.15 -2.32 -16.64
N GLY A 17 -30.86 -2.13 -16.75
CA GLY A 17 -30.26 -0.84 -16.50
C GLY A 17 -29.26 -0.90 -15.37
N ASN A 18 -28.52 0.20 -15.22
CA ASN A 18 -27.51 0.29 -14.17
C ASN A 18 -28.07 1.06 -13.00
N PRO A 19 -28.26 0.44 -11.83
CA PRO A 19 -28.80 1.17 -10.68
C PRO A 19 -27.86 2.26 -10.19
N ASN A 20 -26.69 1.87 -9.68
CA ASN A 20 -25.80 2.82 -9.02
C ASN A 20 -24.79 3.39 -10.01
N GLY A 21 -23.51 3.29 -9.67
CA GLY A 21 -22.44 3.83 -10.49
C GLY A 21 -21.19 2.99 -10.37
N ASP A 22 -20.04 3.67 -10.38
CA ASP A 22 -18.74 3.02 -10.37
C ASP A 22 -17.75 3.89 -9.61
N PRO A 23 -16.74 3.29 -8.97
CA PRO A 23 -15.74 4.09 -8.27
C PRO A 23 -14.83 4.86 -9.22
N ASP A 24 -15.31 6.00 -9.73
CA ASP A 24 -14.52 6.86 -10.62
C ASP A 24 -14.03 6.09 -11.84
N ALA A 25 -14.87 5.21 -12.36
CA ALA A 25 -14.53 4.42 -13.54
C ALA A 25 -15.16 5.01 -14.79
N GLY A 26 -15.89 4.20 -15.55
CA GLY A 26 -16.70 4.70 -16.64
C GLY A 26 -18.19 4.60 -16.39
N ASN A 27 -18.71 3.36 -16.39
CA ASN A 27 -20.13 3.15 -16.12
C ASN A 27 -20.41 1.74 -15.62
N LEU A 28 -19.39 1.00 -15.20
CA LEU A 28 -19.60 -0.37 -14.73
C LEU A 28 -20.45 -0.38 -13.47
N PRO A 29 -21.44 -1.27 -13.38
CA PRO A 29 -22.25 -1.36 -12.16
C PRO A 29 -21.39 -1.75 -10.97
N ARG A 30 -21.73 -1.18 -9.81
CA ARG A 30 -20.99 -1.43 -8.57
C ARG A 30 -21.27 -2.86 -8.11
N ILE A 31 -20.41 -3.79 -8.53
CA ILE A 31 -20.56 -5.20 -8.23
C ILE A 31 -19.37 -5.66 -7.40
N ASP A 32 -19.62 -6.54 -6.43
CA ASP A 32 -18.58 -7.06 -5.56
C ASP A 32 -17.55 -7.84 -6.37
N PRO A 33 -16.29 -7.41 -6.42
CA PRO A 33 -15.30 -8.12 -7.24
C PRO A 33 -14.93 -9.50 -6.71
N GLN A 34 -15.27 -9.81 -5.45
CA GLN A 34 -14.93 -11.09 -4.85
C GLN A 34 -16.04 -12.12 -4.97
N THR A 35 -17.30 -11.69 -4.95
CA THR A 35 -18.44 -12.62 -4.97
C THR A 35 -19.39 -12.39 -6.13
N GLY A 36 -19.21 -11.35 -6.93
CA GLY A 36 -20.10 -11.10 -8.04
C GLY A 36 -21.46 -10.57 -7.68
N GLU A 37 -21.69 -10.22 -6.42
CA GLU A 37 -22.97 -9.68 -5.98
C GLU A 37 -23.01 -8.17 -6.19
N GLY A 38 -24.17 -7.68 -6.60
CA GLY A 38 -24.32 -6.26 -6.85
C GLY A 38 -24.49 -5.46 -5.57
N LEU A 39 -23.98 -4.23 -5.59
CA LEU A 39 -24.05 -3.32 -4.46
C LEU A 39 -24.54 -1.97 -4.93
N VAL A 40 -25.53 -1.41 -4.23
CA VAL A 40 -26.09 -0.10 -4.54
C VAL A 40 -25.88 0.80 -3.34
N THR A 41 -25.23 1.94 -3.56
CA THR A 41 -24.95 2.87 -2.47
C THR A 41 -26.24 3.55 -2.01
N ASP A 42 -26.23 3.98 -0.74
CA ASP A 42 -27.40 4.64 -0.17
C ASP A 42 -27.57 6.07 -0.69
N VAL A 43 -26.50 6.68 -1.21
CA VAL A 43 -26.59 8.05 -1.70
C VAL A 43 -27.55 8.14 -2.89
N CYS A 44 -27.60 7.10 -3.72
CA CYS A 44 -28.53 7.10 -4.84
C CYS A 44 -29.97 7.10 -4.37
N LEU A 45 -30.29 6.25 -3.39
CA LEU A 45 -31.65 6.22 -2.85
C LEU A 45 -31.98 7.53 -2.16
N LYS A 46 -31.02 8.12 -1.44
CA LYS A 46 -31.27 9.39 -0.77
C LYS A 46 -31.54 10.50 -1.78
N ARG A 47 -30.77 10.53 -2.89
CA ARG A 47 -31.01 11.54 -3.91
C ARG A 47 -32.33 11.32 -4.63
N LYS A 48 -32.73 10.06 -4.83
CA LYS A 48 -34.03 9.79 -5.43
C LYS A 48 -35.16 10.27 -4.51
N VAL A 49 -35.02 10.04 -3.21
CA VAL A 49 -36.02 10.53 -2.25
C VAL A 49 -36.06 12.05 -2.26
N ARG A 50 -34.88 12.69 -2.33
CA ARG A 50 -34.82 14.14 -2.41
C ARG A 50 -35.55 14.66 -3.64
N ASN A 51 -35.30 14.04 -4.80
CA ASN A 51 -35.95 14.46 -6.03
C ASN A 51 -37.46 14.26 -5.95
N PHE A 52 -37.90 13.14 -5.39
CA PHE A 52 -39.34 12.88 -5.25
C PHE A 52 -39.99 13.93 -4.35
N ILE A 53 -39.36 14.25 -3.22
CA ILE A 53 -39.93 15.23 -2.31
C ILE A 53 -39.94 16.62 -2.95
N GLN A 54 -38.90 16.96 -3.70
CA GLN A 54 -38.87 18.24 -4.39
C GLN A 54 -39.93 18.32 -5.47
N MET A 55 -40.23 17.20 -6.13
CA MET A 55 -41.26 17.20 -7.17
C MET A 55 -42.67 17.24 -6.59
N THR A 56 -42.89 16.60 -5.44
CA THR A 56 -44.23 16.50 -4.88
C THR A 56 -44.59 17.69 -4.00
N GLN A 57 -43.64 18.21 -3.22
CA GLN A 57 -43.95 19.26 -2.25
C GLN A 57 -44.02 20.64 -2.92
N ASN A 58 -42.86 21.27 -3.11
CA ASN A 58 -42.76 22.63 -3.65
C ASN A 58 -43.51 23.62 -2.77
N ASP A 59 -43.14 23.65 -1.49
CA ASP A 59 -43.78 24.53 -0.51
C ASP A 59 -42.81 24.74 0.64
N GLU A 60 -43.13 25.73 1.49
CA GLU A 60 -42.29 26.01 2.64
C GLU A 60 -42.29 24.82 3.61
N HIS A 61 -41.23 24.77 4.42
CA HIS A 61 -40.99 23.69 5.39
C HIS A 61 -40.86 22.33 4.72
N HIS A 62 -40.59 22.31 3.41
CA HIS A 62 -40.40 21.09 2.66
C HIS A 62 -39.37 21.33 1.57
N ASP A 63 -38.17 21.75 1.98
CA ASP A 63 -37.10 22.07 1.04
C ASP A 63 -36.24 20.83 0.76
N ILE A 64 -35.49 20.91 -0.34
CA ILE A 64 -34.70 19.80 -0.83
C ILE A 64 -33.37 20.33 -1.36
N PHE A 65 -33.35 21.63 -1.68
CA PHE A 65 -32.27 22.32 -2.39
C PHE A 65 -32.32 21.99 -3.87
N ILE A 66 -32.05 22.97 -4.72
CA ILE A 66 -32.16 22.82 -6.16
C ILE A 66 -31.02 21.97 -6.69
N ARG A 67 -30.96 21.79 -8.01
CA ARG A 67 -29.99 20.90 -8.63
C ARG A 67 -28.63 21.56 -8.77
N GLU A 68 -28.16 21.74 -10.00
CA GLU A 68 -26.83 22.28 -10.25
C GLU A 68 -26.74 23.78 -10.02
N LYS A 69 -27.86 24.50 -10.12
CA LYS A 69 -27.88 25.94 -9.95
C LYS A 69 -27.94 26.37 -8.48
N GLY A 70 -27.51 25.51 -7.57
CA GLY A 70 -27.57 25.81 -6.14
C GLY A 70 -26.18 25.88 -5.54
N ILE A 71 -25.98 26.88 -4.69
CA ILE A 71 -24.71 27.08 -3.98
C ILE A 71 -24.98 27.00 -2.49
N LEU A 72 -24.17 26.20 -1.79
CA LEU A 72 -24.37 26.03 -0.36
C LEU A 72 -24.05 27.31 0.40
N ASN A 73 -23.06 28.08 -0.05
CA ASN A 73 -22.72 29.33 0.61
C ASN A 73 -23.87 30.32 0.51
N ASN A 74 -24.52 30.40 -0.66
CA ASN A 74 -25.65 31.30 -0.82
C ASN A 74 -26.82 30.91 0.08
N LEU A 75 -27.10 29.61 0.19
CA LEU A 75 -28.18 29.15 1.05
C LEU A 75 -27.87 29.39 2.52
N ILE A 76 -26.61 29.25 2.91
CA ILE A 76 -26.24 29.55 4.30
C ILE A 76 -26.36 31.04 4.58
N ASP A 77 -25.93 31.89 3.64
CA ASP A 77 -26.06 33.32 3.83
C ASP A 77 -27.53 33.74 3.87
N GLU A 78 -28.39 33.04 3.13
CA GLU A 78 -29.82 33.33 3.17
C GLU A 78 -30.43 32.89 4.49
N ALA A 79 -29.98 31.75 5.02
CA ALA A 79 -30.51 31.26 6.30
C ALA A 79 -30.01 32.09 7.47
N HIS A 80 -28.86 32.74 7.32
CA HIS A 80 -28.29 33.59 8.38
C HIS A 80 -28.76 35.05 8.27
N GLU A 81 -29.99 35.28 7.83
CA GLU A 81 -30.54 36.63 7.70
C GLU A 81 -31.95 36.69 8.25
N GLN A 82 -32.19 36.03 9.39
CA GLN A 82 -33.50 36.06 10.03
C GLN A 82 -33.31 36.71 11.40
N GLU A 83 -33.62 36.01 12.48
CA GLU A 83 -33.46 36.56 13.83
C GLU A 83 -32.04 36.35 14.38
N ASN A 84 -31.32 35.36 13.88
CA ASN A 84 -29.95 35.09 14.33
C ASN A 84 -28.94 35.81 13.45
N VAL A 85 -28.98 37.15 13.44
CA VAL A 85 -28.07 37.94 12.63
C VAL A 85 -26.66 37.87 13.22
N LYS A 86 -26.41 38.67 14.26
CA LYS A 86 -25.09 38.72 14.88
C LYS A 86 -25.20 38.72 16.40
N GLY A 87 -26.31 39.23 16.93
CA GLY A 87 -26.49 39.33 18.36
C GLY A 87 -26.98 38.06 19.01
N LYS A 88 -26.28 36.95 18.78
CA LYS A 88 -26.64 35.67 19.38
C LYS A 88 -25.44 34.90 19.92
N GLU A 89 -24.23 35.45 19.83
CA GLU A 89 -22.98 34.80 20.21
C GLU A 89 -22.72 33.60 19.31
N LYS A 90 -21.55 33.60 18.64
CA LYS A 90 -21.28 32.59 17.62
C LYS A 90 -21.39 31.18 18.16
N GLY A 91 -20.92 30.96 19.40
CA GLY A 91 -21.04 29.64 20.00
C GLY A 91 -22.48 29.18 20.09
N GLU A 92 -23.41 30.10 20.33
CA GLU A 92 -24.83 29.80 20.30
C GLU A 92 -25.48 30.13 18.97
N LYS A 93 -24.87 31.02 18.18
CA LYS A 93 -25.39 31.30 16.85
C LYS A 93 -25.32 30.08 15.95
N THR A 94 -24.29 29.25 16.12
CA THR A 94 -24.20 28.01 15.35
C THR A 94 -25.37 27.09 15.66
N GLU A 95 -25.67 26.91 16.95
CA GLU A 95 -26.79 26.06 17.34
C GLU A 95 -28.12 26.65 16.87
N ALA A 96 -28.27 27.97 16.95
CA ALA A 96 -29.51 28.60 16.49
C ALA A 96 -29.69 28.41 14.99
N ALA A 97 -28.62 28.59 14.21
CA ALA A 97 -28.71 28.39 12.77
C ALA A 97 -28.97 26.93 12.43
N ARG A 98 -28.40 26.01 13.19
CA ARG A 98 -28.66 24.59 12.97
C ARG A 98 -30.13 24.27 13.22
N GLN A 99 -30.69 24.78 14.33
CA GLN A 99 -32.09 24.55 14.62
C GLN A 99 -32.99 25.17 13.57
N TYR A 100 -32.66 26.38 13.10
CA TYR A 100 -33.47 27.02 12.08
C TYR A 100 -33.40 26.27 10.75
N MET A 101 -32.23 25.75 10.40
CA MET A 101 -32.10 24.99 9.16
C MET A 101 -32.82 23.65 9.26
N CYS A 102 -32.83 23.04 10.45
CA CYS A 102 -33.58 21.80 10.62
C CYS A 102 -35.08 22.04 10.59
N SER A 103 -35.53 23.17 11.12
CA SER A 103 -36.97 23.46 11.16
C SER A 103 -37.50 23.91 9.80
N ARG A 104 -36.77 24.77 9.09
CA ARG A 104 -37.24 25.31 7.83
C ARG A 104 -37.00 24.39 6.64
N TYR A 105 -35.88 23.66 6.64
CA TYR A 105 -35.52 22.78 5.53
C TYR A 105 -35.81 21.34 5.95
N TYR A 106 -36.77 20.71 5.27
CA TYR A 106 -37.13 19.33 5.59
C TYR A 106 -36.06 18.35 5.14
N ASP A 107 -35.26 18.72 4.14
CA ASP A 107 -34.19 17.84 3.67
C ASP A 107 -33.15 17.61 4.75
N ILE A 108 -32.91 18.60 5.61
CA ILE A 108 -31.93 18.45 6.67
C ILE A 108 -32.37 17.39 7.67
N ARG A 109 -33.65 17.42 8.05
CA ARG A 109 -34.18 16.38 8.92
C ARG A 109 -34.23 15.03 8.21
N THR A 110 -34.47 15.03 6.90
CA THR A 110 -34.51 13.78 6.14
C THR A 110 -33.09 13.23 5.95
N PHE A 111 -32.30 13.89 5.11
CA PHE A 111 -30.90 13.51 4.89
C PHE A 111 -30.06 14.79 4.98
N GLY A 112 -29.48 15.04 6.14
CA GLY A 112 -28.71 16.26 6.34
C GLY A 112 -27.47 16.30 5.48
N ALA A 113 -27.00 17.52 5.21
CA ALA A 113 -25.81 17.73 4.40
C ALA A 113 -24.70 18.37 5.22
N VAL A 114 -23.92 19.25 4.60
CA VAL A 114 -22.82 19.93 5.27
C VAL A 114 -23.23 21.35 5.60
N MET A 115 -22.68 21.88 6.69
CA MET A 115 -22.96 23.24 7.13
C MET A 115 -21.70 24.02 7.46
N THR A 116 -20.53 23.62 6.97
CA THR A 116 -19.26 24.28 7.27
C THR A 116 -18.65 24.75 5.95
N THR A 117 -18.97 25.99 5.58
CA THR A 117 -18.42 26.60 4.38
C THR A 117 -17.66 27.87 4.74
N GLY A 118 -18.07 29.00 4.16
CA GLY A 118 -17.46 30.27 4.53
C GLY A 118 -17.91 30.74 5.91
N LYS A 119 -19.09 30.31 6.34
CA LYS A 119 -19.63 30.65 7.65
C LYS A 119 -20.13 29.38 8.31
N ASN A 120 -19.42 28.92 9.33
CA ASN A 120 -19.81 27.69 10.01
C ASN A 120 -21.08 27.89 10.83
N ALA A 121 -21.87 26.82 10.95
CA ALA A 121 -23.13 26.89 11.68
C ALA A 121 -23.49 25.56 12.34
N GLY A 122 -22.49 24.74 12.64
CA GLY A 122 -22.74 23.47 13.29
C GLY A 122 -22.75 22.30 12.31
N GLN A 123 -23.45 21.24 12.71
CA GLN A 123 -23.54 20.03 11.92
C GLN A 123 -24.73 19.22 12.40
N VAL A 124 -25.40 18.56 11.46
CA VAL A 124 -26.59 17.76 11.74
C VAL A 124 -26.27 16.30 11.43
N ARG A 125 -26.61 15.41 12.36
CA ARG A 125 -26.44 13.98 12.17
C ARG A 125 -27.66 13.33 11.53
N GLY A 126 -28.85 13.68 11.99
CA GLY A 126 -30.08 13.16 11.44
C GLY A 126 -30.38 11.75 11.91
N PRO A 127 -31.60 11.54 12.43
CA PRO A 127 -31.97 10.19 12.87
C PRO A 127 -32.16 9.21 11.73
N VAL A 128 -32.58 9.68 10.56
CA VAL A 128 -32.78 8.83 9.40
C VAL A 128 -31.42 8.53 8.79
N GLN A 129 -30.99 7.28 8.85
CA GLN A 129 -29.70 6.85 8.32
C GLN A 129 -29.90 5.59 7.49
N LEU A 130 -29.58 5.67 6.21
CA LEU A 130 -29.70 4.54 5.29
C LEU A 130 -28.33 3.92 5.04
N THR A 131 -28.34 2.61 4.77
CA THR A 131 -27.14 1.84 4.54
C THR A 131 -27.06 1.42 3.08
N PHE A 132 -25.95 0.78 2.73
CA PHE A 132 -25.74 0.32 1.36
C PHE A 132 -26.64 -0.88 1.06
N SER A 133 -26.87 -1.11 -0.23
CA SER A 133 -27.69 -2.23 -0.66
C SER A 133 -26.81 -3.39 -1.11
N ARG A 134 -27.36 -4.59 -1.05
CA ARG A 134 -26.64 -5.80 -1.42
C ARG A 134 -27.61 -6.80 -2.05
N SER A 135 -27.13 -7.51 -3.07
CA SER A 135 -27.91 -8.54 -3.74
C SER A 135 -27.48 -9.91 -3.26
N ILE A 136 -28.46 -10.81 -3.07
CA ILE A 136 -28.16 -12.16 -2.61
C ILE A 136 -27.50 -12.97 -3.72
N ASP A 137 -28.24 -13.21 -4.80
CA ASP A 137 -27.69 -13.96 -5.92
C ASP A 137 -26.67 -13.10 -6.66
N PRO A 138 -25.49 -13.64 -7.01
CA PRO A 138 -24.50 -12.85 -7.73
C PRO A 138 -24.97 -12.52 -9.15
N ILE A 139 -25.13 -11.24 -9.44
CA ILE A 139 -25.59 -10.79 -10.74
C ILE A 139 -24.43 -10.87 -11.74
N MET A 140 -24.77 -10.85 -13.03
CA MET A 140 -23.78 -10.93 -14.10
C MET A 140 -23.70 -9.59 -14.81
N THR A 141 -22.56 -9.35 -15.44
CA THR A 141 -22.33 -8.12 -16.18
C THR A 141 -22.42 -8.39 -17.68
N LEU A 142 -23.17 -7.53 -18.38
CA LEU A 142 -23.39 -7.68 -19.80
C LEU A 142 -22.46 -6.85 -20.66
N GLU A 143 -22.02 -5.69 -20.17
CA GLU A 143 -21.12 -4.79 -20.90
C GLU A 143 -21.69 -4.45 -22.27
N HIS A 144 -22.90 -3.88 -22.25
CA HIS A 144 -23.62 -3.54 -23.47
C HIS A 144 -23.24 -2.13 -23.91
N SER A 145 -22.65 -2.02 -25.10
CA SER A 145 -22.22 -0.74 -25.63
C SER A 145 -23.15 -0.30 -26.76
N ILE A 146 -23.12 0.99 -27.05
CA ILE A 146 -23.93 1.60 -28.11
C ILE A 146 -23.08 2.62 -28.85
N THR A 147 -23.65 3.17 -29.92
CA THR A 147 -22.97 4.14 -30.76
C THR A 147 -23.84 5.38 -30.92
N ARG A 148 -23.26 6.39 -31.57
CA ARG A 148 -23.95 7.66 -31.79
C ARG A 148 -23.49 8.25 -33.11
N MET A 149 -24.45 8.60 -33.97
CA MET A 149 -24.14 9.17 -35.27
C MET A 149 -23.71 10.63 -35.21
N ALA A 150 -23.86 11.28 -34.06
CA ALA A 150 -23.47 12.67 -33.89
C ALA A 150 -22.08 12.76 -33.27
N VAL A 151 -21.48 13.95 -33.36
CA VAL A 151 -20.16 14.20 -32.81
C VAL A 151 -20.25 15.35 -31.81
N THR A 152 -19.61 15.18 -30.65
CA THR A 152 -19.70 16.14 -29.57
C THR A 152 -18.71 17.28 -29.71
N ASN A 153 -17.61 17.10 -30.42
CA ASN A 153 -16.61 18.14 -30.59
C ASN A 153 -15.79 17.86 -31.84
N GLU A 154 -15.56 18.90 -32.63
CA GLU A 154 -14.79 18.79 -33.88
C GLU A 154 -13.30 18.68 -33.58
N LYS A 155 -12.92 17.54 -33.01
CA LYS A 155 -11.55 17.28 -32.64
C LYS A 155 -10.80 16.65 -33.81
N ASP A 156 -9.63 16.06 -33.54
CA ASP A 156 -8.85 15.43 -34.60
C ASP A 156 -9.48 14.11 -35.04
N ALA A 157 -10.14 13.40 -34.13
CA ALA A 157 -10.80 12.14 -34.45
C ALA A 157 -12.17 12.33 -35.09
N SER A 158 -12.65 13.57 -35.19
CA SER A 158 -13.95 13.85 -35.80
C SER A 158 -13.79 13.78 -37.32
N GLU A 159 -13.84 12.56 -37.83
CA GLU A 159 -13.72 12.34 -39.27
C GLU A 159 -14.96 12.85 -39.99
N THR A 160 -14.74 13.47 -41.14
CA THR A 160 -15.82 14.02 -41.95
C THR A 160 -16.51 12.96 -42.81
N GLY A 161 -16.17 11.69 -42.62
CA GLY A 161 -16.78 10.62 -43.38
C GLY A 161 -17.85 9.88 -42.62
N ASP A 162 -17.72 9.83 -41.29
CA ASP A 162 -18.71 9.17 -40.43
C ASP A 162 -18.51 9.58 -38.98
N ASN A 163 -19.35 10.49 -38.50
CA ASN A 163 -19.26 10.94 -37.12
C ASN A 163 -19.73 9.84 -36.18
N ARG A 164 -18.80 9.21 -35.48
CA ARG A 164 -19.10 8.15 -34.53
C ARG A 164 -18.18 8.27 -33.33
N THR A 165 -18.76 8.43 -32.14
CA THR A 165 -18.00 8.43 -30.90
C THR A 165 -18.29 7.21 -30.03
N MET A 166 -19.10 6.28 -30.53
CA MET A 166 -19.46 5.04 -29.82
C MET A 166 -20.14 5.43 -28.50
N GLY A 167 -19.94 4.67 -27.44
CA GLY A 167 -20.57 4.94 -26.16
C GLY A 167 -20.76 3.67 -25.37
N ARG A 168 -20.90 3.84 -24.06
CA ARG A 168 -21.12 2.73 -23.14
C ARG A 168 -22.38 3.00 -22.32
N LYS A 169 -23.07 1.93 -21.98
CA LYS A 169 -24.35 2.04 -21.29
C LYS A 169 -24.66 0.67 -20.68
N PHE A 170 -24.11 0.43 -19.49
CA PHE A 170 -24.23 -0.89 -18.88
C PHE A 170 -25.68 -1.15 -18.45
N THR A 171 -25.95 -2.42 -18.15
CA THR A 171 -27.27 -2.84 -17.69
C THR A 171 -27.12 -4.14 -16.92
N VAL A 172 -28.13 -4.42 -16.09
CA VAL A 172 -28.17 -5.62 -15.26
C VAL A 172 -29.30 -6.51 -15.75
N PRO A 173 -29.07 -7.80 -15.97
CA PRO A 173 -30.18 -8.67 -16.41
C PRO A 173 -31.30 -8.76 -15.39
N TYR A 174 -30.96 -8.75 -14.10
CA TYR A 174 -31.93 -8.74 -13.02
C TYR A 174 -31.17 -8.58 -11.70
N GLY A 175 -31.71 -7.78 -10.79
CA GLY A 175 -31.07 -7.59 -9.52
C GLY A 175 -32.01 -7.15 -8.41
N LEU A 176 -32.17 -7.97 -7.38
CA LEU A 176 -33.01 -7.66 -6.23
C LEU A 176 -32.11 -7.24 -5.08
N TYR A 177 -31.96 -5.93 -4.90
CA TYR A 177 -31.10 -5.39 -3.85
C TYR A 177 -31.88 -5.20 -2.56
N ARG A 178 -31.18 -5.36 -1.44
CA ARG A 178 -31.76 -5.19 -0.11
C ARG A 178 -31.00 -4.11 0.64
N CYS A 179 -31.72 -3.12 1.12
CA CYS A 179 -31.16 -1.99 1.86
C CYS A 179 -31.73 -1.95 3.27
N HIS A 180 -30.96 -1.39 4.19
CA HIS A 180 -31.37 -1.26 5.58
C HIS A 180 -31.35 0.20 6.00
N GLY A 181 -32.32 0.59 6.83
CA GLY A 181 -32.39 1.96 7.29
C GLY A 181 -32.87 2.07 8.73
N PHE A 182 -32.35 3.06 9.45
CA PHE A 182 -32.61 3.22 10.87
C PHE A 182 -33.11 4.63 11.16
N ILE A 183 -34.04 4.73 12.11
CA ILE A 183 -34.59 6.01 12.58
C ILE A 183 -34.64 5.95 14.10
N SER A 184 -33.89 6.81 14.77
CA SER A 184 -33.80 6.81 16.22
C SER A 184 -34.90 7.66 16.84
N THR A 185 -34.55 8.42 17.88
CA THR A 185 -35.54 9.22 18.60
C THR A 185 -34.93 10.52 19.12
N HIS A 186 -33.76 10.43 19.74
CA HIS A 186 -33.13 11.62 20.32
C HIS A 186 -32.74 12.62 19.24
N PHE A 187 -32.19 12.13 18.11
CA PHE A 187 -31.84 13.01 17.01
C PHE A 187 -33.10 13.65 16.41
N ALA A 188 -34.20 12.90 16.38
CA ALA A 188 -35.46 13.46 15.90
C ALA A 188 -35.97 14.55 16.84
N LYS A 189 -35.74 14.39 18.15
CA LYS A 189 -36.14 15.42 19.10
C LYS A 189 -35.26 16.67 18.96
N GLN A 190 -33.97 16.49 18.67
CA GLN A 190 -33.09 17.64 18.50
C GLN A 190 -33.33 18.38 17.20
N THR A 191 -33.71 17.66 16.15
CA THR A 191 -33.95 18.28 14.84
C THR A 191 -35.40 18.67 14.61
N GLY A 192 -36.36 17.86 15.08
CA GLY A 192 -37.75 18.15 14.89
C GLY A 192 -38.49 17.21 13.97
N PHE A 193 -38.10 15.94 13.91
CA PHE A 193 -38.73 14.98 13.02
C PHE A 193 -39.98 14.43 13.70
N SER A 194 -41.15 14.83 13.21
CA SER A 194 -42.43 14.46 13.82
C SER A 194 -43.03 13.26 13.08
N GLU A 195 -44.30 12.99 13.36
CA GLU A 195 -44.98 11.85 12.75
C GLU A 195 -45.41 12.13 11.32
N ASN A 196 -45.81 13.37 11.01
CA ASN A 196 -46.16 13.72 9.64
C ASN A 196 -44.94 13.62 8.73
N ASP A 197 -43.77 14.06 9.22
CA ASP A 197 -42.54 13.90 8.46
C ASP A 197 -42.22 12.42 8.25
N LEU A 198 -42.50 11.59 9.27
CA LEU A 198 -42.27 10.15 9.13
C LEU A 198 -43.18 9.55 8.06
N GLU A 199 -44.45 9.95 8.05
CA GLU A 199 -45.36 9.44 7.02
C GLU A 199 -44.94 9.90 5.63
N LEU A 200 -44.49 11.16 5.51
CA LEU A 200 -44.01 11.65 4.22
C LEU A 200 -42.76 10.88 3.78
N PHE A 201 -41.88 10.53 4.72
CA PHE A 201 -40.70 9.76 4.38
C PHE A 201 -41.06 8.35 3.94
N TRP A 202 -42.03 7.73 4.62
CA TRP A 202 -42.49 6.41 4.18
C TRP A 202 -43.12 6.47 2.80
N GLN A 203 -43.88 7.53 2.53
CA GLN A 203 -44.48 7.69 1.20
C GLN A 203 -43.40 7.87 0.13
N ALA A 204 -42.37 8.65 0.44
CA ALA A 204 -41.26 8.82 -0.49
C ALA A 204 -40.53 7.50 -0.73
N LEU A 205 -40.37 6.70 0.31
CA LEU A 205 -39.72 5.41 0.16
C LEU A 205 -40.55 4.48 -0.72
N VAL A 206 -41.86 4.39 -0.47
CA VAL A 206 -42.70 3.50 -1.26
C VAL A 206 -42.99 4.04 -2.66
N ASN A 207 -42.70 5.31 -2.91
CA ASN A 207 -42.88 5.89 -4.24
C ASN A 207 -41.55 6.40 -4.80
N MET A 208 -40.44 5.83 -4.35
CA MET A 208 -39.12 6.22 -4.82
C MET A 208 -38.93 5.97 -6.31
N PHE A 209 -38.78 4.70 -6.69
CA PHE A 209 -38.53 4.36 -8.09
C PHE A 209 -39.76 4.51 -8.97
N ASP A 210 -40.92 4.83 -8.41
CA ASP A 210 -42.14 4.95 -9.18
C ASP A 210 -42.24 6.25 -9.97
N HIS A 211 -41.25 7.13 -9.87
CA HIS A 211 -41.31 8.40 -10.57
C HIS A 211 -40.00 8.71 -11.29
N ASP A 212 -38.90 8.79 -10.54
CA ASP A 212 -37.61 9.14 -11.12
C ASP A 212 -37.09 7.99 -11.99
N HIS A 213 -36.90 8.26 -13.27
CA HIS A 213 -36.40 7.28 -14.23
C HIS A 213 -35.52 7.97 -15.25
N SER A 214 -34.73 7.17 -15.95
CA SER A 214 -33.85 7.70 -16.99
C SER A 214 -33.57 6.58 -18.00
N ALA A 215 -32.57 6.80 -18.86
CA ALA A 215 -32.16 5.82 -19.86
C ALA A 215 -31.09 4.86 -19.38
N ALA A 216 -30.06 5.37 -18.70
CA ALA A 216 -28.99 4.50 -18.22
C ALA A 216 -29.45 3.61 -17.07
N ARG A 217 -30.30 4.13 -16.18
CA ARG A 217 -30.79 3.34 -15.07
C ARG A 217 -31.86 2.34 -15.51
N GLY A 218 -32.55 2.62 -16.60
CA GLY A 218 -33.53 1.67 -17.12
C GLY A 218 -34.74 1.55 -16.22
N GLN A 219 -35.31 0.34 -16.19
CA GLN A 219 -36.49 0.04 -15.41
C GLN A 219 -36.08 -0.34 -13.99
N MET A 220 -36.60 0.41 -13.01
CA MET A 220 -36.35 0.11 -11.60
C MET A 220 -37.63 0.36 -10.81
N ASN A 221 -37.96 -0.56 -9.92
CA ASN A 221 -39.14 -0.43 -9.08
C ASN A 221 -38.81 -1.03 -7.71
N ALA A 222 -39.86 -1.32 -6.93
CA ALA A 222 -39.72 -1.85 -5.59
C ALA A 222 -40.41 -3.20 -5.48
N ARG A 223 -40.09 -3.94 -4.43
CA ARG A 223 -40.67 -5.24 -4.17
C ARG A 223 -41.28 -5.37 -2.79
N GLY A 224 -40.60 -4.92 -1.74
CA GLY A 224 -41.10 -5.06 -0.40
C GLY A 224 -40.45 -4.09 0.55
N LEU A 225 -41.13 -3.83 1.67
CA LEU A 225 -40.62 -2.95 2.72
C LEU A 225 -41.13 -3.48 4.05
N TYR A 226 -40.23 -4.09 4.83
CA TYR A 226 -40.56 -4.67 6.13
C TYR A 226 -39.98 -3.78 7.22
N VAL A 227 -40.85 -3.17 8.03
CA VAL A 227 -40.44 -2.21 9.04
C VAL A 227 -40.72 -2.81 10.42
N PHE A 228 -39.73 -2.71 11.30
CA PHE A 228 -39.86 -3.10 12.70
C PHE A 228 -39.87 -1.83 13.55
N GLU A 229 -40.83 -1.74 14.46
CA GLU A 229 -41.05 -0.56 15.28
C GLU A 229 -40.90 -0.93 16.74
N HIS A 230 -39.93 -0.31 17.41
CA HIS A 230 -39.75 -0.46 18.85
C HIS A 230 -40.48 0.65 19.57
N SER A 231 -41.32 0.27 20.54
CA SER A 231 -42.14 1.23 21.27
C SER A 231 -41.36 2.07 22.26
N ASN A 232 -40.02 2.05 22.21
CA ASN A 232 -39.20 2.85 23.11
C ASN A 232 -37.85 3.08 22.45
N ASN A 233 -37.02 3.90 23.10
CA ASN A 233 -35.74 4.27 22.52
C ASN A 233 -34.71 3.16 22.60
N LEU A 234 -34.96 2.14 23.40
CA LEU A 234 -34.01 1.05 23.59
C LEU A 234 -34.26 -0.05 22.56
N GLY A 235 -33.60 -1.19 22.73
CA GLY A 235 -33.74 -2.32 21.84
C GLY A 235 -33.74 -3.65 22.57
N ASP A 236 -34.90 -4.28 22.66
CA ASP A 236 -35.03 -5.56 23.35
C ASP A 236 -34.54 -6.74 22.51
N ALA A 237 -34.19 -6.50 21.25
CA ALA A 237 -33.69 -7.56 20.37
C ALA A 237 -32.72 -6.94 19.38
N PRO A 238 -31.65 -7.66 19.02
CA PRO A 238 -30.69 -7.11 18.06
C PRO A 238 -31.29 -7.01 16.67
N ALA A 239 -30.81 -6.02 15.91
CA ALA A 239 -31.31 -5.79 14.56
C ALA A 239 -30.83 -6.85 13.58
N ASP A 240 -29.76 -7.60 13.92
CA ASP A 240 -29.26 -8.61 12.99
C ASP A 240 -30.22 -9.79 12.89
N SER A 241 -30.95 -10.10 13.96
CA SER A 241 -31.98 -11.14 13.89
C SER A 241 -33.13 -10.70 13.00
N LEU A 242 -33.59 -9.45 13.17
CA LEU A 242 -34.65 -8.91 12.33
C LEU A 242 -34.22 -8.90 10.87
N PHE A 243 -32.95 -8.58 10.60
CA PHE A 243 -32.48 -8.56 9.23
C PHE A 243 -32.37 -9.97 8.65
N LYS A 244 -32.11 -10.96 9.50
CA LYS A 244 -32.03 -12.34 9.04
C LYS A 244 -33.38 -13.02 8.94
N ARG A 245 -34.45 -12.39 9.47
CA ARG A 245 -35.78 -12.98 9.33
C ARG A 245 -36.23 -12.96 7.88
N ILE A 246 -36.19 -11.79 7.24
CA ILE A 246 -36.57 -11.65 5.83
C ILE A 246 -35.52 -12.34 4.98
N GLN A 247 -35.67 -13.65 4.78
CA GLN A 247 -34.68 -14.42 4.05
C GLN A 247 -35.09 -14.53 2.58
N VAL A 248 -34.27 -13.97 1.70
CA VAL A 248 -34.50 -14.00 0.26
C VAL A 248 -33.42 -14.88 -0.36
N VAL A 249 -33.83 -16.06 -0.84
CA VAL A 249 -32.89 -17.02 -1.43
C VAL A 249 -33.22 -17.20 -2.91
N LYS A 250 -32.38 -17.95 -3.62
CA LYS A 250 -32.58 -18.21 -5.03
C LYS A 250 -33.58 -19.35 -5.22
N LYS A 251 -33.79 -19.72 -6.48
CA LYS A 251 -34.72 -20.80 -6.79
C LYS A 251 -34.10 -22.14 -6.42
N ASP A 252 -34.97 -23.16 -6.33
CA ASP A 252 -34.51 -24.50 -5.98
C ASP A 252 -33.83 -25.20 -7.16
N GLY A 253 -34.26 -24.89 -8.39
CA GLY A 253 -33.67 -25.51 -9.56
C GLY A 253 -32.96 -24.52 -10.46
N VAL A 254 -33.54 -23.32 -10.61
CA VAL A 254 -32.94 -22.30 -11.45
C VAL A 254 -31.76 -21.66 -10.72
N GLU A 255 -30.60 -21.61 -11.39
CA GLU A 255 -29.41 -21.06 -10.78
C GLU A 255 -29.42 -19.54 -10.78
N VAL A 256 -29.96 -18.94 -11.84
CA VAL A 256 -30.00 -17.49 -11.97
C VAL A 256 -31.35 -16.96 -11.50
N VAL A 257 -31.54 -15.65 -11.59
CA VAL A 257 -32.78 -15.01 -11.18
C VAL A 257 -33.19 -14.00 -12.27
N ARG A 258 -34.48 -13.96 -12.56
CA ARG A 258 -35.00 -13.05 -13.58
C ARG A 258 -36.28 -12.34 -13.19
N SER A 259 -36.99 -12.76 -12.14
CA SER A 259 -38.23 -12.12 -11.73
C SER A 259 -38.42 -12.37 -10.24
N PHE A 260 -39.60 -11.98 -9.73
CA PHE A 260 -39.89 -12.18 -8.32
C PHE A 260 -40.14 -13.65 -8.00
N ASP A 261 -40.55 -14.44 -9.00
CA ASP A 261 -40.79 -15.86 -8.76
C ASP A 261 -39.48 -16.60 -8.51
N ASP A 262 -38.36 -16.12 -9.04
CA ASP A 262 -37.08 -16.78 -8.81
C ASP A 262 -36.58 -16.53 -7.40
N TYR A 263 -36.73 -15.31 -6.89
CA TYR A 263 -36.32 -14.98 -5.53
C TYR A 263 -37.39 -15.46 -4.56
N LEU A 264 -37.09 -16.51 -3.80
CA LEU A 264 -37.98 -17.03 -2.79
C LEU A 264 -37.80 -16.25 -1.50
N VAL A 265 -38.85 -15.55 -1.07
CA VAL A 265 -38.82 -14.72 0.12
C VAL A 265 -39.59 -15.44 1.22
N SER A 266 -39.01 -15.46 2.42
CA SER A 266 -39.62 -16.09 3.58
C SER A 266 -39.51 -15.16 4.78
N VAL A 267 -40.61 -15.01 5.51
CA VAL A 267 -40.69 -14.14 6.68
C VAL A 267 -41.07 -15.01 7.87
N ASP A 268 -40.20 -15.04 8.89
CA ASP A 268 -40.47 -15.79 10.11
C ASP A 268 -40.68 -14.80 11.24
N ASP A 269 -41.93 -14.41 11.45
CA ASP A 269 -42.31 -13.46 12.49
C ASP A 269 -43.01 -14.15 13.65
N LYS A 270 -42.30 -15.00 14.37
CA LYS A 270 -42.87 -15.75 15.47
C LYS A 270 -42.42 -15.25 16.84
N ASN A 271 -41.16 -14.84 16.97
CA ASN A 271 -40.63 -14.33 18.22
C ASN A 271 -40.37 -12.83 18.17
N LEU A 272 -41.12 -12.09 17.35
CA LEU A 272 -40.93 -10.66 17.21
C LEU A 272 -42.18 -9.86 17.59
N GLU A 273 -43.07 -10.45 18.38
CA GLU A 273 -44.31 -9.80 18.80
C GLU A 273 -44.28 -9.37 20.26
N GLU A 274 -43.07 -9.14 20.79
CA GLU A 274 -42.93 -8.67 22.17
C GLU A 274 -43.29 -7.19 22.27
N THR A 275 -42.28 -6.34 22.47
CA THR A 275 -42.47 -4.89 22.49
C THR A 275 -42.20 -4.27 21.14
N LYS A 276 -42.31 -5.05 20.06
CA LYS A 276 -42.04 -4.56 18.71
C LYS A 276 -43.22 -4.89 17.81
N LEU A 277 -43.41 -4.06 16.78
CA LEU A 277 -44.47 -4.25 15.80
C LEU A 277 -43.85 -4.40 14.42
N LEU A 278 -44.53 -5.15 13.56
CA LEU A 278 -44.07 -5.41 12.20
C LEU A 278 -45.08 -4.84 11.22
N ARG A 279 -44.58 -4.11 10.22
CA ARG A 279 -45.45 -3.53 9.20
C ARG A 279 -44.86 -3.77 7.82
N LYS A 280 -45.74 -3.89 6.83
CA LYS A 280 -45.36 -4.15 5.46
C LYS A 280 -45.98 -3.08 4.56
N LEU A 281 -45.16 -2.52 3.67
CA LEU A 281 -45.62 -1.48 2.75
C LEU A 281 -45.33 -1.79 1.30
N GLY A 282 -44.10 -2.17 0.97
CA GLY A 282 -43.77 -2.47 -0.42
C GLY A 282 -44.38 -3.75 -0.93
N GLY A 283 -44.52 -4.76 -0.06
CA GLY A 283 -45.09 -6.03 -0.45
C GLY A 283 -44.47 -7.22 0.26
N THR B 1 15.33 -18.05 54.21
CA THR B 1 15.98 -17.67 52.95
C THR B 1 16.09 -18.87 52.02
N ILE B 2 16.38 -18.60 50.75
CA ILE B 2 16.52 -19.64 49.75
C ILE B 2 18.00 -19.96 49.57
N GLU B 3 18.29 -21.20 49.19
CA GLU B 3 19.65 -21.64 48.92
C GLU B 3 19.90 -21.93 47.45
N LYS B 4 18.87 -22.26 46.68
CA LYS B 4 19.04 -22.62 45.28
C LYS B 4 19.08 -21.38 44.40
N ARG B 5 19.76 -21.51 43.26
CA ARG B 5 19.81 -20.47 42.25
C ARG B 5 18.80 -20.77 41.15
N TYR B 6 18.21 -19.71 40.60
CA TYR B 6 17.14 -19.84 39.62
C TYR B 6 17.41 -18.98 38.41
N ASP B 7 17.20 -19.54 37.23
CA ASP B 7 17.30 -18.82 35.96
C ASP B 7 16.07 -19.14 35.14
N PHE B 8 15.20 -18.15 34.92
CA PHE B 8 13.94 -18.40 34.23
C PHE B 8 13.89 -17.63 32.91
N VAL B 9 13.36 -18.29 31.89
CA VAL B 9 13.10 -17.67 30.59
C VAL B 9 11.59 -17.60 30.41
N PHE B 10 11.09 -16.40 30.17
CA PHE B 10 9.66 -16.12 30.08
C PHE B 10 9.34 -15.68 28.65
N LEU B 11 8.53 -16.48 27.96
CA LEU B 11 8.08 -16.16 26.61
C LEU B 11 6.63 -15.67 26.69
N PHE B 12 6.41 -14.42 26.32
CA PHE B 12 5.08 -13.82 26.39
C PHE B 12 4.73 -13.16 25.06
N ASP B 13 3.49 -13.34 24.63
CA ASP B 13 3.04 -12.86 23.33
C ASP B 13 2.07 -11.70 23.48
N VAL B 14 2.09 -10.82 22.48
CA VAL B 14 1.14 -9.71 22.37
C VAL B 14 0.52 -9.78 20.98
N GLN B 15 -0.82 -9.73 20.94
CA GLN B 15 -1.57 -9.81 19.69
C GLN B 15 -1.78 -8.44 19.05
N ASP B 16 -2.20 -7.45 19.84
CA ASP B 16 -2.44 -6.10 19.35
C ASP B 16 -2.12 -5.13 20.47
N GLY B 17 -1.45 -4.04 20.12
CA GLY B 17 -1.13 -3.02 21.11
C GLY B 17 0.36 -2.82 21.22
N ASN B 18 0.73 -1.78 21.96
CA ASN B 18 2.14 -1.44 22.15
C ASN B 18 2.58 -1.95 23.52
N PRO B 19 3.49 -2.94 23.59
CA PRO B 19 3.93 -3.44 24.89
C PRO B 19 4.68 -2.39 25.70
N ASN B 20 5.82 -1.95 25.19
CA ASN B 20 6.66 -0.94 25.86
C ASN B 20 6.87 0.22 24.90
N GLY B 21 6.09 1.29 25.08
CA GLY B 21 6.23 2.47 24.23
C GLY B 21 7.40 3.32 24.69
N ASP B 22 8.13 3.87 23.72
CA ASP B 22 9.29 4.71 24.00
C ASP B 22 8.84 6.15 24.23
N PRO B 23 9.15 6.74 25.39
CA PRO B 23 8.81 8.16 25.59
C PRO B 23 9.47 9.10 24.59
N ASP B 24 10.55 8.67 23.93
CA ASP B 24 11.23 9.53 22.97
C ASP B 24 10.38 9.75 21.72
N ALA B 25 10.02 8.66 21.04
CA ALA B 25 9.33 8.76 19.77
C ALA B 25 7.81 8.81 19.95
N GLY B 26 7.34 9.66 20.85
CA GLY B 26 5.91 9.83 21.06
C GLY B 26 5.23 8.57 21.58
N ASN B 27 5.14 7.54 20.74
CA ASN B 27 4.53 6.28 21.16
C ASN B 27 5.01 5.10 20.32
N LEU B 28 6.08 5.27 19.55
CA LEU B 28 6.56 4.19 18.70
C LEU B 28 7.04 3.01 19.55
N PRO B 29 6.68 1.78 19.18
CA PRO B 29 7.16 0.61 19.93
C PRO B 29 8.67 0.51 19.85
N ARG B 30 9.27 0.05 20.96
CA ARG B 30 10.72 -0.07 21.06
C ARG B 30 11.17 -1.23 20.18
N ILE B 31 11.53 -0.94 18.93
CA ILE B 31 11.92 -1.93 17.94
C ILE B 31 13.37 -1.67 17.54
N ASP B 32 14.12 -2.74 17.34
CA ASP B 32 15.52 -2.64 16.95
C ASP B 32 15.64 -1.96 15.59
N PRO B 33 16.29 -0.79 15.50
CA PRO B 33 16.38 -0.10 14.20
C PRO B 33 17.25 -0.80 13.18
N GLN B 34 18.06 -1.78 13.59
CA GLN B 34 18.99 -2.44 12.68
C GLN B 34 18.55 -3.84 12.26
N THR B 35 17.60 -4.45 12.95
CA THR B 35 17.07 -5.75 12.57
C THR B 35 15.55 -5.82 12.55
N GLY B 36 14.85 -4.78 12.99
CA GLY B 36 13.40 -4.81 12.99
C GLY B 36 12.77 -5.67 14.06
N GLU B 37 13.56 -6.20 15.00
CA GLU B 37 13.04 -7.03 16.07
C GLU B 37 12.57 -6.16 17.24
N GLY B 38 11.46 -6.57 17.86
CA GLY B 38 10.93 -5.82 18.97
C GLY B 38 11.69 -6.07 20.27
N LEU B 39 11.75 -5.03 21.10
CA LEU B 39 12.43 -5.10 22.38
C LEU B 39 11.51 -4.52 23.45
N VAL B 40 11.38 -5.25 24.56
CA VAL B 40 10.56 -4.82 25.70
C VAL B 40 11.47 -4.71 26.90
N THR B 41 11.48 -3.54 27.54
CA THR B 41 12.33 -3.32 28.70
C THR B 41 11.80 -4.09 29.90
N ASP B 42 12.71 -4.40 30.82
CA ASP B 42 12.33 -5.15 32.02
C ASP B 42 11.58 -4.29 33.03
N VAL B 43 11.69 -2.96 32.93
CA VAL B 43 11.02 -2.08 33.88
C VAL B 43 9.50 -2.20 33.74
N CYS B 44 9.02 -2.44 32.53
CA CYS B 44 7.57 -2.62 32.33
C CYS B 44 7.08 -3.88 33.03
N LEU B 45 7.80 -4.98 32.88
CA LEU B 45 7.42 -6.22 33.56
C LEU B 45 7.51 -6.07 35.07
N LYS B 46 8.54 -5.37 35.55
CA LYS B 46 8.69 -5.17 36.99
C LYS B 46 7.54 -4.32 37.54
N ARG B 47 7.15 -3.28 36.81
CA ARG B 47 6.02 -2.45 37.25
C ARG B 47 4.72 -3.24 37.21
N LYS B 48 4.53 -4.09 36.21
CA LYS B 48 3.33 -4.92 36.16
C LYS B 48 3.29 -5.89 37.34
N VAL B 49 4.44 -6.48 37.69
CA VAL B 49 4.49 -7.36 38.86
C VAL B 49 4.18 -6.56 40.13
N ARG B 50 4.72 -5.35 40.23
CA ARG B 50 4.43 -4.50 41.38
C ARG B 50 2.94 -4.21 41.50
N ASN B 51 2.30 -3.86 40.38
CA ASN B 51 0.87 -3.56 40.40
C ASN B 51 0.06 -4.80 40.77
N PHE B 52 0.44 -5.97 40.25
CA PHE B 52 -0.26 -7.20 40.59
C PHE B 52 -0.14 -7.51 42.07
N ILE B 53 1.06 -7.38 42.64
CA ILE B 53 1.25 -7.66 44.05
C ILE B 53 0.49 -6.66 44.91
N GLN B 54 0.47 -5.39 44.50
CA GLN B 54 -0.27 -4.38 45.25
C GLN B 54 -1.77 -4.64 45.18
N MET B 55 -2.27 -5.17 44.06
CA MET B 55 -3.68 -5.45 43.94
C MET B 55 -4.08 -6.71 44.70
N THR B 56 -3.21 -7.71 44.77
CA THR B 56 -3.56 -8.98 45.39
C THR B 56 -3.31 -8.99 46.90
N GLN B 57 -2.22 -8.37 47.36
CA GLN B 57 -1.85 -8.45 48.76
C GLN B 57 -2.65 -7.48 49.63
N ASN B 58 -2.21 -6.22 49.67
CA ASN B 58 -2.82 -5.19 50.50
C ASN B 58 -2.79 -5.58 51.99
N ASP B 59 -1.56 -5.75 52.50
CA ASP B 59 -1.37 -6.12 53.90
C ASP B 59 0.07 -5.78 54.29
N GLU B 60 0.42 -6.08 55.54
CA GLU B 60 1.75 -5.81 56.02
C GLU B 60 2.74 -6.84 55.44
N HIS B 61 4.01 -6.45 55.40
CA HIS B 61 5.09 -7.27 54.87
C HIS B 61 4.90 -7.61 53.39
N HIS B 62 4.05 -6.86 52.70
CA HIS B 62 3.79 -7.05 51.28
C HIS B 62 3.52 -5.68 50.64
N ASP B 63 4.49 -4.78 50.77
CA ASP B 63 4.34 -3.43 50.25
C ASP B 63 4.85 -3.34 48.81
N ILE B 64 4.43 -2.27 48.13
CA ILE B 64 4.73 -2.07 46.72
C ILE B 64 5.01 -0.60 46.47
N PHE B 65 4.54 0.24 47.40
CA PHE B 65 4.52 1.71 47.29
C PHE B 65 3.39 2.14 46.36
N ILE B 66 2.71 3.23 46.71
CA ILE B 66 1.54 3.69 45.97
C ILE B 66 1.98 4.30 44.64
N ARG B 67 1.01 4.82 43.88
CA ARG B 67 1.27 5.30 42.53
C ARG B 67 1.91 6.68 42.53
N GLU B 68 1.18 7.69 42.07
CA GLU B 68 1.73 9.03 41.93
C GLU B 68 1.62 9.86 43.21
N LYS B 69 0.75 9.46 44.14
CA LYS B 69 0.62 10.15 45.42
C LYS B 69 1.67 9.70 46.44
N GLY B 70 2.76 9.11 46.00
CA GLY B 70 3.79 8.60 46.90
C GLY B 70 5.07 9.39 46.76
N ILE B 71 5.69 9.70 47.91
CA ILE B 71 6.95 10.43 47.96
C ILE B 71 7.97 9.53 48.65
N LEU B 72 9.14 9.38 48.03
CA LEU B 72 10.18 8.54 48.60
C LEU B 72 10.73 9.11 49.91
N ASN B 73 10.84 10.44 49.99
CA ASN B 73 11.33 11.06 51.21
C ASN B 73 10.38 10.80 52.38
N ASN B 74 9.07 10.87 52.13
CA ASN B 74 8.10 10.61 53.19
C ASN B 74 8.18 9.16 53.65
N LEU B 75 8.32 8.21 52.72
CA LEU B 75 8.43 6.82 53.09
C LEU B 75 9.70 6.54 53.88
N ILE B 76 10.80 7.19 53.50
CA ILE B 76 12.06 7.03 54.23
C ILE B 76 11.93 7.60 55.64
N ASP B 77 11.31 8.77 55.77
CA ASP B 77 11.11 9.36 57.08
C ASP B 77 10.19 8.50 57.95
N GLU B 78 9.22 7.84 57.33
CA GLU B 78 8.35 6.93 58.08
C GLU B 78 9.10 5.67 58.51
N ALA B 79 9.98 5.16 57.65
CA ALA B 79 10.74 3.96 58.00
C ALA B 79 11.81 4.26 59.04
N HIS B 80 12.26 5.51 59.13
CA HIS B 80 13.27 5.90 60.11
C HIS B 80 12.66 6.40 61.42
N GLU B 81 11.53 5.81 61.84
CA GLU B 81 10.86 6.20 63.07
C GLU B 81 10.42 4.96 63.84
N GLN B 82 11.29 3.94 63.91
CA GLN B 82 11.00 2.73 64.65
C GLN B 82 12.05 2.61 65.75
N GLU B 83 12.84 1.54 65.76
CA GLU B 83 13.90 1.37 66.75
C GLU B 83 15.21 2.04 66.35
N ASN B 84 15.43 2.26 65.06
CA ASN B 84 16.65 2.91 64.59
C ASN B 84 16.44 4.41 64.45
N VAL B 85 16.18 5.10 65.56
CA VAL B 85 15.94 6.54 65.55
C VAL B 85 17.27 7.25 65.28
N LYS B 86 18.06 7.43 66.33
CA LYS B 86 19.34 8.12 66.20
C LYS B 86 20.45 7.34 66.89
N GLY B 87 20.12 6.61 67.95
CA GLY B 87 21.11 5.92 68.73
C GLY B 87 21.56 4.60 68.14
N LYS B 88 22.01 4.63 66.89
CA LYS B 88 22.47 3.42 66.21
C LYS B 88 23.70 3.64 65.34
N GLU B 89 24.29 4.85 65.35
CA GLU B 89 25.45 5.20 64.55
C GLU B 89 25.12 5.20 63.05
N LYS B 90 25.30 6.33 62.39
CA LYS B 90 24.86 6.47 61.00
C LYS B 90 25.54 5.47 60.08
N GLY B 91 26.76 5.04 60.40
CA GLY B 91 27.39 3.99 59.62
C GLY B 91 26.69 2.66 59.77
N GLU B 92 26.15 2.38 60.96
CA GLU B 92 25.36 1.18 61.18
C GLU B 92 23.86 1.46 61.10
N LYS B 93 23.45 2.72 61.22
CA LYS B 93 22.04 3.05 61.05
C LYS B 93 21.59 2.88 59.60
N THR B 94 22.49 3.12 58.65
CA THR B 94 22.17 2.87 57.25
C THR B 94 21.88 1.39 57.02
N GLU B 95 22.73 0.51 57.56
CA GLU B 95 22.51 -0.92 57.41
C GLU B 95 21.24 -1.37 58.12
N ALA B 96 20.98 -0.81 59.31
CA ALA B 96 19.77 -1.17 60.04
C ALA B 96 18.52 -0.76 59.28
N ALA B 97 18.52 0.46 58.72
CA ALA B 97 17.38 0.92 57.94
C ALA B 97 17.22 0.09 56.66
N ARG B 98 18.33 -0.30 56.04
CA ARG B 98 18.26 -1.16 54.86
C ARG B 98 17.63 -2.50 55.20
N GLN B 99 18.05 -3.11 56.30
CA GLN B 99 17.48 -4.39 56.72
C GLN B 99 16.00 -4.25 57.06
N TYR B 100 15.63 -3.16 57.74
CA TYR B 100 14.23 -2.97 58.09
C TYR B 100 13.38 -2.74 56.85
N MET B 101 13.90 -2.02 55.86
CA MET B 101 13.15 -1.78 54.63
C MET B 101 13.03 -3.06 53.80
N CYS B 102 14.05 -3.91 53.85
CA CYS B 102 13.97 -5.18 53.15
C CYS B 102 12.99 -6.14 53.84
N SER B 103 12.93 -6.09 55.17
CA SER B 103 12.06 -7.00 55.90
C SER B 103 10.60 -6.56 55.85
N ARG B 104 10.32 -5.27 56.00
CA ARG B 104 8.96 -4.76 56.03
C ARG B 104 8.36 -4.56 54.65
N TYR B 105 9.15 -4.13 53.67
CA TYR B 105 8.66 -3.86 52.33
C TYR B 105 9.07 -5.02 51.42
N TYR B 106 8.07 -5.75 50.92
CA TYR B 106 8.35 -6.89 50.04
C TYR B 106 8.82 -6.44 48.66
N ASP B 107 8.46 -5.22 48.25
CA ASP B 107 8.89 -4.73 46.96
C ASP B 107 10.41 -4.55 46.90
N ILE B 108 11.03 -4.23 48.03
CA ILE B 108 12.48 -4.06 48.05
C ILE B 108 13.18 -5.38 47.77
N ARG B 109 12.70 -6.46 48.40
CA ARG B 109 13.26 -7.77 48.10
C ARG B 109 12.91 -8.22 46.69
N THR B 110 11.74 -7.83 46.18
CA THR B 110 11.35 -8.18 44.82
C THR B 110 12.15 -7.37 43.80
N PHE B 111 11.86 -6.08 43.69
CA PHE B 111 12.60 -5.17 42.82
C PHE B 111 12.92 -3.92 43.63
N GLY B 112 14.15 -3.86 44.17
CA GLY B 112 14.53 -2.75 45.00
C GLY B 112 14.61 -1.45 44.23
N ALA B 113 14.46 -0.35 44.96
CA ALA B 113 14.51 0.98 44.37
C ALA B 113 15.71 1.77 44.89
N VAL B 114 15.52 3.07 45.08
CA VAL B 114 16.59 3.95 45.57
C VAL B 114 16.34 4.27 47.04
N MET B 115 17.43 4.47 47.78
CA MET B 115 17.36 4.81 49.20
C MET B 115 18.24 5.99 49.57
N THR B 116 18.62 6.83 48.61
CA THR B 116 19.50 7.97 48.86
C THR B 116 18.76 9.24 48.46
N THR B 117 18.05 9.84 49.43
CA THR B 117 17.35 11.09 49.19
C THR B 117 17.85 12.16 50.15
N GLY B 118 16.95 12.70 50.97
CA GLY B 118 17.37 13.66 51.98
C GLY B 118 18.09 13.00 53.14
N LYS B 119 17.80 11.72 53.38
CA LYS B 119 18.44 10.93 54.43
C LYS B 119 18.87 9.60 53.84
N ASN B 120 20.18 9.43 53.68
CA ASN B 120 20.70 8.20 53.09
C ASN B 120 20.54 7.04 54.06
N ALA B 121 20.34 5.84 53.49
CA ALA B 121 20.15 4.64 54.32
C ALA B 121 20.68 3.39 53.63
N GLY B 122 21.67 3.54 52.74
CA GLY B 122 22.25 2.39 52.07
C GLY B 122 21.69 2.20 50.67
N GLN B 123 21.78 0.95 50.21
CA GLN B 123 21.32 0.59 48.89
C GLN B 123 21.13 -0.93 48.82
N VAL B 124 20.10 -1.36 48.09
CA VAL B 124 19.76 -2.77 47.95
C VAL B 124 19.96 -3.18 46.51
N ARG B 125 20.64 -4.30 46.30
CA ARG B 125 20.84 -4.84 44.96
C ARG B 125 19.73 -5.81 44.55
N GLY B 126 19.33 -6.69 45.46
CA GLY B 126 18.25 -7.62 45.20
C GLY B 126 18.69 -8.80 44.35
N PRO B 127 18.39 -10.01 44.81
CA PRO B 127 18.77 -11.19 44.01
C PRO B 127 17.94 -11.35 42.75
N VAL B 128 16.68 -10.91 42.77
CA VAL B 128 15.81 -11.00 41.60
C VAL B 128 16.21 -9.90 40.62
N GLN B 129 16.75 -10.28 39.47
CA GLN B 129 17.17 -9.34 38.44
C GLN B 129 16.64 -9.80 37.10
N LEU B 130 15.81 -8.96 36.47
CA LEU B 130 15.23 -9.25 35.17
C LEU B 130 15.98 -8.49 34.09
N THR B 131 15.98 -9.06 32.88
CA THR B 131 16.66 -8.50 31.73
C THR B 131 15.65 -8.03 30.70
N PHE B 132 16.16 -7.41 29.64
CA PHE B 132 15.29 -6.92 28.58
C PHE B 132 14.74 -8.07 27.76
N SER B 133 13.64 -7.81 27.06
CA SER B 133 13.01 -8.80 26.21
C SER B 133 13.39 -8.58 24.76
N ARG B 134 13.33 -9.66 23.98
CA ARG B 134 13.69 -9.62 22.57
C ARG B 134 12.79 -10.57 21.79
N SER B 135 12.42 -10.17 20.58
CA SER B 135 11.61 -11.00 19.69
C SER B 135 12.49 -11.62 18.62
N ILE B 136 12.21 -12.88 18.30
CA ILE B 136 13.00 -13.59 17.29
C ILE B 136 12.67 -13.07 15.90
N ASP B 137 11.43 -13.25 15.47
CA ASP B 137 11.02 -12.76 14.16
C ASP B 137 10.89 -11.25 14.18
N PRO B 138 11.42 -10.53 13.19
CA PRO B 138 11.31 -9.06 13.18
C PRO B 138 9.87 -8.63 12.97
N ILE B 139 9.32 -7.92 13.96
CA ILE B 139 7.94 -7.45 13.90
C ILE B 139 7.87 -6.23 13.00
N MET B 140 6.67 -5.90 12.54
CA MET B 140 6.41 -4.78 11.67
C MET B 140 5.73 -3.66 12.46
N THR B 141 5.85 -2.44 11.95
CA THR B 141 5.18 -1.29 12.56
C THR B 141 4.00 -0.85 11.70
N LEU B 142 2.86 -0.63 12.34
CA LEU B 142 1.63 -0.25 11.65
C LEU B 142 1.39 1.25 11.63
N GLU B 143 1.82 1.96 12.67
CA GLU B 143 1.69 3.41 12.76
C GLU B 143 0.22 3.84 12.71
N HIS B 144 -0.62 3.11 13.43
CA HIS B 144 -2.05 3.42 13.45
C HIS B 144 -2.32 4.66 14.28
N SER B 145 -3.06 5.60 13.70
CA SER B 145 -3.45 6.84 14.37
C SER B 145 -4.96 6.89 14.54
N ILE B 146 -5.41 7.73 15.47
CA ILE B 146 -6.81 7.92 15.77
C ILE B 146 -7.07 9.41 16.00
N THR B 147 -8.34 9.75 16.16
CA THR B 147 -8.76 11.13 16.35
C THR B 147 -9.63 11.23 17.60
N ARG B 148 -9.97 12.47 17.95
CA ARG B 148 -10.79 12.74 19.13
C ARG B 148 -11.65 13.97 18.87
N MET B 149 -12.95 13.84 19.10
CA MET B 149 -13.89 14.93 18.87
C MET B 149 -13.83 15.99 19.97
N ALA B 150 -13.15 15.73 21.08
CA ALA B 150 -13.04 16.68 22.17
C ALA B 150 -11.73 17.46 22.06
N VAL B 151 -11.65 18.57 22.79
CA VAL B 151 -10.47 19.42 22.80
C VAL B 151 -9.96 19.52 24.24
N THR B 152 -8.64 19.42 24.39
CA THR B 152 -8.02 19.54 25.72
C THR B 152 -8.06 20.97 26.22
N ASN B 153 -6.95 21.68 26.05
CA ASN B 153 -6.83 23.07 26.47
C ASN B 153 -7.24 24.01 25.34
N GLU B 154 -7.81 25.16 25.72
CA GLU B 154 -8.24 26.14 24.73
C GLU B 154 -7.05 26.80 24.06
N LYS B 155 -6.41 26.11 23.12
CA LYS B 155 -5.26 26.60 22.40
C LYS B 155 -5.71 27.17 21.05
N ASP B 156 -4.83 27.16 20.06
CA ASP B 156 -5.15 27.67 18.73
C ASP B 156 -6.00 26.71 17.91
N ALA B 157 -6.12 25.46 18.33
CA ALA B 157 -6.91 24.47 17.61
C ALA B 157 -8.41 24.62 17.86
N SER B 158 -8.81 25.45 18.81
CA SER B 158 -10.22 25.65 19.13
C SER B 158 -10.86 26.47 18.01
N GLU B 159 -11.33 25.76 16.99
CA GLU B 159 -11.98 26.40 15.85
C GLU B 159 -13.42 26.78 16.20
N THR B 160 -14.14 27.29 15.20
CA THR B 160 -15.52 27.68 15.43
C THR B 160 -16.45 26.46 15.54
N GLY B 161 -15.98 25.29 15.11
CA GLY B 161 -16.78 24.09 15.20
C GLY B 161 -15.95 22.85 15.47
N ASP B 162 -15.15 22.44 14.49
CA ASP B 162 -14.32 21.24 14.62
C ASP B 162 -13.20 21.49 15.61
N ASN B 163 -13.28 20.86 16.77
CA ASN B 163 -12.27 20.97 17.83
C ASN B 163 -11.61 19.61 18.00
N ARG B 164 -10.82 19.20 17.00
CA ARG B 164 -10.17 17.90 16.98
C ARG B 164 -8.68 18.04 17.17
N THR B 165 -8.08 17.07 17.87
CA THR B 165 -6.66 17.08 18.17
C THR B 165 -5.94 15.84 17.65
N MET B 166 -6.63 14.99 16.88
CA MET B 166 -6.08 13.74 16.39
C MET B 166 -5.52 12.88 17.53
N GLY B 167 -4.46 12.16 17.26
CA GLY B 167 -3.89 11.30 18.28
C GLY B 167 -3.16 10.12 17.65
N ARG B 168 -2.25 9.54 18.42
CA ARG B 168 -1.44 8.41 17.96
C ARG B 168 -1.48 7.31 19.00
N LYS B 169 -1.75 6.09 18.56
CA LYS B 169 -1.77 4.91 19.43
C LYS B 169 -1.28 3.72 18.61
N PHE B 170 0.01 3.41 18.74
CA PHE B 170 0.64 2.35 17.97
C PHE B 170 0.16 0.98 18.43
N THR B 171 0.46 -0.02 17.61
CA THR B 171 0.10 -1.40 17.91
C THR B 171 1.02 -2.33 17.14
N VAL B 172 1.10 -3.57 17.61
CA VAL B 172 1.96 -4.59 17.01
C VAL B 172 1.05 -5.67 16.44
N PRO B 173 1.24 -6.11 15.19
CA PRO B 173 0.39 -7.17 14.66
C PRO B 173 0.53 -8.49 15.41
N TYR B 174 1.73 -8.80 15.89
CA TYR B 174 2.00 -9.97 16.71
C TYR B 174 3.45 -9.90 17.17
N GLY B 175 3.69 -10.27 18.43
CA GLY B 175 5.04 -10.26 18.95
C GLY B 175 5.26 -11.19 20.12
N LEU B 176 6.11 -12.18 19.96
CA LEU B 176 6.44 -13.13 21.02
C LEU B 176 7.81 -12.76 21.58
N TYR B 177 7.81 -12.03 22.69
CA TYR B 177 9.04 -11.58 23.32
C TYR B 177 9.55 -12.60 24.32
N ARG B 178 10.87 -12.61 24.52
CA ARG B 178 11.55 -13.57 25.37
C ARG B 178 12.42 -12.81 26.36
N CYS B 179 12.14 -12.98 27.65
CA CYS B 179 12.85 -12.30 28.72
C CYS B 179 13.59 -13.30 29.58
N HIS B 180 14.68 -12.86 30.20
CA HIS B 180 15.50 -13.68 31.07
C HIS B 180 15.56 -13.07 32.46
N GLY B 181 15.55 -13.92 33.48
CA GLY B 181 15.64 -13.46 34.85
C GLY B 181 16.45 -14.37 35.74
N PHE B 182 17.15 -13.78 36.71
CA PHE B 182 18.07 -14.50 37.57
C PHE B 182 17.73 -14.24 39.04
N ILE B 183 17.91 -15.28 39.87
CA ILE B 183 17.73 -15.19 41.31
C ILE B 183 18.88 -15.93 41.96
N SER B 184 19.70 -15.21 42.72
CA SER B 184 20.88 -15.79 43.34
C SER B 184 20.55 -16.40 44.70
N THR B 185 21.44 -16.19 45.68
CA THR B 185 21.26 -16.78 47.00
C THR B 185 21.80 -15.88 48.10
N HIS B 186 23.01 -15.35 47.91
CA HIS B 186 23.62 -14.51 48.94
C HIS B 186 22.83 -13.22 49.14
N PHE B 187 22.37 -12.61 48.05
CA PHE B 187 21.56 -11.40 48.18
C PHE B 187 20.24 -11.71 48.85
N ALA B 188 19.68 -12.89 48.59
CA ALA B 188 18.45 -13.31 49.27
C ALA B 188 18.68 -13.50 50.76
N LYS B 189 19.86 -13.99 51.13
CA LYS B 189 20.18 -14.14 52.55
C LYS B 189 20.37 -12.79 53.22
N GLN B 190 20.96 -11.82 52.51
CA GLN B 190 21.15 -10.49 53.09
C GLN B 190 19.86 -9.71 53.20
N THR B 191 18.93 -9.90 52.25
CA THR B 191 17.66 -9.18 52.25
C THR B 191 16.55 -9.92 52.97
N GLY B 192 16.48 -11.24 52.84
CA GLY B 192 15.45 -12.03 53.47
C GLY B 192 14.45 -12.66 52.52
N PHE B 193 14.86 -13.01 51.31
CA PHE B 193 13.96 -13.61 50.32
C PHE B 193 13.84 -15.10 50.60
N SER B 194 12.69 -15.52 51.11
CA SER B 194 12.46 -16.91 51.50
C SER B 194 11.75 -17.66 50.39
N GLU B 195 11.25 -18.86 50.72
CA GLU B 195 10.56 -19.69 49.73
C GLU B 195 9.15 -19.22 49.46
N ASN B 196 8.45 -18.73 50.49
CA ASN B 196 7.10 -18.20 50.27
C ASN B 196 7.14 -16.98 49.36
N ASP B 197 8.14 -16.10 49.56
CA ASP B 197 8.32 -14.97 48.67
C ASP B 197 8.61 -15.42 47.25
N LEU B 198 9.38 -16.51 47.10
CA LEU B 198 9.67 -17.05 45.79
C LEU B 198 8.41 -17.56 45.11
N GLU B 199 7.56 -18.27 45.86
CA GLU B 199 6.30 -18.75 45.29
C GLU B 199 5.38 -17.60 44.90
N LEU B 200 5.34 -16.55 45.74
CA LEU B 200 4.54 -15.38 45.39
C LEU B 200 5.07 -14.69 44.15
N PHE B 201 6.41 -14.65 43.98
CA PHE B 201 6.99 -14.05 42.79
C PHE B 201 6.67 -14.87 41.55
N TRP B 202 6.73 -16.21 41.66
CA TRP B 202 6.36 -17.05 40.54
C TRP B 202 4.89 -16.88 40.18
N GLN B 203 4.03 -16.74 41.19
CA GLN B 203 2.61 -16.51 40.93
C GLN B 203 2.39 -15.17 40.23
N ALA B 204 3.11 -14.14 40.66
CA ALA B 204 3.01 -12.84 40.01
C ALA B 204 3.50 -12.90 38.57
N LEU B 205 4.56 -13.67 38.32
CA LEU B 205 5.07 -13.83 36.96
C LEU B 205 4.05 -14.53 36.07
N VAL B 206 3.47 -15.64 36.56
CA VAL B 206 2.50 -16.38 35.75
C VAL B 206 1.15 -15.71 35.67
N ASN B 207 0.89 -14.69 36.50
CA ASN B 207 -0.36 -13.93 36.45
C ASN B 207 -0.09 -12.45 36.17
N MET B 208 1.04 -12.15 35.52
CA MET B 208 1.40 -10.78 35.19
C MET B 208 0.39 -10.13 34.25
N PHE B 209 0.41 -10.53 32.98
CA PHE B 209 -0.46 -9.92 31.98
C PHE B 209 -1.92 -10.34 32.12
N ASP B 210 -2.23 -11.27 33.04
CA ASP B 210 -3.60 -11.75 33.19
C ASP B 210 -4.50 -10.80 33.95
N HIS B 211 -3.99 -9.64 34.39
CA HIS B 211 -4.79 -8.70 35.16
C HIS B 211 -4.63 -7.28 34.64
N ASP B 212 -3.40 -6.77 34.67
CA ASP B 212 -3.13 -5.39 34.27
C ASP B 212 -3.30 -5.24 32.75
N HIS B 213 -4.22 -4.39 32.33
CA HIS B 213 -4.45 -4.14 30.92
C HIS B 213 -4.87 -2.68 30.74
N SER B 214 -4.82 -2.23 29.49
CA SER B 214 -5.20 -0.87 29.16
C SER B 214 -5.62 -0.82 27.69
N ALA B 215 -5.72 0.40 27.14
CA ALA B 215 -6.08 0.60 25.75
C ALA B 215 -4.89 0.65 24.81
N ALA B 216 -3.84 1.38 25.19
CA ALA B 216 -2.66 1.49 24.32
C ALA B 216 -1.90 0.17 24.26
N ARG B 217 -1.80 -0.55 25.39
CA ARG B 217 -1.09 -1.81 25.39
C ARG B 217 -1.88 -2.93 24.72
N GLY B 218 -3.21 -2.80 24.70
CA GLY B 218 -4.03 -3.79 24.01
C GLY B 218 -4.02 -5.13 24.72
N GLN B 219 -4.14 -6.19 23.93
CA GLN B 219 -4.18 -7.55 24.44
C GLN B 219 -2.77 -8.08 24.62
N MET B 220 -2.43 -8.48 25.85
CA MET B 220 -1.15 -9.08 26.15
C MET B 220 -1.34 -10.21 27.14
N ASN B 221 -0.67 -11.33 26.89
CA ASN B 221 -0.74 -12.49 27.78
C ASN B 221 0.63 -13.16 27.79
N ALA B 222 0.66 -14.41 28.27
CA ALA B 222 1.88 -15.18 28.37
C ALA B 222 1.79 -16.45 27.54
N ARG B 223 2.94 -17.07 27.29
CA ARG B 223 3.02 -18.30 26.52
C ARG B 223 3.76 -19.41 27.25
N GLY B 224 4.90 -19.12 27.87
CA GLY B 224 5.67 -20.16 28.53
C GLY B 224 6.63 -19.59 29.53
N LEU B 225 7.04 -20.42 30.48
CA LEU B 225 8.01 -20.04 31.51
C LEU B 225 8.85 -21.29 31.83
N TYR B 226 10.10 -21.28 31.38
CA TYR B 226 11.01 -22.41 31.60
C TYR B 226 12.05 -21.98 32.63
N VAL B 227 12.05 -22.64 33.79
CA VAL B 227 12.92 -22.27 34.90
C VAL B 227 13.93 -23.40 35.12
N PHE B 228 15.20 -23.01 35.26
CA PHE B 228 16.28 -23.92 35.61
C PHE B 228 16.71 -23.62 37.05
N GLU B 229 16.79 -24.66 37.86
CA GLU B 229 17.12 -24.53 39.28
C GLU B 229 18.42 -25.26 39.56
N HIS B 230 19.41 -24.54 40.06
CA HIS B 230 20.67 -25.11 40.51
C HIS B 230 20.59 -25.37 42.01
N SER B 231 20.91 -26.60 42.42
CA SER B 231 20.82 -27.00 43.82
C SER B 231 21.91 -26.42 44.69
N ASN B 232 22.67 -25.44 44.21
CA ASN B 232 23.72 -24.81 44.99
C ASN B 232 23.98 -23.42 44.43
N ASN B 233 24.86 -22.67 45.10
CA ASN B 233 25.26 -21.36 44.62
C ASN B 233 26.30 -21.42 43.51
N LEU B 234 26.69 -22.62 43.07
CA LEU B 234 27.66 -22.80 42.02
C LEU B 234 26.95 -23.19 40.71
N GLY B 235 27.51 -22.74 39.59
CA GLY B 235 26.94 -23.05 38.29
C GLY B 235 27.74 -24.08 37.53
N ASP B 236 27.23 -25.30 37.44
CA ASP B 236 27.92 -26.37 36.74
C ASP B 236 27.77 -26.28 35.22
N ALA B 237 26.96 -25.35 34.72
CA ALA B 237 26.76 -25.17 33.30
C ALA B 237 26.46 -23.70 33.03
N PRO B 238 26.95 -23.15 31.92
CA PRO B 238 26.68 -21.74 31.62
C PRO B 238 25.21 -21.52 31.28
N ALA B 239 24.74 -20.31 31.60
CA ALA B 239 23.34 -19.97 31.34
C ALA B 239 23.05 -19.75 29.86
N ASP B 240 24.09 -19.50 29.05
CA ASP B 240 23.88 -19.31 27.62
C ASP B 240 23.36 -20.58 26.96
N SER B 241 23.86 -21.74 27.38
CA SER B 241 23.38 -23.01 26.84
C SER B 241 21.91 -23.22 27.20
N LEU B 242 21.55 -22.96 28.46
CA LEU B 242 20.15 -23.09 28.87
C LEU B 242 19.27 -22.12 28.09
N PHE B 243 19.77 -20.92 27.82
CA PHE B 243 18.98 -19.96 27.04
C PHE B 243 18.85 -20.38 25.59
N LYS B 244 19.85 -21.09 25.06
CA LYS B 244 19.79 -21.57 23.68
C LYS B 244 19.02 -22.87 23.54
N ARG B 245 18.68 -23.53 24.65
CA ARG B 245 17.87 -24.76 24.55
C ARG B 245 16.46 -24.44 24.07
N ILE B 246 15.78 -23.51 24.74
CA ILE B 246 14.44 -23.11 24.35
C ILE B 246 14.51 -22.34 23.03
N GLN B 247 14.50 -23.06 21.91
CA GLN B 247 14.67 -22.43 20.60
C GLN B 247 13.29 -22.14 20.00
N VAL B 248 13.01 -20.86 19.78
CA VAL B 248 11.75 -20.42 19.19
C VAL B 248 12.07 -19.84 17.81
N VAL B 249 11.67 -20.55 16.76
CA VAL B 249 11.94 -20.12 15.39
C VAL B 249 10.63 -19.82 14.70
N LYS B 250 10.72 -19.30 13.47
CA LYS B 250 9.53 -18.96 12.69
C LYS B 250 8.99 -20.21 12.00
N LYS B 251 7.94 -20.02 11.20
CA LYS B 251 7.34 -21.13 10.47
C LYS B 251 8.24 -21.56 9.31
N ASP B 252 7.98 -22.78 8.81
CA ASP B 252 8.76 -23.30 7.71
C ASP B 252 8.37 -22.67 6.37
N GLY B 253 7.10 -22.29 6.21
CA GLY B 253 6.65 -21.68 4.98
C GLY B 253 6.20 -20.24 5.16
N VAL B 254 5.53 -19.95 6.28
CA VAL B 254 5.05 -18.61 6.54
C VAL B 254 6.21 -17.74 6.99
N GLU B 255 6.36 -16.57 6.35
CA GLU B 255 7.48 -15.69 6.68
C GLU B 255 7.19 -14.88 7.93
N VAL B 256 5.92 -14.49 8.14
CA VAL B 256 5.55 -13.69 9.29
C VAL B 256 5.01 -14.59 10.40
N VAL B 257 4.58 -13.99 11.50
CA VAL B 257 4.04 -14.72 12.64
C VAL B 257 2.77 -14.02 13.11
N ARG B 258 1.75 -14.80 13.44
CA ARG B 258 0.46 -14.29 13.88
C ARG B 258 -0.10 -14.95 15.12
N SER B 259 0.36 -16.16 15.48
CA SER B 259 -0.17 -16.89 16.62
C SER B 259 0.92 -17.82 17.15
N PHE B 260 0.54 -18.68 18.09
CA PHE B 260 1.51 -19.62 18.66
C PHE B 260 1.87 -20.72 17.67
N ASP B 261 0.98 -21.01 16.72
CA ASP B 261 1.28 -22.03 15.72
C ASP B 261 2.40 -21.60 14.78
N ASP B 262 2.56 -20.29 14.57
CA ASP B 262 3.62 -19.81 13.69
C ASP B 262 4.99 -19.94 14.36
N TYR B 263 5.07 -19.62 15.65
CA TYR B 263 6.31 -19.74 16.40
C TYR B 263 6.51 -21.20 16.79
N LEU B 264 7.48 -21.86 16.17
CA LEU B 264 7.82 -23.24 16.49
C LEU B 264 8.80 -23.25 17.66
N VAL B 265 8.37 -23.82 18.78
CA VAL B 265 9.17 -23.88 20.01
C VAL B 265 9.70 -25.30 20.16
N SER B 266 10.99 -25.41 20.48
CA SER B 266 11.64 -26.70 20.69
C SER B 266 12.47 -26.64 21.96
N VAL B 267 12.35 -27.68 22.78
CA VAL B 267 13.06 -27.79 24.05
C VAL B 267 13.93 -29.03 24.00
N ASP B 268 15.23 -28.87 24.17
CA ASP B 268 16.20 -29.95 24.17
C ASP B 268 16.75 -30.09 25.59
N ASP B 269 16.08 -30.92 26.40
CA ASP B 269 16.50 -31.12 27.78
C ASP B 269 17.11 -32.51 27.97
N LYS B 270 18.26 -32.75 27.34
CA LYS B 270 18.95 -34.03 27.43
C LYS B 270 20.37 -33.87 27.95
N ASN B 271 20.59 -32.91 28.84
CA ASN B 271 21.92 -32.67 29.39
C ASN B 271 21.83 -31.95 30.73
N LEU B 272 20.67 -31.34 31.01
CA LEU B 272 20.45 -30.59 32.23
C LEU B 272 19.95 -31.47 33.39
N GLU B 273 20.30 -32.75 33.40
CA GLU B 273 19.86 -33.68 34.43
C GLU B 273 20.97 -34.01 35.42
N GLU B 274 22.00 -33.18 35.52
CA GLU B 274 23.09 -33.41 36.45
C GLU B 274 22.72 -32.92 37.84
N THR B 275 23.02 -31.66 38.14
CA THR B 275 22.67 -31.03 39.41
C THR B 275 21.66 -29.91 39.23
N LYS B 276 20.86 -29.97 38.16
CA LYS B 276 19.93 -28.92 37.80
C LYS B 276 18.56 -29.54 37.52
N LEU B 277 17.51 -28.79 37.86
CA LEU B 277 16.14 -29.22 37.61
C LEU B 277 15.46 -28.25 36.66
N LEU B 278 14.52 -28.78 35.87
CA LEU B 278 13.77 -28.00 34.89
C LEU B 278 12.30 -27.99 35.28
N ARG B 279 11.69 -26.81 35.25
CA ARG B 279 10.28 -26.63 35.59
C ARG B 279 9.59 -25.77 34.55
N LYS B 280 8.32 -26.05 34.31
CA LYS B 280 7.52 -25.31 33.35
C LYS B 280 6.26 -24.80 34.03
N LEU B 281 5.95 -23.53 33.83
CA LEU B 281 4.78 -22.90 34.43
C LEU B 281 3.86 -22.23 33.42
N GLY B 282 4.42 -21.38 32.54
CA GLY B 282 3.59 -20.71 31.56
C GLY B 282 3.06 -21.61 30.46
N GLY B 283 3.83 -22.62 30.08
CA GLY B 283 3.41 -23.54 29.04
C GLY B 283 4.55 -24.03 28.17
N THR C 1 -19.08 -1.47 45.20
CA THR C 1 -18.02 -1.83 44.26
C THR C 1 -18.08 -3.31 43.91
N ILE C 2 -17.38 -3.71 42.85
CA ILE C 2 -17.34 -5.10 42.45
C ILE C 2 -16.15 -5.80 43.09
N GLU C 3 -16.27 -7.13 43.23
CA GLU C 3 -15.23 -7.94 43.82
C GLU C 3 -14.75 -9.05 42.90
N LYS C 4 -15.23 -9.09 41.65
CA LYS C 4 -14.86 -10.12 40.70
C LYS C 4 -14.16 -9.50 39.50
N ARG C 5 -13.33 -10.29 38.84
CA ARG C 5 -12.62 -9.85 37.64
C ARG C 5 -13.33 -10.39 36.40
N TYR C 6 -13.34 -9.59 35.33
CA TYR C 6 -14.08 -9.94 34.14
C TYR C 6 -13.20 -9.78 32.91
N ASP C 7 -13.26 -10.77 32.00
CA ASP C 7 -12.56 -10.72 30.73
C ASP C 7 -13.55 -11.12 29.65
N PHE C 8 -13.92 -10.19 28.78
CA PHE C 8 -14.95 -10.44 27.77
C PHE C 8 -14.37 -10.36 26.37
N VAL C 9 -14.80 -11.28 25.51
CA VAL C 9 -14.45 -11.28 24.10
C VAL C 9 -15.72 -10.98 23.32
N PHE C 10 -15.68 -9.95 22.49
CA PHE C 10 -16.84 -9.45 21.76
C PHE C 10 -16.58 -9.65 20.26
N LEU C 11 -17.40 -10.49 19.63
CA LEU C 11 -17.32 -10.72 18.20
C LEU C 11 -18.46 -9.96 17.53
N PHE C 12 -18.12 -8.99 16.68
CA PHE C 12 -19.12 -8.17 16.01
C PHE C 12 -18.83 -8.13 14.52
N ASP C 13 -19.89 -8.21 13.72
CA ASP C 13 -19.76 -8.30 12.27
C ASP C 13 -20.27 -7.02 11.61
N VAL C 14 -19.67 -6.70 10.47
CA VAL C 14 -20.10 -5.61 9.60
C VAL C 14 -20.30 -6.15 8.20
N GLN C 15 -21.45 -5.86 7.62
CA GLN C 15 -21.79 -6.36 6.28
C GLN C 15 -21.35 -5.40 5.19
N ASP C 16 -21.61 -4.11 5.36
CA ASP C 16 -21.22 -3.10 4.38
C ASP C 16 -20.89 -1.81 5.12
N GLY C 17 -19.81 -1.14 4.72
CA GLY C 17 -19.43 0.11 5.33
C GLY C 17 -18.06 0.04 5.95
N ASN C 18 -17.56 1.21 6.35
CA ASN C 18 -16.25 1.31 6.97
C ASN C 18 -16.41 1.38 8.48
N PRO C 19 -15.96 0.36 9.23
CA PRO C 19 -16.09 0.43 10.70
C PRO C 19 -15.28 1.54 11.31
N ASN C 20 -13.96 1.47 11.17
CA ASN C 20 -13.05 2.49 11.70
C ASN C 20 -12.22 3.05 10.55
N GLY C 21 -12.10 4.37 10.50
CA GLY C 21 -11.37 5.01 9.43
C GLY C 21 -9.93 5.33 9.78
N ASP C 22 -9.12 5.51 8.73
CA ASP C 22 -7.70 5.82 8.88
C ASP C 22 -7.48 7.32 8.71
N PRO C 23 -6.89 7.99 9.70
CA PRO C 23 -6.73 9.45 9.62
C PRO C 23 -5.88 9.92 8.44
N ASP C 24 -4.75 9.25 8.21
CA ASP C 24 -3.84 9.63 7.15
C ASP C 24 -4.06 8.85 5.86
N ALA C 25 -5.28 8.36 5.62
CA ALA C 25 -5.60 7.64 4.40
C ALA C 25 -6.96 8.07 3.85
N GLY C 26 -7.34 9.32 4.08
CA GLY C 26 -8.61 9.84 3.63
C GLY C 26 -9.80 9.13 4.24
N ASN C 27 -10.01 7.86 3.85
CA ASN C 27 -11.12 7.09 4.40
C ASN C 27 -10.88 5.58 4.28
N LEU C 28 -9.65 5.16 3.99
CA LEU C 28 -9.35 3.75 3.83
C LEU C 28 -9.58 3.01 5.15
N PRO C 29 -10.24 1.85 5.12
CA PRO C 29 -10.42 1.07 6.36
C PRO C 29 -9.08 0.64 6.93
N ARG C 30 -9.00 0.61 8.26
CA ARG C 30 -7.78 0.24 8.97
C ARG C 30 -7.54 -1.25 8.80
N ILE C 31 -6.77 -1.61 7.77
CA ILE C 31 -6.50 -3.01 7.44
C ILE C 31 -5.00 -3.25 7.57
N ASP C 32 -4.65 -4.44 8.07
CA ASP C 32 -3.25 -4.80 8.26
C ASP C 32 -2.53 -4.84 6.91
N PRO C 33 -1.51 -4.01 6.70
CA PRO C 33 -0.84 -3.99 5.39
C PRO C 33 -0.01 -5.24 5.11
N GLN C 34 0.25 -6.08 6.10
CA GLN C 34 1.09 -7.25 5.88
C GLN C 34 0.30 -8.55 5.80
N THR C 35 -0.93 -8.59 6.31
CA THR C 35 -1.76 -9.79 6.23
C THR C 35 -3.14 -9.56 5.64
N GLY C 36 -3.52 -8.31 5.37
CA GLY C 36 -4.83 -8.04 4.80
C GLY C 36 -5.99 -8.18 5.77
N GLU C 37 -5.73 -8.38 7.05
CA GLU C 37 -6.78 -8.52 8.05
C GLU C 37 -7.21 -7.15 8.55
N GLY C 38 -8.51 -6.99 8.78
CA GLY C 38 -9.04 -5.73 9.26
C GLY C 38 -8.81 -5.52 10.74
N LEU C 39 -8.60 -4.26 11.12
CA LEU C 39 -8.38 -3.88 12.50
C LEU C 39 -9.29 -2.71 12.86
N VAL C 40 -9.97 -2.82 13.99
CA VAL C 40 -10.86 -1.78 14.48
C VAL C 40 -10.35 -1.32 15.84
N THR C 41 -10.10 -0.02 15.97
CA THR C 41 -9.58 0.52 17.21
C THR C 41 -10.66 0.50 18.30
N ASP C 42 -10.21 0.46 19.55
CA ASP C 42 -11.13 0.42 20.68
C ASP C 42 -11.79 1.78 20.94
N VAL C 43 -11.19 2.86 20.44
CA VAL C 43 -11.75 4.19 20.68
C VAL C 43 -13.10 4.33 20.01
N CYS C 44 -13.29 3.68 18.86
CA CYS C 44 -14.59 3.73 18.18
C CYS C 44 -15.67 3.06 19.02
N LEU C 45 -15.37 1.87 19.55
CA LEU C 45 -16.33 1.17 20.41
C LEU C 45 -16.61 1.97 21.67
N LYS C 46 -15.57 2.58 22.25
CA LYS C 46 -15.76 3.37 23.47
C LYS C 46 -16.65 4.59 23.18
N ARG C 47 -16.44 5.26 22.05
CA ARG C 47 -17.27 6.41 21.72
C ARG C 47 -18.70 5.98 21.40
N LYS C 48 -18.88 4.82 20.78
CA LYS C 48 -20.24 4.32 20.55
C LYS C 48 -20.95 4.02 21.88
N VAL C 49 -20.23 3.41 22.83
CA VAL C 49 -20.81 3.16 24.15
C VAL C 49 -21.16 4.48 24.83
N ARG C 50 -20.28 5.48 24.71
CA ARG C 50 -20.55 6.79 25.28
C ARG C 50 -21.82 7.40 24.69
N ASN C 51 -21.96 7.33 23.36
CA ASN C 51 -23.14 7.89 22.71
C ASN C 51 -24.41 7.15 23.13
N PHE C 52 -24.32 5.82 23.25
CA PHE C 52 -25.48 5.05 23.67
C PHE C 52 -25.89 5.41 25.09
N ILE C 53 -24.92 5.54 25.99
CA ILE C 53 -25.23 5.88 27.38
C ILE C 53 -25.81 7.30 27.47
N GLN C 54 -25.25 8.23 26.67
CA GLN C 54 -25.78 9.59 26.66
C GLN C 54 -27.19 9.64 26.10
N MET C 55 -27.52 8.78 25.14
CA MET C 55 -28.85 8.76 24.56
C MET C 55 -29.87 8.09 25.49
N THR C 56 -29.44 7.07 26.24
CA THR C 56 -30.38 6.32 27.07
C THR C 56 -30.58 6.92 28.45
N GLN C 57 -29.51 7.46 29.06
CA GLN C 57 -29.59 7.95 30.43
C GLN C 57 -30.19 9.34 30.51
N ASN C 58 -29.37 10.37 30.29
CA ASN C 58 -29.79 11.77 30.40
C ASN C 58 -30.30 12.09 31.80
N ASP C 59 -29.41 11.92 32.78
CA ASP C 59 -29.74 12.19 34.18
C ASP C 59 -28.45 12.35 34.96
N GLU C 60 -28.59 12.60 36.25
CA GLU C 60 -27.42 12.76 37.12
C GLU C 60 -26.76 11.41 37.37
N HIS C 61 -25.46 11.46 37.71
CA HIS C 61 -24.64 10.29 37.97
C HIS C 61 -24.52 9.37 36.75
N HIS C 62 -24.83 9.90 35.57
CA HIS C 62 -24.74 9.14 34.32
C HIS C 62 -24.33 10.10 33.21
N ASP C 63 -23.18 10.75 33.38
CA ASP C 63 -22.69 11.72 32.42
C ASP C 63 -21.81 11.05 31.37
N ILE C 64 -21.62 11.76 30.25
CA ILE C 64 -20.90 11.23 29.10
C ILE C 64 -20.06 12.35 28.49
N PHE C 65 -20.44 13.60 28.81
CA PHE C 65 -19.92 14.83 28.20
C PHE C 65 -20.52 15.01 26.82
N ILE C 66 -20.84 16.26 26.46
CA ILE C 66 -21.51 16.56 25.21
C ILE C 66 -20.55 16.41 24.04
N ARG C 67 -21.02 16.73 22.83
CA ARG C 67 -20.22 16.63 21.63
C ARG C 67 -20.03 18.01 21.01
N GLU C 68 -18.82 18.27 20.51
CA GLU C 68 -18.48 19.47 19.75
C GLU C 68 -18.58 20.75 20.59
N LYS C 69 -19.67 20.90 21.35
CA LYS C 69 -19.89 22.12 22.12
C LYS C 69 -19.46 21.96 23.57
N GLY C 70 -18.53 21.05 23.84
CA GLY C 70 -18.04 20.79 25.19
C GLY C 70 -16.58 21.16 25.31
N ILE C 71 -16.24 21.82 26.42
CA ILE C 71 -14.87 22.22 26.72
C ILE C 71 -14.46 21.55 28.02
N LEU C 72 -13.29 20.90 28.01
CA LEU C 72 -12.82 20.20 29.20
C LEU C 72 -12.48 21.18 30.32
N ASN C 73 -11.94 22.35 29.98
CA ASN C 73 -11.62 23.34 31.00
C ASN C 73 -12.88 23.83 31.70
N ASN C 74 -13.96 24.05 30.95
CA ASN C 74 -15.21 24.49 31.56
C ASN C 74 -15.78 23.43 32.49
N LEU C 75 -15.72 22.15 32.07
CA LEU C 75 -16.22 21.08 32.93
C LEU C 75 -15.39 20.93 34.19
N ILE C 76 -14.07 21.11 34.08
CA ILE C 76 -13.21 21.03 35.26
C ILE C 76 -13.51 22.19 36.20
N ASP C 77 -13.69 23.40 35.65
CA ASP C 77 -14.02 24.55 36.50
C ASP C 77 -15.38 24.36 37.16
N GLU C 78 -16.32 23.70 36.48
CA GLU C 78 -17.62 23.43 37.09
C GLU C 78 -17.51 22.38 38.18
N ALA C 79 -16.67 21.37 37.98
CA ALA C 79 -16.50 20.33 38.99
C ALA C 79 -15.74 20.84 40.20
N HIS C 80 -14.90 21.87 40.02
CA HIS C 80 -14.13 22.45 41.12
C HIS C 80 -14.87 23.59 41.82
N GLU C 81 -16.20 23.49 41.92
CA GLU C 81 -17.01 24.52 42.58
C GLU C 81 -18.05 23.88 43.49
N GLN C 82 -17.64 22.85 44.24
CA GLN C 82 -18.54 22.18 45.19
C GLN C 82 -17.93 22.37 46.57
N GLU C 83 -17.60 21.27 47.26
CA GLU C 83 -16.99 21.36 48.59
C GLU C 83 -15.48 21.50 48.53
N ASN C 84 -14.84 21.05 47.45
CA ASN C 84 -13.40 21.16 47.31
C ASN C 84 -13.01 22.45 46.58
N VAL C 85 -13.31 23.59 47.19
CA VAL C 85 -13.01 24.89 46.58
C VAL C 85 -11.51 25.13 46.64
N LYS C 86 -11.02 25.62 47.76
CA LYS C 86 -9.60 25.90 47.93
C LYS C 86 -9.05 25.41 49.27
N GLY C 87 -9.91 25.19 50.26
CA GLY C 87 -9.48 24.73 51.56
C GLY C 87 -9.39 23.23 51.69
N LYS C 88 -8.65 22.59 50.78
CA LYS C 88 -8.50 21.15 50.80
C LYS C 88 -7.07 20.68 50.54
N GLU C 89 -6.10 21.58 50.43
CA GLU C 89 -4.71 21.27 50.07
C GLU C 89 -4.62 20.70 48.67
N LYS C 90 -3.89 21.39 47.79
CA LYS C 90 -3.84 20.98 46.37
C LYS C 90 -3.42 19.53 46.23
N GLY C 91 -2.44 19.08 47.02
CA GLY C 91 -2.04 17.69 46.97
C GLY C 91 -3.17 16.74 47.27
N GLU C 92 -4.07 17.13 48.18
CA GLU C 92 -5.28 16.37 48.44
C GLU C 92 -6.48 16.86 47.65
N LYS C 93 -6.46 18.12 47.21
CA LYS C 93 -7.54 18.62 46.38
C LYS C 93 -7.60 17.89 45.04
N THR C 94 -6.45 17.50 44.49
CA THR C 94 -6.45 16.71 43.26
C THR C 94 -7.17 15.38 43.47
N GLU C 95 -6.86 14.69 44.56
CA GLU C 95 -7.52 13.42 44.85
C GLU C 95 -9.00 13.60 45.11
N ALA C 96 -9.37 14.68 45.82
CA ALA C 96 -10.78 14.93 46.08
C ALA C 96 -11.55 15.22 44.79
N ALA C 97 -10.96 16.01 43.90
CA ALA C 97 -11.61 16.29 42.62
C ALA C 97 -11.69 15.04 41.76
N ARG C 98 -10.67 14.19 41.81
CA ARG C 98 -10.71 12.93 41.07
C ARG C 98 -11.84 12.04 41.57
N GLN C 99 -11.97 11.92 42.89
CA GLN C 99 -13.05 11.11 43.47
C GLN C 99 -14.41 11.69 43.12
N TYR C 100 -14.55 13.02 43.18
CA TYR C 100 -15.84 13.63 42.84
C TYR C 100 -16.18 13.44 41.37
N MET C 101 -15.19 13.53 40.49
CA MET C 101 -15.43 13.33 39.07
C MET C 101 -15.77 11.87 38.76
N CYS C 102 -15.16 10.94 39.50
CA CYS C 102 -15.49 9.53 39.31
C CYS C 102 -16.89 9.22 39.84
N SER C 103 -17.29 9.86 40.93
CA SER C 103 -18.59 9.58 41.52
C SER C 103 -19.74 10.24 40.74
N ARG C 104 -19.56 11.48 40.31
CA ARG C 104 -20.61 12.22 39.63
C ARG C 104 -20.71 11.89 38.14
N TYR C 105 -19.57 11.67 37.47
CA TYR C 105 -19.55 11.39 36.04
C TYR C 105 -19.35 9.90 35.84
N TYR C 106 -20.35 9.23 35.27
CA TYR C 106 -20.26 7.80 35.03
C TYR C 106 -19.31 7.48 33.89
N ASP C 107 -19.10 8.42 32.97
CA ASP C 107 -18.17 8.19 31.87
C ASP C 107 -16.74 8.01 32.35
N ILE C 108 -16.37 8.67 33.45
CA ILE C 108 -15.02 8.53 33.98
C ILE C 108 -14.78 7.11 34.49
N ARG C 109 -15.77 6.55 35.19
CA ARG C 109 -15.63 5.16 35.62
C ARG C 109 -15.79 4.18 34.47
N THR C 110 -16.50 4.57 33.41
CA THR C 110 -16.59 3.72 32.22
C THR C 110 -15.31 3.81 31.39
N PHE C 111 -15.09 4.94 30.73
CA PHE C 111 -13.88 5.20 29.96
C PHE C 111 -13.36 6.58 30.36
N GLY C 112 -12.40 6.61 31.28
CA GLY C 112 -11.89 7.88 31.76
C GLY C 112 -11.15 8.66 30.68
N ALA C 113 -11.10 9.98 30.87
CA ALA C 113 -10.42 10.86 29.92
C ALA C 113 -9.22 11.53 30.57
N VAL C 114 -8.98 12.79 30.21
CA VAL C 114 -7.86 13.55 30.74
C VAL C 114 -8.37 14.54 31.79
N MET C 115 -7.52 14.81 32.78
CA MET C 115 -7.86 15.76 33.83
C MET C 115 -6.77 16.78 34.10
N THR C 116 -5.86 17.01 33.14
CA THR C 116 -4.74 17.93 33.31
C THR C 116 -4.85 19.01 32.23
N THR C 117 -5.55 20.10 32.57
CA THR C 117 -5.67 21.24 31.66
C THR C 117 -5.11 22.49 32.31
N GLY C 118 -5.94 23.52 32.46
CA GLY C 118 -5.51 24.72 33.15
C GLY C 118 -5.41 24.51 34.65
N LYS C 119 -6.19 23.57 35.19
CA LYS C 119 -6.19 23.23 36.60
C LYS C 119 -6.10 21.72 36.73
N ASN C 120 -4.94 21.23 37.17
CA ASN C 120 -4.75 19.79 37.30
C ASN C 120 -5.57 19.24 38.47
N ALA C 121 -6.01 17.98 38.33
CA ALA C 121 -6.83 17.35 39.35
C ALA C 121 -6.60 15.84 39.41
N GLY C 122 -5.43 15.37 39.01
CA GLY C 122 -5.12 13.96 39.06
C GLY C 122 -5.30 13.27 37.72
N GLN C 123 -5.53 11.97 37.79
CA GLN C 123 -5.71 11.14 36.60
C GLN C 123 -6.39 9.85 37.00
N VAL C 124 -7.26 9.35 36.12
CA VAL C 124 -8.03 8.13 36.35
C VAL C 124 -7.60 7.08 35.34
N ARG C 125 -7.32 5.88 35.82
CA ARG C 125 -6.96 4.75 34.97
C ARG C 125 -8.19 3.98 34.50
N GLY C 126 -9.11 3.68 35.42
CA GLY C 126 -10.32 2.97 35.09
C GLY C 126 -10.11 1.48 34.94
N PRO C 127 -10.93 0.69 35.64
CA PRO C 127 -10.80 -0.76 35.52
C PRO C 127 -11.25 -1.31 34.17
N VAL C 128 -12.21 -0.66 33.53
CA VAL C 128 -12.71 -1.08 32.22
C VAL C 128 -11.69 -0.64 31.17
N GLN C 129 -11.03 -1.60 30.54
CA GLN C 129 -10.03 -1.33 29.51
C GLN C 129 -10.31 -2.23 28.31
N LEU C 130 -10.58 -1.61 27.16
CA LEU C 130 -10.84 -2.33 25.93
C LEU C 130 -9.61 -2.30 25.03
N THR C 131 -9.48 -3.34 24.23
CA THR C 131 -8.35 -3.51 23.32
C THR C 131 -8.81 -3.36 21.87
N PHE C 132 -7.85 -3.39 20.96
CA PHE C 132 -8.16 -3.26 19.55
C PHE C 132 -8.83 -4.53 19.02
N SER C 133 -9.53 -4.39 17.90
CA SER C 133 -10.22 -5.50 17.26
C SER C 133 -9.39 -6.04 16.11
N ARG C 134 -9.61 -7.32 15.79
CA ARG C 134 -8.88 -7.99 14.72
C ARG C 134 -9.81 -8.98 14.04
N SER C 135 -9.67 -9.10 12.72
CA SER C 135 -10.45 -10.05 11.93
C SER C 135 -9.58 -11.25 11.58
N ILE C 136 -10.18 -12.44 11.63
CA ILE C 136 -9.45 -13.67 11.34
C ILE C 136 -9.18 -13.77 9.84
N ASP C 137 -10.23 -13.87 9.04
CA ASP C 137 -10.07 -13.95 7.59
C ASP C 137 -9.66 -12.59 7.04
N PRO C 138 -8.66 -12.52 6.16
CA PRO C 138 -8.24 -11.23 5.61
C PRO C 138 -9.33 -10.65 4.70
N ILE C 139 -9.84 -9.48 5.09
CA ILE C 139 -10.89 -8.82 4.32
C ILE C 139 -10.27 -8.14 3.10
N MET C 140 -11.11 -7.83 2.12
CA MET C 140 -10.66 -7.17 0.90
C MET C 140 -11.16 -5.73 0.88
N THR C 141 -10.47 -4.90 0.10
CA THR C 141 -10.82 -3.49 -0.05
C THR C 141 -11.49 -3.26 -1.39
N LEU C 142 -12.61 -2.55 -1.37
CA LEU C 142 -13.39 -2.28 -2.58
C LEU C 142 -13.08 -0.93 -3.21
N GLU C 143 -12.73 0.07 -2.40
CA GLU C 143 -12.43 1.42 -2.89
C GLU C 143 -13.60 2.01 -3.67
N HIS C 144 -14.79 1.93 -3.10
CA HIS C 144 -15.98 2.47 -3.75
C HIS C 144 -16.03 3.98 -3.60
N SER C 145 -16.09 4.69 -4.71
CA SER C 145 -16.19 6.14 -4.73
C SER C 145 -17.58 6.57 -5.20
N ILE C 146 -17.93 7.82 -4.88
CA ILE C 146 -19.21 8.40 -5.25
C ILE C 146 -18.98 9.85 -5.68
N THR C 147 -20.04 10.48 -6.16
CA THR C 147 -19.99 11.85 -6.64
C THR C 147 -21.07 12.68 -5.96
N ARG C 148 -21.05 13.99 -6.22
CA ARG C 148 -22.02 14.91 -5.64
C ARG C 148 -22.27 16.04 -6.62
N MET C 149 -23.55 16.29 -6.90
CA MET C 149 -23.93 17.33 -7.84
C MET C 149 -23.82 18.74 -7.25
N ALA C 150 -23.61 18.87 -5.95
CA ALA C 150 -23.48 20.16 -5.30
C ALA C 150 -22.00 20.52 -5.15
N VAL C 151 -21.73 21.81 -4.88
CA VAL C 151 -20.39 22.31 -4.70
C VAL C 151 -20.28 22.94 -3.30
N THR C 152 -19.17 22.65 -2.62
CA THR C 152 -18.92 23.26 -1.32
C THR C 152 -18.71 24.76 -1.45
N ASN C 153 -17.47 25.17 -1.68
CA ASN C 153 -17.12 26.58 -1.85
C ASN C 153 -16.96 26.88 -3.34
N GLU C 154 -17.32 28.10 -3.73
CA GLU C 154 -17.26 28.51 -5.13
C GLU C 154 -15.80 28.81 -5.50
N LYS C 155 -15.04 27.74 -5.70
CA LYS C 155 -13.64 27.85 -6.07
C LYS C 155 -13.12 26.57 -6.71
N ASP C 156 -13.73 25.44 -6.37
CA ASP C 156 -13.31 24.14 -6.87
C ASP C 156 -14.22 23.61 -7.97
N ALA C 157 -15.29 24.31 -8.31
CA ALA C 157 -16.20 23.86 -9.36
C ALA C 157 -15.63 24.18 -10.73
N SER C 158 -16.41 23.90 -11.77
CA SER C 158 -15.98 24.15 -13.14
C SER C 158 -16.27 25.61 -13.49
N GLU C 159 -16.07 25.97 -14.76
CA GLU C 159 -16.33 27.32 -15.25
C GLU C 159 -17.78 27.56 -15.61
N THR C 160 -18.68 26.63 -15.26
CA THR C 160 -20.08 26.74 -15.62
C THR C 160 -20.91 26.18 -14.46
N GLY C 161 -22.10 25.69 -14.77
CA GLY C 161 -22.98 25.14 -13.75
C GLY C 161 -22.73 23.69 -13.40
N ASP C 162 -21.85 23.01 -14.13
CA ASP C 162 -21.53 21.61 -13.86
C ASP C 162 -20.69 21.53 -12.59
N ASN C 163 -21.38 21.56 -11.45
CA ASN C 163 -20.71 21.51 -10.15
C ASN C 163 -20.55 20.05 -9.72
N ARG C 164 -19.32 19.63 -9.47
CA ARG C 164 -19.05 18.27 -9.03
C ARG C 164 -17.72 18.24 -8.29
N THR C 165 -17.71 17.56 -7.14
CA THR C 165 -16.52 17.42 -6.32
C THR C 165 -16.17 15.96 -6.05
N MET C 166 -16.89 15.02 -6.64
CA MET C 166 -16.68 13.57 -6.50
C MET C 166 -16.81 13.23 -5.01
N GLY C 167 -16.03 12.28 -4.50
CA GLY C 167 -16.09 11.87 -3.12
C GLY C 167 -15.68 10.43 -2.97
N ARG C 168 -15.33 10.05 -1.74
CA ARG C 168 -14.95 8.66 -1.49
C ARG C 168 -15.58 8.19 -0.18
N LYS C 169 -16.18 6.99 -0.24
CA LYS C 169 -16.81 6.38 0.94
C LYS C 169 -16.55 4.88 0.85
N PHE C 170 -15.51 4.42 1.53
CA PHE C 170 -15.11 3.03 1.50
C PHE C 170 -16.14 2.13 2.18
N THR C 171 -16.01 0.83 1.94
CA THR C 171 -16.89 -0.16 2.53
C THR C 171 -16.17 -1.50 2.56
N VAL C 172 -16.67 -2.38 3.42
CA VAL C 172 -16.10 -3.72 3.60
C VAL C 172 -17.13 -4.72 3.13
N PRO C 173 -16.77 -5.71 2.30
CA PRO C 173 -17.76 -6.71 1.87
C PRO C 173 -18.31 -7.53 3.02
N TYR C 174 -17.46 -7.83 4.02
CA TYR C 174 -17.87 -8.54 5.23
C TYR C 174 -16.67 -8.57 6.17
N GLY C 175 -16.93 -8.38 7.46
CA GLY C 175 -15.86 -8.41 8.43
C GLY C 175 -16.31 -8.73 9.84
N LEU C 176 -15.85 -9.85 10.38
CA LEU C 176 -16.17 -10.27 11.75
C LEU C 176 -14.97 -9.96 12.64
N TYR C 177 -15.03 -8.83 13.33
CA TYR C 177 -13.94 -8.41 14.20
C TYR C 177 -14.12 -8.96 15.60
N ARG C 178 -13.00 -9.19 16.27
CA ARG C 178 -12.97 -9.73 17.62
C ARG C 178 -12.22 -8.73 18.50
N CYS C 179 -12.85 -8.31 19.59
CA CYS C 179 -12.27 -7.39 20.55
C CYS C 179 -12.19 -8.03 21.93
N HIS C 180 -11.23 -7.58 22.72
CA HIS C 180 -11.03 -8.08 24.07
C HIS C 180 -11.14 -6.93 25.07
N GLY C 181 -11.73 -7.22 26.23
CA GLY C 181 -11.86 -6.21 27.27
C GLY C 181 -11.71 -6.77 28.66
N PHE C 182 -11.14 -5.97 29.56
CA PHE C 182 -10.80 -6.40 30.91
C PHE C 182 -11.41 -5.44 31.93
N ILE C 183 -11.84 -6.00 33.06
CA ILE C 183 -12.39 -5.25 34.19
C ILE C 183 -11.79 -5.83 35.46
N SER C 184 -11.01 -5.03 36.18
CA SER C 184 -10.33 -5.50 37.38
C SER C 184 -11.21 -5.35 38.61
N THR C 185 -10.62 -4.92 39.73
CA THR C 185 -11.35 -4.81 40.98
C THR C 185 -10.85 -3.63 41.82
N HIS C 186 -9.52 -3.50 41.95
CA HIS C 186 -8.96 -2.44 42.78
C HIS C 186 -9.28 -1.06 42.20
N PHE C 187 -9.17 -0.92 40.87
CA PHE C 187 -9.51 0.35 40.24
C PHE C 187 -10.99 0.66 40.40
N ALA C 188 -11.83 -0.39 40.36
CA ALA C 188 -13.26 -0.18 40.59
C ALA C 188 -13.54 0.26 42.02
N LYS C 189 -12.75 -0.24 42.97
CA LYS C 189 -12.91 0.21 44.36
C LYS C 189 -12.44 1.65 44.53
N GLN C 190 -11.39 2.06 43.83
CA GLN C 190 -10.91 3.43 43.95
C GLN C 190 -11.83 4.42 43.25
N THR C 191 -12.46 4.02 42.15
CA THR C 191 -13.34 4.91 41.40
C THR C 191 -14.80 4.81 41.82
N GLY C 192 -15.29 3.62 42.14
CA GLY C 192 -16.66 3.42 42.52
C GLY C 192 -17.51 2.65 41.55
N PHE C 193 -16.94 1.71 40.80
CA PHE C 193 -17.68 0.94 39.81
C PHE C 193 -18.38 -0.22 40.51
N SER C 194 -19.70 -0.12 40.63
CA SER C 194 -20.50 -1.10 41.36
C SER C 194 -21.10 -2.11 40.39
N GLU C 195 -22.05 -2.91 40.89
CA GLU C 195 -22.69 -3.93 40.06
C GLU C 195 -23.72 -3.36 39.11
N ASN C 196 -24.45 -2.32 39.53
CA ASN C 196 -25.41 -1.68 38.63
C ASN C 196 -24.69 -1.03 37.45
N ASP C 197 -23.55 -0.39 37.72
CA ASP C 197 -22.75 0.16 36.63
C ASP C 197 -22.25 -0.93 35.70
N LEU C 198 -21.91 -2.10 36.26
CA LEU C 198 -21.48 -3.22 35.44
C LEU C 198 -22.60 -3.72 34.54
N GLU C 199 -23.82 -3.82 35.08
CA GLU C 199 -24.95 -4.24 34.27
C GLU C 199 -25.27 -3.21 33.18
N LEU C 200 -25.17 -1.92 33.50
CA LEU C 200 -25.38 -0.89 32.49
C LEU C 200 -24.31 -0.97 31.41
N PHE C 201 -23.07 -1.27 31.78
CA PHE C 201 -22.00 -1.40 30.79
C PHE C 201 -22.22 -2.61 29.90
N TRP C 202 -22.68 -3.73 30.47
CA TRP C 202 -23.00 -4.90 29.66
C TRP C 202 -24.15 -4.61 28.71
N GLN C 203 -25.16 -3.86 29.18
CA GLN C 203 -26.27 -3.50 28.32
C GLN C 203 -25.81 -2.59 27.18
N ALA C 204 -24.91 -1.65 27.48
CA ALA C 204 -24.37 -0.78 26.43
C ALA C 204 -23.55 -1.59 25.43
N LEU C 205 -22.82 -2.59 25.90
CA LEU C 205 -22.05 -3.44 24.99
C LEU C 205 -22.95 -4.24 24.08
N VAL C 206 -23.99 -4.87 24.64
CA VAL C 206 -24.90 -5.68 23.83
C VAL C 206 -25.86 -4.85 22.99
N ASN C 207 -25.95 -3.55 23.25
CA ASN C 207 -26.79 -2.66 22.45
C ASN C 207 -25.96 -1.55 21.80
N MET C 208 -24.66 -1.80 21.59
CA MET C 208 -23.77 -0.83 20.98
C MET C 208 -24.18 -0.49 19.56
N PHE C 209 -23.96 -1.40 18.63
CA PHE C 209 -24.26 -1.14 17.22
C PHE C 209 -25.74 -1.15 16.91
N ASP C 210 -26.60 -1.48 17.87
CA ASP C 210 -28.03 -1.56 17.64
C ASP C 210 -28.72 -0.20 17.60
N HIS C 211 -27.97 0.89 17.77
CA HIS C 211 -28.57 2.22 17.77
C HIS C 211 -27.78 3.20 16.92
N ASP C 212 -26.51 3.40 17.25
CA ASP C 212 -25.68 4.37 16.53
C ASP C 212 -25.35 3.84 15.14
N HIS C 213 -25.79 4.58 14.11
CA HIS C 213 -25.54 4.21 12.73
C HIS C 213 -25.34 5.49 11.91
N SER C 214 -24.77 5.31 10.71
CA SER C 214 -24.54 6.43 9.81
C SER C 214 -24.49 5.91 8.38
N ALA C 215 -24.00 6.73 7.46
CA ALA C 215 -23.88 6.35 6.05
C ALA C 215 -22.53 5.75 5.71
N ALA C 216 -21.43 6.34 6.20
CA ALA C 216 -20.11 5.80 5.89
C ALA C 216 -19.86 4.47 6.59
N ARG C 217 -20.34 4.32 7.84
CA ARG C 217 -20.15 3.08 8.56
C ARG C 217 -21.07 1.97 8.07
N GLY C 218 -22.20 2.34 7.48
CA GLY C 218 -23.10 1.35 6.91
C GLY C 218 -23.76 0.49 7.97
N GLN C 219 -24.02 -0.77 7.63
CA GLN C 219 -24.69 -1.70 8.52
C GLN C 219 -23.67 -2.40 9.41
N MET C 220 -23.82 -2.25 10.72
CA MET C 220 -22.96 -2.89 11.70
C MET C 220 -23.81 -3.39 12.86
N ASN C 221 -23.54 -4.62 13.30
CA ASN C 221 -24.24 -5.21 14.42
C ASN C 221 -23.26 -6.06 15.21
N ALA C 222 -23.79 -6.95 16.04
CA ALA C 222 -23.00 -7.82 16.90
C ALA C 222 -23.30 -9.28 16.59
N ARG C 223 -22.43 -10.16 17.05
CA ARG C 223 -22.57 -11.59 16.86
C ARG C 223 -22.51 -12.39 18.15
N GLY C 224 -21.54 -12.09 19.02
CA GLY C 224 -21.41 -12.85 20.25
C GLY C 224 -20.62 -12.10 21.29
N LEU C 225 -20.80 -12.48 22.55
CA LEU C 225 -20.08 -11.90 23.68
C LEU C 225 -19.86 -12.99 24.71
N TYR C 226 -18.62 -13.46 24.83
CA TYR C 226 -18.26 -14.52 25.76
C TYR C 226 -17.46 -13.90 26.90
N VAL C 227 -18.01 -13.95 28.11
CA VAL C 227 -17.42 -13.31 29.28
C VAL C 227 -16.96 -14.39 30.26
N PHE C 228 -15.73 -14.26 30.73
CA PHE C 228 -15.18 -15.11 31.79
C PHE C 228 -15.08 -14.30 33.07
N GLU C 229 -15.59 -14.86 34.16
CA GLU C 229 -15.65 -14.18 35.44
C GLU C 229 -14.82 -14.95 36.46
N HIS C 230 -13.82 -14.28 37.03
CA HIS C 230 -13.01 -14.84 38.10
C HIS C 230 -13.59 -14.38 39.44
N SER C 231 -13.84 -15.34 40.34
CA SER C 231 -14.46 -15.04 41.63
C SER C 231 -13.51 -14.35 42.61
N ASN C 232 -12.36 -13.87 42.16
CA ASN C 232 -11.41 -13.19 43.03
C ASN C 232 -10.54 -12.28 42.16
N ASN C 233 -9.69 -11.50 42.83
CA ASN C 233 -8.73 -10.63 42.15
C ASN C 233 -7.52 -11.39 41.63
N LEU C 234 -7.52 -12.71 41.75
CA LEU C 234 -6.42 -13.56 41.33
C LEU C 234 -6.79 -14.32 40.07
N GLY C 235 -5.80 -14.58 39.22
CA GLY C 235 -6.07 -15.32 38.00
C GLY C 235 -5.50 -16.72 38.02
N ASP C 236 -6.36 -17.71 38.17
CA ASP C 236 -5.93 -19.11 38.21
C ASP C 236 -5.61 -19.67 36.83
N ALA C 237 -5.87 -18.92 35.77
CA ALA C 237 -5.60 -19.37 34.41
C ALA C 237 -5.29 -18.15 33.56
N PRO C 238 -4.34 -18.27 32.62
CA PRO C 238 -4.01 -17.13 31.76
C PRO C 238 -5.15 -16.78 30.82
N ALA C 239 -5.23 -15.49 30.48
CA ALA C 239 -6.29 -15.03 29.59
C ALA C 239 -6.06 -15.45 28.14
N ASP C 240 -4.82 -15.79 27.77
CA ASP C 240 -4.55 -16.24 26.41
C ASP C 240 -5.31 -17.51 26.10
N SER C 241 -5.35 -18.44 27.05
CA SER C 241 -6.09 -19.69 26.83
C SER C 241 -7.58 -19.41 26.62
N LEU C 242 -8.16 -18.55 27.46
CA LEU C 242 -9.57 -18.20 27.30
C LEU C 242 -9.83 -17.49 25.97
N PHE C 243 -8.85 -16.70 25.50
CA PHE C 243 -9.02 -16.05 24.21
C PHE C 243 -8.88 -17.05 23.06
N LYS C 244 -8.09 -18.10 23.25
CA LYS C 244 -7.93 -19.13 22.22
C LYS C 244 -9.04 -20.17 22.24
N ARG C 245 -9.89 -20.18 23.27
CA ARG C 245 -11.01 -21.12 23.30
C ARG C 245 -12.03 -20.78 22.23
N ILE C 246 -12.49 -19.53 22.19
CA ILE C 246 -13.45 -19.08 21.19
C ILE C 246 -12.74 -19.02 19.84
N GLN C 247 -12.68 -20.14 19.13
CA GLN C 247 -11.97 -20.21 17.87
C GLN C 247 -12.93 -19.95 16.71
N VAL C 248 -12.68 -18.88 15.97
CA VAL C 248 -13.49 -18.51 14.81
C VAL C 248 -12.62 -18.68 13.58
N VAL C 249 -12.94 -19.69 12.77
CA VAL C 249 -12.18 -19.99 11.56
C VAL C 249 -13.04 -19.77 10.33
N LYS C 250 -12.45 -19.88 9.15
CA LYS C 250 -13.17 -19.70 7.90
C LYS C 250 -13.90 -20.99 7.53
N LYS C 251 -14.56 -20.96 6.37
CA LYS C 251 -15.29 -22.13 5.89
C LYS C 251 -14.32 -23.21 5.41
N ASP C 252 -14.84 -24.44 5.31
CA ASP C 252 -14.01 -25.55 4.85
C ASP C 252 -13.75 -25.46 3.35
N GLY C 253 -14.73 -25.01 2.58
CA GLY C 253 -14.58 -24.93 1.14
C GLY C 253 -14.54 -23.51 0.62
N VAL C 254 -15.35 -22.62 1.19
CA VAL C 254 -15.37 -21.23 0.77
C VAL C 254 -14.15 -20.52 1.31
N GLU C 255 -13.43 -19.82 0.44
CA GLU C 255 -12.20 -19.14 0.84
C GLU C 255 -12.50 -17.78 1.48
N VAL C 256 -13.58 -17.12 1.06
CA VAL C 256 -13.95 -15.82 1.61
C VAL C 256 -15.06 -16.01 2.64
N VAL C 257 -15.53 -14.90 3.21
CA VAL C 257 -16.59 -14.91 4.21
C VAL C 257 -17.60 -13.83 3.87
N ARG C 258 -18.88 -14.16 4.04
CA ARG C 258 -19.95 -13.20 3.74
C ARG C 258 -21.07 -13.18 4.75
N SER C 259 -21.16 -14.15 5.67
CA SER C 259 -22.21 -14.16 6.68
C SER C 259 -21.71 -14.95 7.88
N PHE C 260 -22.61 -15.21 8.83
CA PHE C 260 -22.24 -15.96 10.02
C PHE C 260 -22.02 -17.44 9.71
N ASP C 261 -22.65 -17.94 8.64
CA ASP C 261 -22.47 -19.34 8.27
C ASP C 261 -21.06 -19.61 7.76
N ASP C 262 -20.40 -18.60 7.20
CA ASP C 262 -19.03 -18.79 6.71
C ASP C 262 -18.04 -18.88 7.86
N TYR C 263 -18.21 -18.04 8.88
CA TYR C 263 -17.35 -18.06 10.05
C TYR C 263 -17.79 -19.19 10.97
N LEU C 264 -16.98 -20.25 11.05
CA LEU C 264 -17.26 -21.37 11.94
C LEU C 264 -16.70 -21.04 13.32
N VAL C 265 -17.60 -20.97 14.30
CA VAL C 265 -17.23 -20.63 15.68
C VAL C 265 -17.30 -21.91 16.51
N SER C 266 -16.28 -22.12 17.34
CA SER C 266 -16.20 -23.28 18.21
C SER C 266 -15.79 -22.83 19.61
N VAL C 267 -16.48 -23.34 20.62
CA VAL C 267 -16.23 -23.00 22.01
C VAL C 267 -15.89 -24.30 22.74
N ASP C 268 -14.70 -24.32 23.35
CA ASP C 268 -14.23 -25.48 24.11
C ASP C 268 -14.16 -25.08 25.58
N ASP C 269 -15.27 -25.28 26.29
CA ASP C 269 -15.35 -24.93 27.70
C ASP C 269 -15.35 -26.18 28.57
N LYS C 270 -14.23 -26.90 28.59
CA LYS C 270 -14.09 -28.11 29.40
C LYS C 270 -13.26 -27.87 30.66
N ASN C 271 -12.04 -27.35 30.50
CA ASN C 271 -11.15 -27.13 31.64
C ASN C 271 -11.06 -25.65 31.99
N LEU C 272 -12.16 -25.08 32.50
CA LEU C 272 -12.14 -23.69 32.93
C LEU C 272 -13.24 -23.37 33.96
N GLU C 273 -13.86 -24.37 34.56
CA GLU C 273 -14.93 -24.16 35.54
C GLU C 273 -14.45 -24.42 36.97
N GLU C 274 -13.15 -24.24 37.22
CA GLU C 274 -12.62 -24.41 38.56
C GLU C 274 -13.10 -23.29 39.47
N THR C 275 -12.56 -22.08 39.29
CA THR C 275 -13.00 -20.90 40.01
C THR C 275 -13.47 -19.80 39.06
N LYS C 276 -13.85 -20.16 37.85
CA LYS C 276 -14.28 -19.20 36.84
C LYS C 276 -15.65 -19.59 36.30
N LEU C 277 -16.40 -18.59 35.87
CA LEU C 277 -17.72 -18.79 35.27
C LEU C 277 -17.73 -18.24 33.85
N LEU C 278 -18.53 -18.86 32.99
CA LEU C 278 -18.65 -18.47 31.59
C LEU C 278 -20.07 -17.99 31.33
N ARG C 279 -20.19 -16.84 30.66
CA ARG C 279 -21.49 -16.26 30.32
C ARG C 279 -21.51 -15.86 28.86
N LYS C 280 -22.69 -15.93 28.26
CA LYS C 280 -22.88 -15.55 26.86
C LYS C 280 -24.02 -14.54 26.77
N LEU C 281 -23.79 -13.46 26.03
CA LEU C 281 -24.79 -12.40 25.87
C LEU C 281 -25.09 -12.09 24.41
N GLY C 282 -24.06 -11.87 23.59
CA GLY C 282 -24.29 -11.55 22.19
C GLY C 282 -24.79 -12.71 21.36
N GLY C 283 -24.34 -13.93 21.69
CA GLY C 283 -24.75 -15.11 20.95
C GLY C 283 -23.67 -16.16 20.84
N THR D 1 -49.14 22.37 -20.82
CA THR D 1 -48.45 21.23 -20.23
C THR D 1 -49.44 20.16 -19.80
N ILE D 2 -48.93 18.96 -19.53
CA ILE D 2 -49.75 17.82 -19.12
C ILE D 2 -49.65 17.66 -17.62
N GLU D 3 -50.77 17.30 -16.99
CA GLU D 3 -50.83 17.14 -15.54
C GLU D 3 -51.03 15.69 -15.10
N LYS D 4 -51.14 14.75 -16.03
CA LYS D 4 -51.34 13.34 -15.71
C LYS D 4 -50.04 12.56 -15.93
N ARG D 5 -49.92 11.44 -15.22
CA ARG D 5 -48.76 10.58 -15.36
C ARG D 5 -49.11 9.37 -16.23
N TYR D 6 -48.14 8.92 -17.02
CA TYR D 6 -48.38 7.87 -18.00
C TYR D 6 -47.30 6.79 -17.87
N ASP D 7 -47.73 5.53 -17.89
CA ASP D 7 -46.82 4.38 -17.90
C ASP D 7 -47.29 3.43 -18.99
N PHE D 8 -46.50 3.27 -20.04
CA PHE D 8 -46.91 2.47 -21.19
C PHE D 8 -46.00 1.26 -21.35
N VAL D 9 -46.60 0.13 -21.67
CA VAL D 9 -45.89 -1.10 -22.01
C VAL D 9 -46.13 -1.39 -23.48
N PHE D 10 -45.04 -1.51 -24.24
CA PHE D 10 -45.08 -1.68 -25.68
C PHE D 10 -44.53 -3.06 -26.03
N LEU D 11 -45.38 -3.91 -26.60
CA LEU D 11 -44.98 -5.24 -27.05
C LEU D 11 -44.84 -5.19 -28.57
N PHE D 12 -43.62 -5.42 -29.07
CA PHE D 12 -43.36 -5.37 -30.50
C PHE D 12 -42.61 -6.63 -30.92
N ASP D 13 -42.99 -7.17 -32.08
CA ASP D 13 -42.45 -8.43 -32.56
C ASP D 13 -41.56 -8.22 -33.78
N VAL D 14 -40.57 -9.08 -33.92
CA VAL D 14 -39.69 -9.13 -35.09
C VAL D 14 -39.70 -10.56 -35.63
N GLN D 15 -39.96 -10.70 -36.92
CA GLN D 15 -40.02 -11.99 -37.57
C GLN D 15 -38.64 -12.47 -38.01
N ASP D 16 -37.90 -11.63 -38.72
CA ASP D 16 -36.57 -11.99 -39.19
C ASP D 16 -35.72 -10.73 -39.30
N GLY D 17 -34.48 -10.81 -38.81
CA GLY D 17 -33.57 -9.68 -38.79
C GLY D 17 -33.06 -9.43 -37.38
N ASN D 18 -32.07 -8.55 -37.30
CA ASN D 18 -31.46 -8.19 -36.02
C ASN D 18 -32.06 -6.88 -35.54
N PRO D 19 -32.82 -6.86 -34.44
CA PRO D 19 -33.38 -5.60 -33.95
C PRO D 19 -32.32 -4.62 -33.50
N ASN D 20 -31.58 -4.98 -32.46
CA ASN D 20 -30.53 -4.16 -31.88
C ASN D 20 -29.26 -4.99 -31.79
N GLY D 21 -28.24 -4.59 -32.55
CA GLY D 21 -27.01 -5.34 -32.59
C GLY D 21 -26.07 -5.01 -31.45
N ASP D 22 -25.09 -5.88 -31.25
CA ASP D 22 -24.10 -5.71 -30.20
C ASP D 22 -22.81 -5.18 -30.80
N PRO D 23 -22.40 -3.94 -30.50
CA PRO D 23 -21.16 -3.41 -31.06
C PRO D 23 -19.91 -4.16 -30.64
N ASP D 24 -20.00 -5.05 -29.65
CA ASP D 24 -18.82 -5.78 -29.20
C ASP D 24 -18.58 -7.05 -30.00
N ALA D 25 -19.61 -7.57 -30.67
CA ALA D 25 -19.55 -8.85 -31.36
C ALA D 25 -19.88 -8.72 -32.84
N GLY D 26 -19.42 -7.64 -33.48
CA GLY D 26 -19.61 -7.54 -34.91
C GLY D 26 -21.04 -7.23 -35.31
N ASN D 27 -21.93 -8.21 -35.11
CA ASN D 27 -23.34 -8.00 -35.44
C ASN D 27 -24.25 -8.94 -34.66
N LEU D 28 -23.75 -9.60 -33.62
CA LEU D 28 -24.56 -10.55 -32.87
C LEU D 28 -25.71 -9.82 -32.17
N PRO D 29 -26.92 -10.37 -32.23
CA PRO D 29 -28.05 -9.74 -31.52
C PRO D 29 -27.80 -9.71 -30.02
N ARG D 30 -28.26 -8.63 -29.38
CA ARG D 30 -28.08 -8.45 -27.95
C ARG D 30 -28.97 -9.43 -27.20
N ILE D 31 -28.42 -10.59 -26.87
CA ILE D 31 -29.16 -11.66 -26.21
C ILE D 31 -28.52 -11.92 -24.85
N ASP D 32 -29.36 -12.20 -23.85
CA ASP D 32 -28.90 -12.47 -22.50
C ASP D 32 -28.01 -13.71 -22.49
N PRO D 33 -26.74 -13.61 -22.11
CA PRO D 33 -25.87 -14.78 -22.13
C PRO D 33 -26.19 -15.81 -21.07
N GLN D 34 -27.00 -15.47 -20.07
CA GLN D 34 -27.33 -16.41 -19.00
C GLN D 34 -28.67 -17.11 -19.17
N THR D 35 -29.61 -16.48 -19.89
CA THR D 35 -30.93 -17.07 -20.08
C THR D 35 -31.34 -17.22 -21.54
N GLY D 36 -30.55 -16.70 -22.48
CA GLY D 36 -30.90 -16.82 -23.88
C GLY D 36 -32.03 -15.92 -24.34
N GLU D 37 -32.49 -15.00 -23.50
CA GLU D 37 -33.56 -14.09 -23.86
C GLU D 37 -33.00 -12.86 -24.56
N GLY D 38 -33.72 -12.39 -25.57
CA GLY D 38 -33.27 -11.23 -26.32
C GLY D 38 -33.53 -9.93 -25.59
N LEU D 39 -32.64 -8.96 -25.80
CA LEU D 39 -32.73 -7.65 -25.19
C LEU D 39 -32.53 -6.59 -26.26
N VAL D 40 -33.42 -5.60 -26.27
CA VAL D 40 -33.36 -4.49 -27.22
C VAL D 40 -33.23 -3.20 -26.41
N THR D 41 -32.18 -2.43 -26.70
CA THR D 41 -31.95 -1.19 -25.99
C THR D 41 -32.98 -0.13 -26.38
N ASP D 42 -33.21 0.81 -25.46
CA ASP D 42 -34.18 1.87 -25.71
C ASP D 42 -33.66 2.91 -26.69
N VAL D 43 -32.35 3.00 -26.88
CA VAL D 43 -31.79 4.00 -27.78
C VAL D 43 -32.23 3.73 -29.21
N CYS D 44 -32.38 2.46 -29.58
CA CYS D 44 -32.85 2.14 -30.93
C CYS D 44 -34.27 2.63 -31.16
N LEU D 45 -35.16 2.39 -30.19
CA LEU D 45 -36.53 2.86 -30.31
C LEU D 45 -36.58 4.39 -30.32
N LYS D 46 -35.75 5.04 -29.50
CA LYS D 46 -35.72 6.49 -29.47
C LYS D 46 -35.24 7.06 -30.81
N ARG D 47 -34.22 6.45 -31.40
CA ARG D 47 -33.74 6.91 -32.71
C ARG D 47 -34.77 6.65 -33.80
N LYS D 48 -35.50 5.53 -33.73
CA LYS D 48 -36.56 5.29 -34.70
C LYS D 48 -37.66 6.33 -34.58
N VAL D 49 -38.04 6.69 -33.35
CA VAL D 49 -39.04 7.74 -33.14
C VAL D 49 -38.53 9.07 -33.67
N ARG D 50 -37.25 9.37 -33.44
CA ARG D 50 -36.64 10.60 -33.97
C ARG D 50 -36.73 10.63 -35.49
N ASN D 51 -36.36 9.52 -36.14
CA ASN D 51 -36.40 9.47 -37.60
C ASN D 51 -37.83 9.62 -38.12
N PHE D 52 -38.80 8.98 -37.45
CA PHE D 52 -40.19 9.10 -37.87
C PHE D 52 -40.68 10.53 -37.75
N ILE D 53 -40.36 11.20 -36.64
CA ILE D 53 -40.79 12.58 -36.45
C ILE D 53 -40.12 13.50 -37.45
N GLN D 54 -38.84 13.26 -37.74
CA GLN D 54 -38.15 14.07 -38.74
C GLN D 54 -38.72 13.86 -40.13
N MET D 55 -39.18 12.64 -40.45
CA MET D 55 -39.76 12.38 -41.75
C MET D 55 -41.17 12.93 -41.89
N THR D 56 -41.94 12.94 -40.81
CA THR D 56 -43.33 13.37 -40.88
C THR D 56 -43.51 14.87 -40.70
N GLN D 57 -42.73 15.49 -39.81
CA GLN D 57 -42.92 16.90 -39.49
C GLN D 57 -42.28 17.81 -40.53
N ASN D 58 -40.97 18.06 -40.40
CA ASN D 58 -40.23 18.96 -41.27
C ASN D 58 -40.81 20.38 -41.22
N ASP D 59 -40.78 20.96 -40.02
CA ASP D 59 -41.28 22.31 -39.81
C ASP D 59 -40.69 22.84 -38.50
N GLU D 60 -41.08 24.07 -38.16
CA GLU D 60 -40.60 24.69 -36.93
C GLU D 60 -41.30 24.06 -35.72
N HIS D 61 -40.64 24.17 -34.57
CA HIS D 61 -41.12 23.62 -33.29
C HIS D 61 -41.27 22.11 -33.34
N HIS D 62 -40.64 21.46 -34.31
CA HIS D 62 -40.68 20.01 -34.45
C HIS D 62 -39.34 19.53 -35.00
N ASP D 63 -38.26 19.85 -34.28
CA ASP D 63 -36.92 19.50 -34.71
C ASP D 63 -36.51 18.13 -34.17
N ILE D 64 -35.47 17.55 -34.78
CA ILE D 64 -35.02 16.20 -34.48
C ILE D 64 -33.50 16.18 -34.54
N PHE D 65 -32.92 17.17 -35.23
CA PHE D 65 -31.49 17.25 -35.59
C PHE D 65 -31.20 16.29 -36.73
N ILE D 66 -30.35 16.73 -37.66
CA ILE D 66 -30.06 15.96 -38.87
C ILE D 66 -29.19 14.75 -38.53
N ARG D 67 -28.81 13.99 -39.55
CA ARG D 67 -28.15 12.71 -39.34
C ARG D 67 -26.66 12.87 -39.08
N GLU D 68 -25.83 12.60 -40.09
CA GLU D 68 -24.39 12.63 -39.91
C GLU D 68 -23.84 14.05 -40.03
N LYS D 69 -24.42 14.86 -40.92
CA LYS D 69 -23.89 16.18 -41.21
C LYS D 69 -24.31 17.21 -40.17
N GLY D 70 -24.56 16.78 -38.94
CA GLY D 70 -24.96 17.68 -37.87
C GLY D 70 -23.89 17.75 -36.79
N ILE D 71 -23.62 18.97 -36.33
CA ILE D 71 -22.64 19.21 -35.26
C ILE D 71 -23.37 19.87 -34.10
N LEU D 72 -23.16 19.33 -32.89
CA LEU D 72 -23.84 19.86 -31.72
C LEU D 72 -23.35 21.27 -31.38
N ASN D 73 -22.06 21.53 -31.58
CA ASN D 73 -21.52 22.85 -31.31
C ASN D 73 -22.16 23.90 -32.23
N ASN D 74 -22.34 23.56 -33.50
CA ASN D 74 -22.96 24.49 -34.43
C ASN D 74 -24.41 24.78 -34.04
N LEU D 75 -25.15 23.75 -33.64
CA LEU D 75 -26.53 23.98 -33.25
C LEU D 75 -26.64 24.77 -31.96
N ILE D 76 -25.70 24.58 -31.02
CA ILE D 76 -25.68 25.37 -29.81
C ILE D 76 -25.36 26.83 -30.12
N ASP D 77 -24.38 27.06 -31.01
CA ASP D 77 -24.05 28.42 -31.39
C ASP D 77 -25.21 29.10 -32.13
N GLU D 78 -25.98 28.32 -32.89
CA GLU D 78 -27.15 28.87 -33.56
C GLU D 78 -28.26 29.20 -32.56
N ALA D 79 -28.43 28.35 -31.55
CA ALA D 79 -29.47 28.60 -30.55
C ALA D 79 -29.10 29.76 -29.63
N HIS D 80 -27.80 30.04 -29.47
CA HIS D 80 -27.34 31.14 -28.64
C HIS D 80 -27.19 32.44 -29.41
N GLU D 81 -28.06 32.69 -30.38
CA GLU D 81 -28.02 33.92 -31.18
C GLU D 81 -29.42 34.48 -31.36
N GLN D 82 -30.22 34.49 -30.28
CA GLN D 82 -31.55 35.04 -30.32
C GLN D 82 -31.59 36.20 -29.32
N GLU D 83 -32.45 36.13 -28.30
CA GLU D 83 -32.52 37.17 -27.28
C GLU D 83 -31.53 36.96 -26.15
N ASN D 84 -31.08 35.73 -25.92
CA ASN D 84 -30.12 35.44 -24.87
C ASN D 84 -28.69 35.48 -25.41
N VAL D 85 -28.25 36.64 -25.87
CA VAL D 85 -26.91 36.80 -26.43
C VAL D 85 -25.88 36.73 -25.31
N LYS D 86 -25.66 37.85 -24.64
CA LYS D 86 -24.68 37.95 -23.55
C LYS D 86 -25.22 38.69 -22.33
N GLY D 87 -26.25 39.50 -22.50
CA GLY D 87 -26.81 40.27 -21.41
C GLY D 87 -27.90 39.54 -20.66
N LYS D 88 -27.59 38.34 -20.17
CA LYS D 88 -28.55 37.55 -19.41
C LYS D 88 -27.90 36.84 -18.22
N GLU D 89 -26.61 37.02 -17.98
CA GLU D 89 -25.86 36.39 -16.89
C GLU D 89 -25.76 34.88 -17.10
N LYS D 90 -24.52 34.36 -17.14
CA LYS D 90 -24.29 32.98 -17.53
C LYS D 90 -25.02 31.99 -16.60
N GLY D 91 -25.21 32.35 -15.34
CA GLY D 91 -25.97 31.50 -14.45
C GLY D 91 -27.43 31.41 -14.83
N GLU D 92 -27.99 32.51 -15.35
CA GLU D 92 -29.34 32.52 -15.88
C GLU D 92 -29.39 32.32 -17.38
N LYS D 93 -28.29 32.63 -18.08
CA LYS D 93 -28.22 32.38 -19.51
C LYS D 93 -28.33 30.89 -19.82
N THR D 94 -27.75 30.05 -18.96
CA THR D 94 -27.88 28.60 -19.16
C THR D 94 -29.34 28.16 -19.09
N GLU D 95 -30.06 28.65 -18.08
CA GLU D 95 -31.48 28.29 -17.96
C GLU D 95 -32.30 28.85 -19.12
N ALA D 96 -31.99 30.07 -19.56
CA ALA D 96 -32.71 30.66 -20.68
C ALA D 96 -32.47 29.85 -21.96
N ALA D 97 -31.22 29.46 -22.21
CA ALA D 97 -30.92 28.65 -23.39
C ALA D 97 -31.57 27.28 -23.29
N ARG D 98 -31.61 26.70 -22.10
CA ARG D 98 -32.29 25.42 -21.92
C ARG D 98 -33.77 25.53 -22.24
N GLN D 99 -34.43 26.57 -21.73
CA GLN D 99 -35.84 26.78 -22.01
C GLN D 99 -36.08 27.02 -23.49
N TYR D 100 -35.21 27.81 -24.14
CA TYR D 100 -35.39 28.07 -25.56
C TYR D 100 -35.18 26.81 -26.39
N MET D 101 -34.22 25.96 -26.00
CA MET D 101 -33.99 24.72 -26.73
C MET D 101 -35.13 23.73 -26.51
N CYS D 102 -35.74 23.74 -25.32
CA CYS D 102 -36.88 22.87 -25.07
C CYS D 102 -38.11 23.36 -25.83
N SER D 103 -38.27 24.68 -25.96
CA SER D 103 -39.44 25.22 -26.65
C SER D 103 -39.34 25.11 -28.16
N ARG D 104 -38.17 25.41 -28.73
CA ARG D 104 -37.99 25.40 -30.18
C ARG D 104 -37.74 24.02 -30.75
N TYR D 105 -37.01 23.16 -30.03
CA TYR D 105 -36.66 21.82 -30.50
C TYR D 105 -37.56 20.82 -29.80
N TYR D 106 -38.42 20.14 -30.57
CA TYR D 106 -39.33 19.16 -30.00
C TYR D 106 -38.59 17.88 -29.58
N ASP D 107 -37.44 17.60 -30.20
CA ASP D 107 -36.67 16.42 -29.83
C ASP D 107 -36.17 16.50 -28.40
N ILE D 108 -35.87 17.71 -27.91
CA ILE D 108 -35.39 17.87 -26.55
C ILE D 108 -36.46 17.48 -25.55
N ARG D 109 -37.71 17.91 -25.80
CA ARG D 109 -38.81 17.49 -24.94
C ARG D 109 -39.12 16.02 -25.12
N THR D 110 -38.92 15.48 -26.32
CA THR D 110 -39.16 14.05 -26.55
C THR D 110 -38.05 13.21 -25.91
N PHE D 111 -36.86 13.25 -26.50
CA PHE D 111 -35.69 12.55 -25.95
C PHE D 111 -34.53 13.55 -25.95
N GLY D 112 -34.28 14.17 -24.80
CA GLY D 112 -33.24 15.17 -24.71
C GLY D 112 -31.85 14.59 -24.91
N ALA D 113 -30.93 15.44 -25.34
CA ALA D 113 -29.55 15.03 -25.57
C ALA D 113 -28.60 15.74 -24.63
N VAL D 114 -27.41 16.08 -25.11
CA VAL D 114 -26.40 16.76 -24.30
C VAL D 114 -26.36 18.24 -24.67
N MET D 115 -26.04 19.08 -23.70
CA MET D 115 -25.92 20.51 -23.91
C MET D 115 -24.64 21.11 -23.35
N THR D 116 -23.61 20.30 -23.12
CA THR D 116 -22.35 20.76 -22.55
C THR D 116 -21.23 20.47 -23.55
N THR D 117 -20.95 21.45 -24.41
CA THR D 117 -19.87 21.33 -25.38
C THR D 117 -18.86 22.44 -25.18
N GLY D 118 -18.65 23.26 -26.22
CA GLY D 118 -17.78 24.42 -26.06
C GLY D 118 -18.43 25.53 -25.26
N LYS D 119 -19.75 25.58 -25.27
CA LYS D 119 -20.52 26.57 -24.53
C LYS D 119 -21.62 25.85 -23.76
N ASN D 120 -21.48 25.76 -22.45
CA ASN D 120 -22.46 25.07 -21.63
C ASN D 120 -23.76 25.87 -21.56
N ALA D 121 -24.89 25.13 -21.44
CA ALA D 121 -26.19 25.77 -21.39
C ALA D 121 -27.18 24.97 -20.55
N GLY D 122 -26.70 24.20 -19.59
CA GLY D 122 -27.57 23.42 -18.73
C GLY D 122 -27.69 21.97 -19.16
N GLN D 123 -28.80 21.37 -18.77
CA GLN D 123 -29.07 19.97 -19.07
C GLN D 123 -30.55 19.71 -18.91
N VAL D 124 -31.09 18.83 -19.77
CA VAL D 124 -32.52 18.50 -19.78
C VAL D 124 -32.66 17.02 -19.42
N ARG D 125 -33.56 16.73 -18.48
CA ARG D 125 -33.84 15.35 -18.12
C ARG D 125 -34.96 14.75 -18.96
N GLY D 126 -36.04 15.49 -19.17
CA GLY D 126 -37.14 15.03 -19.99
C GLY D 126 -38.05 14.07 -19.24
N PRO D 127 -39.35 14.35 -19.27
CA PRO D 127 -40.30 13.44 -18.61
C PRO D 127 -40.45 12.11 -19.32
N VAL D 128 -40.31 12.08 -20.65
CA VAL D 128 -40.42 10.85 -21.42
C VAL D 128 -39.13 10.05 -21.24
N GLN D 129 -39.22 8.91 -20.58
CA GLN D 129 -38.07 8.05 -20.33
C GLN D 129 -38.43 6.62 -20.69
N LEU D 130 -37.72 6.05 -21.65
CA LEU D 130 -37.95 4.68 -22.08
C LEU D 130 -36.88 3.76 -21.49
N THR D 131 -37.28 2.50 -21.30
CA THR D 131 -36.41 1.48 -20.70
C THR D 131 -36.05 0.44 -21.76
N PHE D 132 -35.18 -0.48 -21.37
CA PHE D 132 -34.74 -1.53 -22.26
C PHE D 132 -35.86 -2.54 -22.50
N SER D 133 -35.75 -3.27 -23.60
CA SER D 133 -36.73 -4.30 -23.95
C SER D 133 -36.22 -5.67 -23.55
N ARG D 134 -37.16 -6.59 -23.33
CA ARG D 134 -36.84 -7.95 -22.93
C ARG D 134 -37.85 -8.91 -23.54
N SER D 135 -37.37 -10.08 -23.94
CA SER D 135 -38.21 -11.13 -24.50
C SER D 135 -38.47 -12.21 -23.45
N ILE D 136 -39.71 -12.70 -23.41
CA ILE D 136 -40.07 -13.73 -22.44
C ILE D 136 -39.44 -15.07 -22.81
N ASP D 137 -39.82 -15.62 -23.96
CA ASP D 137 -39.26 -16.88 -24.41
C ASP D 137 -37.83 -16.67 -24.89
N PRO D 138 -36.89 -17.52 -24.49
CA PRO D 138 -35.49 -17.35 -24.93
C PRO D 138 -35.36 -17.61 -26.43
N ILE D 139 -34.94 -16.58 -27.17
CA ILE D 139 -34.79 -16.69 -28.61
C ILE D 139 -33.49 -17.43 -28.92
N MET D 140 -33.37 -17.92 -30.16
CA MET D 140 -32.20 -18.68 -30.59
C MET D 140 -31.45 -17.90 -31.65
N THR D 141 -30.14 -18.13 -31.73
CA THR D 141 -29.27 -17.43 -32.66
C THR D 141 -28.99 -18.31 -33.87
N LEU D 142 -29.12 -17.73 -35.06
CA LEU D 142 -28.93 -18.47 -36.31
C LEU D 142 -27.54 -18.31 -36.89
N GLU D 143 -26.90 -17.15 -36.70
CA GLU D 143 -25.57 -16.86 -37.24
C GLU D 143 -25.54 -17.07 -38.76
N HIS D 144 -26.43 -16.36 -39.44
CA HIS D 144 -26.53 -16.45 -40.88
C HIS D 144 -25.55 -15.49 -41.54
N SER D 145 -24.62 -16.04 -42.31
CA SER D 145 -23.61 -15.26 -43.01
C SER D 145 -23.93 -15.20 -44.50
N ILE D 146 -23.34 -14.20 -45.16
CA ILE D 146 -23.52 -13.99 -46.60
C ILE D 146 -22.17 -13.60 -47.19
N THR D 147 -22.15 -13.49 -48.53
CA THR D 147 -20.94 -13.16 -49.26
C THR D 147 -21.21 -11.98 -50.18
N ARG D 148 -20.14 -11.49 -50.82
CA ARG D 148 -20.24 -10.35 -51.72
C ARG D 148 -19.21 -10.52 -52.83
N MET D 149 -19.66 -10.41 -54.08
CA MET D 149 -18.77 -10.56 -55.23
C MET D 149 -17.90 -9.34 -55.47
N ALA D 150 -18.16 -8.23 -54.80
CA ALA D 150 -17.37 -7.01 -54.96
C ALA D 150 -16.32 -6.92 -53.87
N VAL D 151 -15.33 -6.05 -54.08
CA VAL D 151 -14.25 -5.83 -53.13
C VAL D 151 -14.23 -4.37 -52.72
N THR D 152 -14.11 -4.13 -51.41
CA THR D 152 -14.15 -2.78 -50.86
C THR D 152 -12.78 -2.20 -50.58
N ASN D 153 -11.73 -3.03 -50.55
CA ASN D 153 -10.37 -2.54 -50.35
C ASN D 153 -9.40 -3.58 -50.87
N GLU D 154 -8.39 -3.12 -51.62
CA GLU D 154 -7.37 -4.00 -52.18
C GLU D 154 -6.50 -4.53 -51.04
N LYS D 155 -6.86 -5.71 -50.55
CA LYS D 155 -6.17 -6.36 -49.46
C LYS D 155 -5.51 -7.65 -49.94
N ASP D 156 -5.22 -8.58 -49.03
CA ASP D 156 -4.60 -9.84 -49.40
C ASP D 156 -5.60 -10.83 -49.96
N ALA D 157 -6.88 -10.70 -49.61
CA ALA D 157 -7.92 -11.59 -50.11
C ALA D 157 -8.58 -11.04 -51.37
N SER D 158 -7.77 -10.45 -52.24
CA SER D 158 -8.24 -9.87 -53.50
C SER D 158 -7.42 -10.41 -54.66
N GLU D 159 -7.13 -11.71 -54.64
CA GLU D 159 -6.34 -12.33 -55.70
C GLU D 159 -7.21 -12.55 -56.94
N THR D 160 -6.61 -13.17 -57.96
CA THR D 160 -7.34 -13.46 -59.19
C THR D 160 -8.38 -14.55 -59.02
N GLY D 161 -8.38 -15.27 -57.90
CA GLY D 161 -9.36 -16.30 -57.65
C GLY D 161 -10.76 -15.76 -57.45
N ASP D 162 -11.02 -15.19 -56.28
CA ASP D 162 -12.32 -14.61 -55.98
C ASP D 162 -12.13 -13.57 -54.89
N ASN D 163 -12.53 -12.33 -55.18
CA ASN D 163 -12.42 -11.23 -54.22
C ASN D 163 -13.60 -11.15 -53.28
N ARG D 164 -14.14 -12.29 -52.86
CA ARG D 164 -15.30 -12.31 -51.97
C ARG D 164 -14.86 -12.00 -50.55
N THR D 165 -15.27 -10.85 -50.04
CA THR D 165 -14.99 -10.43 -48.68
C THR D 165 -15.95 -11.05 -47.67
N MET D 166 -16.83 -11.94 -48.11
CA MET D 166 -17.81 -12.64 -47.26
C MET D 166 -18.68 -11.57 -46.58
N GLY D 167 -19.12 -11.78 -45.36
CA GLY D 167 -19.97 -10.85 -44.64
C GLY D 167 -20.84 -11.57 -43.64
N ARG D 168 -21.34 -10.80 -42.67
CA ARG D 168 -22.15 -11.31 -41.59
C ARG D 168 -23.40 -10.45 -41.44
N LYS D 169 -24.56 -11.10 -41.39
CA LYS D 169 -25.85 -10.41 -41.19
C LYS D 169 -26.75 -11.33 -40.37
N PHE D 170 -26.77 -11.11 -39.06
CA PHE D 170 -27.54 -11.96 -38.16
C PHE D 170 -29.04 -11.73 -38.33
N THR D 171 -29.82 -12.64 -37.78
CA THR D 171 -31.27 -12.54 -37.82
C THR D 171 -31.85 -13.36 -36.68
N VAL D 172 -33.10 -13.04 -36.32
CA VAL D 172 -33.81 -13.71 -35.23
C VAL D 172 -34.97 -14.47 -35.85
N PRO D 173 -35.17 -15.75 -35.49
CA PRO D 173 -36.32 -16.49 -36.05
C PRO D 173 -37.66 -15.89 -35.65
N TYR D 174 -37.75 -15.37 -34.43
CA TYR D 174 -38.95 -14.69 -33.93
C TYR D 174 -38.63 -14.11 -32.56
N GLY D 175 -39.10 -12.90 -32.30
CA GLY D 175 -38.87 -12.29 -31.02
C GLY D 175 -39.88 -11.23 -30.65
N LEU D 176 -40.63 -11.45 -29.57
CA LEU D 176 -41.62 -10.49 -29.08
C LEU D 176 -41.02 -9.78 -27.87
N TYR D 177 -40.48 -8.59 -28.09
CA TYR D 177 -39.87 -7.81 -27.02
C TYR D 177 -40.89 -6.92 -26.34
N ARG D 178 -40.64 -6.65 -25.06
CA ARG D 178 -41.52 -5.86 -24.20
C ARG D 178 -40.72 -4.71 -23.61
N CYS D 179 -41.15 -3.47 -23.89
CA CYS D 179 -40.49 -2.28 -23.40
C CYS D 179 -41.42 -1.50 -22.49
N HIS D 180 -40.83 -0.75 -21.57
CA HIS D 180 -41.58 0.07 -20.62
C HIS D 180 -41.16 1.53 -20.76
N GLY D 181 -42.14 2.42 -20.61
CA GLY D 181 -41.86 3.85 -20.71
C GLY D 181 -42.69 4.67 -19.75
N PHE D 182 -42.11 5.77 -19.25
CA PHE D 182 -42.72 6.60 -18.22
C PHE D 182 -42.76 8.05 -18.68
N ILE D 183 -43.83 8.75 -18.31
CA ILE D 183 -43.99 10.17 -18.58
C ILE D 183 -44.55 10.81 -17.31
N SER D 184 -43.77 11.72 -16.71
CA SER D 184 -44.16 12.35 -15.46
C SER D 184 -45.02 13.59 -15.70
N THR D 185 -44.76 14.65 -14.94
CA THR D 185 -45.56 15.87 -15.03
C THR D 185 -44.73 17.11 -14.77
N HIS D 186 -43.92 17.09 -13.71
CA HIS D 186 -43.12 18.25 -13.35
C HIS D 186 -42.09 18.56 -14.42
N PHE D 187 -41.44 17.53 -14.96
CA PHE D 187 -40.47 17.75 -16.03
C PHE D 187 -41.17 18.27 -17.29
N ALA D 188 -42.39 17.82 -17.54
CA ALA D 188 -43.16 18.34 -18.67
C ALA D 188 -43.51 19.81 -18.47
N LYS D 189 -43.77 20.20 -17.22
CA LYS D 189 -44.05 21.60 -16.94
C LYS D 189 -42.80 22.46 -17.10
N GLN D 190 -41.63 21.93 -16.73
CA GLN D 190 -40.39 22.69 -16.87
C GLN D 190 -39.94 22.80 -18.32
N THR D 191 -40.19 21.77 -19.12
CA THR D 191 -39.78 21.77 -20.52
C THR D 191 -40.85 22.29 -21.47
N GLY D 192 -42.12 21.99 -21.22
CA GLY D 192 -43.19 22.42 -22.08
C GLY D 192 -43.88 21.33 -22.86
N PHE D 193 -43.97 20.11 -22.32
CA PHE D 193 -44.60 19.00 -23.01
C PHE D 193 -46.11 19.07 -22.79
N SER D 194 -46.84 19.43 -23.84
CA SER D 194 -48.28 19.62 -23.76
C SER D 194 -49.02 18.37 -24.23
N GLU D 195 -50.32 18.50 -24.45
CA GLU D 195 -51.13 17.36 -24.87
C GLU D 195 -50.96 17.04 -26.36
N ASN D 196 -50.79 18.07 -27.19
CA ASN D 196 -50.54 17.82 -28.61
C ASN D 196 -49.22 17.09 -28.82
N ASP D 197 -48.19 17.47 -28.05
CA ASP D 197 -46.92 16.75 -28.10
C ASP D 197 -47.10 15.31 -27.64
N LEU D 198 -47.96 15.09 -26.64
CA LEU D 198 -48.22 13.74 -26.17
C LEU D 198 -48.91 12.90 -27.25
N GLU D 199 -49.88 13.49 -27.96
CA GLU D 199 -50.55 12.77 -29.04
C GLU D 199 -49.58 12.47 -30.17
N LEU D 200 -48.70 13.42 -30.50
CA LEU D 200 -47.69 13.17 -31.53
C LEU D 200 -46.73 12.06 -31.11
N PHE D 201 -46.37 12.01 -29.83
CA PHE D 201 -45.50 10.96 -29.35
C PHE D 201 -46.18 9.59 -29.39
N TRP D 202 -47.47 9.54 -29.04
CA TRP D 202 -48.21 8.29 -29.16
C TRP D 202 -48.32 7.84 -30.61
N GLN D 203 -48.52 8.79 -31.52
CA GLN D 203 -48.58 8.46 -32.94
C GLN D 203 -47.24 7.92 -33.43
N ALA D 204 -46.14 8.55 -32.98
CA ALA D 204 -44.82 8.06 -33.36
C ALA D 204 -44.56 6.67 -32.80
N LEU D 205 -45.04 6.40 -31.57
CA LEU D 205 -44.88 5.06 -30.99
C LEU D 205 -45.66 4.02 -31.78
N VAL D 206 -46.91 4.32 -32.11
CA VAL D 206 -47.74 3.35 -32.83
C VAL D 206 -47.37 3.25 -34.31
N ASN D 207 -46.57 4.19 -34.83
CA ASN D 207 -46.12 4.14 -36.21
C ASN D 207 -44.59 4.06 -36.28
N MET D 208 -43.95 3.55 -35.23
CA MET D 208 -42.50 3.43 -35.19
C MET D 208 -41.97 2.51 -36.27
N PHE D 209 -42.16 1.20 -36.10
CA PHE D 209 -41.63 0.23 -37.05
C PHE D 209 -42.38 0.20 -38.37
N ASP D 210 -43.47 0.96 -38.50
CA ASP D 210 -44.27 0.95 -39.72
C ASP D 210 -43.65 1.75 -40.85
N HIS D 211 -42.48 2.36 -40.64
CA HIS D 211 -41.87 3.18 -41.68
C HIS D 211 -40.38 2.88 -41.82
N ASP D 212 -39.62 3.06 -40.74
CA ASP D 212 -38.17 2.86 -40.79
C ASP D 212 -37.86 1.37 -40.91
N HIS D 213 -37.20 0.99 -41.99
CA HIS D 213 -36.81 -0.39 -42.24
C HIS D 213 -35.47 -0.41 -42.95
N SER D 214 -34.83 -1.59 -42.94
CA SER D 214 -33.55 -1.76 -43.61
C SER D 214 -33.37 -3.24 -43.95
N ALA D 215 -32.17 -3.64 -44.31
CA ALA D 215 -31.84 -5.01 -44.65
C ALA D 215 -31.39 -5.84 -43.46
N ALA D 216 -30.50 -5.29 -42.62
CA ALA D 216 -30.02 -6.05 -41.46
C ALA D 216 -31.11 -6.21 -40.41
N ARG D 217 -31.94 -5.20 -40.20
CA ARG D 217 -33.00 -5.30 -39.21
C ARG D 217 -34.16 -6.15 -39.70
N GLY D 218 -34.33 -6.26 -41.03
CA GLY D 218 -35.37 -7.13 -41.55
C GLY D 218 -36.76 -6.61 -41.27
N GLN D 219 -37.70 -7.54 -41.11
CA GLN D 219 -39.10 -7.21 -40.86
C GLN D 219 -39.32 -7.00 -39.37
N MET D 220 -39.80 -5.81 -39.01
CA MET D 220 -40.13 -5.48 -37.63
C MET D 220 -41.41 -4.66 -37.60
N ASN D 221 -42.31 -5.01 -36.68
CA ASN D 221 -43.57 -4.28 -36.52
C ASN D 221 -43.91 -4.25 -35.04
N ALA D 222 -45.18 -3.95 -34.74
CA ALA D 222 -45.66 -3.84 -33.38
C ALA D 222 -46.79 -4.83 -33.14
N ARG D 223 -47.08 -5.08 -31.86
CA ARG D 223 -48.15 -5.98 -31.47
C ARG D 223 -49.17 -5.35 -30.54
N GLY D 224 -48.72 -4.62 -29.51
CA GLY D 224 -49.65 -4.04 -28.56
C GLY D 224 -49.02 -2.89 -27.81
N LEU D 225 -49.88 -2.03 -27.25
CA LEU D 225 -49.43 -0.89 -26.44
C LEU D 225 -50.49 -0.66 -25.36
N TYR D 226 -50.16 -1.02 -24.12
CA TYR D 226 -51.06 -0.87 -22.98
C TYR D 226 -50.56 0.28 -22.12
N VAL D 227 -51.37 1.34 -22.03
CA VAL D 227 -50.99 2.55 -21.32
C VAL D 227 -51.86 2.71 -20.08
N PHE D 228 -51.24 2.99 -18.95
CA PHE D 228 -51.92 3.30 -17.70
C PHE D 228 -51.74 4.79 -17.42
N GLU D 229 -52.85 5.47 -17.12
CA GLU D 229 -52.86 6.91 -16.90
C GLU D 229 -53.32 7.20 -15.48
N HIS D 230 -52.46 7.87 -14.72
CA HIS D 230 -52.80 8.33 -13.38
C HIS D 230 -53.28 9.77 -13.47
N SER D 231 -54.45 10.04 -12.89
CA SER D 231 -55.07 11.37 -12.96
C SER D 231 -54.37 12.39 -12.07
N ASN D 232 -53.19 12.10 -11.54
CA ASN D 232 -52.47 13.04 -10.69
C ASN D 232 -50.99 12.68 -10.73
N ASN D 233 -50.17 13.51 -10.09
CA ASN D 233 -48.74 13.25 -10.04
C ASN D 233 -48.37 12.19 -9.01
N LEU D 234 -49.34 11.68 -8.26
CA LEU D 234 -49.10 10.67 -7.25
C LEU D 234 -49.51 9.29 -7.77
N GLY D 235 -48.85 8.26 -7.24
CA GLY D 235 -49.09 6.90 -7.66
C GLY D 235 -49.79 6.06 -6.61
N ASP D 236 -51.08 5.78 -6.82
CA ASP D 236 -51.86 5.00 -5.87
C ASP D 236 -51.59 3.51 -5.97
N ALA D 237 -50.79 3.07 -6.95
CA ALA D 237 -50.46 1.66 -7.12
C ALA D 237 -49.08 1.56 -7.74
N PRO D 238 -48.28 0.57 -7.34
CA PRO D 238 -46.94 0.44 -7.92
C PRO D 238 -47.00 0.02 -9.38
N ALA D 239 -45.99 0.45 -10.13
CA ALA D 239 -45.93 0.14 -11.55
C ALA D 239 -45.58 -1.32 -11.81
N ASP D 240 -44.99 -2.01 -10.83
CA ASP D 240 -44.64 -3.42 -11.02
C ASP D 240 -45.88 -4.29 -11.17
N SER D 241 -46.96 -3.96 -10.45
CA SER D 241 -48.20 -4.70 -10.61
C SER D 241 -48.79 -4.49 -12.01
N LEU D 242 -48.80 -3.24 -12.48
CA LEU D 242 -49.30 -2.96 -13.82
C LEU D 242 -48.44 -3.63 -14.89
N PHE D 243 -47.14 -3.75 -14.65
CA PHE D 243 -46.28 -4.45 -15.60
C PHE D 243 -46.51 -5.95 -15.56
N LYS D 244 -46.90 -6.49 -14.41
CA LYS D 244 -47.17 -7.91 -14.27
C LYS D 244 -48.56 -8.28 -14.79
N ARG D 245 -49.45 -7.31 -14.96
CA ARG D 245 -50.79 -7.62 -15.45
C ARG D 245 -50.74 -8.16 -16.88
N ILE D 246 -50.09 -7.44 -17.78
CA ILE D 246 -49.94 -7.87 -19.17
C ILE D 246 -48.99 -9.06 -19.21
N GLN D 247 -49.53 -10.26 -19.01
CA GLN D 247 -48.72 -11.48 -18.93
C GLN D 247 -48.65 -12.14 -20.31
N VAL D 248 -47.44 -12.20 -20.86
CA VAL D 248 -47.21 -12.83 -22.16
C VAL D 248 -46.38 -14.09 -21.91
N VAL D 249 -47.00 -15.25 -22.10
CA VAL D 249 -46.33 -16.53 -21.87
C VAL D 249 -46.23 -17.29 -23.18
N LYS D 250 -45.53 -18.42 -23.17
CA LYS D 250 -45.36 -19.24 -24.36
C LYS D 250 -46.58 -20.13 -24.56
N LYS D 251 -46.52 -20.98 -25.59
CA LYS D 251 -47.62 -21.88 -25.89
C LYS D 251 -47.68 -23.01 -24.86
N ASP D 252 -48.83 -23.68 -24.81
CA ASP D 252 -49.00 -24.79 -23.87
C ASP D 252 -48.29 -26.05 -24.34
N GLY D 253 -48.18 -26.26 -25.65
CA GLY D 253 -47.52 -27.43 -26.17
C GLY D 253 -46.26 -27.10 -26.95
N VAL D 254 -46.29 -26.02 -27.73
CA VAL D 254 -45.13 -25.62 -28.52
C VAL D 254 -44.11 -24.97 -27.61
N GLU D 255 -42.86 -25.45 -27.69
CA GLU D 255 -41.79 -24.93 -26.84
C GLU D 255 -41.28 -23.59 -27.36
N VAL D 256 -41.20 -23.45 -28.69
CA VAL D 256 -40.67 -22.23 -29.29
C VAL D 256 -41.82 -21.30 -29.66
N VAL D 257 -41.50 -20.16 -30.26
CA VAL D 257 -42.49 -19.17 -30.67
C VAL D 257 -42.16 -18.71 -32.08
N ARG D 258 -43.20 -18.54 -32.91
CA ARG D 258 -42.99 -18.07 -34.27
C ARG D 258 -43.99 -17.04 -34.75
N SER D 259 -45.10 -16.83 -34.04
CA SER D 259 -46.08 -15.84 -34.44
C SER D 259 -46.82 -15.35 -33.20
N PHE D 260 -47.87 -14.56 -33.41
CA PHE D 260 -48.64 -14.05 -32.28
C PHE D 260 -49.47 -15.14 -31.63
N ASP D 261 -49.82 -16.19 -32.37
CA ASP D 261 -50.60 -17.28 -31.80
C ASP D 261 -49.80 -18.07 -30.77
N ASP D 262 -48.47 -18.09 -30.91
CA ASP D 262 -47.64 -18.81 -29.95
C ASP D 262 -47.56 -18.07 -28.63
N TYR D 263 -47.41 -16.75 -28.67
CA TYR D 263 -47.36 -15.92 -27.46
C TYR D 263 -48.78 -15.71 -26.96
N LEU D 264 -49.11 -16.34 -25.83
CA LEU D 264 -50.41 -16.16 -25.20
C LEU D 264 -50.36 -14.94 -24.31
N VAL D 265 -51.18 -13.93 -24.64
CA VAL D 265 -51.23 -12.68 -23.90
C VAL D 265 -52.50 -12.67 -23.06
N SER D 266 -52.38 -12.26 -21.80
CA SER D 266 -53.50 -12.17 -20.89
C SER D 266 -53.44 -10.84 -20.15
N VAL D 267 -54.59 -10.17 -20.06
CA VAL D 267 -54.71 -8.87 -19.40
C VAL D 267 -55.72 -9.02 -18.27
N ASP D 268 -55.28 -8.72 -17.05
CA ASP D 268 -56.12 -8.79 -15.86
C ASP D 268 -56.33 -7.37 -15.36
N ASP D 269 -57.38 -6.72 -15.85
CA ASP D 269 -57.69 -5.36 -15.46
C ASP D 269 -58.92 -5.30 -14.57
N LYS D 270 -58.82 -5.85 -13.36
CA LYS D 270 -59.90 -5.81 -12.39
C LYS D 270 -59.56 -5.08 -11.10
N ASN D 271 -58.29 -5.05 -10.70
CA ASN D 271 -57.86 -4.33 -9.51
C ASN D 271 -56.99 -3.12 -9.85
N LEU D 272 -57.34 -2.36 -10.88
CA LEU D 272 -56.58 -1.17 -11.28
C LEU D 272 -57.50 -0.10 -11.88
N GLU D 273 -58.79 -0.19 -11.60
CA GLU D 273 -59.79 0.75 -12.13
C GLU D 273 -60.20 1.76 -11.08
N GLU D 274 -59.23 2.26 -10.29
CA GLU D 274 -59.51 3.25 -9.27
C GLU D 274 -59.34 4.65 -9.84
N THR D 275 -58.25 5.34 -9.47
CA THR D 275 -57.91 6.63 -10.02
C THR D 275 -57.02 6.52 -11.26
N LYS D 276 -57.06 5.39 -11.94
CA LYS D 276 -56.24 5.13 -13.12
C LYS D 276 -57.11 4.68 -14.27
N LEU D 277 -56.66 4.99 -15.49
CA LEU D 277 -57.36 4.59 -16.70
C LEU D 277 -56.43 3.71 -17.55
N LEU D 278 -57.04 2.80 -18.30
CA LEU D 278 -56.31 1.88 -19.16
C LEU D 278 -56.68 2.14 -20.61
N ARG D 279 -55.67 2.22 -21.47
CA ARG D 279 -55.89 2.46 -22.90
C ARG D 279 -55.05 1.48 -23.71
N LYS D 280 -55.56 1.12 -24.89
CA LYS D 280 -54.88 0.20 -25.79
C LYS D 280 -54.77 0.85 -27.16
N LEU D 281 -53.59 0.79 -27.75
CA LEU D 281 -53.33 1.38 -29.06
C LEU D 281 -52.74 0.39 -30.06
N GLY D 282 -51.67 -0.32 -29.67
CA GLY D 282 -51.06 -1.27 -30.59
C GLY D 282 -51.90 -2.51 -30.85
N GLY D 283 -52.65 -2.97 -29.85
CA GLY D 283 -53.48 -4.15 -29.99
C GLY D 283 -53.58 -4.97 -28.73
N THR E 1 -40.30 12.29 -58.26
CA THR E 1 -40.32 11.42 -57.08
C THR E 1 -41.73 10.92 -56.78
N ILE E 2 -41.82 9.90 -55.93
CA ILE E 2 -43.08 9.28 -55.57
C ILE E 2 -43.50 9.76 -54.19
N GLU E 3 -44.79 10.01 -54.01
CA GLU E 3 -45.32 10.47 -52.73
C GLU E 3 -46.01 9.37 -51.94
N LYS E 4 -46.55 8.36 -52.60
CA LYS E 4 -47.29 7.31 -51.93
C LYS E 4 -46.36 6.31 -51.27
N ARG E 5 -46.86 5.65 -50.23
CA ARG E 5 -46.13 4.58 -49.56
C ARG E 5 -46.65 3.23 -50.03
N TYR E 6 -45.74 2.27 -50.13
CA TYR E 6 -46.08 0.95 -50.68
C TYR E 6 -45.58 -0.15 -49.75
N ASP E 7 -46.44 -1.15 -49.53
CA ASP E 7 -46.08 -2.33 -48.76
C ASP E 7 -46.54 -3.55 -49.55
N PHE E 8 -45.60 -4.36 -50.05
CA PHE E 8 -45.94 -5.48 -50.91
C PHE E 8 -45.56 -6.80 -50.25
N VAL E 9 -46.43 -7.78 -50.40
CA VAL E 9 -46.18 -9.15 -49.95
C VAL E 9 -46.06 -10.02 -51.20
N PHE E 10 -44.94 -10.72 -51.31
CA PHE E 10 -44.62 -11.52 -52.49
C PHE E 10 -44.56 -12.99 -52.08
N LEU E 11 -45.47 -13.79 -52.63
CA LEU E 11 -45.49 -15.23 -52.40
C LEU E 11 -44.91 -15.92 -53.62
N PHE E 12 -43.79 -16.62 -53.44
CA PHE E 12 -43.12 -17.30 -54.54
C PHE E 12 -42.82 -18.74 -54.15
N ASP E 13 -43.03 -19.65 -55.09
CA ASP E 13 -42.90 -21.08 -54.84
C ASP E 13 -41.69 -21.65 -55.56
N VAL E 14 -41.11 -22.68 -54.96
CA VAL E 14 -40.01 -23.46 -55.54
C VAL E 14 -40.41 -24.92 -55.51
N GLN E 15 -40.28 -25.60 -56.66
CA GLN E 15 -40.67 -27.00 -56.78
C GLN E 15 -39.52 -27.96 -56.50
N ASP E 16 -38.30 -27.62 -56.94
CA ASP E 16 -37.16 -28.50 -56.75
C ASP E 16 -35.89 -27.65 -56.83
N GLY E 17 -35.02 -27.79 -55.86
CA GLY E 17 -33.79 -27.01 -55.82
C GLY E 17 -33.66 -26.26 -54.52
N ASN E 18 -32.47 -25.68 -54.31
CA ASN E 18 -32.18 -24.93 -53.10
C ASN E 18 -32.34 -23.44 -53.39
N PRO E 19 -33.32 -22.76 -52.80
CA PRO E 19 -33.48 -21.32 -53.06
C PRO E 19 -32.29 -20.50 -52.56
N ASN E 20 -32.08 -20.52 -51.24
CA ASN E 20 -30.94 -19.86 -50.62
C ASN E 20 -30.33 -20.82 -49.61
N GLY E 21 -29.05 -21.15 -49.79
CA GLY E 21 -28.38 -22.12 -48.95
C GLY E 21 -27.80 -21.49 -47.70
N ASP E 22 -27.18 -22.34 -46.89
CA ASP E 22 -26.56 -21.95 -45.63
C ASP E 22 -25.05 -22.09 -45.76
N PRO E 23 -24.27 -21.03 -45.60
CA PRO E 23 -22.82 -21.12 -45.79
C PRO E 23 -22.13 -22.06 -44.81
N ASP E 24 -22.44 -21.94 -43.52
CA ASP E 24 -21.77 -22.74 -42.50
C ASP E 24 -22.34 -24.16 -42.44
N ALA E 25 -22.51 -24.79 -43.60
CA ALA E 25 -23.03 -26.14 -43.68
C ALA E 25 -22.71 -26.78 -45.03
N GLY E 26 -22.19 -26.00 -45.96
CA GLY E 26 -21.89 -26.52 -47.29
C GLY E 26 -22.91 -26.11 -48.33
N ASN E 27 -24.12 -26.67 -48.23
CA ASN E 27 -25.18 -26.32 -49.18
C ASN E 27 -26.58 -26.57 -48.61
N LEU E 28 -26.69 -26.77 -47.29
CA LEU E 28 -27.99 -27.05 -46.69
C LEU E 28 -28.92 -25.85 -46.85
N PRO E 29 -30.17 -26.07 -47.23
CA PRO E 29 -31.12 -24.95 -47.34
C PRO E 29 -31.34 -24.30 -45.99
N ARG E 30 -31.52 -22.98 -46.01
CA ARG E 30 -31.70 -22.19 -44.79
C ARG E 30 -33.08 -22.49 -44.23
N ILE E 31 -33.14 -23.45 -43.31
CA ILE E 31 -34.39 -23.91 -42.72
C ILE E 31 -34.34 -23.65 -41.22
N ASP E 32 -35.47 -23.24 -40.65
CA ASP E 32 -35.57 -22.95 -39.23
C ASP E 32 -35.28 -24.21 -38.42
N PRO E 33 -34.23 -24.23 -37.59
CA PRO E 33 -33.92 -25.45 -36.84
C PRO E 33 -34.92 -25.78 -35.74
N GLN E 34 -35.79 -24.85 -35.37
CA GLN E 34 -36.75 -25.08 -34.29
C GLN E 34 -38.14 -25.44 -34.78
N THR E 35 -38.52 -25.04 -35.99
CA THR E 35 -39.84 -25.34 -36.53
C THR E 35 -39.82 -26.04 -37.87
N GLY E 36 -38.66 -26.22 -38.50
CA GLY E 36 -38.60 -26.87 -39.78
C GLY E 36 -39.10 -26.07 -40.96
N GLU E 37 -39.39 -24.78 -40.77
CA GLU E 37 -39.87 -23.92 -41.84
C GLU E 37 -38.70 -23.32 -42.59
N GLY E 38 -38.85 -23.22 -43.91
CA GLY E 38 -37.79 -22.67 -44.74
C GLY E 38 -37.74 -21.15 -44.67
N LEU E 39 -36.52 -20.62 -44.78
CA LEU E 39 -36.27 -19.19 -44.75
C LEU E 39 -35.38 -18.81 -45.92
N VAL E 40 -35.77 -17.77 -46.65
CA VAL E 40 -35.00 -17.27 -47.78
C VAL E 40 -34.62 -15.83 -47.49
N THR E 41 -33.33 -15.53 -47.55
CA THR E 41 -32.85 -14.19 -47.26
C THR E 41 -33.23 -13.23 -48.39
N ASP E 42 -33.35 -11.94 -48.03
CA ASP E 42 -33.72 -10.93 -49.02
C ASP E 42 -32.57 -10.60 -49.97
N VAL E 43 -31.32 -10.91 -49.58
CA VAL E 43 -30.18 -10.59 -50.44
C VAL E 43 -30.24 -11.39 -51.73
N CYS E 44 -30.77 -12.61 -51.68
CA CYS E 44 -30.91 -13.41 -52.91
C CYS E 44 -31.89 -12.77 -53.88
N LEU E 45 -33.05 -12.33 -53.36
CA LEU E 45 -34.03 -11.66 -54.21
C LEU E 45 -33.47 -10.35 -54.75
N LYS E 46 -32.74 -9.61 -53.93
CA LYS E 46 -32.16 -8.35 -54.38
C LYS E 46 -31.14 -8.59 -55.49
N ARG E 47 -30.30 -9.62 -55.34
CA ARG E 47 -29.32 -9.93 -56.38
C ARG E 47 -29.99 -10.42 -57.65
N LYS E 48 -31.08 -11.17 -57.53
CA LYS E 48 -31.82 -11.58 -58.72
C LYS E 48 -32.42 -10.40 -59.45
N VAL E 49 -32.97 -9.43 -58.69
CA VAL E 49 -33.50 -8.22 -59.30
C VAL E 49 -32.38 -7.44 -59.98
N ARG E 50 -31.22 -7.35 -59.33
CA ARG E 50 -30.07 -6.69 -59.93
C ARG E 50 -29.67 -7.34 -61.25
N ASN E 51 -29.59 -8.67 -61.26
CA ASN E 51 -29.22 -9.38 -62.49
C ASN E 51 -30.26 -9.17 -63.59
N PHE E 52 -31.54 -9.19 -63.23
CA PHE E 52 -32.59 -8.97 -64.22
C PHE E 52 -32.50 -7.57 -64.81
N ILE E 53 -32.29 -6.56 -63.97
CA ILE E 53 -32.20 -5.19 -64.46
C ILE E 53 -30.95 -5.02 -65.33
N GLN E 54 -29.84 -5.64 -64.93
CA GLN E 54 -28.63 -5.56 -65.74
C GLN E 54 -28.80 -6.26 -67.08
N MET E 55 -29.58 -7.34 -67.13
CA MET E 55 -29.80 -8.04 -68.38
C MET E 55 -30.78 -7.30 -69.29
N THR E 56 -31.78 -6.63 -68.72
CA THR E 56 -32.80 -5.98 -69.53
C THR E 56 -32.43 -4.57 -69.96
N GLN E 57 -31.77 -3.80 -69.09
CA GLN E 57 -31.49 -2.40 -69.38
C GLN E 57 -30.28 -2.24 -70.28
N ASN E 58 -29.08 -2.27 -69.69
CA ASN E 58 -27.82 -2.06 -70.41
C ASN E 58 -27.79 -0.69 -71.09
N ASP E 59 -27.90 0.34 -70.27
CA ASP E 59 -27.87 1.72 -70.75
C ASP E 59 -27.54 2.65 -69.59
N GLU E 60 -27.51 3.95 -69.88
CA GLU E 60 -27.21 4.93 -68.85
C GLU E 60 -28.41 5.12 -67.93
N HIS E 61 -28.14 5.60 -66.72
CA HIS E 61 -29.14 5.82 -65.67
C HIS E 61 -29.85 4.53 -65.26
N HIS E 62 -29.26 3.38 -65.58
CA HIS E 62 -29.82 2.07 -65.23
C HIS E 62 -28.66 1.11 -64.95
N ASP E 63 -27.81 1.48 -63.99
CA ASP E 63 -26.64 0.68 -63.66
C ASP E 63 -26.98 -0.34 -62.57
N ILE E 64 -26.11 -1.35 -62.46
CA ILE E 64 -26.33 -2.47 -61.55
C ILE E 64 -24.99 -2.86 -60.93
N PHE E 65 -23.90 -2.46 -61.59
CA PHE E 65 -22.51 -2.86 -61.30
C PHE E 65 -22.29 -4.28 -61.83
N ILE E 66 -21.10 -4.53 -62.38
CA ILE E 66 -20.79 -5.82 -63.00
C ILE E 66 -20.60 -6.89 -61.94
N ARG E 67 -20.22 -8.08 -62.40
CA ARG E 67 -20.19 -9.30 -61.60
C ARG E 67 -18.99 -9.33 -60.67
N GLU E 68 -17.98 -10.13 -61.01
CA GLU E 68 -16.81 -10.30 -60.16
C GLU E 68 -15.68 -9.36 -60.54
N LYS E 69 -15.55 -9.00 -61.81
CA LYS E 69 -14.49 -8.10 -62.27
C LYS E 69 -14.74 -6.65 -61.90
N GLY E 70 -15.64 -6.38 -60.98
CA GLY E 70 -15.95 -5.02 -60.55
C GLY E 70 -15.31 -4.70 -59.21
N ILE E 71 -14.74 -3.50 -59.11
CA ILE E 71 -14.11 -3.03 -57.89
C ILE E 71 -14.84 -1.76 -57.45
N LEU E 72 -15.22 -1.72 -56.17
CA LEU E 72 -15.95 -0.57 -55.65
C LEU E 72 -15.08 0.68 -55.64
N ASN E 73 -13.79 0.53 -55.33
CA ASN E 73 -12.89 1.67 -55.32
C ASN E 73 -12.77 2.29 -56.71
N ASN E 74 -12.69 1.46 -57.74
CA ASN E 74 -12.60 1.98 -59.11
C ASN E 74 -13.86 2.72 -59.50
N LEU E 75 -15.03 2.18 -59.13
CA LEU E 75 -16.29 2.85 -59.45
C LEU E 75 -16.41 4.18 -58.70
N ILE E 76 -15.96 4.21 -57.45
CA ILE E 76 -16.00 5.47 -56.70
C ILE E 76 -15.06 6.49 -57.32
N ASP E 77 -13.86 6.07 -57.72
CA ASP E 77 -12.92 6.99 -58.35
C ASP E 77 -13.47 7.49 -59.69
N GLU E 78 -14.21 6.64 -60.40
CA GLU E 78 -14.82 7.08 -61.65
C GLU E 78 -15.96 8.06 -61.41
N ALA E 79 -16.74 7.83 -60.34
CA ALA E 79 -17.84 8.74 -60.04
C ALA E 79 -17.34 10.08 -59.49
N HIS E 80 -16.15 10.09 -58.91
CA HIS E 80 -15.56 11.32 -58.37
C HIS E 80 -14.71 12.06 -59.39
N GLU E 81 -15.08 12.01 -60.67
CA GLU E 81 -14.33 12.70 -61.73
C GLU E 81 -15.29 13.42 -62.66
N GLN E 82 -16.30 14.08 -62.11
CA GLN E 82 -17.26 14.84 -62.91
C GLN E 82 -17.13 16.30 -62.47
N GLU E 83 -18.21 16.91 -61.96
CA GLU E 83 -18.16 18.28 -61.50
C GLU E 83 -17.71 18.41 -60.04
N ASN E 84 -17.86 17.36 -59.25
CA ASN E 84 -17.44 17.37 -57.85
C ASN E 84 -16.02 16.84 -57.70
N VAL E 85 -15.05 17.53 -58.30
CA VAL E 85 -13.65 17.10 -58.24
C VAL E 85 -13.12 17.33 -56.83
N LYS E 86 -12.68 18.55 -56.55
CA LYS E 86 -12.14 18.90 -55.24
C LYS E 86 -12.67 20.21 -54.70
N GLY E 87 -13.18 21.08 -55.58
CA GLY E 87 -13.69 22.37 -55.16
C GLY E 87 -15.16 22.34 -54.75
N LYS E 88 -15.50 21.47 -53.81
CA LYS E 88 -16.89 21.37 -53.35
C LYS E 88 -17.01 21.20 -51.84
N GLU E 89 -15.90 21.29 -51.10
CA GLU E 89 -15.86 21.05 -49.67
C GLU E 89 -16.23 19.60 -49.34
N LYS E 90 -15.32 18.87 -48.69
CA LYS E 90 -15.52 17.44 -48.46
C LYS E 90 -16.82 17.17 -47.70
N GLY E 91 -17.14 18.01 -46.72
CA GLY E 91 -18.40 17.86 -46.02
C GLY E 91 -19.60 17.93 -46.93
N GLU E 92 -19.52 18.77 -47.97
CA GLU E 92 -20.55 18.84 -49.01
C GLU E 92 -20.21 17.98 -50.22
N LYS E 93 -18.93 17.68 -50.44
CA LYS E 93 -18.56 16.79 -51.54
C LYS E 93 -19.12 15.39 -51.33
N THR E 94 -19.19 14.93 -50.07
CA THR E 94 -19.80 13.63 -49.81
C THR E 94 -21.27 13.61 -50.23
N GLU E 95 -22.01 14.66 -49.86
CA GLU E 95 -23.42 14.73 -50.25
C GLU E 95 -23.58 14.85 -51.76
N ALA E 96 -22.71 15.63 -52.40
CA ALA E 96 -22.78 15.77 -53.86
C ALA E 96 -22.51 14.45 -54.56
N ALA E 97 -21.49 13.71 -54.10
CA ALA E 97 -21.20 12.41 -54.68
C ALA E 97 -22.32 11.42 -54.42
N ARG E 98 -22.94 11.48 -53.23
CA ARG E 98 -24.07 10.61 -52.95
C ARG E 98 -25.24 10.90 -53.90
N GLN E 99 -25.55 12.18 -54.10
CA GLN E 99 -26.63 12.54 -55.01
C GLN E 99 -26.31 12.12 -56.44
N TYR E 100 -25.06 12.30 -56.86
CA TYR E 100 -24.69 11.91 -58.22
C TYR E 100 -24.75 10.39 -58.40
N MET E 101 -24.35 9.63 -57.39
CA MET E 101 -24.41 8.18 -57.47
C MET E 101 -25.86 7.69 -57.45
N CYS E 102 -26.73 8.38 -56.72
CA CYS E 102 -28.14 8.00 -56.72
C CYS E 102 -28.81 8.35 -58.04
N SER E 103 -28.40 9.47 -58.66
CA SER E 103 -29.02 9.87 -59.92
C SER E 103 -28.52 9.06 -61.11
N ARG E 104 -27.22 8.79 -61.18
CA ARG E 104 -26.65 8.08 -62.31
C ARG E 104 -26.79 6.56 -62.21
N TYR E 105 -26.69 6.00 -61.02
CA TYR E 105 -26.76 4.55 -60.81
C TYR E 105 -28.15 4.22 -60.27
N TYR E 106 -28.93 3.48 -61.07
CA TYR E 106 -30.27 3.10 -60.64
C TYR E 106 -30.24 2.04 -59.55
N ASP E 107 -29.16 1.25 -59.48
CA ASP E 107 -29.06 0.22 -58.44
C ASP E 107 -29.00 0.84 -57.05
N ILE E 108 -28.42 2.04 -56.93
CA ILE E 108 -28.34 2.69 -55.62
C ILE E 108 -29.72 3.06 -55.12
N ARG E 109 -30.58 3.59 -56.00
CA ARG E 109 -31.95 3.89 -55.62
C ARG E 109 -32.78 2.62 -55.44
N THR E 110 -32.42 1.54 -56.14
CA THR E 110 -33.11 0.26 -55.96
C THR E 110 -32.65 -0.41 -54.66
N PHE E 111 -31.42 -0.92 -54.65
CA PHE E 111 -30.82 -1.52 -53.46
C PHE E 111 -29.43 -0.93 -53.29
N GLY E 112 -29.31 0.08 -52.44
CA GLY E 112 -28.03 0.75 -52.26
C GLY E 112 -27.00 -0.16 -51.63
N ALA E 113 -25.73 0.17 -51.88
CA ALA E 113 -24.62 -0.61 -51.34
C ALA E 113 -23.79 0.23 -50.37
N VAL E 114 -22.48 0.04 -50.38
CA VAL E 114 -21.57 0.76 -49.50
C VAL E 114 -20.86 1.84 -50.29
N MET E 115 -20.54 2.95 -49.61
CA MET E 115 -19.82 4.05 -50.23
C MET E 115 -18.63 4.54 -49.41
N THR E 116 -18.10 3.71 -48.50
CA THR E 116 -16.99 4.09 -47.63
C THR E 116 -15.84 3.13 -47.89
N THR E 117 -14.97 3.51 -48.82
CA THR E 117 -13.78 2.72 -49.12
C THR E 117 -12.53 3.54 -48.90
N GLY E 118 -11.72 3.72 -49.95
CA GLY E 118 -10.56 4.58 -49.84
C GLY E 118 -10.93 6.05 -49.83
N LYS E 119 -12.07 6.39 -50.42
CA LYS E 119 -12.58 7.77 -50.45
C LYS E 119 -14.04 7.75 -50.05
N ASN E 120 -14.33 8.24 -48.85
CA ASN E 120 -15.71 8.24 -48.36
C ASN E 120 -16.55 9.24 -49.13
N ALA E 121 -17.85 8.92 -49.27
CA ALA E 121 -18.77 9.79 -50.00
C ALA E 121 -20.19 9.71 -49.46
N GLY E 122 -20.35 9.38 -48.18
CA GLY E 122 -21.66 9.31 -47.57
C GLY E 122 -22.19 7.89 -47.50
N GLN E 123 -23.52 7.81 -47.45
CA GLN E 123 -24.21 6.52 -47.34
C GLN E 123 -25.66 6.70 -47.76
N VAL E 124 -26.20 5.69 -48.42
CA VAL E 124 -27.58 5.71 -48.92
C VAL E 124 -28.37 4.64 -48.19
N ARG E 125 -29.55 5.02 -47.70
CA ARG E 125 -30.44 4.06 -47.05
C ARG E 125 -31.41 3.41 -48.02
N GLY E 126 -31.99 4.20 -48.93
CA GLY E 126 -32.89 3.67 -49.92
C GLY E 126 -34.28 3.39 -49.38
N PRO E 127 -35.30 3.91 -50.05
CA PRO E 127 -36.68 3.65 -49.60
C PRO E 127 -37.12 2.22 -49.81
N VAL E 128 -36.61 1.55 -50.85
CA VAL E 128 -36.96 0.16 -51.12
C VAL E 128 -36.19 -0.73 -50.16
N GLN E 129 -36.90 -1.39 -49.25
CA GLN E 129 -36.30 -2.28 -48.26
C GLN E 129 -37.08 -3.59 -48.24
N LEU E 130 -36.39 -4.67 -48.55
CA LEU E 130 -36.98 -6.01 -48.54
C LEU E 130 -36.59 -6.76 -47.28
N THR E 131 -37.47 -7.67 -46.87
CA THR E 131 -37.28 -8.46 -45.66
C THR E 131 -37.05 -9.92 -46.03
N PHE E 132 -36.76 -10.72 -45.01
CA PHE E 132 -36.53 -12.14 -45.22
C PHE E 132 -37.83 -12.87 -45.57
N SER E 133 -37.68 -14.03 -46.19
CA SER E 133 -38.83 -14.84 -46.56
C SER E 133 -39.04 -15.96 -45.54
N ARG E 134 -40.29 -16.43 -45.46
CA ARG E 134 -40.65 -17.49 -44.53
C ARG E 134 -41.72 -18.37 -45.15
N SER E 135 -41.63 -19.67 -44.89
CA SER E 135 -42.62 -20.63 -45.37
C SER E 135 -43.56 -21.01 -44.24
N ILE E 136 -44.84 -21.15 -44.57
CA ILE E 136 -45.84 -21.50 -43.56
C ILE E 136 -45.69 -22.96 -43.15
N ASP E 137 -45.91 -23.87 -44.10
CA ASP E 137 -45.77 -25.29 -43.81
C ASP E 137 -44.30 -25.66 -43.66
N PRO E 138 -43.92 -26.42 -42.64
CA PRO E 138 -42.50 -26.78 -42.47
C PRO E 138 -42.04 -27.73 -43.58
N ILE E 139 -41.07 -27.28 -44.36
CA ILE E 139 -40.55 -28.07 -45.46
C ILE E 139 -39.62 -29.14 -44.92
N MET E 140 -39.34 -30.16 -45.73
CA MET E 140 -38.47 -31.26 -45.32
C MET E 140 -37.20 -31.26 -46.17
N THR E 141 -36.13 -31.78 -45.59
CA THR E 141 -34.82 -31.81 -46.23
C THR E 141 -34.56 -33.19 -46.82
N LEU E 142 -34.11 -33.21 -48.08
CA LEU E 142 -33.86 -34.46 -48.78
C LEU E 142 -32.40 -34.90 -48.74
N GLU E 143 -31.46 -33.95 -48.68
CA GLU E 143 -30.03 -34.24 -48.65
C GLU E 143 -29.63 -35.13 -49.84
N HIS E 144 -29.96 -34.65 -51.04
CA HIS E 144 -29.63 -35.36 -52.26
C HIS E 144 -28.19 -35.06 -52.66
N SER E 145 -27.38 -36.10 -52.78
CA SER E 145 -25.99 -35.98 -53.19
C SER E 145 -25.81 -36.55 -54.60
N ILE E 146 -24.71 -36.12 -55.24
CA ILE E 146 -24.37 -36.56 -56.58
C ILE E 146 -22.86 -36.80 -56.65
N THR E 147 -22.41 -37.33 -57.77
CA THR E 147 -21.00 -37.65 -57.98
C THR E 147 -20.52 -37.00 -59.27
N ARG E 148 -19.21 -37.12 -59.52
CA ARG E 148 -18.59 -36.54 -60.69
C ARG E 148 -17.43 -37.42 -61.11
N MET E 149 -17.40 -37.80 -62.40
CA MET E 149 -16.36 -38.65 -62.93
C MET E 149 -15.04 -37.91 -63.16
N ALA E 150 -15.04 -36.59 -63.08
CA ALA E 150 -13.84 -35.80 -63.30
C ALA E 150 -13.21 -35.45 -61.95
N VAL E 151 -11.94 -35.03 -62.00
CA VAL E 151 -11.19 -34.65 -60.80
C VAL E 151 -10.74 -33.20 -60.95
N THR E 152 -10.90 -32.43 -59.88
CA THR E 152 -10.52 -31.00 -59.89
C THR E 152 -9.07 -30.85 -59.48
N ASN E 153 -8.76 -31.11 -58.20
CA ASN E 153 -7.42 -31.02 -57.69
C ASN E 153 -6.87 -32.42 -57.39
N GLU E 154 -5.56 -32.58 -57.58
CA GLU E 154 -4.91 -33.85 -57.32
C GLU E 154 -4.75 -34.09 -55.83
N LYS E 155 -5.76 -34.68 -55.21
CA LYS E 155 -5.74 -34.95 -53.78
C LYS E 155 -5.17 -36.35 -53.54
N ASP E 156 -5.49 -36.96 -52.39
CA ASP E 156 -4.96 -38.27 -52.07
C ASP E 156 -5.79 -39.39 -52.70
N ALA E 157 -7.11 -39.28 -52.66
CA ALA E 157 -8.00 -40.30 -53.21
C ALA E 157 -8.16 -40.05 -54.71
N SER E 158 -7.14 -40.48 -55.46
CA SER E 158 -7.13 -40.34 -56.91
C SER E 158 -6.21 -41.41 -57.51
N GLU E 159 -6.47 -42.66 -57.14
CA GLU E 159 -5.69 -43.79 -57.63
C GLU E 159 -6.25 -44.26 -58.97
N THR E 160 -5.82 -45.44 -59.41
CA THR E 160 -6.29 -46.00 -60.68
C THR E 160 -7.70 -46.58 -60.58
N GLY E 161 -8.25 -46.72 -59.38
CA GLY E 161 -9.58 -47.26 -59.22
C GLY E 161 -10.66 -46.32 -59.73
N ASP E 162 -10.82 -45.17 -59.09
CA ASP E 162 -11.81 -44.19 -59.50
C ASP E 162 -11.38 -42.82 -58.99
N ASN E 163 -11.65 -41.80 -59.80
CA ASN E 163 -11.31 -40.43 -59.43
C ASN E 163 -12.58 -39.61 -59.23
N ARG E 164 -13.47 -40.08 -58.38
CA ARG E 164 -14.75 -39.42 -58.12
C ARG E 164 -14.65 -38.58 -56.86
N THR E 165 -14.93 -37.29 -56.97
CA THR E 165 -14.93 -36.37 -55.85
C THR E 165 -16.30 -36.22 -55.21
N MET E 166 -17.29 -36.99 -55.66
CA MET E 166 -18.65 -36.98 -55.11
C MET E 166 -19.22 -35.57 -55.30
N GLY E 167 -20.03 -35.08 -54.39
CA GLY E 167 -20.62 -33.76 -54.47
C GLY E 167 -21.96 -33.72 -53.78
N ARG E 168 -22.37 -32.51 -53.41
CA ARG E 168 -23.64 -32.27 -52.73
C ARG E 168 -24.43 -31.20 -53.45
N LYS E 169 -25.71 -31.46 -53.66
CA LYS E 169 -26.62 -30.48 -54.27
C LYS E 169 -28.00 -30.69 -53.66
N PHE E 170 -28.31 -29.89 -52.64
CA PHE E 170 -29.58 -30.03 -51.93
C PHE E 170 -30.74 -29.57 -52.81
N THR E 171 -31.95 -29.93 -52.37
CA THR E 171 -33.16 -29.53 -53.06
C THR E 171 -34.33 -29.58 -52.07
N VAL E 172 -35.40 -28.87 -52.42
CA VAL E 172 -36.60 -28.78 -51.60
C VAL E 172 -37.73 -29.45 -52.35
N PRO E 173 -38.50 -30.35 -51.71
CA PRO E 173 -39.62 -30.98 -52.42
C PRO E 173 -40.68 -29.98 -52.86
N TYR E 174 -40.93 -28.94 -52.06
CA TYR E 174 -41.85 -27.86 -52.39
C TYR E 174 -41.75 -26.81 -51.29
N GLY E 175 -41.78 -25.54 -51.69
CA GLY E 175 -41.71 -24.47 -50.71
C GLY E 175 -42.30 -23.17 -51.20
N LEU E 176 -43.35 -22.70 -50.54
CA LEU E 176 -43.99 -21.42 -50.88
C LEU E 176 -43.56 -20.39 -49.84
N TYR E 177 -42.57 -19.60 -50.21
CA TYR E 177 -42.04 -18.57 -49.30
C TYR E 177 -42.78 -17.26 -49.48
N ARG E 178 -42.83 -16.49 -48.39
CA ARG E 178 -43.55 -15.23 -48.31
C ARG E 178 -42.59 -14.15 -47.86
N CYS E 179 -42.40 -13.12 -48.69
CA CYS E 179 -41.50 -12.02 -48.40
C CYS E 179 -42.29 -10.72 -48.30
N HIS E 180 -41.75 -9.78 -47.53
CA HIS E 180 -42.37 -8.47 -47.33
C HIS E 180 -41.40 -7.38 -47.76
N GLY E 181 -41.95 -6.32 -48.36
CA GLY E 181 -41.14 -5.21 -48.80
C GLY E 181 -41.82 -3.87 -48.63
N PHE E 182 -41.03 -2.83 -48.33
CA PHE E 182 -41.55 -1.51 -48.01
C PHE E 182 -40.89 -0.47 -48.90
N ILE E 183 -41.67 0.54 -49.29
CA ILE E 183 -41.18 1.69 -50.06
C ILE E 183 -41.79 2.94 -49.45
N SER E 184 -40.94 3.82 -48.92
CA SER E 184 -41.40 5.03 -48.25
C SER E 184 -41.61 6.18 -49.24
N THR E 185 -41.19 7.38 -48.85
CA THR E 185 -41.40 8.56 -49.68
C THR E 185 -40.26 9.56 -49.52
N HIS E 186 -39.88 9.85 -48.27
CA HIS E 186 -38.84 10.84 -48.03
C HIS E 186 -37.49 10.38 -48.58
N PHE E 187 -37.17 9.10 -48.40
CA PHE E 187 -35.93 8.57 -48.96
C PHE E 187 -35.96 8.60 -50.49
N ALA E 188 -37.13 8.37 -51.08
CA ALA E 188 -37.26 8.47 -52.52
C ALA E 188 -37.07 9.90 -53.00
N LYS E 189 -37.51 10.87 -52.20
CA LYS E 189 -37.29 12.27 -52.55
C LYS E 189 -35.81 12.65 -52.44
N GLN E 190 -35.12 12.10 -51.44
CA GLN E 190 -33.70 12.42 -51.28
C GLN E 190 -32.84 11.73 -52.34
N THR E 191 -33.22 10.53 -52.78
CA THR E 191 -32.45 9.80 -53.78
C THR E 191 -32.90 10.05 -55.20
N GLY E 192 -34.20 10.19 -55.43
CA GLY E 192 -34.73 10.41 -56.77
C GLY E 192 -35.52 9.27 -57.36
N PHE E 193 -36.22 8.50 -56.53
CA PHE E 193 -37.00 7.35 -57.00
C PHE E 193 -38.35 7.86 -57.49
N SER E 194 -38.55 7.86 -58.81
CA SER E 194 -39.75 8.38 -59.42
C SER E 194 -40.75 7.25 -59.71
N GLU E 195 -41.77 7.57 -60.51
CA GLU E 195 -42.80 6.59 -60.84
C GLU E 195 -42.32 5.58 -61.88
N ASN E 196 -41.53 6.02 -62.86
CA ASN E 196 -41.00 5.10 -63.85
C ASN E 196 -40.07 4.09 -63.21
N ASP E 197 -39.24 4.54 -62.26
CA ASP E 197 -38.40 3.60 -61.51
C ASP E 197 -39.24 2.63 -60.72
N LEU E 198 -40.38 3.09 -60.18
CA LEU E 198 -41.27 2.20 -59.45
C LEU E 198 -41.87 1.14 -60.35
N GLU E 199 -42.28 1.54 -61.56
CA GLU E 199 -42.83 0.57 -62.52
C GLU E 199 -41.76 -0.42 -62.95
N LEU E 200 -40.53 0.04 -63.16
CA LEU E 200 -39.44 -0.87 -63.51
C LEU E 200 -39.16 -1.85 -62.37
N PHE E 201 -39.24 -1.38 -61.12
CA PHE E 201 -39.02 -2.26 -59.99
C PHE E 201 -40.13 -3.30 -59.87
N TRP E 202 -41.38 -2.89 -60.11
CA TRP E 202 -42.48 -3.86 -60.10
C TRP E 202 -42.32 -4.88 -61.21
N GLN E 203 -41.86 -4.44 -62.38
CA GLN E 203 -41.63 -5.37 -63.48
C GLN E 203 -40.51 -6.36 -63.14
N ALA E 204 -39.45 -5.87 -62.50
CA ALA E 204 -38.37 -6.75 -62.08
C ALA E 204 -38.85 -7.75 -61.03
N LEU E 205 -39.73 -7.30 -60.13
CA LEU E 205 -40.27 -8.22 -59.13
C LEU E 205 -41.13 -9.30 -59.77
N VAL E 206 -42.02 -8.91 -60.68
CA VAL E 206 -42.89 -9.90 -61.32
C VAL E 206 -42.17 -10.74 -62.36
N ASN E 207 -40.97 -10.35 -62.77
CA ASN E 207 -40.18 -11.14 -63.71
C ASN E 207 -38.85 -11.57 -63.10
N MET E 208 -38.80 -11.67 -61.77
CA MET E 208 -37.59 -12.08 -61.05
C MET E 208 -37.16 -13.49 -61.43
N PHE E 209 -37.89 -14.50 -60.94
CA PHE E 209 -37.52 -15.88 -61.17
C PHE E 209 -37.80 -16.34 -62.59
N ASP E 210 -38.42 -15.52 -63.42
CA ASP E 210 -38.76 -15.90 -64.78
C ASP E 210 -37.57 -15.88 -65.74
N HIS E 211 -36.39 -15.51 -65.26
CA HIS E 211 -35.22 -15.42 -66.14
C HIS E 211 -34.00 -16.09 -65.51
N ASP E 212 -33.58 -15.61 -64.35
CA ASP E 212 -32.39 -16.13 -63.70
C ASP E 212 -32.65 -17.52 -63.16
N HIS E 213 -31.89 -18.50 -63.66
CA HIS E 213 -32.02 -19.89 -63.23
C HIS E 213 -30.65 -20.56 -63.26
N SER E 214 -30.54 -21.69 -62.56
CA SER E 214 -29.29 -22.43 -62.52
C SER E 214 -29.61 -23.90 -62.24
N ALA E 215 -28.59 -24.68 -61.87
CA ALA E 215 -28.75 -26.09 -61.56
C ALA E 215 -29.02 -26.35 -60.09
N ALA E 216 -28.28 -25.69 -59.19
CA ALA E 216 -28.49 -25.92 -57.76
C ALA E 216 -29.82 -25.33 -57.29
N ARG E 217 -30.20 -24.17 -57.81
CA ARG E 217 -31.47 -23.57 -57.41
C ARG E 217 -32.68 -24.28 -58.03
N GLY E 218 -32.48 -24.93 -59.17
CA GLY E 218 -33.56 -25.70 -59.77
C GLY E 218 -34.66 -24.80 -60.30
N GLN E 219 -35.89 -25.31 -60.24
CA GLN E 219 -37.06 -24.61 -60.76
C GLN E 219 -37.62 -23.68 -59.69
N MET E 220 -37.68 -22.39 -59.99
CA MET E 220 -38.24 -21.39 -59.09
C MET E 220 -39.05 -20.39 -59.90
N ASN E 221 -40.24 -20.06 -59.39
CA ASN E 221 -41.11 -19.08 -60.04
C ASN E 221 -41.84 -18.30 -58.97
N ALA E 222 -42.91 -17.61 -59.36
CA ALA E 222 -43.70 -16.79 -58.46
C ALA E 222 -45.14 -17.29 -58.41
N ARG E 223 -45.86 -16.83 -57.40
CA ARG E 223 -47.26 -17.19 -57.21
C ARG E 223 -48.18 -15.99 -57.08
N GLY E 224 -47.81 -14.99 -56.28
CA GLY E 224 -48.67 -13.84 -56.07
C GLY E 224 -47.90 -12.65 -55.55
N LEU E 225 -48.48 -11.47 -55.75
CA LEU E 225 -47.90 -10.22 -55.27
C LEU E 225 -49.05 -9.28 -54.89
N TYR E 226 -49.26 -9.09 -53.59
CA TYR E 226 -50.33 -8.25 -53.08
C TYR E 226 -49.70 -6.97 -52.53
N VAL E 227 -50.02 -5.83 -53.14
CA VAL E 227 -49.42 -4.55 -52.80
C VAL E 227 -50.50 -3.65 -52.20
N PHE E 228 -50.18 -3.03 -51.07
CA PHE E 228 -51.02 -2.03 -50.43
C PHE E 228 -50.38 -0.66 -50.61
N GLU E 229 -51.17 0.31 -51.06
CA GLU E 229 -50.67 1.64 -51.39
C GLU E 229 -51.38 2.67 -50.51
N HIS E 230 -50.60 3.38 -49.69
CA HIS E 230 -51.12 4.48 -48.88
C HIS E 230 -50.95 5.79 -49.64
N SER E 231 -52.05 6.54 -49.74
CA SER E 231 -52.05 7.78 -50.52
C SER E 231 -51.31 8.92 -49.82
N ASN E 232 -50.55 8.65 -48.77
CA ASN E 232 -49.81 9.68 -48.07
C ASN E 232 -48.64 9.02 -47.34
N ASN E 233 -47.80 9.85 -46.72
CA ASN E 233 -46.67 9.34 -45.94
C ASN E 233 -47.10 8.73 -44.62
N LEU E 234 -48.34 8.98 -44.19
CA LEU E 234 -48.83 8.49 -42.92
C LEU E 234 -49.51 7.14 -43.09
N GLY E 235 -49.51 6.36 -42.01
CA GLY E 235 -50.12 5.04 -42.01
C GLY E 235 -51.36 4.97 -41.15
N ASP E 236 -52.53 4.92 -41.78
CA ASP E 236 -53.79 4.86 -41.06
C ASP E 236 -54.10 3.47 -40.53
N ALA E 237 -53.29 2.47 -40.85
CA ALA E 237 -53.50 1.11 -40.39
C ALA E 237 -52.14 0.42 -40.27
N PRO E 238 -51.94 -0.42 -39.26
CA PRO E 238 -50.65 -1.11 -39.12
C PRO E 238 -50.44 -2.12 -40.23
N ALA E 239 -49.16 -2.33 -40.56
CA ALA E 239 -48.82 -3.27 -41.63
C ALA E 239 -48.99 -4.72 -41.20
N ASP E 240 -49.03 -4.99 -39.90
CA ASP E 240 -49.22 -6.38 -39.45
C ASP E 240 -50.59 -6.90 -39.84
N SER E 241 -51.62 -6.06 -39.78
CA SER E 241 -52.95 -6.47 -40.20
C SER E 241 -52.97 -6.81 -41.69
N LEU E 242 -52.35 -5.95 -42.50
CA LEU E 242 -52.29 -6.21 -43.94
C LEU E 242 -51.48 -7.47 -44.25
N PHE E 243 -50.46 -7.76 -43.44
CA PHE E 243 -49.70 -8.99 -43.63
C PHE E 243 -50.49 -10.21 -43.19
N LYS E 244 -51.38 -10.05 -42.21
CA LYS E 244 -52.21 -11.15 -41.74
C LYS E 244 -53.49 -11.33 -42.55
N ARG E 245 -53.76 -10.44 -43.51
CA ARG E 245 -54.92 -10.63 -44.38
C ARG E 245 -54.66 -11.76 -45.37
N ILE E 246 -53.54 -11.71 -46.09
CA ILE E 246 -53.17 -12.75 -47.04
C ILE E 246 -52.79 -14.00 -46.26
N GLN E 247 -53.79 -14.82 -45.92
CA GLN E 247 -53.56 -16.01 -45.11
C GLN E 247 -53.34 -17.22 -46.02
N VAL E 248 -52.16 -17.81 -45.93
CA VAL E 248 -51.82 -19.01 -46.70
C VAL E 248 -51.65 -20.16 -45.72
N VAL E 249 -52.59 -21.09 -45.75
CA VAL E 249 -52.56 -22.24 -44.84
C VAL E 249 -52.38 -23.52 -45.64
N LYS E 250 -52.22 -24.64 -44.95
CA LYS E 250 -52.04 -25.93 -45.60
C LYS E 250 -53.38 -26.51 -46.00
N LYS E 251 -53.36 -27.73 -46.54
CA LYS E 251 -54.58 -28.40 -46.96
C LYS E 251 -55.37 -28.88 -45.74
N ASP E 252 -56.65 -29.17 -45.98
CA ASP E 252 -57.51 -29.65 -44.90
C ASP E 252 -57.23 -31.11 -44.56
N GLY E 253 -56.83 -31.92 -45.53
CA GLY E 253 -56.54 -33.32 -45.29
C GLY E 253 -55.09 -33.68 -45.51
N VAL E 254 -54.47 -33.10 -46.54
CA VAL E 254 -53.08 -33.38 -46.84
C VAL E 254 -52.19 -32.63 -45.84
N GLU E 255 -51.26 -33.36 -45.22
CA GLU E 255 -50.38 -32.75 -44.22
C GLU E 255 -49.25 -31.98 -44.88
N VAL E 256 -48.75 -32.47 -46.01
CA VAL E 256 -47.64 -31.82 -46.70
C VAL E 256 -48.17 -30.94 -47.82
N VAL E 257 -47.27 -30.31 -48.57
CA VAL E 257 -47.63 -29.42 -49.67
C VAL E 257 -46.75 -29.75 -50.87
N ARG E 258 -47.36 -29.76 -52.06
CA ARG E 258 -46.62 -30.07 -53.28
C ARG E 258 -46.95 -29.16 -54.46
N SER E 259 -48.03 -28.38 -54.40
CA SER E 259 -48.39 -27.49 -55.50
C SER E 259 -49.20 -26.33 -54.93
N PHE E 260 -49.76 -25.51 -55.83
CA PHE E 260 -50.56 -24.38 -55.39
C PHE E 260 -51.91 -24.82 -54.84
N ASP E 261 -52.39 -26.00 -55.26
CA ASP E 261 -53.67 -26.50 -54.75
C ASP E 261 -53.58 -26.88 -53.27
N ASP E 262 -52.39 -27.26 -52.81
CA ASP E 262 -52.23 -27.63 -51.40
C ASP E 262 -52.24 -26.39 -50.51
N TYR E 263 -51.60 -25.32 -50.94
CA TYR E 263 -51.59 -24.06 -50.17
C TYR E 263 -52.89 -23.31 -50.43
N LEU E 264 -53.75 -23.28 -49.42
CA LEU E 264 -55.01 -22.55 -49.52
C LEU E 264 -54.76 -21.08 -49.16
N VAL E 265 -54.99 -20.19 -50.12
CA VAL E 265 -54.77 -18.76 -49.95
C VAL E 265 -56.12 -18.09 -49.80
N SER E 266 -56.21 -17.18 -48.82
CA SER E 266 -57.44 -16.43 -48.57
C SER E 266 -57.09 -14.96 -48.37
N VAL E 267 -57.86 -14.09 -49.02
CA VAL E 267 -57.67 -12.64 -48.96
C VAL E 267 -58.93 -12.03 -48.39
N ASP E 268 -58.79 -11.30 -47.28
CA ASP E 268 -59.92 -10.63 -46.62
C ASP E 268 -59.68 -9.13 -46.78
N ASP E 269 -60.22 -8.57 -47.87
CA ASP E 269 -60.07 -7.14 -48.13
C ASP E 269 -61.39 -6.41 -47.92
N LYS E 270 -61.87 -6.37 -46.68
CA LYS E 270 -63.16 -5.77 -46.37
C LYS E 270 -63.08 -4.59 -45.41
N ASN E 271 -62.05 -4.53 -44.56
CA ASN E 271 -61.90 -3.42 -43.63
C ASN E 271 -60.67 -2.60 -43.98
N LEU E 272 -60.62 -2.09 -45.22
CA LEU E 272 -59.43 -1.36 -45.67
C LEU E 272 -59.68 -0.44 -46.86
N GLU E 273 -60.93 -0.08 -47.12
CA GLU E 273 -61.27 0.82 -48.23
C GLU E 273 -61.23 2.29 -47.84
N GLU E 274 -60.46 2.63 -46.80
CA GLU E 274 -60.37 4.01 -46.34
C GLU E 274 -59.48 4.84 -47.26
N THR E 275 -58.20 4.92 -46.94
CA THR E 275 -57.23 5.71 -47.69
C THR E 275 -56.14 4.84 -48.31
N LYS E 276 -56.42 3.57 -48.54
CA LYS E 276 -55.43 2.62 -49.05
C LYS E 276 -56.02 1.85 -50.21
N LEU E 277 -55.17 1.51 -51.18
CA LEU E 277 -55.57 0.75 -52.36
C LEU E 277 -54.85 -0.59 -52.38
N LEU E 278 -55.51 -1.59 -52.96
CA LEU E 278 -54.97 -2.94 -53.06
C LEU E 278 -54.78 -3.31 -54.52
N ARG E 279 -53.61 -3.85 -54.84
CA ARG E 279 -53.26 -4.26 -56.20
C ARG E 279 -52.69 -5.67 -56.19
N LYS E 280 -52.93 -6.40 -57.28
CA LYS E 280 -52.42 -7.75 -57.44
C LYS E 280 -51.68 -7.86 -58.76
N LEU E 281 -50.49 -8.44 -58.72
CA LEU E 281 -49.65 -8.60 -59.90
C LEU E 281 -49.21 -10.03 -60.15
N GLY E 282 -48.69 -10.72 -59.13
CA GLY E 282 -48.25 -12.08 -59.31
C GLY E 282 -49.38 -13.08 -59.48
N GLY E 283 -50.50 -12.84 -58.81
CA GLY E 283 -51.64 -13.74 -58.89
C GLY E 283 -52.42 -13.84 -57.59
N THR F 1 -24.87 -15.14 -82.38
CA THR F 1 -25.55 -15.40 -81.11
C THR F 1 -27.06 -15.41 -81.29
N ILE F 2 -27.77 -15.93 -80.30
CA ILE F 2 -29.23 -16.02 -80.33
C ILE F 2 -29.81 -14.86 -79.53
N GLU F 3 -30.95 -14.34 -79.98
CA GLU F 3 -31.60 -13.21 -79.34
C GLU F 3 -32.96 -13.56 -78.73
N LYS F 4 -33.42 -14.80 -78.87
CA LYS F 4 -34.68 -15.23 -78.30
C LYS F 4 -34.46 -16.10 -77.07
N ARG F 5 -35.47 -16.14 -76.20
CA ARG F 5 -35.43 -16.95 -75.00
C ARG F 5 -36.23 -18.23 -75.20
N TYR F 6 -35.75 -19.32 -74.61
CA TYR F 6 -36.35 -20.63 -74.81
C TYR F 6 -36.60 -21.32 -73.47
N ASP F 7 -37.78 -21.89 -73.32
CA ASP F 7 -38.09 -22.72 -72.16
C ASP F 7 -38.73 -24.00 -72.65
N PHE F 8 -38.06 -25.13 -72.44
CA PHE F 8 -38.50 -26.41 -72.97
C PHE F 8 -38.84 -27.37 -71.84
N VAL F 9 -39.94 -28.11 -72.03
CA VAL F 9 -40.34 -29.17 -71.12
C VAL F 9 -40.18 -30.49 -71.86
N PHE F 10 -39.41 -31.41 -71.28
CA PHE F 10 -39.06 -32.68 -71.90
C PHE F 10 -39.68 -33.81 -71.08
N LEU F 11 -40.60 -34.55 -71.69
CA LEU F 11 -41.21 -35.71 -71.05
C LEU F 11 -40.58 -36.97 -71.64
N PHE F 12 -39.91 -37.74 -70.80
CA PHE F 12 -39.24 -38.96 -71.25
C PHE F 12 -39.62 -40.12 -70.35
N ASP F 13 -39.85 -41.28 -70.96
CA ASP F 13 -40.33 -42.45 -70.25
C ASP F 13 -39.25 -43.52 -70.18
N VAL F 14 -39.29 -44.31 -69.10
CA VAL F 14 -38.43 -45.47 -68.91
C VAL F 14 -39.34 -46.66 -68.60
N GLN F 15 -39.12 -47.76 -69.31
CA GLN F 15 -39.93 -48.97 -69.16
C GLN F 15 -39.36 -49.91 -68.11
N ASP F 16 -38.05 -50.15 -68.14
CA ASP F 16 -37.41 -51.02 -67.16
C ASP F 16 -35.96 -50.57 -67.00
N GLY F 17 -35.51 -50.50 -65.76
CA GLY F 17 -34.16 -50.07 -65.45
C GLY F 17 -34.15 -48.89 -64.52
N ASN F 18 -32.96 -48.55 -64.03
CA ASN F 18 -32.79 -47.45 -63.11
C ASN F 18 -32.31 -46.23 -63.87
N PRO F 19 -33.09 -45.16 -63.99
CA PRO F 19 -32.64 -43.97 -64.71
C PRO F 19 -31.44 -43.30 -64.05
N ASN F 20 -31.61 -42.78 -62.85
CA ASN F 20 -30.50 -42.17 -62.11
C ASN F 20 -30.22 -43.03 -60.89
N GLY F 21 -29.34 -44.02 -61.07
CA GLY F 21 -28.98 -44.92 -59.99
C GLY F 21 -27.50 -44.97 -59.72
N ASP F 22 -26.98 -43.93 -59.09
CA ASP F 22 -25.57 -43.87 -58.66
C ASP F 22 -25.47 -43.04 -57.38
N PRO F 23 -26.03 -43.55 -56.27
CA PRO F 23 -25.96 -42.80 -55.01
C PRO F 23 -24.82 -43.27 -54.12
N ASP F 24 -25.13 -43.46 -52.84
CA ASP F 24 -24.20 -44.04 -51.89
C ASP F 24 -24.82 -45.17 -51.08
N ALA F 25 -26.15 -45.24 -51.00
CA ALA F 25 -26.79 -46.39 -50.38
C ALA F 25 -26.51 -47.65 -51.18
N GLY F 26 -26.49 -47.54 -52.51
CA GLY F 26 -26.03 -48.63 -53.35
C GLY F 26 -26.47 -48.49 -54.79
N ASN F 27 -27.77 -48.66 -55.05
CA ASN F 27 -28.29 -48.53 -56.40
C ASN F 27 -29.78 -48.21 -56.41
N LEU F 28 -30.36 -47.80 -55.28
CA LEU F 28 -31.77 -47.51 -55.22
C LEU F 28 -32.11 -46.32 -56.11
N PRO F 29 -33.19 -46.41 -56.90
CA PRO F 29 -33.59 -45.26 -57.73
C PRO F 29 -33.95 -44.05 -56.86
N ARG F 30 -33.61 -42.87 -57.37
CA ARG F 30 -33.85 -41.62 -56.65
C ARG F 30 -35.35 -41.34 -56.64
N ILE F 31 -36.04 -41.79 -55.59
CA ILE F 31 -37.47 -41.66 -55.47
C ILE F 31 -37.79 -40.80 -54.24
N ASP F 32 -38.80 -39.97 -54.36
CA ASP F 32 -39.21 -39.09 -53.26
C ASP F 32 -39.66 -39.91 -52.06
N PRO F 33 -38.99 -39.81 -50.92
CA PRO F 33 -39.37 -40.63 -49.76
C PRO F 33 -40.71 -40.22 -49.14
N GLN F 34 -41.24 -39.05 -49.47
CA GLN F 34 -42.50 -38.61 -48.88
C GLN F 34 -43.71 -38.86 -49.76
N THR F 35 -43.53 -38.90 -51.08
CA THR F 35 -44.65 -39.10 -51.99
C THR F 35 -44.49 -40.30 -52.93
N GLY F 36 -43.34 -40.97 -52.93
CA GLY F 36 -43.14 -42.11 -53.79
C GLY F 36 -42.94 -41.78 -55.25
N GLU F 37 -42.79 -40.51 -55.61
CA GLU F 37 -42.58 -40.10 -56.98
C GLU F 37 -41.10 -40.16 -57.33
N GLY F 38 -40.80 -40.58 -58.56
CA GLY F 38 -39.42 -40.68 -58.99
C GLY F 38 -38.84 -39.33 -59.37
N LEU F 39 -37.54 -39.18 -59.13
CA LEU F 39 -36.81 -37.96 -59.44
C LEU F 39 -35.53 -38.32 -60.18
N VAL F 40 -35.28 -37.64 -61.29
CA VAL F 40 -34.09 -37.84 -62.10
C VAL F 40 -33.31 -36.53 -62.13
N THR F 41 -32.05 -36.58 -61.73
CA THR F 41 -31.22 -35.38 -61.71
C THR F 41 -30.87 -34.93 -63.12
N ASP F 42 -30.61 -33.63 -63.26
CA ASP F 42 -30.27 -33.07 -64.57
C ASP F 42 -28.85 -33.43 -65.01
N VAL F 43 -27.99 -33.82 -64.06
CA VAL F 43 -26.61 -34.15 -64.42
C VAL F 43 -26.57 -35.38 -65.31
N CYS F 44 -27.49 -36.33 -65.10
CA CYS F 44 -27.54 -37.51 -65.96
C CYS F 44 -27.87 -37.14 -67.40
N LEU F 45 -28.89 -36.29 -67.57
CA LEU F 45 -29.26 -35.85 -68.92
C LEU F 45 -28.13 -35.05 -69.55
N LYS F 46 -27.46 -34.20 -68.77
CA LYS F 46 -26.36 -33.42 -69.31
C LYS F 46 -25.21 -34.32 -69.76
N ARG F 47 -24.86 -35.33 -68.94
CA ARG F 47 -23.80 -36.25 -69.32
C ARG F 47 -24.18 -37.08 -70.54
N LYS F 48 -25.46 -37.43 -70.67
CA LYS F 48 -25.88 -38.18 -71.86
C LYS F 48 -25.80 -37.30 -73.11
N VAL F 49 -26.18 -36.03 -72.99
CA VAL F 49 -26.02 -35.10 -74.12
C VAL F 49 -24.55 -34.95 -74.47
N ARG F 50 -23.68 -34.85 -73.45
CA ARG F 50 -22.25 -34.77 -73.69
C ARG F 50 -21.74 -35.98 -74.46
N ASN F 51 -22.15 -37.18 -74.02
CA ASN F 51 -21.72 -38.41 -74.69
C ASN F 51 -22.22 -38.46 -76.13
N PHE F 52 -23.48 -38.05 -76.35
CA PHE F 52 -24.03 -38.05 -77.71
C PHE F 52 -23.26 -37.08 -78.60
N ILE F 53 -22.95 -35.88 -78.10
CA ILE F 53 -22.22 -34.91 -78.91
C ILE F 53 -20.81 -35.39 -79.19
N GLN F 54 -20.17 -36.03 -78.19
CA GLN F 54 -18.83 -36.57 -78.40
C GLN F 54 -18.84 -37.70 -79.41
N MET F 55 -19.90 -38.51 -79.43
CA MET F 55 -19.99 -39.60 -80.39
C MET F 55 -20.30 -39.13 -81.80
N THR F 56 -21.11 -38.08 -81.94
CA THR F 56 -21.54 -37.62 -83.25
C THR F 56 -20.56 -36.65 -83.90
N GLN F 57 -19.96 -35.75 -83.12
CA GLN F 57 -19.12 -34.70 -83.68
C GLN F 57 -17.72 -35.20 -84.00
N ASN F 58 -16.85 -35.24 -82.99
CA ASN F 58 -15.44 -35.63 -83.14
C ASN F 58 -14.72 -34.73 -84.15
N ASP F 59 -14.67 -33.44 -83.80
CA ASP F 59 -13.99 -32.45 -84.63
C ASP F 59 -13.70 -31.22 -83.78
N GLU F 60 -13.14 -30.20 -84.42
CA GLU F 60 -12.83 -28.95 -83.72
C GLU F 60 -14.10 -28.14 -83.48
N HIS F 61 -14.04 -27.28 -82.48
CA HIS F 61 -15.16 -26.42 -82.07
C HIS F 61 -16.38 -27.23 -81.62
N HIS F 62 -16.18 -28.50 -81.29
CA HIS F 62 -17.25 -29.37 -80.82
C HIS F 62 -16.66 -30.35 -79.80
N ASP F 63 -16.07 -29.82 -78.74
CA ASP F 63 -15.43 -30.62 -77.72
C ASP F 63 -16.41 -30.99 -76.61
N ILE F 64 -16.06 -32.01 -75.84
CA ILE F 64 -16.93 -32.56 -74.82
C ILE F 64 -16.07 -32.94 -73.61
N PHE F 65 -14.77 -33.10 -73.84
CA PHE F 65 -13.79 -33.65 -72.90
C PHE F 65 -13.94 -35.16 -72.81
N ILE F 66 -12.82 -35.88 -72.71
CA ILE F 66 -12.83 -37.33 -72.72
C ILE F 66 -13.36 -37.87 -71.40
N ARG F 67 -13.34 -39.20 -71.24
CA ARG F 67 -13.92 -39.82 -70.05
C ARG F 67 -12.95 -39.77 -68.87
N GLU F 68 -12.60 -40.95 -68.34
CA GLU F 68 -11.77 -41.00 -67.14
C GLU F 68 -10.32 -40.65 -67.40
N LYS F 69 -9.87 -40.75 -68.65
CA LYS F 69 -8.49 -40.44 -69.03
C LYS F 69 -8.26 -38.94 -69.24
N GLY F 70 -9.10 -38.10 -68.67
CA GLY F 70 -9.00 -36.65 -68.85
C GLY F 70 -8.73 -35.95 -67.54
N ILE F 71 -7.82 -34.98 -67.59
CA ILE F 71 -7.45 -34.17 -66.43
C ILE F 71 -7.77 -32.72 -66.74
N LEU F 72 -8.47 -32.06 -65.82
CA LEU F 72 -8.85 -30.67 -66.03
C LEU F 72 -7.63 -29.75 -66.04
N ASN F 73 -6.64 -30.05 -65.20
CA ASN F 73 -5.43 -29.22 -65.16
C ASN F 73 -4.68 -29.30 -66.49
N ASN F 74 -4.61 -30.50 -67.09
CA ASN F 74 -3.93 -30.64 -68.37
C ASN F 74 -4.66 -29.86 -69.46
N LEU F 75 -5.99 -29.91 -69.48
CA LEU F 75 -6.71 -29.19 -70.52
C LEU F 75 -6.63 -27.68 -70.31
N ILE F 76 -6.57 -27.23 -69.05
CA ILE F 76 -6.38 -25.80 -68.80
C ILE F 76 -4.99 -25.36 -69.26
N ASP F 77 -3.97 -26.17 -68.97
CA ASP F 77 -2.62 -25.84 -69.41
C ASP F 77 -2.52 -25.85 -70.93
N GLU F 78 -3.27 -26.73 -71.59
CA GLU F 78 -3.28 -26.75 -73.05
C GLU F 78 -4.00 -25.52 -73.61
N ALA F 79 -5.08 -25.10 -72.96
CA ALA F 79 -5.82 -23.93 -73.45
C ALA F 79 -5.05 -22.64 -73.18
N HIS F 80 -4.17 -22.63 -72.18
CA HIS F 80 -3.36 -21.45 -71.86
C HIS F 80 -2.04 -21.43 -72.61
N GLU F 81 -2.00 -21.93 -73.84
CA GLU F 81 -0.78 -21.94 -74.65
C GLU F 81 -1.07 -21.51 -76.07
N GLN F 82 -1.90 -20.46 -76.22
CA GLN F 82 -2.21 -19.90 -77.53
C GLN F 82 -1.71 -18.46 -77.53
N GLU F 83 -2.58 -17.49 -77.76
CA GLU F 83 -2.19 -16.09 -77.77
C GLU F 83 -2.18 -15.47 -76.38
N ASN F 84 -2.93 -16.02 -75.43
CA ASN F 84 -2.97 -15.50 -74.08
C ASN F 84 -1.96 -16.22 -73.19
N VAL F 85 -0.67 -16.09 -73.51
CA VAL F 85 0.38 -16.74 -72.73
C VAL F 85 0.52 -16.06 -71.38
N LYS F 86 1.26 -14.96 -71.34
CA LYS F 86 1.48 -14.22 -70.10
C LYS F 86 1.30 -12.71 -70.28
N GLY F 87 1.45 -12.21 -71.50
CA GLY F 87 1.34 -10.79 -71.75
C GLY F 87 -0.08 -10.32 -72.00
N LYS F 88 -0.99 -10.62 -71.08
CA LYS F 88 -2.36 -10.14 -71.19
C LYS F 88 -2.92 -9.66 -69.86
N GLU F 89 -2.11 -9.64 -68.80
CA GLU F 89 -2.53 -9.26 -67.44
C GLU F 89 -3.54 -10.26 -66.89
N LYS F 90 -3.25 -10.82 -65.70
CA LYS F 90 -4.06 -11.91 -65.18
C LYS F 90 -5.53 -11.53 -65.07
N GLY F 91 -5.81 -10.29 -64.63
CA GLY F 91 -7.19 -9.85 -64.50
C GLY F 91 -7.94 -9.92 -65.82
N GLU F 92 -7.25 -9.64 -66.92
CA GLU F 92 -7.81 -9.80 -68.25
C GLU F 92 -7.47 -11.14 -68.88
N LYS F 93 -6.38 -11.78 -68.43
CA LYS F 93 -6.04 -13.10 -68.93
C LYS F 93 -7.13 -14.12 -68.58
N THR F 94 -7.73 -13.98 -67.39
CA THR F 94 -8.83 -14.87 -67.02
C THR F 94 -10.00 -14.74 -67.99
N GLU F 95 -10.39 -13.50 -68.31
CA GLU F 95 -11.49 -13.30 -69.25
C GLU F 95 -11.13 -13.79 -70.65
N ALA F 96 -9.88 -13.57 -71.07
CA ALA F 96 -9.46 -14.05 -72.39
C ALA F 96 -9.50 -15.57 -72.47
N ALA F 97 -9.01 -16.24 -71.42
CA ALA F 97 -9.04 -17.70 -71.39
C ALA F 97 -10.47 -18.22 -71.33
N ARG F 98 -11.35 -17.53 -70.61
CA ARG F 98 -12.75 -17.92 -70.56
C ARG F 98 -13.39 -17.82 -71.93
N GLN F 99 -13.14 -16.70 -72.64
CA GLN F 99 -13.70 -16.54 -73.98
C GLN F 99 -13.14 -17.59 -74.94
N TYR F 100 -11.83 -17.88 -74.84
CA TYR F 100 -11.25 -18.88 -75.73
C TYR F 100 -11.80 -20.27 -75.44
N MET F 101 -12.03 -20.60 -74.17
CA MET F 101 -12.59 -21.90 -73.83
C MET F 101 -14.04 -22.00 -74.25
N CYS F 102 -14.78 -20.89 -74.20
CA CYS F 102 -16.16 -20.92 -74.67
C CYS F 102 -16.23 -21.03 -76.19
N SER F 103 -15.28 -20.41 -76.90
CA SER F 103 -15.30 -20.44 -78.35
C SER F 103 -14.80 -21.77 -78.91
N ARG F 104 -13.73 -22.32 -78.35
CA ARG F 104 -13.14 -23.55 -78.85
C ARG F 104 -13.85 -24.81 -78.36
N TYR F 105 -14.32 -24.82 -77.13
CA TYR F 105 -14.98 -25.99 -76.53
C TYR F 105 -16.49 -25.75 -76.54
N TYR F 106 -17.21 -26.57 -77.32
CA TYR F 106 -18.66 -26.43 -77.40
C TYR F 106 -19.34 -26.90 -76.13
N ASP F 107 -18.70 -27.80 -75.37
CA ASP F 107 -19.28 -28.28 -74.13
C ASP F 107 -19.42 -27.17 -73.10
N ILE F 108 -18.52 -26.19 -73.13
CA ILE F 108 -18.59 -25.07 -72.18
C ILE F 108 -19.84 -24.24 -72.45
N ARG F 109 -20.11 -23.96 -73.72
CA ARG F 109 -21.34 -23.25 -74.08
C ARG F 109 -22.57 -24.10 -73.83
N THR F 110 -22.45 -25.42 -73.97
CA THR F 110 -23.59 -26.31 -73.70
C THR F 110 -23.82 -26.45 -72.20
N PHE F 111 -22.92 -27.16 -71.52
CA PHE F 111 -22.97 -27.32 -70.07
C PHE F 111 -21.58 -27.03 -69.53
N GLY F 112 -21.36 -25.81 -69.06
CA GLY F 112 -20.05 -25.43 -68.57
C GLY F 112 -19.65 -26.19 -67.32
N ALA F 113 -18.34 -26.28 -67.11
CA ALA F 113 -17.80 -26.98 -65.95
C ALA F 113 -17.05 -26.01 -65.04
N VAL F 114 -15.96 -26.48 -64.43
CA VAL F 114 -15.17 -25.66 -63.52
C VAL F 114 -13.90 -25.21 -64.23
N MET F 115 -13.42 -24.01 -63.87
CA MET F 115 -12.20 -23.46 -64.44
C MET F 115 -11.23 -22.95 -63.39
N THR F 116 -11.33 -23.41 -62.14
CA THR F 116 -10.47 -22.95 -61.05
C THR F 116 -9.72 -24.15 -60.49
N THR F 117 -8.54 -24.40 -61.05
CA THR F 117 -7.69 -25.48 -60.56
C THR F 117 -6.35 -24.94 -60.10
N GLY F 118 -5.26 -25.40 -60.72
CA GLY F 118 -3.96 -24.86 -60.41
C GLY F 118 -3.74 -23.48 -61.00
N LYS F 119 -4.46 -23.18 -62.09
CA LYS F 119 -4.40 -21.87 -62.76
C LYS F 119 -5.82 -21.40 -63.01
N ASN F 120 -6.25 -20.39 -62.26
CA ASN F 120 -7.61 -19.89 -62.41
C ASN F 120 -7.76 -19.14 -63.74
N ALA F 121 -8.98 -19.20 -64.30
CA ALA F 121 -9.25 -18.55 -65.57
C ALA F 121 -10.70 -18.08 -65.68
N GLY F 122 -11.34 -17.79 -64.55
CA GLY F 122 -12.70 -17.31 -64.57
C GLY F 122 -13.71 -18.40 -64.28
N GLN F 123 -14.93 -18.18 -64.76
CA GLN F 123 -16.03 -19.10 -64.56
C GLN F 123 -17.12 -18.81 -65.58
N VAL F 124 -17.78 -19.86 -66.05
CA VAL F 124 -18.83 -19.76 -67.07
C VAL F 124 -20.15 -20.21 -66.44
N ARG F 125 -21.19 -19.40 -66.63
CA ARG F 125 -22.53 -19.73 -66.15
C ARG F 125 -23.31 -20.54 -67.18
N GLY F 126 -23.28 -20.11 -68.44
CA GLY F 126 -23.96 -20.81 -69.50
C GLY F 126 -25.45 -20.52 -69.53
N PRO F 127 -25.96 -20.13 -70.69
CA PRO F 127 -27.40 -19.86 -70.80
C PRO F 127 -28.25 -21.12 -70.72
N VAL F 128 -27.74 -22.25 -71.19
CA VAL F 128 -28.47 -23.51 -71.15
C VAL F 128 -28.40 -24.05 -69.72
N GLN F 129 -29.54 -24.09 -69.04
CA GLN F 129 -29.63 -24.58 -67.68
C GLN F 129 -30.79 -25.55 -67.58
N LEU F 130 -30.49 -26.80 -67.22
CA LEU F 130 -31.51 -27.83 -67.05
C LEU F 130 -31.81 -28.05 -65.58
N THR F 131 -33.04 -28.47 -65.31
CA THR F 131 -33.52 -28.69 -63.95
C THR F 131 -33.73 -30.19 -63.72
N PHE F 132 -34.08 -30.52 -62.48
CA PHE F 132 -34.33 -31.92 -62.13
C PHE F 132 -35.63 -32.41 -62.74
N SER F 133 -35.75 -33.72 -62.86
CA SER F 133 -36.95 -34.35 -63.40
C SER F 133 -37.84 -34.85 -62.27
N ARG F 134 -39.13 -34.96 -62.57
CA ARG F 134 -40.12 -35.42 -61.60
C ARG F 134 -41.19 -36.22 -62.31
N SER F 135 -41.67 -37.27 -61.64
CA SER F 135 -42.74 -38.11 -62.17
C SER F 135 -44.05 -37.76 -61.48
N ILE F 136 -45.13 -37.74 -62.26
CA ILE F 136 -46.45 -37.41 -61.70
C ILE F 136 -46.97 -38.55 -60.84
N ASP F 137 -47.21 -39.69 -61.45
CA ASP F 137 -47.69 -40.85 -60.72
C ASP F 137 -46.57 -41.43 -59.86
N PRO F 138 -46.81 -41.75 -58.59
CA PRO F 138 -45.75 -42.30 -57.75
C PRO F 138 -45.36 -43.71 -58.21
N ILE F 139 -44.10 -43.86 -58.62
CA ILE F 139 -43.59 -45.13 -59.10
C ILE F 139 -43.32 -46.06 -57.91
N MET F 140 -43.22 -47.35 -58.17
CA MET F 140 -42.97 -48.33 -57.13
C MET F 140 -41.58 -48.93 -57.32
N THR F 141 -41.01 -49.42 -56.21
CA THR F 141 -39.68 -50.00 -56.20
C THR F 141 -39.77 -51.52 -56.18
N LEU F 142 -39.00 -52.17 -57.05
CA LEU F 142 -39.02 -53.62 -57.17
C LEU F 142 -37.92 -54.31 -56.38
N GLU F 143 -36.77 -53.66 -56.23
CA GLU F 143 -35.62 -54.21 -55.50
C GLU F 143 -35.20 -55.56 -56.08
N HIS F 144 -34.98 -55.58 -57.39
CA HIS F 144 -34.59 -56.80 -58.09
C HIS F 144 -33.09 -57.02 -57.91
N SER F 145 -32.72 -58.18 -57.38
CA SER F 145 -31.33 -58.55 -57.19
C SER F 145 -30.94 -59.68 -58.14
N ILE F 146 -29.64 -59.82 -58.36
CA ILE F 146 -29.09 -60.85 -59.23
C ILE F 146 -27.83 -61.42 -58.58
N THR F 147 -27.28 -62.46 -59.20
CA THR F 147 -26.10 -63.14 -58.70
C THR F 147 -25.05 -63.22 -59.79
N ARG F 148 -23.87 -63.71 -59.42
CA ARG F 148 -22.75 -63.84 -60.34
C ARG F 148 -21.93 -65.05 -59.95
N MET F 149 -21.66 -65.92 -60.91
CA MET F 149 -20.89 -67.14 -60.67
C MET F 149 -19.39 -66.88 -60.56
N ALA F 150 -18.93 -65.68 -60.89
CA ALA F 150 -17.52 -65.33 -60.81
C ALA F 150 -17.23 -64.60 -59.50
N VAL F 151 -15.95 -64.52 -59.15
CA VAL F 151 -15.51 -63.84 -57.94
C VAL F 151 -14.53 -62.73 -58.32
N ARG F 164 -19.71 -66.91 -55.39
CA ARG F 164 -20.94 -66.14 -55.62
C ARG F 164 -20.95 -64.89 -54.76
N THR F 165 -20.92 -63.72 -55.41
CA THR F 165 -20.91 -62.44 -54.73
C THR F 165 -22.27 -61.74 -54.80
N MET F 166 -23.28 -62.39 -55.36
CA MET F 166 -24.64 -61.85 -55.48
C MET F 166 -24.56 -60.56 -56.30
N GLY F 167 -25.38 -59.57 -56.01
CA GLY F 167 -25.39 -58.31 -56.73
C GLY F 167 -26.77 -57.69 -56.70
N ARG F 168 -26.80 -56.38 -56.94
CA ARG F 168 -28.02 -55.59 -56.90
C ARG F 168 -28.12 -54.76 -58.16
N LYS F 169 -29.28 -54.83 -58.83
CA LYS F 169 -29.54 -54.03 -60.03
C LYS F 169 -31.02 -53.66 -60.03
N PHE F 170 -31.32 -52.45 -59.57
CA PHE F 170 -32.70 -52.01 -59.44
C PHE F 170 -33.30 -51.71 -60.82
N THR F 171 -34.62 -51.58 -60.84
CA THR F 171 -35.35 -51.26 -62.06
C THR F 171 -36.69 -50.63 -61.69
N VAL F 172 -37.27 -49.92 -62.64
CA VAL F 172 -38.54 -49.23 -62.47
C VAL F 172 -39.56 -49.89 -63.37
N PRO F 173 -40.75 -50.24 -62.88
CA PRO F 173 -41.76 -50.85 -63.75
C PRO F 173 -42.21 -49.92 -64.88
N TYR F 174 -42.28 -48.62 -64.62
CA TYR F 174 -42.60 -47.61 -65.61
C TYR F 174 -42.46 -46.24 -64.96
N GLY F 175 -41.90 -45.29 -65.71
CA GLY F 175 -41.74 -43.95 -65.17
C GLY F 175 -41.64 -42.88 -66.24
N LEU F 176 -42.59 -41.95 -66.26
CA LEU F 176 -42.60 -40.85 -67.21
C LEU F 176 -42.15 -39.59 -66.47
N TYR F 177 -40.87 -39.25 -66.60
CA TYR F 177 -40.31 -38.09 -65.92
C TYR F 177 -40.43 -36.85 -66.79
N ARG F 178 -40.55 -35.70 -66.13
CA ARG F 178 -40.72 -34.40 -66.76
C ARG F 178 -39.61 -33.49 -66.29
N CYS F 179 -38.83 -32.96 -67.24
CA CYS F 179 -37.72 -32.07 -66.95
C CYS F 179 -37.98 -30.70 -67.59
N HIS F 180 -37.38 -29.67 -67.00
CA HIS F 180 -37.51 -28.30 -67.49
C HIS F 180 -36.14 -27.74 -67.79
N GLY F 181 -36.06 -26.94 -68.86
CA GLY F 181 -34.80 -26.33 -69.24
C GLY F 181 -34.97 -24.93 -69.80
N PHE F 182 -33.98 -24.07 -69.53
CA PHE F 182 -34.06 -22.65 -69.89
C PHE F 182 -32.82 -22.25 -70.69
N ILE F 183 -33.02 -21.36 -71.65
CA ILE F 183 -31.95 -20.79 -72.47
C ILE F 183 -32.22 -19.30 -72.59
N SER F 184 -31.30 -18.49 -72.05
CA SER F 184 -31.47 -17.05 -72.04
C SER F 184 -30.94 -16.41 -73.33
N THR F 185 -30.26 -15.27 -73.20
CA THR F 185 -29.76 -14.54 -74.35
C THR F 185 -28.43 -13.84 -74.06
N HIS F 186 -28.38 -13.15 -72.91
CA HIS F 186 -27.16 -12.40 -72.58
C HIS F 186 -25.98 -13.33 -72.35
N PHE F 187 -26.21 -14.46 -71.66
CA PHE F 187 -25.14 -15.43 -71.46
C PHE F 187 -24.70 -16.04 -72.78
N ALA F 188 -25.65 -16.24 -73.71
CA ALA F 188 -25.30 -16.74 -75.03
C ALA F 188 -24.46 -15.72 -75.80
N LYS F 189 -24.73 -14.43 -75.61
CA LYS F 189 -23.92 -13.40 -76.25
C LYS F 189 -22.52 -13.34 -75.65
N GLN F 190 -22.40 -13.55 -74.34
CA GLN F 190 -21.08 -13.53 -73.71
C GLN F 190 -20.25 -14.76 -74.04
N THR F 191 -20.90 -15.91 -74.21
CA THR F 191 -20.19 -17.15 -74.51
C THR F 191 -20.06 -17.43 -75.99
N GLY F 192 -21.09 -17.13 -76.78
CA GLY F 192 -21.07 -17.38 -78.21
C GLY F 192 -22.02 -18.46 -78.69
N PHE F 193 -23.17 -18.63 -78.03
CA PHE F 193 -24.13 -19.66 -78.40
C PHE F 193 -24.99 -19.14 -79.54
N SER F 194 -24.77 -19.66 -80.75
CA SER F 194 -25.47 -19.19 -81.94
C SER F 194 -26.66 -20.10 -82.26
N GLU F 195 -27.22 -19.93 -83.46
CA GLU F 195 -28.39 -20.71 -83.85
C GLU F 195 -28.02 -22.14 -84.26
N ASN F 196 -26.86 -22.33 -84.90
CA ASN F 196 -26.43 -23.68 -85.23
C ASN F 196 -26.17 -24.50 -83.99
N ASP F 197 -25.55 -23.89 -82.97
CA ASP F 197 -25.38 -24.57 -81.70
C ASP F 197 -26.71 -24.91 -81.06
N LEU F 198 -27.71 -24.03 -81.22
CA LEU F 198 -29.04 -24.31 -80.68
C LEU F 198 -29.68 -25.49 -81.39
N GLU F 199 -29.55 -25.56 -82.72
CA GLU F 199 -30.09 -26.69 -83.45
C GLU F 199 -29.38 -27.99 -83.08
N LEU F 200 -28.06 -27.94 -82.89
CA LEU F 200 -27.34 -29.12 -82.45
C LEU F 200 -27.78 -29.56 -81.06
N PHE F 201 -28.05 -28.60 -80.17
CA PHE F 201 -28.52 -28.94 -78.84
C PHE F 201 -29.92 -29.56 -78.88
N TRP F 202 -30.80 -29.03 -79.73
CA TRP F 202 -32.12 -29.64 -79.88
C TRP F 202 -32.01 -31.05 -80.45
N GLN F 203 -31.10 -31.26 -81.40
CA GLN F 203 -30.90 -32.59 -81.95
C GLN F 203 -30.38 -33.56 -80.89
N ALA F 204 -29.46 -33.09 -80.05
CA ALA F 204 -28.95 -33.92 -78.97
C ALA F 204 -30.05 -34.24 -77.97
N LEU F 205 -30.94 -33.28 -77.70
CA LEU F 205 -32.05 -33.53 -76.78
C LEU F 205 -33.00 -34.58 -77.35
N VAL F 206 -33.37 -34.43 -78.62
CA VAL F 206 -34.32 -35.37 -79.23
C VAL F 206 -33.68 -36.71 -79.57
N ASN F 207 -32.35 -36.82 -79.53
CA ASN F 207 -31.65 -38.08 -79.76
C ASN F 207 -30.83 -38.48 -78.54
N MET F 208 -31.21 -38.02 -77.36
CA MET F 208 -30.50 -38.34 -76.13
C MET F 208 -30.54 -39.83 -75.82
N PHE F 209 -31.69 -40.34 -75.39
CA PHE F 209 -31.80 -41.75 -75.01
C PHE F 209 -31.79 -42.70 -76.21
N ASP F 210 -31.78 -42.19 -77.43
CA ASP F 210 -31.83 -43.03 -78.62
C ASP F 210 -30.48 -43.66 -78.95
N HIS F 211 -29.44 -43.41 -78.16
CA HIS F 211 -28.11 -43.96 -78.45
C HIS F 211 -27.47 -44.54 -77.20
N ASP F 212 -27.27 -43.71 -76.18
CA ASP F 212 -26.60 -44.16 -74.97
C ASP F 212 -27.51 -45.11 -74.18
N HIS F 213 -27.05 -46.33 -73.99
CA HIS F 213 -27.79 -47.34 -73.24
C HIS F 213 -26.81 -48.24 -72.49
N SER F 214 -27.34 -48.96 -71.51
CA SER F 214 -26.51 -49.88 -70.72
C SER F 214 -27.42 -50.97 -70.16
N ALA F 215 -26.91 -51.72 -69.18
CA ALA F 215 -27.66 -52.80 -68.54
C ALA F 215 -28.43 -52.35 -67.31
N ALA F 216 -27.81 -51.55 -66.45
CA ALA F 216 -28.50 -51.10 -65.25
C ALA F 216 -29.60 -50.09 -65.57
N ARG F 217 -29.37 -49.21 -66.54
CA ARG F 217 -30.38 -48.23 -66.91
C ARG F 217 -31.51 -48.85 -67.73
N GLY F 218 -31.24 -49.96 -68.41
CA GLY F 218 -32.29 -50.64 -69.15
C GLY F 218 -32.78 -49.85 -70.34
N GLN F 219 -34.06 -50.00 -70.65
CA GLN F 219 -34.67 -49.34 -71.80
C GLN F 219 -35.16 -47.96 -71.40
N MET F 220 -34.65 -46.93 -72.07
CA MET F 220 -35.06 -45.55 -71.85
C MET F 220 -35.18 -44.83 -73.17
N ASN F 221 -36.25 -44.07 -73.34
CA ASN F 221 -36.46 -43.30 -74.56
C ASN F 221 -37.14 -41.98 -74.19
N ALA F 222 -37.72 -41.32 -75.19
CA ALA F 222 -38.38 -40.04 -75.01
C ALA F 222 -39.85 -40.14 -75.41
N ARG F 223 -40.63 -39.16 -74.98
CA ARG F 223 -42.05 -39.08 -75.30
C ARG F 223 -42.46 -37.77 -75.93
N GLY F 224 -42.01 -36.64 -75.40
CA GLY F 224 -42.41 -35.35 -75.94
C GLY F 224 -41.47 -34.26 -75.54
N LEU F 225 -41.48 -33.17 -76.32
CA LEU F 225 -40.65 -31.99 -76.05
C LEU F 225 -41.45 -30.77 -76.49
N TYR F 226 -41.95 -30.00 -75.53
CA TYR F 226 -42.74 -28.80 -75.80
C TYR F 226 -41.89 -27.58 -75.46
N VAL F 227 -41.57 -26.77 -76.48
CA VAL F 227 -40.68 -25.63 -76.32
C VAL F 227 -41.48 -24.35 -76.53
N PHE F 228 -41.30 -23.40 -75.63
CA PHE F 228 -41.87 -22.06 -75.74
C PHE F 228 -40.76 -21.08 -76.05
N GLU F 229 -40.97 -20.26 -77.07
CA GLU F 229 -39.98 -19.31 -77.55
C GLU F 229 -40.51 -17.89 -77.36
N HIS F 230 -39.77 -17.09 -76.61
CA HIS F 230 -40.06 -15.67 -76.46
C HIS F 230 -39.21 -14.88 -77.45
N SER F 231 -39.86 -14.02 -78.23
CA SER F 231 -39.19 -13.25 -79.28
C SER F 231 -38.33 -12.11 -78.73
N ASN F 232 -38.08 -12.07 -77.42
CA ASN F 232 -37.26 -11.04 -76.82
C ASN F 232 -36.68 -11.56 -75.52
N ASN F 233 -35.79 -10.78 -74.92
CA ASN F 233 -35.18 -11.15 -73.64
C ASN F 233 -36.15 -11.00 -72.48
N LEU F 234 -37.31 -10.38 -72.69
CA LEU F 234 -38.30 -10.18 -71.66
C LEU F 234 -39.23 -11.39 -71.58
N GLY F 235 -40.01 -11.46 -70.50
CA GLY F 235 -41.02 -12.48 -70.35
C GLY F 235 -42.41 -11.91 -70.10
N ASP F 236 -43.26 -11.96 -71.13
CA ASP F 236 -44.61 -11.44 -71.01
C ASP F 236 -45.55 -12.36 -70.25
N ALA F 237 -45.10 -13.56 -69.89
CA ALA F 237 -45.92 -14.51 -69.16
C ALA F 237 -45.01 -15.36 -68.28
N PRO F 238 -45.44 -15.72 -67.08
CA PRO F 238 -44.60 -16.54 -66.21
C PRO F 238 -44.44 -17.95 -66.75
N ALA F 239 -43.29 -18.55 -66.44
CA ALA F 239 -43.01 -19.90 -66.92
C ALA F 239 -43.83 -20.96 -66.18
N ASP F 240 -44.35 -20.63 -65.00
CA ASP F 240 -45.15 -21.61 -64.25
C ASP F 240 -46.44 -21.95 -65.00
N SER F 241 -47.05 -20.95 -65.64
CA SER F 241 -48.25 -21.21 -66.42
C SER F 241 -47.95 -22.13 -67.60
N LEU F 242 -46.85 -21.85 -68.32
CA LEU F 242 -46.46 -22.71 -69.43
C LEU F 242 -46.11 -24.12 -68.97
N PHE F 243 -45.56 -24.26 -67.76
CA PHE F 243 -45.27 -25.59 -67.23
C PHE F 243 -46.55 -26.30 -66.80
N LYS F 244 -47.57 -25.56 -66.38
CA LYS F 244 -48.84 -26.14 -65.99
C LYS F 244 -49.77 -26.40 -67.17
N ARG F 245 -49.43 -25.91 -68.37
CA ARG F 245 -50.25 -26.21 -69.54
C ARG F 245 -50.14 -27.68 -69.93
N ILE F 246 -48.91 -28.18 -70.09
CA ILE F 246 -48.69 -29.58 -70.44
C ILE F 246 -49.04 -30.44 -69.23
N GLN F 247 -50.32 -30.78 -69.09
CA GLN F 247 -50.80 -31.54 -67.94
C GLN F 247 -50.76 -33.03 -68.25
N VAL F 248 -49.97 -33.78 -67.50
CA VAL F 248 -49.87 -35.23 -67.65
C VAL F 248 -50.44 -35.86 -66.39
N VAL F 249 -51.60 -36.50 -66.51
CA VAL F 249 -52.27 -37.12 -65.37
C VAL F 249 -52.33 -38.63 -65.59
N LYS F 250 -52.80 -39.35 -64.57
CA LYS F 250 -52.91 -40.80 -64.66
C LYS F 250 -54.20 -41.18 -65.38
N LYS F 251 -54.45 -42.49 -65.46
CA LYS F 251 -55.64 -42.98 -66.12
C LYS F 251 -56.89 -42.73 -65.26
N ASP F 252 -58.05 -42.80 -65.90
CA ASP F 252 -59.31 -42.58 -65.19
C ASP F 252 -59.69 -43.78 -64.33
N GLY F 253 -59.34 -44.98 -64.75
CA GLY F 253 -59.67 -46.17 -63.99
C GLY F 253 -58.45 -46.90 -63.47
N VAL F 254 -57.39 -46.97 -64.26
CA VAL F 254 -56.17 -47.64 -63.85
C VAL F 254 -55.41 -46.76 -62.87
N GLU F 255 -55.04 -47.34 -61.72
CA GLU F 255 -54.35 -46.57 -60.69
C GLU F 255 -52.87 -46.42 -61.01
N VAL F 256 -52.27 -47.44 -61.62
CA VAL F 256 -50.85 -47.41 -61.96
C VAL F 256 -50.67 -46.98 -63.40
N VAL F 257 -49.41 -46.95 -63.86
CA VAL F 257 -49.09 -46.55 -65.23
C VAL F 257 -48.07 -47.54 -65.79
N ARG F 258 -48.25 -47.92 -67.05
CA ARG F 258 -47.37 -48.89 -67.70
C ARG F 258 -46.95 -48.50 -69.11
N SER F 259 -47.63 -47.56 -69.76
CA SER F 259 -47.31 -47.17 -71.12
C SER F 259 -47.77 -45.73 -71.34
N PHE F 260 -47.69 -45.27 -72.58
CA PHE F 260 -48.12 -43.91 -72.90
C PHE F 260 -49.63 -43.77 -72.84
N ASP F 261 -50.37 -44.87 -73.04
CA ASP F 261 -51.83 -44.82 -72.98
C ASP F 261 -52.32 -44.55 -71.56
N ASP F 262 -51.55 -44.95 -70.55
CA ASP F 262 -51.96 -44.71 -69.18
C ASP F 262 -51.80 -43.24 -68.80
N TYR F 263 -50.70 -42.61 -69.22
CA TYR F 263 -50.47 -41.19 -68.96
C TYR F 263 -51.27 -40.37 -69.95
N LEU F 264 -52.32 -39.71 -69.47
CA LEU F 264 -53.13 -38.83 -70.29
C LEU F 264 -52.49 -37.45 -70.33
N VAL F 265 -52.08 -37.03 -71.53
CA VAL F 265 -51.41 -35.75 -71.73
C VAL F 265 -52.40 -34.79 -72.37
N SER F 266 -52.46 -33.57 -71.86
CA SER F 266 -53.34 -32.53 -72.38
C SER F 266 -52.55 -31.23 -72.52
N VAL F 267 -52.72 -30.57 -73.66
CA VAL F 267 -52.04 -29.32 -73.97
C VAL F 267 -53.11 -28.25 -74.22
N ASP F 268 -53.05 -27.18 -73.43
CA ASP F 268 -53.99 -26.07 -73.54
C ASP F 268 -53.20 -24.86 -74.04
N ASP F 269 -53.13 -24.70 -75.36
CA ASP F 269 -52.40 -23.60 -75.97
C ASP F 269 -53.37 -22.58 -76.57
N LYS F 270 -54.14 -21.92 -75.72
CA LYS F 270 -55.11 -20.92 -76.16
C LYS F 270 -54.65 -19.49 -75.90
N ASN F 271 -54.15 -19.21 -74.70
CA ASN F 271 -53.71 -17.87 -74.31
C ASN F 271 -52.19 -17.83 -74.11
N LEU F 272 -51.45 -18.28 -75.13
CA LEU F 272 -49.99 -18.21 -75.09
C LEU F 272 -49.40 -17.93 -76.46
N GLU F 273 -50.24 -17.55 -77.44
CA GLU F 273 -49.79 -17.22 -78.78
C GLU F 273 -49.62 -15.72 -78.99
N GLU F 274 -49.32 -14.98 -77.93
CA GLU F 274 -49.07 -13.55 -78.03
C GLU F 274 -47.71 -13.30 -78.68
N THR F 275 -46.72 -12.91 -77.90
CA THR F 275 -45.36 -12.74 -78.38
C THR F 275 -44.53 -14.00 -78.18
N LYS F 276 -45.17 -15.16 -78.07
CA LYS F 276 -44.49 -16.42 -77.85
C LYS F 276 -44.92 -17.44 -78.90
N LEU F 277 -44.03 -18.37 -79.21
CA LEU F 277 -44.30 -19.44 -80.15
C LEU F 277 -44.15 -20.79 -79.45
N LEU F 278 -44.92 -21.77 -79.91
CA LEU F 278 -44.91 -23.11 -79.35
C LEU F 278 -44.43 -24.10 -80.42
N ARG F 279 -43.50 -24.97 -80.04
CA ARG F 279 -43.02 -25.98 -80.97
C ARG F 279 -42.95 -27.33 -80.26
N LYS F 280 -43.10 -28.38 -81.04
CA LYS F 280 -43.10 -29.76 -80.56
C LYS F 280 -42.08 -30.56 -81.34
N LEU F 281 -41.26 -31.33 -80.62
CA LEU F 281 -40.22 -32.15 -81.24
C LEU F 281 -40.30 -33.61 -80.83
N GLY F 282 -40.38 -33.89 -79.52
CA GLY F 282 -40.43 -35.28 -79.08
C GLY F 282 -41.74 -35.96 -79.38
N GLY F 283 -42.85 -35.24 -79.34
CA GLY F 283 -44.16 -35.80 -79.62
C GLY F 283 -45.27 -35.18 -78.81
N MET G 1 53.58 17.49 29.04
CA MET G 1 53.61 18.96 29.03
C MET G 1 52.30 19.53 29.56
N ILE G 2 51.77 18.93 30.63
CA ILE G 2 50.53 19.41 31.23
C ILE G 2 50.74 20.80 31.81
N LEU G 3 51.65 20.93 32.78
CA LEU G 3 51.93 22.21 33.41
C LEU G 3 53.17 22.88 32.86
N HIS G 4 53.96 22.20 32.02
CA HIS G 4 55.14 22.82 31.41
C HIS G 4 54.72 23.90 30.42
N ALA G 5 53.83 23.56 29.49
CA ALA G 5 53.34 24.56 28.53
C ALA G 5 52.55 25.64 29.23
N LEU G 6 51.79 25.30 30.27
CA LEU G 6 51.08 26.32 31.03
C LEU G 6 52.05 27.28 31.72
N THR G 7 53.16 26.75 32.26
CA THR G 7 54.16 27.60 32.87
C THR G 7 54.81 28.51 31.84
N GLN G 8 55.11 27.96 30.65
CA GLN G 8 55.70 28.77 29.59
C GLN G 8 54.75 29.87 29.14
N TYR G 9 53.46 29.56 29.04
CA TYR G 9 52.46 30.57 28.68
C TYR G 9 52.30 31.63 29.77
N TYR G 10 52.38 31.23 31.04
CA TYR G 10 52.32 32.21 32.12
C TYR G 10 53.54 33.12 32.12
N GLN G 11 54.71 32.56 31.84
CA GLN G 11 55.92 33.38 31.73
C GLN G 11 55.86 34.34 30.55
N ARG G 12 54.96 34.08 29.59
CA ARG G 12 54.74 35.00 28.47
C ARG G 12 53.71 36.06 28.81
N LYS G 13 52.63 35.67 29.49
CA LYS G 13 51.57 36.63 29.81
C LYS G 13 51.93 37.51 31.00
N ALA G 14 52.76 37.02 31.92
CA ALA G 14 53.13 37.82 33.08
C ALA G 14 53.99 39.01 32.69
N GLU G 15 54.96 38.81 31.81
CA GLU G 15 55.84 39.87 31.34
C GLU G 15 55.23 40.68 30.19
N SER G 16 53.90 40.70 30.07
CA SER G 16 53.22 41.47 29.03
C SER G 16 52.38 42.60 29.60
N ASP G 17 52.21 42.68 30.92
CA ASP G 17 51.44 43.72 31.57
C ASP G 17 50.00 43.77 31.06
N GLY G 18 49.14 42.91 31.60
CA GLY G 18 47.75 42.87 31.21
C GLY G 18 46.83 42.33 32.27
N GLY G 19 47.06 42.73 33.51
CA GLY G 19 46.24 42.28 34.63
C GLY G 19 46.42 40.81 34.92
N ILE G 20 47.49 40.45 35.62
CA ILE G 20 47.80 39.07 35.95
C ILE G 20 48.51 39.04 37.30
N ALA G 21 48.46 37.87 37.94
CA ALA G 21 49.09 37.70 39.24
C ALA G 21 50.61 37.61 39.11
N GLN G 22 51.28 37.63 40.25
CA GLN G 22 52.73 37.58 40.30
C GLN G 22 53.19 37.21 41.70
N GLU G 23 54.35 36.56 41.78
CA GLU G 23 54.98 36.19 43.05
C GLU G 23 54.04 35.39 43.95
N GLY G 24 53.13 36.07 44.63
CA GLY G 24 52.21 35.40 45.53
C GLY G 24 50.85 36.05 45.59
N PHE G 25 50.30 36.43 44.44
CA PHE G 25 49.01 37.10 44.36
C PHE G 25 48.07 36.32 43.46
N GLU G 26 46.85 36.82 43.33
CA GLU G 26 45.81 36.19 42.53
C GLU G 26 44.69 37.18 42.29
N ASN G 27 44.09 37.11 41.10
CA ASN G 27 42.98 37.99 40.73
C ASN G 27 41.69 37.38 41.26
N LYS G 28 41.23 37.86 42.40
CA LYS G 28 40.01 37.36 43.03
C LYS G 28 38.86 38.33 42.81
N GLU G 29 37.67 37.77 42.69
CA GLU G 29 36.45 38.56 42.50
C GLU G 29 35.87 38.89 43.87
N ILE G 30 36.12 40.10 44.34
CA ILE G 30 35.64 40.56 45.64
C ILE G 30 34.32 41.31 45.42
N PRO G 31 33.21 40.86 46.01
CA PRO G 31 31.93 41.58 45.84
C PRO G 31 31.93 42.92 46.55
N PHE G 32 31.53 42.93 47.82
CA PHE G 32 31.46 44.17 48.60
C PHE G 32 32.84 44.55 49.10
N ILE G 33 33.21 45.81 48.88
CA ILE G 33 34.50 46.34 49.29
C ILE G 33 34.29 47.33 50.42
N ILE G 34 34.99 47.13 51.53
CA ILE G 34 34.88 47.99 52.71
C ILE G 34 35.93 49.09 52.61
N VAL G 35 35.50 50.33 52.74
CA VAL G 35 36.37 51.50 52.66
C VAL G 35 36.39 52.18 54.02
N ILE G 36 37.60 52.43 54.54
CA ILE G 36 37.79 53.08 55.83
C ILE G 36 38.72 54.27 55.65
N ASP G 37 39.25 54.78 56.76
CA ASP G 37 40.18 55.90 56.69
C ASP G 37 41.58 55.49 57.12
N LYS G 38 42.15 56.20 58.11
CA LYS G 38 43.52 55.93 58.53
C LYS G 38 43.60 55.06 59.78
N GLN G 39 42.62 55.16 60.69
CA GLN G 39 42.64 54.43 61.96
C GLN G 39 41.28 53.75 62.15
N GLY G 40 41.13 52.58 61.55
CA GLY G 40 39.88 51.85 61.68
C GLY G 40 38.73 52.62 61.03
N ASN G 41 37.66 52.80 61.79
CA ASN G 41 36.52 53.64 61.38
C ASN G 41 35.90 53.18 60.07
N PHE G 42 34.92 52.28 60.14
CA PHE G 42 34.19 51.87 58.95
C PHE G 42 33.35 53.04 58.44
N ILE G 43 33.63 53.47 57.21
CA ILE G 43 32.95 54.63 56.65
C ILE G 43 32.23 54.33 55.33
N GLN G 44 32.50 53.22 54.66
CA GLN G 44 31.79 52.93 53.43
C GLN G 44 31.72 51.43 53.18
N LEU G 45 30.57 50.95 52.74
CA LEU G 45 30.37 49.56 52.32
C LEU G 45 30.03 49.58 50.84
N GLU G 46 31.05 49.74 50.00
CA GLU G 46 30.87 49.86 48.57
C GLU G 46 30.73 48.48 47.92
N ASP G 47 29.98 48.42 46.83
CA ASP G 47 29.79 47.20 46.05
C ASP G 47 29.99 47.52 44.58
N THR G 48 30.75 46.66 43.90
CA THR G 48 31.04 46.87 42.48
C THR G 48 30.62 45.66 41.66
N ARG G 49 29.35 45.27 41.74
CA ARG G 49 28.85 44.11 41.02
C ARG G 49 28.25 44.52 39.68
N GLU G 50 26.96 44.21 39.49
CA GLU G 50 26.18 44.47 38.27
C GLU G 50 27.01 44.36 37.00
N LEU G 51 27.18 43.13 36.50
CA LEU G 51 27.93 42.90 35.27
C LEU G 51 27.09 42.16 34.24
N LYS G 52 26.90 40.86 34.44
CA LYS G 52 26.16 40.04 33.50
C LYS G 52 24.69 39.97 33.94
N VAL G 53 23.95 38.97 33.46
CA VAL G 53 22.55 38.81 33.87
C VAL G 53 22.44 38.41 35.33
N LYS G 54 23.46 37.78 35.89
CA LYS G 54 23.49 37.41 37.29
C LYS G 54 24.51 38.27 38.01
N LYS G 55 24.15 38.74 39.21
CA LYS G 55 25.02 39.61 40.00
C LYS G 55 26.25 38.82 40.43
N LYS G 56 27.36 39.02 39.73
CA LYS G 56 28.59 38.34 40.09
C LYS G 56 29.17 38.92 41.37
N VAL G 57 30.23 38.27 41.86
CA VAL G 57 30.87 38.67 43.10
C VAL G 57 31.84 39.82 42.85
N GLY G 58 31.33 40.95 42.37
CA GLY G 58 32.13 42.14 42.22
C GLY G 58 33.17 42.04 41.11
N ARG G 59 34.03 43.05 41.07
CA ARG G 59 35.10 43.12 40.08
C ARG G 59 36.29 42.29 40.53
N THR G 60 37.31 42.22 39.67
CA THR G 60 38.53 41.47 39.98
C THR G 60 39.58 42.39 40.57
N PHE G 61 40.32 41.86 41.54
CA PHE G 61 41.37 42.62 42.21
C PHE G 61 42.53 41.69 42.54
N LEU G 62 43.75 42.22 42.47
CA LEU G 62 44.96 41.44 42.74
C LEU G 62 45.17 41.39 44.24
N VAL G 63 44.68 40.33 44.88
CA VAL G 63 44.82 40.16 46.32
C VAL G 63 45.95 39.15 46.57
N PRO G 64 46.42 38.98 47.81
CA PRO G 64 47.39 37.92 48.07
C PRO G 64 46.83 36.55 47.74
N LYS G 65 47.74 35.62 47.42
CA LYS G 65 47.33 34.28 47.03
C LYS G 65 46.69 33.54 48.20
N GLY G 66 45.59 32.85 47.92
CA GLY G 66 44.91 32.10 48.97
C GLY G 66 45.72 30.90 49.39
N LEU G 67 45.89 30.73 50.71
CA LEU G 67 46.67 29.62 51.23
C LEU G 67 45.96 28.29 51.11
N GLY G 68 44.66 28.28 50.79
CA GLY G 68 43.94 27.04 50.63
C GLY G 68 43.37 26.52 51.94
N ARG G 69 42.15 26.92 52.27
CA ARG G 69 41.50 26.47 53.50
C ARG G 69 40.85 25.11 53.29
N SER G 70 39.52 25.06 53.43
CA SER G 70 38.73 23.84 53.29
C SER G 70 39.21 22.76 54.26
N GLY G 71 38.62 22.80 55.46
CA GLY G 71 38.96 21.84 56.50
C GLY G 71 38.06 22.03 57.70
N SER G 72 38.25 21.16 58.70
CA SER G 72 37.49 21.25 59.93
C SER G 72 37.81 22.55 60.65
N LYS G 73 38.94 22.58 61.37
CA LYS G 73 39.45 23.81 61.96
C LYS G 73 40.10 24.69 60.89
N SER G 74 39.23 25.27 60.05
CA SER G 74 39.69 26.05 58.91
C SER G 74 40.22 27.42 59.32
N TYR G 75 39.98 27.86 60.55
CA TYR G 75 40.48 29.15 60.99
C TYR G 75 41.98 29.14 61.23
N GLU G 76 42.60 27.97 61.33
CA GLU G 76 44.05 27.90 61.53
C GLU G 76 44.82 28.34 60.30
N VAL G 77 44.15 28.50 59.16
CA VAL G 77 44.78 28.99 57.94
C VAL G 77 45.05 30.48 58.09
N SER G 78 43.98 31.26 58.26
CA SER G 78 44.05 32.70 58.46
C SER G 78 44.78 33.39 57.31
N ASN G 79 44.03 33.77 56.28
CA ASN G 79 44.62 34.42 55.12
C ASN G 79 45.09 35.83 55.48
N LEU G 80 45.77 36.49 54.54
CA LEU G 80 46.35 37.81 54.77
C LEU G 80 45.27 38.86 54.98
N LEU G 81 44.80 39.48 53.88
CA LEU G 81 43.83 40.56 53.96
C LEU G 81 42.45 40.18 53.46
N TRP G 82 42.35 39.23 52.54
CA TRP G 82 41.06 38.81 51.98
C TRP G 82 40.72 37.41 52.47
N ASP G 83 39.44 37.19 52.77
CA ASP G 83 38.97 35.89 53.24
C ASP G 83 37.46 35.78 53.08
N HIS G 84 36.78 35.33 54.14
CA HIS G 84 35.34 35.17 54.13
C HIS G 84 34.70 36.30 54.93
N TYR G 85 33.36 36.28 55.00
CA TYR G 85 32.63 37.31 55.74
C TYR G 85 32.62 37.06 57.24
N GLY G 86 33.13 35.91 57.69
CA GLY G 86 33.19 35.63 59.12
C GLY G 86 34.54 35.97 59.71
N TYR G 87 35.49 36.34 58.86
CA TYR G 87 36.83 36.70 59.29
C TYR G 87 37.00 38.20 59.52
N VAL G 88 36.00 39.02 59.17
CA VAL G 88 36.07 40.47 59.31
C VAL G 88 35.17 40.96 60.45
N LEU G 89 33.88 40.67 60.37
CA LEU G 89 32.92 41.13 61.36
C LEU G 89 32.44 39.99 62.27
N ALA G 90 33.02 38.80 62.15
CA ALA G 90 32.62 37.63 62.93
C ALA G 90 31.14 37.32 62.76
N TYR G 91 30.59 37.61 61.59
CA TYR G 91 29.19 37.37 61.30
C TYR G 91 29.00 36.00 60.65
N ALA G 92 27.87 35.37 60.95
CA ALA G 92 27.58 34.04 60.44
C ALA G 92 26.06 33.88 60.33
N GLY G 93 25.54 33.87 59.12
CA GLY G 93 24.12 33.66 58.89
C GLY G 93 23.75 32.20 58.93
N GLU G 94 24.61 31.36 58.37
CA GLU G 94 24.40 29.92 58.37
C GLU G 94 25.59 29.13 58.92
N LYS G 95 26.67 29.81 59.33
CA LYS G 95 27.83 29.10 59.85
C LYS G 95 27.74 28.89 61.36
N GLY G 96 27.07 29.78 62.08
CA GLY G 96 26.96 29.67 63.51
C GLY G 96 28.08 30.40 64.24
N GLN G 97 27.89 30.55 65.55
CA GLN G 97 28.87 31.21 66.40
C GLN G 97 30.02 30.26 66.70
N GLU G 98 30.87 30.67 67.65
CA GLU G 98 32.02 29.87 68.09
C GLU G 98 32.98 29.58 66.93
N GLN G 99 32.51 28.81 65.94
CA GLN G 99 33.35 28.48 64.80
C GLN G 99 33.68 29.72 63.98
N ALA G 100 32.81 30.73 63.98
CA ALA G 100 33.06 31.95 63.23
C ALA G 100 33.83 32.99 64.04
N ASP G 101 33.69 32.99 65.36
CA ASP G 101 34.43 33.95 66.18
C ASP G 101 35.92 33.63 66.20
N LYS G 102 36.27 32.34 66.23
CA LYS G 102 37.68 31.96 66.19
C LYS G 102 38.31 32.33 64.85
N GLN G 103 37.51 32.34 63.77
CA GLN G 103 38.01 32.83 62.48
C GLN G 103 38.41 34.30 62.57
N HIS G 104 37.56 35.11 63.21
CA HIS G 104 37.88 36.53 63.40
C HIS G 104 39.10 36.69 64.30
N ALA G 105 39.23 35.85 65.33
CA ALA G 105 40.40 35.92 66.19
C ALA G 105 41.68 35.60 65.42
N SER G 106 41.64 34.56 64.59
CA SER G 106 42.81 34.21 63.78
C SER G 106 43.12 35.32 62.78
N PHE G 107 42.10 35.94 62.20
CA PHE G 107 42.32 37.00 61.23
C PHE G 107 42.93 38.24 61.89
N THR G 108 42.45 38.61 63.08
CA THR G 108 43.02 39.76 63.76
C THR G 108 44.43 39.46 64.27
N ALA G 109 44.70 38.21 64.66
CA ALA G 109 46.08 37.85 65.00
C ALA G 109 46.99 37.93 63.79
N LYS G 110 46.49 37.52 62.62
CA LYS G 110 47.28 37.61 61.40
C LYS G 110 47.58 39.06 61.04
N VAL G 111 46.58 39.94 61.12
CA VAL G 111 46.82 41.33 60.78
C VAL G 111 47.71 42.00 61.83
N ASN G 112 47.62 41.55 63.10
CA ASN G 112 48.50 42.11 64.13
C ASN G 112 49.95 41.70 63.89
N GLU G 113 50.18 40.43 63.53
CA GLU G 113 51.55 40.02 63.25
C GLU G 113 52.08 40.65 61.97
N LEU G 114 51.20 40.92 61.00
CA LEU G 114 51.61 41.65 59.80
C LEU G 114 51.98 43.09 60.13
N LYS G 115 51.23 43.71 61.05
CA LYS G 115 51.55 45.07 61.48
C LYS G 115 52.88 45.11 62.23
N GLN G 116 53.08 44.18 63.16
CA GLN G 116 54.33 44.16 63.92
C GLN G 116 55.52 43.74 63.06
N ALA G 117 55.29 43.03 61.97
CA ALA G 117 56.35 42.66 61.05
C ALA G 117 56.55 43.68 59.95
N LEU G 118 55.64 44.65 59.80
CA LEU G 118 55.77 45.68 58.78
C LEU G 118 55.07 46.95 59.24
N PRO G 119 55.71 47.76 60.09
CA PRO G 119 55.05 48.98 60.57
C PRO G 119 55.34 50.18 59.67
N ASP G 120 54.77 51.34 60.02
CA ASP G 120 54.93 52.58 59.26
C ASP G 120 54.50 52.38 57.80
N ASP G 121 53.18 52.36 57.62
CA ASP G 121 52.58 52.14 56.31
C ASP G 121 51.25 52.85 56.09
N ALA G 122 50.54 53.25 57.16
CA ALA G 122 49.23 53.89 57.04
C ALA G 122 48.24 53.03 56.26
N GLY G 123 48.35 51.72 56.40
CA GLY G 123 47.46 50.80 55.72
C GLY G 123 47.14 49.57 56.55
N VAL G 124 48.18 48.83 56.93
CA VAL G 124 47.98 47.66 57.78
C VAL G 124 47.58 48.08 59.19
N THR G 125 47.99 49.27 59.63
CA THR G 125 47.59 49.75 60.95
C THR G 125 46.10 49.99 61.03
N ALA G 126 45.48 50.46 59.95
CA ALA G 126 44.04 50.71 59.94
C ALA G 126 43.27 49.40 60.13
N VAL G 127 43.61 48.37 59.35
CA VAL G 127 42.91 47.10 59.47
C VAL G 127 43.29 46.38 60.76
N ALA G 128 44.45 46.70 61.35
CA ALA G 128 44.82 46.08 62.63
C ALA G 128 44.02 46.70 63.77
N ALA G 129 43.84 48.02 63.76
CA ALA G 129 43.07 48.69 64.80
C ALA G 129 41.57 48.58 64.58
N PHE G 130 41.13 48.25 63.37
CA PHE G 130 39.70 48.10 63.11
C PHE G 130 39.15 46.85 63.78
N LEU G 131 39.95 45.80 63.88
CA LEU G 131 39.53 44.54 64.49
C LEU G 131 39.73 44.51 65.99
N SER G 132 40.45 45.49 66.56
CA SER G 132 40.69 45.55 67.99
C SER G 132 40.02 46.76 68.64
N SER G 133 38.98 47.30 67.99
CA SER G 133 38.25 48.45 68.51
C SER G 133 36.93 48.07 69.17
N ALA G 134 36.24 47.06 68.63
CA ALA G 134 34.99 46.55 69.18
C ALA G 134 33.89 47.62 69.22
N GLU G 135 33.88 48.52 68.24
CA GLU G 135 32.79 49.49 68.10
C GLU G 135 32.41 49.79 66.66
N GLU G 136 33.25 49.49 65.67
CA GLU G 136 32.93 49.72 64.27
C GLU G 136 32.51 48.46 63.54
N LYS G 137 32.99 47.29 63.98
CA LYS G 137 32.59 46.04 63.33
C LYS G 137 31.10 45.80 63.48
N SER G 138 30.53 46.16 64.64
CA SER G 138 29.09 46.06 64.81
C SER G 138 28.37 47.10 63.96
N LYS G 139 29.00 48.24 63.72
CA LYS G 139 28.40 49.27 62.86
C LYS G 139 28.43 48.86 61.39
N VAL G 140 29.35 47.97 61.01
CA VAL G 140 29.41 47.51 59.62
C VAL G 140 28.09 46.86 59.20
N MET G 141 27.50 46.06 60.10
CA MET G 141 26.23 45.43 59.79
C MET G 141 25.10 46.44 59.64
N GLN G 142 25.21 47.61 60.25
CA GLN G 142 24.20 48.66 60.14
C GLN G 142 24.58 49.69 59.09
N ALA G 143 25.04 49.22 57.93
CA ALA G 143 25.44 50.11 56.85
C ALA G 143 24.24 50.50 56.00
N ALA G 144 24.46 50.70 54.70
CA ALA G 144 23.40 51.08 53.77
C ALA G 144 22.96 49.93 52.88
N ASN G 145 23.88 49.10 52.42
CA ASN G 145 23.58 47.96 51.57
C ASN G 145 24.01 46.65 52.20
N TRP G 146 23.95 46.56 53.53
CA TRP G 146 24.36 45.34 54.22
C TRP G 146 23.32 44.23 54.11
N ALA G 147 22.05 44.58 53.90
CA ALA G 147 21.01 43.58 53.75
C ALA G 147 21.12 42.78 52.46
N GLU G 148 22.02 43.16 51.56
CA GLU G 148 22.21 42.46 50.30
C GLU G 148 23.34 41.44 50.34
N CYS G 149 24.38 41.69 51.14
CA CYS G 149 25.49 40.75 51.24
C CYS G 149 25.17 39.55 52.13
N ALA G 150 24.03 39.56 52.81
CA ALA G 150 23.65 38.44 53.67
C ALA G 150 22.83 37.39 52.96
N LYS G 151 22.05 37.78 51.94
CA LYS G 151 21.24 36.80 51.21
C LYS G 151 22.11 35.95 50.29
N VAL G 152 23.29 36.43 49.91
CA VAL G 152 24.21 35.69 49.06
C VAL G 152 25.40 35.27 49.91
N LYS G 153 25.72 33.98 49.87
CA LYS G 153 26.83 33.46 50.64
C LYS G 153 28.14 33.61 49.87
N GLY G 154 29.24 33.25 50.53
CA GLY G 154 30.55 33.37 49.91
C GLY G 154 30.94 34.80 49.59
N CYS G 155 30.51 35.75 50.40
CA CYS G 155 30.79 37.17 50.15
C CYS G 155 32.18 37.51 50.67
N ASN G 156 33.12 37.75 49.76
CA ASN G 156 34.46 38.15 50.14
C ASN G 156 34.48 39.64 50.47
N LEU G 157 35.32 40.01 51.44
CA LEU G 157 35.41 41.38 51.91
C LEU G 157 36.87 41.84 51.86
N SER G 158 37.09 43.02 51.30
CA SER G 158 38.41 43.61 51.22
C SER G 158 38.41 44.98 51.89
N PHE G 159 39.61 45.51 52.14
CA PHE G 159 39.79 46.78 52.82
C PHE G 159 40.47 47.77 51.89
N ARG G 160 39.95 49.00 51.86
CA ARG G 160 40.51 50.08 51.06
C ARG G 160 40.66 51.31 51.94
N LEU G 161 41.87 51.85 52.02
CA LEU G 161 42.13 52.99 52.88
C LEU G 161 41.72 54.29 52.19
N VAL G 162 41.91 55.40 52.90
CA VAL G 162 41.53 56.71 52.40
C VAL G 162 42.67 57.28 51.57
N ASP G 163 42.43 58.40 50.89
CA ASP G 163 43.40 59.07 50.03
C ASP G 163 43.85 58.20 48.86
N GLU G 164 43.06 57.20 48.51
CA GLU G 164 43.37 56.34 47.38
C GLU G 164 42.13 56.08 46.53
N ALA G 165 41.17 55.35 47.09
CA ALA G 165 39.90 55.04 46.41
C ALA G 165 40.12 54.36 45.07
N VAL G 166 41.20 53.58 44.95
CA VAL G 166 41.53 52.89 43.71
C VAL G 166 42.40 51.69 44.04
N ASP G 167 43.10 51.74 45.16
CA ASP G 167 44.01 50.69 45.58
C ASP G 167 43.55 50.16 46.94
N LEU G 168 43.56 48.83 47.09
CA LEU G 168 43.16 48.21 48.33
C LEU G 168 44.26 48.33 49.37
N VAL G 169 44.01 47.74 50.55
CA VAL G 169 45.04 47.71 51.59
C VAL G 169 46.19 46.80 51.21
N CYS G 170 45.95 45.83 50.33
CA CYS G 170 46.98 44.91 49.84
C CYS G 170 47.49 45.31 48.46
N GLN G 171 47.54 46.61 48.18
CA GLN G 171 48.01 47.10 46.89
C GLN G 171 49.11 48.15 46.98
N SER G 172 49.29 48.81 48.12
CA SER G 172 50.34 49.81 48.26
C SER G 172 51.71 49.16 48.24
N LYS G 173 52.70 49.90 47.76
CA LYS G 173 54.06 49.39 47.64
C LYS G 173 54.68 49.22 49.04
N ALA G 174 54.26 48.20 49.76
CA ALA G 174 54.78 47.91 51.09
C ALA G 174 54.51 46.46 51.46
N VAL G 175 53.22 46.09 51.52
CA VAL G 175 52.86 44.70 51.80
C VAL G 175 53.11 43.82 50.57
N ARG G 176 53.19 44.41 49.38
CA ARG G 176 53.49 43.64 48.18
C ARG G 176 54.87 42.99 48.30
N GLU G 177 55.85 43.72 48.84
CA GLU G 177 57.18 43.15 49.03
C GLU G 177 57.14 42.02 50.06
N TYR G 178 56.34 42.17 51.11
CA TYR G 178 56.21 41.10 52.10
C TYR G 178 55.61 39.85 51.48
N VAL G 179 54.58 40.01 50.65
CA VAL G 179 53.96 38.86 50.01
C VAL G 179 54.92 38.22 49.02
N SER G 180 55.70 39.03 48.30
CA SER G 180 56.69 38.49 47.38
C SER G 180 57.78 37.73 48.11
N GLN G 181 58.18 38.20 49.29
CA GLN G 181 59.20 37.51 50.08
C GLN G 181 58.64 36.25 50.72
N ALA G 182 57.32 36.22 51.00
CA ALA G 182 56.72 35.04 51.60
C ALA G 182 56.84 33.83 50.69
N ASN G 183 56.62 34.02 49.39
CA ASN G 183 56.77 32.93 48.43
C ASN G 183 58.19 32.80 47.90
N GLN G 184 59.15 33.56 48.44
CA GLN G 184 60.54 33.49 48.04
C GLN G 184 61.46 32.98 49.12
N THR G 185 61.19 33.30 50.39
CA THR G 185 62.01 32.85 51.51
C THR G 185 61.25 31.94 52.46
N GLN G 186 59.99 32.28 52.76
CA GLN G 186 59.22 31.46 53.69
C GLN G 186 58.72 30.18 53.01
N SER G 187 58.23 30.28 51.78
CA SER G 187 57.72 29.14 51.03
C SER G 187 58.80 28.41 50.25
N ASP G 188 60.06 28.48 50.70
CA ASP G 188 61.15 27.79 50.03
C ASP G 188 62.00 26.96 50.97
N ASN G 189 61.58 26.76 52.22
CA ASN G 189 62.33 25.97 53.18
C ASN G 189 61.58 24.65 53.45
N ALA G 190 61.65 23.77 52.47
CA ALA G 190 61.00 22.47 52.57
C ALA G 190 61.80 21.39 51.84
N GLN G 191 61.11 20.51 51.13
CA GLN G 191 61.77 19.43 50.41
C GLN G 191 62.51 19.99 49.19
N LYS G 192 63.59 19.29 48.82
CA LYS G 192 64.42 19.72 47.69
C LYS G 192 63.76 19.35 46.36
N GLY G 193 64.56 19.34 45.29
CA GLY G 193 64.05 19.01 43.98
C GLY G 193 63.82 17.52 43.80
N ILE G 194 63.74 17.12 42.55
CA ILE G 194 63.84 17.97 41.37
C ILE G 194 62.43 18.38 40.93
N CYS G 195 62.32 19.51 40.24
CA CYS G 195 61.04 20.00 39.78
C CYS G 195 60.45 19.06 38.72
N LEU G 196 59.18 19.32 38.38
CA LEU G 196 58.46 18.45 37.45
C LEU G 196 58.33 19.07 36.07
N VAL G 197 58.21 20.39 35.97
CA VAL G 197 58.03 21.05 34.69
C VAL G 197 59.18 21.98 34.34
N THR G 198 60.02 22.36 35.30
CA THR G 198 61.16 23.24 35.02
C THR G 198 62.51 22.55 35.13
N GLY G 199 62.58 21.39 35.78
CA GLY G 199 63.83 20.66 35.91
C GLY G 199 64.86 21.28 36.81
N LYS G 200 64.54 22.38 37.49
CA LYS G 200 65.48 23.05 38.37
C LYS G 200 65.25 22.56 39.81
N ALA G 201 65.61 23.37 40.80
CA ALA G 201 65.42 23.01 42.19
C ALA G 201 63.94 23.16 42.58
N ALA G 202 63.62 24.26 43.27
CA ALA G 202 62.27 24.63 43.71
C ALA G 202 61.75 23.67 44.78
N PRO G 203 61.14 24.19 45.84
CA PRO G 203 60.61 23.29 46.88
C PRO G 203 59.35 22.59 46.39
N ILE G 204 59.12 21.39 46.93
CA ILE G 204 57.94 20.61 46.55
C ILE G 204 56.70 21.33 47.06
N ALA G 205 55.84 21.75 46.13
CA ALA G 205 54.64 22.51 46.48
C ALA G 205 53.63 21.56 47.13
N ARG G 206 53.65 21.50 48.46
CA ARG G 206 52.67 20.71 49.19
C ARG G 206 51.36 21.48 49.29
N LEU G 207 50.25 20.76 49.19
CA LEU G 207 48.91 21.34 49.21
C LEU G 207 48.76 22.36 48.09
N HIS G 208 48.41 21.90 46.89
CA HIS G 208 48.28 22.80 45.75
C HIS G 208 47.14 23.79 45.96
N ASN G 209 47.24 24.93 45.29
CA ASN G 209 46.22 25.97 45.40
C ASN G 209 44.94 25.53 44.70
N ALA G 210 43.88 26.30 44.93
CA ALA G 210 42.56 26.01 44.39
C ALA G 210 42.26 26.92 43.21
N VAL G 211 41.67 26.34 42.17
CA VAL G 211 41.31 27.07 40.96
C VAL G 211 39.83 27.43 41.03
N LYS G 212 39.53 28.72 40.93
CA LYS G 212 38.16 29.22 41.00
C LYS G 212 37.67 29.55 39.60
N GLY G 213 36.46 29.09 39.27
CA GLY G 213 35.87 29.34 37.97
C GLY G 213 35.37 28.10 37.28
N VAL G 214 36.08 26.98 37.45
CA VAL G 214 35.68 25.73 36.83
C VAL G 214 34.41 25.20 37.50
N ASN G 215 34.47 25.02 38.82
CA ASN G 215 33.34 24.55 39.60
C ASN G 215 32.77 25.71 40.42
N ALA G 216 31.69 25.44 41.16
CA ALA G 216 31.12 26.46 42.03
C ALA G 216 32.10 26.83 43.14
N LYS G 217 32.77 25.85 43.72
CA LYS G 217 33.79 26.07 44.72
C LYS G 217 35.15 26.20 44.07
N PRO G 218 36.11 26.83 44.74
CA PRO G 218 37.49 26.83 44.22
C PRO G 218 38.04 25.41 44.15
N ALA G 219 37.91 24.79 42.97
CA ALA G 219 38.30 23.39 42.80
C ALA G 219 39.78 23.30 42.46
N PRO G 220 40.59 22.62 43.26
CA PRO G 220 42.00 22.45 42.90
C PRO G 220 42.15 21.63 41.63
N PHE G 221 43.14 22.02 40.81
CA PHE G 221 43.38 21.34 39.54
C PHE G 221 43.99 19.96 39.78
N ALA G 222 45.21 19.92 40.28
CA ALA G 222 45.92 18.68 40.58
C ALA G 222 46.28 18.66 42.05
N SER G 223 45.69 17.73 42.80
CA SER G 223 45.94 17.62 44.23
C SER G 223 45.68 16.19 44.67
N VAL G 224 46.68 15.59 45.33
CA VAL G 224 46.59 14.22 45.81
C VAL G 224 46.18 14.24 47.27
N ASN G 225 45.20 13.40 47.62
CA ASN G 225 44.71 13.30 48.99
C ASN G 225 44.39 11.83 49.25
N LEU G 226 43.54 11.59 50.26
CA LEU G 226 43.08 10.25 50.64
C LEU G 226 44.30 9.40 50.99
N SER G 227 44.58 8.31 50.27
CA SER G 227 45.71 7.46 50.62
C SER G 227 46.27 6.74 49.39
N ALA G 228 45.39 6.16 48.57
CA ALA G 228 45.84 5.39 47.41
C ALA G 228 46.42 6.27 46.31
N PHE G 229 46.29 7.59 46.41
CA PHE G 229 46.81 8.50 45.40
C PHE G 229 48.31 8.74 45.53
N GLU G 230 49.04 7.83 46.17
CA GLU G 230 50.47 7.96 46.38
C GLU G 230 51.24 7.01 45.47
N SER G 231 52.44 7.42 45.09
CA SER G 231 53.29 6.60 44.24
C SER G 231 54.19 5.72 45.10
N TYR G 232 55.16 6.33 45.78
CA TYR G 232 56.09 5.62 46.65
C TYR G 232 55.96 6.09 48.10
N GLY G 233 54.72 6.20 48.58
CA GLY G 233 54.49 6.67 49.94
C GLY G 233 54.82 8.12 50.16
N LYS G 234 54.49 8.98 49.20
CA LYS G 234 54.81 10.39 49.32
C LYS G 234 53.88 11.13 50.27
N GLU G 235 52.66 10.60 50.48
CA GLU G 235 51.72 11.12 51.46
C GLU G 235 51.31 12.56 51.17
N GLN G 236 50.32 12.73 50.30
CA GLN G 236 49.63 14.00 50.09
C GLN G 236 50.56 15.13 49.63
N GLY G 237 50.57 15.42 48.33
CA GLY G 237 51.30 16.55 47.78
C GLY G 237 52.66 16.24 47.20
N PHE G 238 53.44 15.40 47.88
CA PHE G 238 54.77 15.04 47.40
C PHE G 238 54.75 14.03 46.26
N ALA G 239 53.57 13.54 45.86
CA ALA G 239 53.49 12.59 44.76
C ALA G 239 53.95 13.23 43.46
N PHE G 240 53.61 14.50 43.25
CA PHE G 240 54.07 15.24 42.08
C PHE G 240 55.16 16.22 42.49
N PRO G 241 56.43 15.96 42.14
CA PRO G 241 57.50 16.89 42.51
C PRO G 241 57.40 18.21 41.77
N ILE G 242 56.35 18.98 42.03
CA ILE G 242 56.10 20.26 41.37
C ILE G 242 56.58 21.37 42.29
N GLY G 243 57.32 22.32 41.73
CA GLY G 243 57.82 23.43 42.51
C GLY G 243 56.77 24.48 42.77
N GLU G 244 57.03 25.30 43.79
CA GLU G 244 56.12 26.38 44.14
C GLU G 244 56.07 27.42 43.02
N GLN G 245 57.23 27.83 42.51
CA GLN G 245 57.35 28.81 41.44
C GLN G 245 56.77 28.34 40.11
N ALA G 246 56.21 27.14 40.06
CA ALA G 246 55.50 26.64 38.89
C ALA G 246 54.06 26.27 39.21
N MET G 247 53.82 25.66 40.37
CA MET G 247 52.44 25.37 40.78
C MET G 247 51.65 26.66 40.98
N PHE G 248 52.23 27.63 41.68
CA PHE G 248 51.58 28.93 41.84
C PHE G 248 51.31 29.56 40.48
N GLU G 249 52.28 29.48 39.57
CA GLU G 249 52.11 30.11 38.25
C GLU G 249 50.97 29.47 37.47
N TYR G 250 50.90 28.13 37.47
CA TYR G 250 49.85 27.48 36.70
C TYR G 250 48.49 27.68 37.35
N THR G 251 48.42 27.70 38.68
CA THR G 251 47.14 27.96 39.34
C THR G 251 46.66 29.38 39.04
N THR G 252 47.55 30.37 39.10
CA THR G 252 47.16 31.74 38.79
C THR G 252 46.80 31.89 37.31
N ALA G 253 47.48 31.14 36.43
CA ALA G 253 47.13 31.20 35.01
C ALA G 253 45.74 30.63 34.77
N LEU G 254 45.41 29.52 35.43
CA LEU G 254 44.07 28.96 35.30
C LEU G 254 43.02 29.89 35.93
N ASN G 255 43.39 30.60 36.99
CA ASN G 255 42.45 31.56 37.58
C ASN G 255 42.19 32.74 36.66
N THR G 256 43.25 33.27 36.04
CA THR G 256 43.08 34.38 35.10
C THR G 256 42.36 33.93 33.83
N LEU G 257 42.53 32.67 33.43
CA LEU G 257 41.89 32.16 32.23
C LEU G 257 40.44 31.75 32.46
N LEU G 258 40.03 31.55 33.72
CA LEU G 258 38.67 31.18 34.06
C LEU G 258 37.81 32.37 34.48
N ALA G 259 38.25 33.59 34.19
CA ALA G 259 37.48 34.77 34.55
C ALA G 259 37.55 35.88 33.52
N GLY G 260 38.29 35.73 32.43
CA GLY G 260 38.41 36.75 31.42
C GLY G 260 37.51 36.50 30.22
N GLU G 261 37.95 37.00 29.06
CA GLU G 261 37.19 36.84 27.83
C GLU G 261 37.31 35.43 27.25
N ASN G 262 38.36 34.68 27.62
CA ASN G 262 38.56 33.34 27.10
C ASN G 262 37.77 32.28 27.87
N ARG G 263 37.03 32.68 28.91
CA ARG G 263 36.24 31.74 29.71
C ARG G 263 34.87 31.57 29.06
N PHE G 264 34.65 30.38 28.49
CA PHE G 264 33.36 30.06 27.90
C PHE G 264 33.19 28.54 27.94
N ARG G 265 31.99 28.09 28.31
CA ARG G 265 31.70 26.67 28.42
C ARG G 265 30.71 26.27 27.34
N ILE G 266 31.01 25.18 26.65
CA ILE G 266 30.11 24.65 25.63
C ILE G 266 29.01 23.81 26.27
N GLY G 267 29.32 23.08 27.33
CA GLY G 267 28.35 22.26 28.02
C GLY G 267 28.98 21.39 29.09
N ASP G 268 28.89 21.82 30.35
CA ASP G 268 29.46 21.11 31.50
C ASP G 268 30.98 21.02 31.41
N VAL G 269 31.59 21.71 30.46
CA VAL G 269 33.03 21.72 30.29
C VAL G 269 33.47 23.09 29.80
N THR G 270 34.40 23.71 30.53
CA THR G 270 34.91 25.03 30.17
C THR G 270 36.12 24.82 29.26
N THR G 271 35.95 25.11 27.97
CA THR G 271 36.99 24.88 26.97
C THR G 271 37.74 26.18 26.72
N VAL G 272 38.50 26.60 27.73
CA VAL G 272 39.31 27.81 27.62
C VAL G 272 40.44 27.57 26.63
N CYS G 273 40.84 28.63 25.93
CA CYS G 273 41.88 28.56 24.92
C CYS G 273 42.80 29.77 25.03
N TRP G 274 43.99 29.64 24.46
CA TRP G 274 44.98 30.71 24.47
C TRP G 274 45.95 30.48 23.32
N GLY G 275 46.92 31.38 23.21
CA GLY G 275 47.91 31.28 22.15
C GLY G 275 49.33 31.50 22.66
N ALA G 276 50.27 31.68 21.73
CA ALA G 276 51.66 31.89 22.07
C ALA G 276 52.12 33.33 21.88
N LYS G 277 51.32 34.16 21.21
CA LYS G 277 51.58 35.58 20.99
C LYS G 277 52.85 35.83 20.18
N ARG G 278 53.52 34.78 19.69
CA ARG G 278 54.74 34.92 18.92
C ARG G 278 55.03 33.67 18.10
N ALA G 299 45.73 35.46 23.70
CA ALA G 299 46.57 36.01 22.65
C ALA G 299 45.73 36.52 21.48
N HIS G 300 46.36 36.67 20.31
CA HIS G 300 45.68 37.15 19.11
C HIS G 300 45.17 36.01 18.24
N ILE G 301 44.64 34.95 18.85
CA ILE G 301 44.14 33.82 18.07
C ILE G 301 42.87 34.22 17.32
N ASP G 302 41.88 34.78 18.03
CA ASP G 302 40.62 35.22 17.45
C ASP G 302 39.94 34.09 16.67
N ALA G 303 40.02 32.87 17.22
CA ALA G 303 39.42 31.71 16.58
C ALA G 303 38.56 30.92 17.57
N VAL G 304 39.19 30.37 18.61
CA VAL G 304 38.45 29.60 19.60
C VAL G 304 37.83 30.53 20.63
N LYS G 305 38.54 31.60 21.01
CA LYS G 305 38.00 32.56 21.98
C LYS G 305 36.95 33.48 21.37
N ALA G 306 36.84 33.52 20.04
CA ALA G 306 35.88 34.38 19.35
C ALA G 306 34.53 33.69 19.15
N LEU G 307 34.10 32.86 20.09
CA LEU G 307 32.83 32.16 19.99
C LEU G 307 31.72 32.82 20.80
N TYR G 308 31.89 34.10 21.16
CA TYR G 308 30.87 34.83 21.89
C TYR G 308 31.14 36.32 21.84
N LYS G 309 30.92 36.94 20.68
CA LYS G 309 31.11 38.39 20.53
C LYS G 309 29.76 39.10 20.65
N SER G 310 28.93 39.00 19.62
CA SER G 310 27.61 39.63 19.63
C SER G 310 26.58 38.72 18.97
N LEU G 311 26.63 38.61 17.65
CA LEU G 311 25.70 37.79 16.88
C LEU G 311 26.43 36.82 15.98
N TYR G 312 27.67 36.46 16.35
CA TYR G 312 28.49 35.50 15.60
C TYR G 312 28.70 35.96 14.16
N ASN G 313 29.71 36.79 13.94
CA ASN G 313 30.03 37.28 12.61
C ASN G 313 31.01 36.32 11.92
N GLY G 314 31.54 36.74 10.78
CA GLY G 314 32.48 35.94 10.04
C GLY G 314 33.89 36.48 10.10
N GLN G 315 34.64 36.06 11.12
CA GLN G 315 36.01 36.52 11.33
C GLN G 315 37.06 35.52 10.84
N TYR G 316 36.64 34.38 10.30
CA TYR G 316 37.58 33.38 9.83
C TYR G 316 38.16 33.79 8.47
N CYS G 317 39.48 33.79 8.37
CA CYS G 317 40.15 34.16 7.13
C CYS G 317 41.40 33.32 6.92
N LYS G 318 42.40 33.87 6.22
CA LYS G 318 43.65 33.17 5.98
C LYS G 318 44.78 34.17 5.84
N PRO G 319 45.31 34.70 6.94
CA PRO G 319 46.41 35.67 6.88
C PRO G 319 47.80 35.08 7.06
N ASP G 320 47.95 33.75 7.01
CA ASP G 320 49.24 33.07 7.19
C ASP G 320 49.87 33.42 8.53
N GLY G 321 49.03 33.65 9.55
CA GLY G 321 49.53 33.97 10.87
C GLY G 321 48.87 33.15 11.96
N GLU G 322 48.61 31.88 11.67
CA GLU G 322 47.95 30.99 12.61
C GLU G 322 48.93 30.61 13.72
N ASP G 323 48.68 31.09 14.93
CA ASP G 323 49.54 30.77 16.06
C ASP G 323 49.33 29.33 16.50
N LYS G 324 50.37 28.75 17.09
CA LYS G 324 50.32 27.37 17.56
C LYS G 324 49.67 27.29 18.94
N PHE G 325 50.22 26.43 19.80
CA PHE G 325 49.77 26.23 21.18
C PHE G 325 48.39 25.58 21.25
N TYR G 326 48.25 24.59 22.11
CA TYR G 326 47.01 23.84 22.22
C TYR G 326 46.01 24.62 23.08
N LEU G 327 44.87 23.98 23.39
CA LEU G 327 43.87 24.56 24.26
C LEU G 327 43.44 23.50 25.28
N LEU G 328 43.18 23.94 26.51
CA LEU G 328 42.85 23.06 27.61
C LEU G 328 41.35 23.11 27.87
N GLY G 329 40.65 22.04 27.49
CA GLY G 329 39.22 21.95 27.73
C GLY G 329 38.91 21.15 28.98
N LEU G 330 38.98 21.80 30.13
CA LEU G 330 38.78 21.13 31.42
C LEU G 330 37.33 21.23 31.86
N SER G 331 36.92 20.29 32.70
CA SER G 331 35.56 20.21 33.19
C SER G 331 35.53 20.02 34.70
N PRO G 332 34.51 20.55 35.37
CA PRO G 332 34.37 20.33 36.81
C PRO G 332 33.67 19.02 37.13
N ASN G 333 33.39 18.84 38.41
CA ASN G 333 32.68 17.66 38.91
C ASN G 333 32.17 17.94 40.31
N SER G 334 32.89 17.46 41.33
CA SER G 334 32.63 17.80 42.71
C SER G 334 33.59 18.86 43.24
N ALA G 335 34.88 18.53 43.29
CA ALA G 335 35.88 19.56 43.62
C ALA G 335 37.20 19.33 42.88
N ARG G 336 37.23 18.49 41.85
CA ARG G 336 38.42 18.25 41.06
C ARG G 336 38.18 18.73 39.63
N ILE G 337 39.27 18.85 38.88
CA ILE G 337 39.24 19.34 37.51
C ILE G 337 39.68 18.20 36.61
N VAL G 338 38.84 17.83 35.65
CA VAL G 338 39.11 16.72 34.74
C VAL G 338 39.56 17.27 33.41
N VAL G 339 40.69 16.76 32.91
CA VAL G 339 41.25 17.17 31.63
C VAL G 339 40.77 16.20 30.55
N ARG G 340 40.29 16.75 29.43
CA ARG G 340 39.79 15.94 28.33
C ARG G 340 40.35 16.32 26.97
N PHE G 341 40.83 17.55 26.78
CA PHE G 341 41.38 17.99 25.50
C PHE G 341 42.90 17.95 25.56
N TRP G 342 43.52 17.36 24.53
CA TRP G 342 44.98 17.35 24.43
C TRP G 342 45.34 17.17 22.95
N HIS G 343 45.71 18.28 22.31
CA HIS G 343 45.99 18.26 20.87
C HIS G 343 46.78 19.50 20.47
N GLU G 344 48.06 19.32 20.13
CA GLU G 344 48.90 20.46 19.77
C GLU G 344 48.47 21.09 18.46
N THR G 345 47.86 20.31 17.57
CA THR G 345 47.42 20.83 16.28
C THR G 345 46.14 21.65 16.41
N LEU H 350 46.51 26.59 12.76
CA LEU H 350 45.46 26.01 13.59
C LEU H 350 44.08 26.50 13.14
N SER H 351 44.05 27.66 12.50
CA SER H 351 42.80 28.20 11.98
C SER H 351 42.29 27.42 10.78
N GLU H 352 43.15 26.60 10.16
CA GLU H 352 42.70 25.76 9.05
C GLU H 352 41.69 24.73 9.51
N SER H 353 41.82 24.23 10.74
CA SER H 353 40.82 23.31 11.28
C SER H 353 39.48 24.01 11.47
N ILE H 354 39.50 25.25 11.98
CA ILE H 354 38.27 26.02 12.14
C ILE H 354 37.65 26.28 10.78
N ALA H 355 38.47 26.55 9.76
CA ALA H 355 37.96 26.78 8.42
C ALA H 355 37.30 25.52 7.85
N ALA H 356 37.98 24.38 7.99
CA ALA H 356 37.44 23.12 7.49
C ALA H 356 36.25 22.64 8.30
N TRP H 357 36.05 23.18 9.51
CA TRP H 357 34.88 22.85 10.31
C TRP H 357 33.70 23.75 9.99
N TYR H 358 33.95 25.02 9.67
CA TYR H 358 32.87 25.97 9.42
C TYR H 358 32.46 26.06 7.95
N ASP H 359 33.32 25.63 7.02
CA ASP H 359 32.91 25.63 5.62
C ASP H 359 31.87 24.55 5.36
N ASP H 360 31.99 23.41 6.03
CA ASP H 360 30.96 22.38 5.95
C ASP H 360 29.83 22.62 6.93
N LEU H 361 30.05 23.47 7.94
CA LEU H 361 29.00 23.77 8.91
C LEU H 361 27.81 24.48 8.27
N GLN H 362 28.02 25.12 7.12
CA GLN H 362 26.93 25.77 6.42
C GLN H 362 25.93 24.73 5.92
N MET H 363 24.65 25.00 6.08
CA MET H 363 23.59 24.09 5.67
C MET H 363 22.68 24.79 4.66
N VAL H 364 21.52 24.18 4.41
CA VAL H 364 20.58 24.75 3.45
C VAL H 364 19.87 25.95 4.06
N ARG H 365 19.20 25.75 5.21
CA ARG H 365 18.48 26.79 5.92
C ARG H 365 17.39 27.42 5.07
N GLY H 366 16.15 26.97 5.25
CA GLY H 366 15.03 27.47 4.48
C GLY H 366 14.70 28.92 4.81
N GLU H 367 13.66 29.42 4.14
CA GLU H 367 13.24 30.80 4.31
C GLU H 367 12.62 31.01 5.69
N ASN H 368 12.54 32.29 6.09
CA ASN H 368 12.00 32.75 7.36
C ASN H 368 12.39 31.85 8.54
N SER H 369 13.63 31.40 8.56
CA SER H 369 14.09 30.54 9.65
C SER H 369 14.77 31.39 10.72
N PRO H 370 14.39 31.22 12.00
CA PRO H 370 15.03 31.99 13.07
C PRO H 370 16.44 31.57 13.38
N TYR H 371 16.95 30.52 12.75
CA TYR H 371 18.30 30.02 12.99
C TYR H 371 19.31 30.81 12.16
N PRO H 372 20.41 31.27 12.74
CA PRO H 372 21.41 32.02 11.98
C PRO H 372 22.12 31.13 10.97
N GLU H 373 22.96 31.77 10.15
CA GLU H 373 23.73 31.03 9.16
C GLU H 373 24.81 30.18 9.82
N TYR H 374 25.50 30.75 10.81
CA TYR H 374 26.48 30.02 11.60
C TYR H 374 25.90 29.75 12.97
N MET H 375 25.57 28.50 13.24
CA MET H 375 24.98 28.13 14.52
C MET H 375 26.02 28.26 15.62
N PRO H 376 25.69 28.89 16.74
CA PRO H 376 26.64 28.95 17.87
C PRO H 376 27.02 27.56 18.34
N LEU H 377 28.33 27.33 18.46
CA LEU H 377 28.83 26.02 18.89
C LEU H 377 28.22 25.53 20.19
N PRO H 378 28.07 26.34 21.25
CA PRO H 378 27.30 25.87 22.41
C PRO H 378 25.86 25.51 22.06
N ARG H 379 25.17 26.39 21.33
CA ARG H 379 23.81 26.08 20.91
C ARG H 379 23.78 24.95 19.89
N LEU H 380 24.84 24.81 19.09
CA LEU H 380 24.91 23.71 18.12
C LEU H 380 25.00 22.36 18.83
N LEU H 381 25.81 22.28 19.88
CA LEU H 381 25.92 21.03 20.64
C LEU H 381 24.79 20.85 21.65
N GLY H 382 24.05 21.91 21.95
CA GLY H 382 22.92 21.79 22.85
C GLY H 382 21.76 21.01 22.28
N ASN H 383 21.75 20.77 20.97
CA ASN H 383 20.73 19.93 20.38
C ASN H 383 20.91 18.46 20.72
N LEU H 384 22.06 18.08 21.29
CA LEU H 384 22.30 16.72 21.73
C LEU H 384 21.84 16.47 23.17
N VAL H 385 21.41 17.51 23.88
CA VAL H 385 20.94 17.35 25.25
C VAL H 385 19.43 17.13 25.23
N LEU H 386 18.88 16.73 26.38
CA LEU H 386 17.44 16.46 26.45
C LEU H 386 16.65 17.76 26.46
N ASP H 387 17.02 18.70 27.34
CA ASP H 387 16.35 20.00 27.39
C ASP H 387 17.37 21.11 27.63
N GLY H 388 17.79 21.28 28.88
CA GLY H 388 18.75 22.28 29.25
C GLY H 388 20.18 21.79 29.15
N LYS H 389 21.11 22.75 29.07
CA LYS H 389 22.54 22.44 28.95
C LYS H 389 23.12 22.30 30.35
N MET H 390 22.78 21.19 31.00
CA MET H 390 23.26 20.93 32.35
C MET H 390 23.48 19.44 32.57
N GLU H 391 22.56 18.61 32.06
CA GLU H 391 22.64 17.16 32.18
C GLU H 391 22.82 16.50 30.82
N ASN H 392 24.05 16.52 30.29
CA ASN H 392 24.33 15.91 29.01
C ASN H 392 25.35 14.78 29.20
N LEU H 393 26.29 14.63 28.27
CA LEU H 393 27.27 13.54 28.28
C LEU H 393 28.66 14.13 28.01
N PRO H 394 29.33 14.68 29.03
CA PRO H 394 30.65 15.32 28.81
C PRO H 394 31.83 14.36 28.82
N SER H 395 32.03 13.67 27.69
CA SER H 395 33.17 12.77 27.52
C SER H 395 33.39 12.46 26.05
N ASP H 396 32.78 11.38 25.57
CA ASP H 396 32.85 11.01 24.16
C ASP H 396 31.97 11.90 23.28
N LEU H 397 31.22 12.83 23.88
CA LEU H 397 30.35 13.73 23.14
C LEU H 397 30.90 15.15 23.15
N ILE H 398 30.24 16.04 23.90
CA ILE H 398 30.59 17.44 23.92
C ILE H 398 32.01 17.68 24.41
N ALA H 399 32.64 16.69 25.04
CA ALA H 399 34.02 16.78 25.48
C ALA H 399 34.98 16.06 24.53
N GLN H 400 34.61 15.92 23.26
CA GLN H 400 35.49 15.30 22.27
C GLN H 400 35.05 15.71 20.86
N ILE H 401 33.77 16.08 20.71
CA ILE H 401 33.30 16.57 19.42
C ILE H 401 34.08 17.82 19.00
N THR H 402 34.12 18.82 19.88
CA THR H 402 34.87 20.02 19.57
C THR H 402 36.37 19.77 19.55
N ASP H 403 36.83 18.74 20.28
CA ASP H 403 38.24 18.34 20.20
C ASP H 403 38.59 17.92 18.78
N ALA H 404 37.82 16.98 18.21
CA ALA H 404 38.02 16.58 16.83
C ALA H 404 37.70 17.69 15.84
N ALA H 405 36.87 18.65 16.25
CA ALA H 405 36.52 19.77 15.37
C ALA H 405 37.70 20.72 15.19
N LEU H 406 38.22 21.24 16.30
CA LEU H 406 39.29 22.24 16.28
C LEU H 406 40.65 21.66 15.88
N ASN H 407 40.72 20.44 15.35
CA ASN H 407 42.01 19.86 14.96
C ASN H 407 41.94 19.09 13.65
N ASN H 408 40.84 19.19 12.90
CA ASN H 408 40.66 18.47 11.64
C ASN H 408 40.82 16.97 11.84
N ARG H 409 40.27 16.48 12.95
CA ARG H 409 40.32 15.07 13.30
C ARG H 409 38.95 14.41 13.09
N VAL H 410 38.96 13.08 13.04
CA VAL H 410 37.73 12.34 12.82
C VAL H 410 36.83 12.47 14.04
N LEU H 411 35.56 12.82 13.80
CA LEU H 411 34.62 12.99 14.89
C LEU H 411 34.29 11.63 15.52
N PRO H 412 33.93 11.62 16.81
CA PRO H 412 33.60 10.36 17.47
C PRO H 412 32.32 9.75 16.94
N VAL H 413 32.20 8.43 17.11
CA VAL H 413 30.98 7.74 16.74
C VAL H 413 29.88 7.99 17.76
N SER H 414 30.26 8.31 19.00
CA SER H 414 29.27 8.69 20.00
C SER H 414 28.48 9.92 19.56
N LEU H 415 29.09 10.79 18.76
CA LEU H 415 28.36 11.90 18.16
C LEU H 415 27.19 11.39 17.33
N LEU H 416 27.45 10.44 16.44
CA LEU H 416 26.38 9.88 15.62
C LEU H 416 25.34 9.17 16.49
N GLN H 417 25.79 8.45 17.52
CA GLN H 417 24.86 7.74 18.39
C GLN H 417 23.92 8.70 19.11
N ALA H 418 24.48 9.74 19.73
CA ALA H 418 23.65 10.71 20.44
C ALA H 418 22.77 11.51 19.48
N ALA H 419 23.25 11.78 18.27
CA ALA H 419 22.42 12.49 17.30
C ALA H 419 21.23 11.64 16.89
N LEU H 420 21.44 10.35 16.66
CA LEU H 420 20.32 9.46 16.36
C LEU H 420 19.37 9.36 17.55
N ARG H 421 19.92 9.33 18.77
CA ARG H 421 19.07 9.29 19.95
C ARG H 421 18.19 10.53 20.05
N ARG H 422 18.77 11.70 19.80
CA ARG H 422 17.98 12.94 19.88
C ARG H 422 17.00 13.06 18.72
N ASN H 423 17.34 12.53 17.54
CA ASN H 423 16.38 12.48 16.46
C ASN H 423 15.22 11.55 16.79
N LYS H 424 15.48 10.49 17.55
CA LYS H 424 14.41 9.64 18.04
C LYS H 424 13.62 10.33 19.14
N ALA H 425 14.26 11.24 19.88
CA ALA H 425 13.62 11.95 20.98
C ALA H 425 12.78 13.13 20.49
N GLU H 426 13.44 14.14 19.93
CA GLU H 426 12.72 15.30 19.41
C GLU H 426 11.84 14.97 18.21
N GLN H 427 12.06 13.83 17.56
CA GLN H 427 11.27 13.38 16.41
C GLN H 427 11.36 14.35 15.23
N LYS H 428 12.33 15.24 15.26
CA LYS H 428 12.57 16.19 14.18
C LYS H 428 13.95 16.80 14.36
N ILE H 429 14.73 16.82 13.28
CA ILE H 429 16.09 17.35 13.29
C ILE H 429 16.06 18.70 12.59
N THR H 430 16.30 19.75 13.35
CA THR H 430 16.32 21.11 12.83
C THR H 430 17.77 21.58 12.71
N TYR H 431 17.97 22.90 12.69
CA TYR H 431 19.32 23.45 12.57
C TYR H 431 20.08 23.27 13.88
N GLY H 432 20.70 22.11 14.04
CA GLY H 432 21.45 21.82 15.25
C GLY H 432 22.16 20.48 15.17
N ARG H 433 21.45 19.46 14.70
CA ARG H 433 22.06 18.15 14.48
C ARG H 433 22.39 17.89 13.02
N ALA H 434 21.70 18.57 12.09
CA ALA H 434 22.06 18.44 10.68
C ALA H 434 23.41 19.08 10.40
N SER H 435 23.67 20.23 11.02
CA SER H 435 24.97 20.89 10.94
C SER H 435 26.01 20.22 11.84
N LEU H 436 25.72 19.03 12.35
CA LEU H 436 26.65 18.29 13.19
C LEU H 436 26.74 16.81 12.85
N LEU H 437 25.73 16.22 12.19
CA LEU H 437 25.83 14.83 11.78
C LEU H 437 26.75 14.66 10.58
N LYS H 438 26.74 15.64 9.66
CA LYS H 438 27.65 15.60 8.52
C LYS H 438 29.10 15.71 8.95
N ALA H 439 29.36 16.25 10.15
CA ALA H 439 30.72 16.40 10.63
C ALA H 439 31.43 15.07 10.82
N TYR H 440 30.69 14.00 11.07
CA TYR H 440 31.29 12.68 11.24
C TYR H 440 31.58 12.00 9.91
N ILE H 441 30.64 12.09 8.97
CA ILE H 441 30.79 11.37 7.71
C ILE H 441 31.72 12.12 6.76
N ASN H 442 31.52 13.43 6.64
CA ASN H 442 32.35 14.22 5.74
C ASN H 442 33.81 14.23 6.18
N ARG H 443 34.05 14.15 7.49
CA ARG H 443 35.43 14.09 7.98
C ARG H 443 36.00 12.68 7.83
N ALA H 444 35.17 11.65 7.97
CA ALA H 444 35.63 10.29 7.78
C ALA H 444 36.02 10.04 6.32
N ILE H 445 35.26 10.60 5.38
CA ILE H 445 35.62 10.46 3.97
C ILE H 445 36.78 11.40 3.62
N ARG H 446 36.94 12.50 4.37
CA ARG H 446 38.06 13.41 4.11
C ARG H 446 39.38 12.73 4.38
N ALA H 447 39.42 11.82 5.36
CA ALA H 447 40.65 11.12 5.73
C ALA H 447 40.68 9.67 5.24
N GLY H 448 39.57 9.14 4.76
CA GLY H 448 39.51 7.76 4.32
C GLY H 448 39.52 6.78 5.48
N ARG H 449 38.35 6.32 5.89
CA ARG H 449 38.23 5.41 7.02
C ARG H 449 36.89 4.68 6.98
N LEU H 450 35.87 5.31 6.39
CA LEU H 450 34.54 4.71 6.34
C LEU H 450 34.45 3.65 5.25
N LYS H 451 33.29 3.54 4.63
CA LYS H 451 33.01 2.47 3.67
C LYS H 451 33.12 3.04 2.26
N ASN H 452 32.08 3.00 1.43
CA ASN H 452 32.17 3.42 0.04
C ASN H 452 31.52 4.76 -0.23
N MET H 453 30.74 5.30 0.71
CA MET H 453 30.10 6.58 0.50
C MET H 453 31.13 7.69 0.38
N LYS H 454 30.70 8.82 -0.18
CA LYS H 454 31.56 9.96 -0.44
C LYS H 454 31.20 11.10 0.51
N GLU H 455 31.82 12.26 0.27
CA GLU H 455 31.59 13.43 1.11
C GLU H 455 30.21 14.03 0.85
N LEU H 456 29.94 15.15 1.52
CA LEU H 456 28.66 15.83 1.43
C LEU H 456 28.91 17.31 1.15
N THR H 457 27.83 18.02 0.81
CA THR H 457 27.86 19.45 0.53
C THR H 457 26.86 20.16 1.43
N MET H 458 26.66 21.45 1.18
CA MET H 458 25.72 22.25 1.95
C MET H 458 24.32 22.28 1.34
N GLY H 459 24.19 21.99 0.05
CA GLY H 459 22.91 21.99 -0.63
C GLY H 459 22.30 20.60 -0.69
N LEU H 460 21.29 20.47 -1.55
CA LEU H 460 20.56 19.21 -1.72
C LEU H 460 21.11 18.52 -2.97
N ASP H 461 21.99 17.54 -2.75
CA ASP H 461 22.58 16.78 -3.84
C ASP H 461 21.59 15.72 -4.30
N ARG H 462 21.18 15.80 -5.57
CA ARG H 462 20.20 14.86 -6.12
C ARG H 462 20.86 13.69 -6.85
N ASN H 463 21.95 13.16 -6.29
CA ASN H 463 22.64 12.02 -6.88
C ASN H 463 23.09 11.05 -5.79
N ARG H 464 24.40 11.00 -5.57
CA ARG H 464 25.00 10.20 -4.48
C ARG H 464 24.76 8.71 -4.65
N GLN H 465 23.49 8.31 -4.82
CA GLN H 465 23.10 6.91 -5.02
C GLN H 465 23.43 6.04 -3.80
N ASP H 466 23.29 6.61 -2.60
CA ASP H 466 23.45 5.84 -1.37
C ASP H 466 22.09 5.39 -0.86
N ILE H 467 22.09 4.27 -0.15
CA ILE H 467 20.84 3.64 0.29
C ILE H 467 20.24 4.31 1.52
N GLY H 468 20.91 5.28 2.10
CA GLY H 468 20.40 5.93 3.29
C GLY H 468 19.98 7.37 3.08
N TYR H 469 20.68 8.07 2.18
CA TYR H 469 20.37 9.48 1.93
C TYR H 469 19.07 9.63 1.17
N VAL H 470 18.84 8.78 0.16
CA VAL H 470 17.61 8.86 -0.62
C VAL H 470 16.40 8.53 0.26
N LEU H 471 16.57 7.66 1.25
CA LEU H 471 15.48 7.37 2.17
C LEU H 471 15.11 8.60 2.99
N GLY H 472 16.12 9.34 3.47
CA GLY H 472 15.83 10.57 4.18
C GLY H 472 15.18 11.62 3.31
N ARG H 473 15.62 11.73 2.05
CA ARG H 473 14.98 12.65 1.12
C ARG H 473 13.52 12.27 0.90
N LEU H 474 13.25 10.98 0.71
CA LEU H 474 11.86 10.51 0.56
C LEU H 474 11.04 10.83 1.79
N PHE H 475 11.60 10.62 2.98
CA PHE H 475 10.86 10.88 4.20
C PHE H 475 10.56 12.37 4.36
N ALA H 476 11.52 13.22 4.00
CA ALA H 476 11.27 14.66 4.06
C ALA H 476 10.22 15.09 3.04
N VAL H 477 10.24 14.48 1.85
CA VAL H 477 9.22 14.78 0.86
C VAL H 477 7.84 14.40 1.39
N LEU H 478 7.73 13.22 2.02
CA LEU H 478 6.45 12.81 2.58
C LEU H 478 6.02 13.75 3.71
N GLU H 479 6.96 14.19 4.54
CA GLU H 479 6.64 15.12 5.61
C GLU H 479 6.11 16.44 5.05
N LYS H 480 6.75 16.96 4.01
CA LYS H 480 6.27 18.21 3.43
C LYS H 480 4.95 18.02 2.69
N ILE H 481 4.72 16.84 2.12
CA ILE H 481 3.41 16.55 1.53
C ILE H 481 2.32 16.58 2.59
N GLN H 482 2.60 15.97 3.74
CA GLN H 482 1.64 15.99 4.84
C GLN H 482 1.43 17.41 5.35
N ALA H 483 2.50 18.20 5.39
CA ALA H 483 2.38 19.58 5.86
C ALA H 483 1.55 20.43 4.91
N GLU H 484 1.72 20.22 3.60
CA GLU H 484 0.96 20.99 2.61
C GLU H 484 -0.48 20.52 2.53
N ALA H 485 -0.74 19.24 2.81
CA ALA H 485 -2.11 18.74 2.76
C ALA H 485 -2.95 19.31 3.88
N ASN H 486 -2.36 19.47 5.07
CA ASN H 486 -3.05 20.03 6.23
C ASN H 486 -2.16 21.08 6.88
N PRO H 487 -2.50 22.36 6.80
CA PRO H 487 -1.65 23.39 7.43
C PRO H 487 -1.50 23.23 8.93
N GLY H 488 -2.52 22.70 9.61
CA GLY H 488 -2.43 22.48 11.03
C GLY H 488 -2.90 21.08 11.38
N LEU H 489 -2.39 20.58 12.51
CA LEU H 489 -2.75 19.25 12.98
C LEU H 489 -2.45 19.10 14.47
N ASN H 490 -1.48 18.27 14.81
CA ASN H 490 -1.10 18.07 16.20
C ASN H 490 0.28 17.44 16.30
N ALA H 491 0.61 16.55 15.37
CA ALA H 491 1.90 15.88 15.33
C ALA H 491 2.15 15.41 13.91
N THR H 492 3.23 15.90 13.31
CA THR H 492 3.55 15.55 11.93
C THR H 492 3.86 14.06 11.81
N ILE H 493 3.86 13.58 10.57
CA ILE H 493 4.26 12.20 10.34
C ILE H 493 5.74 12.01 10.66
N ALA H 494 6.52 13.09 10.62
CA ALA H 494 7.88 13.05 11.14
C ALA H 494 7.86 12.75 12.63
N ASP H 495 7.08 13.51 13.40
CA ASP H 495 6.94 13.29 14.83
C ASP H 495 6.38 11.91 15.17
N ARG H 496 5.92 11.15 14.17
CA ARG H 496 5.37 9.82 14.38
C ARG H 496 6.30 8.72 13.91
N TYR H 497 7.15 8.99 12.92
CA TYR H 497 7.98 7.97 12.30
C TYR H 497 9.46 8.10 12.61
N PHE H 498 9.96 9.30 12.92
CA PHE H 498 11.39 9.56 13.01
C PHE H 498 12.09 8.70 14.05
N GLY H 499 11.32 8.03 14.90
CA GLY H 499 11.89 7.14 15.90
C GLY H 499 12.69 6.00 15.30
N SER H 500 12.16 5.37 14.24
CA SER H 500 12.83 4.26 13.61
C SER H 500 12.82 4.34 12.07
N ALA H 501 12.25 5.41 11.49
CA ALA H 501 12.25 5.53 10.05
C ALA H 501 13.63 5.85 9.51
N SER H 502 14.49 6.44 10.34
CA SER H 502 15.86 6.77 9.94
C SER H 502 16.77 5.56 10.09
N SER H 503 16.25 4.36 9.77
CA SER H 503 16.98 3.12 9.96
C SER H 503 16.28 1.95 9.31
N THR H 504 14.98 1.79 9.58
CA THR H 504 14.19 0.69 9.04
C THR H 504 13.35 1.20 7.88
N PRO H 505 13.72 0.91 6.63
CA PRO H 505 12.91 1.39 5.50
C PRO H 505 11.60 0.63 5.36
N ILE H 506 11.66 -0.69 5.30
CA ILE H 506 10.47 -1.49 5.03
C ILE H 506 9.53 -1.49 6.22
N ALA H 507 10.08 -1.40 7.43
CA ALA H 507 9.26 -1.56 8.63
C ALA H 507 8.26 -0.43 8.83
N VAL H 508 8.53 0.77 8.30
CA VAL H 508 7.64 1.90 8.44
C VAL H 508 7.15 2.42 7.10
N PHE H 509 8.02 2.47 6.09
CA PHE H 509 7.58 2.94 4.78
C PHE H 509 6.63 1.95 4.11
N GLY H 510 6.68 0.68 4.50
CA GLY H 510 5.70 -0.27 4.02
C GLY H 510 4.28 0.09 4.42
N THR H 511 4.14 0.82 5.52
CA THR H 511 2.85 1.35 5.97
C THR H 511 2.77 2.87 5.86
N LEU H 512 3.69 3.48 5.12
CA LEU H 512 3.73 4.93 4.96
C LEU H 512 3.55 5.39 3.52
N MET H 513 3.98 4.61 2.53
CA MET H 513 3.83 4.99 1.14
C MET H 513 2.38 4.97 0.67
N ARG H 514 1.46 4.48 1.50
CA ARG H 514 0.04 4.51 1.18
C ARG H 514 -0.66 5.74 1.71
N LEU H 515 0.08 6.66 2.35
CA LEU H 515 -0.49 7.83 2.99
C LEU H 515 -0.37 9.08 2.11
N LEU H 516 0.73 9.21 1.38
CA LEU H 516 0.92 10.36 0.51
C LEU H 516 -0.05 10.39 -0.67
N PRO H 517 -0.56 9.27 -1.19
CA PRO H 517 -1.62 9.39 -2.20
C PRO H 517 -2.85 10.11 -1.67
N HIS H 518 -3.35 9.72 -0.50
CA HIS H 518 -4.48 10.40 0.10
C HIS H 518 -4.13 11.83 0.51
N HIS H 519 -2.88 12.06 0.91
CA HIS H 519 -2.47 13.43 1.24
C HIS H 519 -2.52 14.34 0.01
N LEU H 520 -2.04 13.84 -1.14
CA LEU H 520 -2.13 14.59 -2.38
C LEU H 520 -3.58 14.74 -2.83
N ASN H 521 -4.42 13.74 -2.55
CA ASN H 521 -5.84 13.87 -2.87
C ASN H 521 -6.48 14.98 -2.05
N LYS H 522 -6.11 15.10 -0.77
CA LYS H 522 -6.66 16.15 0.08
C LYS H 522 -6.16 17.54 -0.29
N LEU H 523 -5.18 17.64 -1.19
CA LEU H 523 -4.69 18.94 -1.62
C LEU H 523 -5.73 19.63 -2.49
N GLU H 524 -5.97 20.91 -2.22
CA GLU H 524 -6.92 21.69 -3.01
C GLU H 524 -6.33 22.16 -4.34
N PHE H 525 -5.03 22.05 -4.52
CA PHE H 525 -4.35 22.46 -5.74
C PHE H 525 -3.67 21.25 -6.35
N GLU H 526 -4.10 20.87 -7.55
CA GLU H 526 -3.56 19.67 -8.20
C GLU H 526 -2.11 19.86 -8.65
N GLY H 527 -1.73 21.08 -9.04
CA GLY H 527 -0.37 21.31 -9.50
C GLY H 527 0.66 21.04 -8.42
N ARG H 528 0.35 21.41 -7.18
CA ARG H 528 1.25 21.12 -6.07
C ARG H 528 1.44 19.61 -5.90
N ALA H 529 0.35 18.86 -5.99
CA ALA H 529 0.45 17.39 -5.87
C ALA H 529 1.26 16.81 -7.02
N VAL H 530 1.09 17.35 -8.23
CA VAL H 530 1.85 16.85 -9.37
C VAL H 530 3.34 17.15 -9.19
N GLN H 531 3.67 18.34 -8.68
CA GLN H 531 5.07 18.67 -8.45
C GLN H 531 5.68 17.81 -7.35
N LEU H 532 4.91 17.53 -6.29
CA LEU H 532 5.40 16.65 -5.23
C LEU H 532 5.62 15.24 -5.76
N GLN H 533 4.71 14.75 -6.61
CA GLN H 533 4.90 13.44 -7.22
C GLN H 533 6.14 13.43 -8.10
N TRP H 534 6.35 14.49 -8.88
CA TRP H 534 7.53 14.57 -9.73
C TRP H 534 8.80 14.53 -8.91
N GLU H 535 8.86 15.31 -7.82
CA GLU H 535 10.09 15.35 -7.03
C GLU H 535 10.31 14.03 -6.30
N ILE H 536 9.26 13.38 -5.82
CA ILE H 536 9.46 12.11 -5.12
C ILE H 536 9.89 11.03 -6.11
N ARG H 537 9.40 11.09 -7.35
CA ARG H 537 9.86 10.13 -8.36
C ARG H 537 11.31 10.38 -8.72
N GLN H 538 11.69 11.65 -8.93
CA GLN H 538 13.08 11.98 -9.21
C GLN H 538 14.01 11.55 -8.08
N ILE H 539 13.53 11.61 -6.83
CA ILE H 539 14.35 11.19 -5.70
C ILE H 539 14.46 9.66 -5.65
N LEU H 540 13.31 8.97 -5.67
CA LEU H 540 13.32 7.52 -5.59
C LEU H 540 13.93 6.83 -6.80
N GLU H 541 14.16 7.57 -7.90
CA GLU H 541 14.87 6.99 -9.03
C GLU H 541 16.26 6.52 -8.65
N HIS H 542 16.89 7.17 -7.66
CA HIS H 542 18.22 6.76 -7.22
C HIS H 542 18.15 5.60 -6.23
N CYS H 543 17.06 5.47 -5.49
CA CYS H 543 16.92 4.37 -4.54
C CYS H 543 16.77 3.06 -5.28
N GLN H 544 17.79 2.21 -5.21
CA GLN H 544 17.74 0.94 -5.93
C GLN H 544 16.68 0.01 -5.34
N ARG H 545 16.67 -0.13 -4.02
CA ARG H 545 15.68 -0.99 -3.35
C ARG H 545 15.61 -0.58 -1.89
N PHE H 546 14.56 -1.06 -1.22
CA PHE H 546 14.40 -0.84 0.22
C PHE H 546 15.11 -1.96 0.97
N PRO H 547 16.23 -1.70 1.62
CA PRO H 547 16.95 -2.77 2.33
C PRO H 547 16.23 -3.14 3.62
N ASN H 548 16.74 -4.18 4.26
CA ASN H 548 16.18 -4.62 5.54
C ASN H 548 16.42 -3.62 6.66
N HIS H 549 17.47 -2.82 6.56
CA HIS H 549 17.80 -1.82 7.57
C HIS H 549 18.78 -0.83 6.96
N LEU H 550 19.18 0.15 7.76
CA LEU H 550 20.21 1.12 7.39
C LEU H 550 21.33 1.06 8.41
N ASN H 551 22.57 1.00 7.93
CA ASN H 551 23.72 0.93 8.81
C ASN H 551 23.88 2.22 9.59
N LEU H 552 24.72 2.16 10.63
CA LEU H 552 24.98 3.35 11.45
C LEU H 552 25.56 4.49 10.62
N GLU H 553 26.34 4.17 9.59
CA GLU H 553 26.88 5.17 8.70
C GLU H 553 25.85 5.72 7.73
N GLN H 554 24.65 5.14 7.68
CA GLN H 554 23.61 5.56 6.75
C GLN H 554 22.48 6.34 7.41
N GLN H 555 22.29 6.21 8.73
CA GLN H 555 21.23 6.94 9.41
C GLN H 555 21.54 8.43 9.48
N GLY H 556 22.81 8.77 9.67
CA GLY H 556 23.22 10.16 9.59
C GLY H 556 22.92 10.76 8.23
N LEU H 557 23.20 10.01 7.16
CA LEU H 557 22.84 10.46 5.82
C LEU H 557 21.32 10.61 5.69
N PHE H 558 20.56 9.71 6.33
CA PHE H 558 19.11 9.84 6.33
C PHE H 558 18.69 11.18 6.92
N ALA H 559 19.19 11.51 8.11
CA ALA H 559 18.81 12.76 8.75
C ALA H 559 19.27 13.98 7.95
N ILE H 560 20.46 13.89 7.34
CA ILE H 560 20.99 15.00 6.56
C ILE H 560 20.10 15.24 5.33
N GLY H 561 19.76 14.17 4.62
CA GLY H 561 18.87 14.32 3.48
C GLY H 561 17.50 14.81 3.87
N TYR H 562 17.00 14.35 5.02
CA TYR H 562 15.72 14.84 5.52
C TYR H 562 15.76 16.35 5.72
N TYR H 563 16.75 16.84 6.46
CA TYR H 563 16.85 18.27 6.69
C TYR H 563 17.06 19.03 5.39
N HIS H 564 17.84 18.48 4.47
CA HIS H 564 18.09 19.15 3.19
C HIS H 564 16.80 19.32 2.40
N GLU H 565 16.06 18.23 2.20
CA GLU H 565 14.82 18.32 1.42
C GLU H 565 13.79 19.17 2.15
N THR H 566 13.76 19.12 3.49
CA THR H 566 12.79 19.91 4.24
C THR H 566 13.06 21.40 4.05
N GLN H 567 14.30 21.83 4.25
CA GLN H 567 14.62 23.25 4.10
C GLN H 567 14.66 23.67 2.63
N PHE H 568 14.74 22.72 1.70
CA PHE H 568 14.66 23.07 0.28
C PHE H 568 13.22 23.29 -0.15
N LEU H 569 12.29 22.51 0.41
CA LEU H 569 10.88 22.69 0.10
C LEU H 569 10.25 23.85 0.86
N PHE H 570 10.94 24.40 1.85
CA PHE H 570 10.48 25.61 2.53
C PHE H 570 10.82 26.87 1.76
N THR H 571 11.47 26.76 0.61
CA THR H 571 11.82 27.93 -0.19
C THR H 571 10.56 28.55 -0.81
N LYS H 572 10.65 29.83 -1.13
CA LYS H 572 9.52 30.54 -1.72
C LYS H 572 9.18 29.97 -3.08
N ASP H 573 10.17 29.91 -3.97
CA ASP H 573 9.99 29.34 -5.32
C ASP H 573 11.20 28.46 -5.62
N ALA H 574 10.99 27.15 -5.63
CA ALA H 574 12.06 26.20 -5.90
C ALA H 574 11.50 24.91 -6.50
N LEU H 575 10.48 24.35 -5.86
CA LEU H 575 9.87 23.13 -6.37
C LEU H 575 9.23 23.37 -7.74
N LYS H 576 8.56 24.52 -7.91
CA LYS H 576 7.98 24.85 -9.20
C LYS H 576 9.06 25.06 -10.25
N ASN H 577 10.16 25.72 -9.87
CA ASN H 577 11.25 25.94 -10.81
C ASN H 577 11.88 24.63 -11.25
N LEU H 578 12.00 23.66 -10.34
CA LEU H 578 12.52 22.35 -10.71
C LEU H 578 11.53 21.57 -11.56
N PHE H 579 10.23 21.72 -11.28
CA PHE H 579 9.21 21.02 -12.07
C PHE H 579 9.04 21.62 -13.45
N ASN H 580 9.47 22.87 -13.66
CA ASN H 580 9.37 23.48 -14.99
C ASN H 580 10.16 22.68 -16.03
N GLU H 581 11.22 21.99 -15.61
CA GLU H 581 11.99 21.15 -16.51
C GLU H 581 11.69 19.66 -16.25
N ALA H 582 10.46 19.29 -16.54
CA ALA H 582 10.01 17.92 -16.35
C ALA H 582 10.00 17.17 -17.68
N GLY I 1 8.48 -15.66 -18.97
CA GLY I 1 7.78 -16.02 -17.75
C GLY I 1 6.37 -16.54 -17.99
N LEU I 2 6.28 -17.76 -18.51
CA LEU I 2 5.00 -18.39 -18.81
C LEU I 2 5.07 -19.86 -18.44
N ASP I 3 3.99 -20.37 -17.86
CA ASP I 3 3.88 -21.77 -17.45
C ASP I 3 2.61 -22.35 -18.05
N ARG I 4 2.75 -23.23 -19.03
CA ARG I 4 1.59 -23.86 -19.65
C ARG I 4 0.91 -24.84 -18.72
N ASN I 5 1.66 -25.47 -17.82
CA ASN I 5 1.12 -26.40 -16.84
C ASN I 5 0.80 -25.72 -15.51
N ARG I 6 0.10 -24.58 -15.56
CA ARG I 6 -0.22 -23.86 -14.33
C ARG I 6 -1.32 -24.57 -13.54
N GLN I 7 -2.13 -25.38 -14.21
CA GLN I 7 -3.23 -26.12 -13.58
C GLN I 7 -4.24 -25.19 -12.91
N ASP I 8 -4.30 -23.94 -13.36
CA ASP I 8 -5.25 -22.95 -12.87
C ASP I 8 -6.23 -22.60 -13.97
N ILE I 9 -7.50 -22.46 -13.60
CA ILE I 9 -8.54 -22.19 -14.60
C ILE I 9 -8.45 -20.75 -15.06
N GLY I 10 -8.20 -19.82 -14.14
CA GLY I 10 -8.10 -18.42 -14.52
C GLY I 10 -6.94 -18.16 -15.47
N TYR I 11 -5.82 -18.85 -15.27
CA TYR I 11 -4.65 -18.65 -16.12
C TYR I 11 -4.94 -19.06 -17.55
N VAL I 12 -5.52 -20.25 -17.74
CA VAL I 12 -5.81 -20.72 -19.09
C VAL I 12 -6.94 -19.91 -19.72
N LEU I 13 -7.92 -19.46 -18.92
CA LEU I 13 -8.95 -18.58 -19.44
C LEU I 13 -8.34 -17.27 -19.96
N GLY I 14 -7.42 -16.69 -19.19
CA GLY I 14 -6.77 -15.46 -19.63
C GLY I 14 -5.93 -15.68 -20.87
N ARG I 15 -5.23 -16.81 -20.96
CA ARG I 15 -4.41 -17.07 -22.13
C ARG I 15 -5.28 -17.30 -23.38
N LEU I 16 -6.44 -17.95 -23.20
CA LEU I 16 -7.38 -18.08 -24.32
C LEU I 16 -7.91 -16.72 -24.76
N PHE I 17 -8.31 -15.88 -23.81
CA PHE I 17 -8.74 -14.52 -24.14
C PHE I 17 -7.63 -13.75 -24.84
N ALA I 18 -6.37 -14.01 -24.47
CA ALA I 18 -5.25 -13.33 -25.10
C ALA I 18 -5.05 -13.76 -26.54
N VAL I 19 -5.16 -15.07 -26.80
CA VAL I 19 -5.07 -15.54 -28.18
C VAL I 19 -6.21 -14.99 -29.01
N LEU I 20 -7.40 -14.86 -28.41
CA LEU I 20 -8.53 -14.27 -29.12
C LEU I 20 -8.29 -12.80 -29.42
N GLU I 21 -7.69 -12.07 -28.47
CA GLU I 21 -7.35 -10.68 -28.72
C GLU I 21 -6.30 -10.54 -29.81
N LYS I 22 -5.33 -11.46 -29.85
CA LYS I 22 -4.35 -11.45 -30.92
C LYS I 22 -5.01 -11.75 -32.27
N ILE I 23 -5.98 -12.67 -32.28
CA ILE I 23 -6.74 -12.93 -33.51
C ILE I 23 -7.45 -11.67 -33.97
N GLN I 24 -8.11 -10.96 -33.05
CA GLN I 24 -8.81 -9.74 -33.42
C GLN I 24 -7.85 -8.67 -33.93
N ALA I 25 -6.68 -8.56 -33.31
CA ALA I 25 -5.71 -7.55 -33.72
C ALA I 25 -5.13 -7.86 -35.10
N GLU I 26 -4.89 -9.14 -35.39
CA GLU I 26 -4.36 -9.52 -36.69
C GLU I 26 -5.44 -9.71 -37.75
N ALA I 27 -6.71 -9.59 -37.39
CA ALA I 27 -7.78 -9.72 -38.38
C ALA I 27 -7.76 -8.56 -39.37
N ASN I 28 -7.50 -7.34 -38.89
CA ASN I 28 -7.45 -6.18 -39.76
C ASN I 28 -6.54 -5.13 -39.14
N PRO I 29 -5.68 -4.48 -39.91
CA PRO I 29 -4.80 -3.44 -39.34
C PRO I 29 -5.57 -2.23 -38.86
N GLY I 30 -6.37 -1.63 -39.75
CA GLY I 30 -7.16 -0.47 -39.41
C GLY I 30 -8.27 -0.76 -38.43
N LEU I 31 -7.99 -0.63 -37.14
CA LEU I 31 -8.97 -0.91 -36.09
C LEU I 31 -8.78 0.07 -34.95
N ASN I 32 -9.89 0.64 -34.46
CA ASN I 32 -9.81 1.59 -33.37
C ASN I 32 -9.75 0.90 -32.01
N ALA I 33 -10.40 -0.25 -31.87
CA ALA I 33 -10.41 -0.97 -30.61
C ALA I 33 -10.64 -2.45 -30.88
N THR I 34 -9.84 -3.29 -30.23
CA THR I 34 -9.97 -4.73 -30.37
C THR I 34 -11.11 -5.25 -29.49
N ILE I 35 -11.27 -6.58 -29.47
CA ILE I 35 -12.31 -7.17 -28.64
C ILE I 35 -11.97 -7.03 -27.16
N ALA I 36 -10.68 -7.03 -26.82
CA ALA I 36 -10.28 -6.90 -25.42
C ALA I 36 -10.54 -5.50 -24.86
N ASP I 37 -10.84 -4.53 -25.73
CA ASP I 37 -11.12 -3.18 -25.26
C ASP I 37 -12.56 -2.98 -24.83
N ARG I 38 -13.34 -4.06 -24.70
CA ARG I 38 -14.71 -3.96 -24.22
C ARG I 38 -15.12 -5.25 -23.52
N TYR I 39 -14.53 -6.38 -23.94
CA TYR I 39 -14.85 -7.68 -23.37
C TYR I 39 -14.06 -7.99 -22.11
N PHE I 40 -12.83 -7.49 -21.99
CA PHE I 40 -12.04 -7.74 -20.80
C PHE I 40 -12.67 -7.13 -19.55
N GLY I 41 -13.50 -6.10 -19.70
CA GLY I 41 -14.20 -5.52 -18.57
C GLY I 41 -15.19 -6.46 -17.92
N SER I 42 -15.72 -7.43 -18.68
CA SER I 42 -16.65 -8.41 -18.15
C SER I 42 -16.18 -9.85 -18.25
N ALA I 43 -15.17 -10.14 -19.08
CA ALA I 43 -14.64 -11.50 -19.15
C ALA I 43 -13.97 -11.89 -17.84
N SER I 44 -13.32 -10.93 -17.17
CA SER I 44 -12.71 -11.20 -15.88
C SER I 44 -13.76 -11.46 -14.80
N SER I 45 -14.97 -10.91 -14.95
CA SER I 45 -16.04 -11.15 -13.99
C SER I 45 -16.87 -12.37 -14.40
N THR I 46 -17.61 -12.24 -15.51
CA THR I 46 -18.42 -13.34 -16.04
C THR I 46 -17.83 -13.79 -17.37
N PRO I 47 -16.96 -14.80 -17.38
CA PRO I 47 -16.35 -15.23 -18.66
C PRO I 47 -17.31 -15.92 -19.59
N ILE I 48 -18.44 -16.44 -19.09
CA ILE I 48 -19.38 -17.12 -19.96
C ILE I 48 -20.11 -16.13 -20.86
N ALA I 49 -20.19 -14.86 -20.45
CA ALA I 49 -20.84 -13.83 -21.23
C ALA I 49 -19.90 -13.18 -22.24
N VAL I 50 -18.72 -13.75 -22.46
CA VAL I 50 -17.72 -13.17 -23.36
C VAL I 50 -17.12 -14.26 -24.23
N PHE I 51 -16.67 -15.36 -23.60
CA PHE I 51 -15.92 -16.37 -24.33
C PHE I 51 -16.78 -17.12 -25.34
N GLY I 52 -18.07 -17.32 -25.04
CA GLY I 52 -18.94 -17.94 -26.01
C GLY I 52 -19.04 -17.13 -27.29
N THR I 53 -19.30 -15.83 -27.15
CA THR I 53 -19.37 -14.95 -28.32
C THR I 53 -18.03 -14.89 -29.04
N LEU I 54 -16.93 -14.85 -28.29
CA LEU I 54 -15.61 -14.78 -28.92
C LEU I 54 -15.31 -16.04 -29.73
N MET I 55 -15.64 -17.21 -29.17
CA MET I 55 -15.41 -18.46 -29.91
C MET I 55 -16.34 -18.59 -31.10
N ARG I 56 -17.59 -18.10 -30.99
CA ARG I 56 -18.48 -18.15 -32.14
C ARG I 56 -18.12 -17.13 -33.21
N LEU I 57 -17.37 -16.08 -32.85
CA LEU I 57 -16.92 -15.10 -33.83
C LEU I 57 -15.56 -15.44 -34.42
N LEU I 58 -14.78 -16.27 -33.73
CA LEU I 58 -13.47 -16.69 -34.24
C LEU I 58 -13.50 -17.25 -35.66
N PRO I 59 -14.49 -18.06 -36.08
CA PRO I 59 -14.50 -18.52 -37.48
C PRO I 59 -14.51 -17.39 -38.49
N HIS I 60 -15.28 -16.33 -38.25
CA HIS I 60 -15.32 -15.21 -39.19
C HIS I 60 -13.96 -14.51 -39.25
N HIS I 61 -13.32 -14.31 -38.10
CA HIS I 61 -11.99 -13.70 -38.09
C HIS I 61 -10.99 -14.56 -38.83
N LEU I 62 -11.04 -15.88 -38.64
CA LEU I 62 -10.14 -16.77 -39.36
C LEU I 62 -10.40 -16.72 -40.86
N ASN I 63 -11.67 -16.56 -41.25
CA ASN I 63 -12.00 -16.46 -42.67
C ASN I 63 -11.47 -15.17 -43.27
N LYS I 64 -11.54 -14.06 -42.53
CA LYS I 64 -11.07 -12.78 -43.03
C LYS I 64 -9.61 -12.50 -42.67
N LEU I 65 -8.83 -13.55 -42.41
CA LEU I 65 -7.41 -13.38 -42.10
C LEU I 65 -6.58 -13.21 -43.35
N GLU I 66 -5.34 -13.69 -43.32
CA GLU I 66 -4.43 -13.58 -44.47
C GLU I 66 -3.56 -14.79 -44.69
N PHE I 67 -3.47 -15.73 -43.75
CA PHE I 67 -2.64 -16.92 -43.92
C PHE I 67 -3.27 -18.05 -43.11
N GLU I 68 -3.45 -19.21 -43.76
CA GLU I 68 -4.11 -20.32 -43.11
C GLU I 68 -3.20 -21.01 -42.09
N GLY I 69 -1.88 -21.02 -42.35
CA GLY I 69 -0.97 -21.64 -41.40
C GLY I 69 -0.96 -20.95 -40.06
N ARG I 70 -0.99 -19.61 -40.06
CA ARG I 70 -1.06 -18.87 -38.81
C ARG I 70 -2.35 -19.18 -38.07
N ALA I 71 -3.46 -19.31 -38.80
CA ALA I 71 -4.73 -19.66 -38.18
C ALA I 71 -4.67 -21.05 -37.54
N VAL I 72 -4.04 -22.01 -38.23
CA VAL I 72 -3.91 -23.35 -37.69
C VAL I 72 -3.05 -23.32 -36.43
N GLN I 73 -1.94 -22.59 -36.45
CA GLN I 73 -1.09 -22.48 -35.27
C GLN I 73 -1.86 -21.87 -34.10
N LEU I 74 -2.63 -20.81 -34.36
CA LEU I 74 -3.32 -20.12 -33.28
C LEU I 74 -4.46 -20.97 -32.73
N GLN I 75 -5.16 -21.73 -33.59
CA GLN I 75 -6.22 -22.60 -33.08
C GLN I 75 -5.64 -23.78 -32.31
N TRP I 76 -4.48 -24.30 -32.73
CA TRP I 76 -3.81 -25.33 -31.94
C TRP I 76 -3.38 -24.79 -30.59
N GLU I 77 -2.88 -23.56 -30.55
CA GLU I 77 -2.54 -22.93 -29.28
C GLU I 77 -3.78 -22.77 -28.41
N ILE I 78 -4.90 -22.35 -28.99
CA ILE I 78 -6.15 -22.22 -28.25
C ILE I 78 -6.57 -23.56 -27.65
N ARG I 79 -6.46 -24.62 -28.43
CA ARG I 79 -6.83 -25.94 -27.94
C ARG I 79 -5.95 -26.37 -26.78
N GLN I 80 -4.63 -26.28 -26.96
CA GLN I 80 -3.71 -26.67 -25.89
C GLN I 80 -3.81 -25.77 -24.67
N ILE I 81 -4.32 -24.55 -24.83
CA ILE I 81 -4.49 -23.66 -23.69
C ILE I 81 -5.74 -24.03 -22.91
N LEU I 82 -6.89 -24.11 -23.59
CA LEU I 82 -8.15 -24.36 -22.89
C LEU I 82 -8.41 -25.84 -22.62
N GLU I 83 -7.47 -26.73 -22.98
CA GLU I 83 -7.61 -28.13 -22.59
C GLU I 83 -7.78 -28.29 -21.08
N HIS I 84 -7.19 -27.39 -20.29
CA HIS I 84 -7.28 -27.46 -18.84
C HIS I 84 -8.60 -26.96 -18.29
N CYS I 85 -9.46 -26.35 -19.12
CA CYS I 85 -10.73 -25.81 -18.64
C CYS I 85 -11.72 -26.94 -18.37
N GLN I 86 -11.83 -27.36 -17.11
CA GLN I 86 -12.72 -28.46 -16.76
C GLN I 86 -14.19 -28.04 -16.77
N ARG I 87 -14.48 -26.79 -16.42
CA ARG I 87 -15.87 -26.33 -16.37
C ARG I 87 -15.87 -24.81 -16.29
N PHE I 88 -16.74 -24.18 -17.08
CA PHE I 88 -16.93 -22.74 -16.98
C PHE I 88 -17.69 -22.42 -15.71
N PRO I 89 -17.10 -21.71 -14.76
CA PRO I 89 -17.79 -21.43 -13.49
C PRO I 89 -18.81 -20.32 -13.63
N ASN I 90 -19.71 -20.28 -12.65
CA ASN I 90 -20.73 -19.23 -12.64
C ASN I 90 -20.11 -17.88 -12.31
N HIS I 91 -19.24 -17.83 -11.31
CA HIS I 91 -18.55 -16.61 -10.93
C HIS I 91 -17.07 -16.90 -10.73
N LEU I 92 -16.23 -15.95 -11.14
CA LEU I 92 -14.78 -16.07 -11.02
C LEU I 92 -14.33 -15.43 -9.71
N ASN I 93 -13.49 -16.15 -8.97
CA ASN I 93 -12.91 -15.59 -7.75
C ASN I 93 -11.94 -14.48 -8.11
N LEU I 94 -11.76 -13.54 -7.17
CA LEU I 94 -10.89 -12.40 -7.43
C LEU I 94 -9.44 -12.82 -7.62
N GLU I 95 -8.99 -13.85 -6.90
CA GLU I 95 -7.68 -14.43 -7.16
C GLU I 95 -7.63 -15.00 -8.58
N GLN I 96 -8.66 -15.76 -8.96
CA GLN I 96 -8.75 -16.25 -10.32
C GLN I 96 -8.92 -15.10 -11.31
N GLN I 97 -9.60 -14.03 -10.90
CA GLN I 97 -9.76 -12.87 -11.77
C GLN I 97 -8.42 -12.19 -12.05
N GLY I 98 -7.53 -12.18 -11.06
CA GLY I 98 -6.21 -11.62 -11.26
C GLY I 98 -5.32 -12.53 -12.09
N LEU I 99 -5.40 -13.83 -11.81
CA LEU I 99 -4.67 -14.80 -12.63
C LEU I 99 -5.13 -14.75 -14.08
N PHE I 100 -6.40 -14.38 -14.31
CA PHE I 100 -6.90 -14.20 -15.66
C PHE I 100 -6.08 -13.16 -16.41
N ALA I 101 -5.95 -11.96 -15.83
CA ALA I 101 -5.17 -10.91 -16.47
C ALA I 101 -3.69 -11.29 -16.56
N ILE I 102 -3.18 -11.99 -15.54
CA ILE I 102 -1.79 -12.43 -15.58
C ILE I 102 -1.54 -13.31 -16.80
N GLY I 103 -2.35 -14.35 -16.97
CA GLY I 103 -2.20 -15.23 -18.12
C GLY I 103 -2.47 -14.52 -19.43
N TYR I 104 -3.42 -13.59 -19.43
CA TYR I 104 -3.72 -12.82 -20.63
C TYR I 104 -2.49 -12.06 -21.11
N TYR I 105 -1.88 -11.27 -20.22
CA TYR I 105 -0.71 -10.50 -20.65
C TYR I 105 0.49 -11.38 -20.90
N HIS I 106 0.62 -12.50 -20.18
CA HIS I 106 1.70 -13.44 -20.48
C HIS I 106 1.57 -13.99 -21.90
N GLU I 107 0.36 -14.42 -22.28
CA GLU I 107 0.17 -14.99 -23.60
C GLU I 107 0.32 -13.93 -24.69
N THR I 108 -0.14 -12.70 -24.43
CA THR I 108 0.06 -11.65 -25.42
C THR I 108 1.54 -11.34 -25.62
N GLN I 109 2.32 -11.30 -24.52
CA GLN I 109 3.75 -11.07 -24.65
C GLN I 109 4.43 -12.23 -25.37
N PHE I 110 3.97 -13.46 -25.12
CA PHE I 110 4.56 -14.61 -25.79
C PHE I 110 4.26 -14.59 -27.29
N LEU I 111 3.03 -14.20 -27.66
CA LEU I 111 2.66 -14.17 -29.07
C LEU I 111 3.35 -13.03 -29.81
N PHE I 112 3.26 -11.81 -29.29
CA PHE I 112 3.87 -10.67 -29.96
C PHE I 112 5.39 -10.73 -29.88
N THR I 113 6.00 -11.63 -30.63
CA THR I 113 7.45 -11.75 -30.69
C THR I 113 7.93 -11.89 -32.13
N LYS I 114 8.65 -12.98 -32.41
CA LYS I 114 9.15 -13.23 -33.77
C LYS I 114 8.90 -14.67 -34.18
N ASP I 115 9.73 -15.62 -33.73
CA ASP I 115 9.57 -17.04 -34.05
C ASP I 115 9.51 -17.80 -32.73
N ALA I 116 8.31 -18.00 -32.20
CA ALA I 116 8.13 -18.69 -30.93
C ALA I 116 6.99 -19.70 -31.00
N LEU I 117 5.86 -19.29 -31.59
CA LEU I 117 4.72 -20.18 -31.70
C LEU I 117 5.03 -21.36 -32.61
N LYS I 118 5.64 -21.10 -33.77
CA LYS I 118 6.00 -22.18 -34.67
C LYS I 118 7.07 -23.09 -34.06
N ASN I 119 8.02 -22.50 -33.32
CA ASN I 119 9.04 -23.29 -32.65
C ASN I 119 8.43 -24.20 -31.60
N LEU I 120 7.43 -23.70 -30.86
CA LEU I 120 6.76 -24.52 -29.87
C LEU I 120 5.92 -25.61 -30.54
N PHE I 121 5.30 -25.29 -31.68
CA PHE I 121 4.51 -26.28 -32.40
C PHE I 121 5.38 -27.33 -33.08
N ASN I 122 6.67 -27.05 -33.30
CA ASN I 122 7.55 -28.04 -33.91
C ASN I 122 7.64 -29.31 -33.09
N GLU I 123 7.47 -29.22 -31.77
CA GLU I 123 7.48 -30.39 -30.90
C GLU I 123 6.04 -30.79 -30.54
N ALA I 124 5.34 -31.29 -31.56
CA ALA I 124 3.96 -31.72 -31.39
C ALA I 124 3.56 -32.70 -32.50
N GLY J 1 17.50 4.97 -12.84
CA GLY J 1 17.64 3.87 -11.89
C GLY J 1 16.49 2.89 -11.93
N LEU J 2 16.46 2.08 -12.99
CA LEU J 2 15.42 1.07 -13.15
C LEU J 2 16.05 -0.19 -13.71
N ASP J 3 15.58 -1.34 -13.24
CA ASP J 3 16.05 -2.65 -13.68
C ASP J 3 14.85 -3.50 -14.07
N ARG J 4 14.70 -3.75 -15.37
CA ARG J 4 13.58 -4.55 -15.83
C ARG J 4 13.74 -6.02 -15.45
N ASN J 5 14.99 -6.49 -15.35
CA ASN J 5 15.28 -7.87 -14.94
C ASN J 5 15.52 -8.00 -13.45
N ARG J 6 14.64 -7.41 -12.63
CA ARG J 6 14.82 -7.47 -11.18
C ARG J 6 14.51 -8.86 -10.64
N GLN J 7 13.70 -9.64 -11.36
CA GLN J 7 13.31 -10.99 -10.95
C GLN J 7 12.59 -10.99 -9.60
N ASP J 8 11.99 -9.86 -9.23
CA ASP J 8 11.22 -9.73 -8.00
C ASP J 8 9.76 -9.50 -8.35
N ILE J 9 8.86 -10.16 -7.60
CA ILE J 9 7.44 -10.06 -7.90
C ILE J 9 6.90 -8.70 -7.47
N GLY J 10 7.35 -8.19 -6.32
CA GLY J 10 6.89 -6.90 -5.86
C GLY J 10 7.27 -5.77 -6.80
N TYR J 11 8.47 -5.86 -7.38
CA TYR J 11 8.95 -4.81 -8.28
C TYR J 11 8.07 -4.73 -9.53
N VAL J 12 7.81 -5.88 -10.16
CA VAL J 12 6.99 -5.87 -11.37
C VAL J 12 5.54 -5.54 -11.05
N LEU J 13 5.04 -5.96 -9.88
CA LEU J 13 3.70 -5.56 -9.48
C LEU J 13 3.61 -4.05 -9.33
N GLY J 14 4.60 -3.43 -8.69
CA GLY J 14 4.60 -1.98 -8.55
C GLY J 14 4.70 -1.27 -9.88
N ARG J 15 5.53 -1.79 -10.79
CA ARG J 15 5.65 -1.16 -12.11
C ARG J 15 4.36 -1.29 -12.91
N LEU J 16 3.67 -2.41 -12.79
CA LEU J 16 2.36 -2.56 -13.42
C LEU J 16 1.36 -1.56 -12.85
N PHE J 17 1.31 -1.46 -11.52
CA PHE J 17 0.43 -0.47 -10.88
C PHE J 17 0.79 0.94 -11.33
N ALA J 18 2.08 1.21 -11.58
CA ALA J 18 2.50 2.53 -12.02
C ALA J 18 2.04 2.82 -13.44
N VAL J 19 2.14 1.84 -14.33
CA VAL J 19 1.64 2.05 -15.69
C VAL J 19 0.13 2.23 -15.67
N LEU J 20 -0.56 1.52 -14.77
CA LEU J 20 -2.01 1.72 -14.64
C LEU J 20 -2.33 3.12 -14.12
N GLU J 21 -1.55 3.62 -13.16
CA GLU J 21 -1.75 4.98 -12.68
C GLU J 21 -1.49 6.00 -13.78
N LYS J 22 -0.47 5.77 -14.60
CA LYS J 22 -0.21 6.65 -15.74
C LYS J 22 -1.38 6.62 -16.71
N ILE J 23 -1.94 5.43 -16.95
CA ILE J 23 -3.13 5.32 -17.81
C ILE J 23 -4.27 6.15 -17.25
N GLN J 24 -4.52 6.04 -15.94
CA GLN J 24 -5.60 6.80 -15.33
C GLN J 24 -5.33 8.30 -15.41
N ALA J 25 -4.08 8.72 -15.24
CA ALA J 25 -3.76 10.15 -15.28
C ALA J 25 -3.91 10.70 -16.69
N GLU J 26 -3.55 9.91 -17.70
CA GLU J 26 -3.67 10.34 -19.09
C GLU J 26 -5.07 10.15 -19.66
N ALA J 27 -5.95 9.44 -18.94
CA ALA J 27 -7.29 9.20 -19.45
C ALA J 27 -8.08 10.51 -19.56
N ASN J 28 -7.92 11.41 -18.59
CA ASN J 28 -8.63 12.69 -18.62
C ASN J 28 -7.83 13.71 -17.84
N PRO J 29 -7.68 14.94 -18.34
CA PRO J 29 -6.94 15.96 -17.59
C PRO J 29 -7.63 16.37 -16.30
N GLY J 30 -8.89 16.79 -16.41
CA GLY J 30 -9.66 17.21 -15.25
C GLY J 30 -10.00 16.05 -14.32
N LEU J 31 -9.14 15.81 -13.34
CA LEU J 31 -9.34 14.72 -12.39
C LEU J 31 -8.84 15.15 -11.02
N ASN J 32 -9.65 14.87 -9.99
CA ASN J 32 -9.26 15.24 -8.63
C ASN J 32 -8.34 14.21 -7.99
N ALA J 33 -8.51 12.93 -8.32
CA ALA J 33 -7.69 11.88 -7.75
C ALA J 33 -7.64 10.71 -8.72
N THR J 34 -6.43 10.18 -8.94
CA THR J 34 -6.24 9.04 -9.82
C THR J 34 -6.60 7.75 -9.08
N ILE J 35 -6.39 6.62 -9.75
CA ILE J 35 -6.66 5.32 -9.12
C ILE J 35 -5.67 5.03 -8.02
N ALA J 36 -4.43 5.53 -8.14
CA ALA J 36 -3.42 5.28 -7.12
C ALA J 36 -3.70 6.05 -5.84
N ASP J 37 -4.63 7.00 -5.86
CA ASP J 37 -4.96 7.76 -4.66
C ASP J 37 -5.99 7.06 -3.78
N ARG J 38 -6.28 5.79 -4.04
CA ARG J 38 -7.18 5.01 -3.20
C ARG J 38 -6.83 3.54 -3.26
N TYR J 39 -6.28 3.10 -4.39
CA TYR J 39 -5.92 1.69 -4.57
C TYR J 39 -4.55 1.35 -4.02
N PHE J 40 -3.61 2.29 -4.03
CA PHE J 40 -2.27 2.01 -3.49
C PHE J 40 -2.31 1.71 -2.00
N GLY J 41 -3.33 2.18 -1.29
CA GLY J 41 -3.47 1.87 0.12
C GLY J 41 -3.72 0.40 0.39
N SER J 42 -4.29 -0.33 -0.56
CA SER J 42 -4.54 -1.75 -0.41
C SER J 42 -3.84 -2.62 -1.45
N ALA J 43 -3.36 -2.04 -2.56
CA ALA J 43 -2.62 -2.83 -3.53
C ALA J 43 -1.29 -3.32 -2.94
N SER J 44 -0.66 -2.50 -2.10
CA SER J 44 0.57 -2.91 -1.44
C SER J 44 0.33 -4.03 -0.43
N SER J 45 -0.87 -4.13 0.13
CA SER J 45 -1.21 -5.19 1.06
C SER J 45 -1.80 -6.40 0.32
N THR J 46 -2.99 -6.24 -0.24
CA THR J 46 -3.65 -7.30 -1.01
C THR J 46 -3.73 -6.85 -2.47
N PRO J 47 -2.77 -7.23 -3.31
CA PRO J 47 -2.82 -6.78 -4.71
C PRO J 47 -3.91 -7.45 -5.53
N ILE J 48 -4.45 -8.58 -5.09
CA ILE J 48 -5.49 -9.24 -5.85
C ILE J 48 -6.81 -8.46 -5.77
N ALA J 49 -6.98 -7.67 -4.71
CA ALA J 49 -8.18 -6.86 -4.53
C ALA J 49 -8.08 -5.51 -5.24
N VAL J 50 -7.08 -5.31 -6.09
CA VAL J 50 -6.87 -4.04 -6.76
C VAL J 50 -6.55 -4.27 -8.23
N PHE J 51 -5.58 -5.15 -8.49
CA PHE J 51 -5.09 -5.32 -9.86
C PHE J 51 -6.12 -5.94 -10.78
N GLY J 52 -6.97 -6.83 -10.27
CA GLY J 52 -8.03 -7.37 -11.09
C GLY J 52 -8.98 -6.30 -11.59
N THR J 53 -9.44 -5.43 -10.68
CA THR J 53 -10.32 -4.34 -11.07
C THR J 53 -9.61 -3.37 -12.00
N LEU J 54 -8.32 -3.09 -11.74
CA LEU J 54 -7.59 -2.16 -12.59
C LEU J 54 -7.43 -2.71 -14.01
N MET J 55 -7.12 -4.00 -14.14
CA MET J 55 -6.99 -4.60 -15.46
C MET J 55 -8.34 -4.70 -16.17
N ARG J 56 -9.42 -4.94 -15.43
CA ARG J 56 -10.73 -4.98 -16.07
C ARG J 56 -11.21 -3.59 -16.48
N LEU J 57 -10.72 -2.55 -15.80
CA LEU J 57 -11.09 -1.18 -16.14
C LEU J 57 -10.20 -0.57 -17.21
N LEU J 58 -8.99 -1.11 -17.37
CA LEU J 58 -8.08 -0.61 -18.41
C LEU J 58 -8.68 -0.53 -19.81
N PRO J 59 -9.51 -1.49 -20.28
CA PRO J 59 -10.11 -1.31 -21.61
C PRO J 59 -10.92 -0.04 -21.75
N HIS J 60 -11.70 0.32 -20.73
CA HIS J 60 -12.49 1.55 -20.82
C HIS J 60 -11.61 2.78 -20.89
N HIS J 61 -10.53 2.80 -20.10
CA HIS J 61 -9.59 3.93 -20.15
C HIS J 61 -8.93 4.02 -21.51
N LEU J 62 -8.54 2.88 -22.08
CA LEU J 62 -7.94 2.89 -23.43
C LEU J 62 -8.95 3.37 -24.47
N ASN J 63 -10.22 3.04 -24.28
CA ASN J 63 -11.25 3.49 -25.22
C ASN J 63 -11.45 5.00 -25.12
N LYS J 64 -11.41 5.55 -23.91
CA LYS J 64 -11.60 6.98 -23.71
C LYS J 64 -10.29 7.76 -23.74
N LEU J 65 -9.25 7.23 -24.37
CA LEU J 65 -7.97 7.92 -24.46
C LEU J 65 -7.98 8.94 -25.59
N GLU J 66 -6.82 9.13 -26.23
CA GLU J 66 -6.70 10.10 -27.32
C GLU J 66 -5.79 9.64 -28.44
N PHE J 67 -4.99 8.59 -28.27
CA PHE J 67 -4.09 8.12 -29.31
C PHE J 67 -3.90 6.62 -29.15
N GLU J 68 -4.10 5.86 -30.23
CA GLU J 68 -4.02 4.41 -30.15
C GLU J 68 -2.58 3.93 -30.03
N GLY J 69 -1.63 4.65 -30.63
CA GLY J 69 -0.24 4.24 -30.53
C GLY J 69 0.29 4.28 -29.12
N ARG J 70 -0.07 5.32 -28.37
CA ARG J 70 0.31 5.39 -26.96
C ARG J 70 -0.28 4.25 -26.17
N ALA J 71 -1.54 3.88 -26.47
CA ALA J 71 -2.17 2.75 -25.79
C ALA J 71 -1.44 1.45 -26.10
N VAL J 72 -1.04 1.26 -27.36
CA VAL J 72 -0.31 0.06 -27.74
C VAL J 72 1.04 0.00 -27.01
N GLN J 73 1.74 1.14 -26.96
CA GLN J 73 3.02 1.18 -26.26
C GLN J 73 2.84 0.85 -24.78
N LEU J 74 1.81 1.42 -24.15
CA LEU J 74 1.61 1.20 -22.72
C LEU J 74 1.17 -0.22 -22.42
N GLN J 75 0.36 -0.83 -23.29
CA GLN J 75 -0.02 -2.21 -23.05
C GLN J 75 1.14 -3.16 -23.30
N TRP J 76 2.01 -2.86 -24.27
CA TRP J 76 3.22 -3.64 -24.46
C TRP J 76 4.14 -3.53 -23.24
N GLU J 77 4.25 -2.33 -22.67
CA GLU J 77 5.02 -2.16 -21.45
C GLU J 77 4.41 -2.96 -20.30
N ILE J 78 3.08 -2.95 -20.18
CA ILE J 78 2.41 -3.72 -19.14
C ILE J 78 2.70 -5.20 -19.30
N ARG J 79 2.65 -5.71 -20.54
CA ARG J 79 2.95 -7.11 -20.80
C ARG J 79 4.37 -7.45 -20.39
N GLN J 80 5.35 -6.69 -20.89
CA GLN J 80 6.74 -6.96 -20.58
C GLN J 80 7.06 -6.76 -19.10
N ILE J 81 6.25 -5.98 -18.39
CA ILE J 81 6.47 -5.81 -16.96
C ILE J 81 5.93 -7.00 -16.17
N LEU J 82 4.67 -7.35 -16.40
CA LEU J 82 4.05 -8.42 -15.61
C LEU J 82 4.36 -9.82 -16.15
N GLU J 83 5.17 -9.93 -17.21
CA GLU J 83 5.61 -11.25 -17.65
C GLU J 83 6.29 -12.03 -16.53
N HIS J 84 6.95 -11.34 -15.60
CA HIS J 84 7.64 -12.00 -14.49
C HIS J 84 6.70 -12.45 -13.39
N CYS J 85 5.42 -12.06 -13.42
CA CYS J 85 4.48 -12.44 -12.36
C CYS J 85 4.09 -13.90 -12.47
N GLN J 86 4.76 -14.77 -11.70
CA GLN J 86 4.49 -16.19 -11.79
C GLN J 86 3.18 -16.57 -11.11
N ARG J 87 2.79 -15.87 -10.05
CA ARG J 87 1.56 -16.18 -9.32
C ARG J 87 1.22 -15.01 -8.41
N PHE J 88 -0.05 -14.63 -8.40
CA PHE J 88 -0.54 -13.63 -7.45
C PHE J 88 -0.59 -14.23 -6.05
N PRO J 89 0.22 -13.74 -5.12
CA PRO J 89 0.23 -14.34 -3.78
C PRO J 89 -0.97 -13.90 -2.95
N ASN J 90 -1.22 -14.68 -1.89
CA ASN J 90 -2.31 -14.34 -0.97
C ASN J 90 -1.98 -13.10 -0.16
N HIS J 91 -0.76 -13.04 0.37
CA HIS J 91 -0.29 -11.89 1.14
C HIS J 91 1.08 -11.47 0.62
N LEU J 92 1.32 -10.16 0.62
CA LEU J 92 2.60 -9.61 0.20
C LEU J 92 3.48 -9.38 1.43
N ASN J 93 4.74 -9.83 1.34
CA ASN J 93 5.69 -9.57 2.40
C ASN J 93 6.02 -8.08 2.47
N LEU J 94 6.41 -7.62 3.65
CA LEU J 94 6.70 -6.20 3.83
C LEU J 94 7.90 -5.76 3.00
N GLU J 95 8.90 -6.64 2.84
CA GLU J 95 9.99 -6.35 1.90
C GLU J 95 9.45 -6.24 0.49
N GLN J 96 8.60 -7.19 0.07
CA GLN J 96 7.95 -7.10 -1.22
C GLN J 96 7.01 -5.90 -1.28
N GLN J 97 6.40 -5.53 -0.15
CA GLN J 97 5.52 -4.37 -0.13
C GLN J 97 6.30 -3.08 -0.37
N GLY J 98 7.53 -3.02 0.12
CA GLY J 98 8.38 -1.87 -0.13
C GLY J 98 8.92 -1.85 -1.54
N LEU J 99 9.33 -3.02 -2.04
CA LEU J 99 9.74 -3.12 -3.43
C LEU J 99 8.61 -2.75 -4.37
N PHE J 100 7.37 -2.98 -3.95
CA PHE J 100 6.21 -2.56 -4.75
C PHE J 100 6.23 -1.06 -4.98
N ALA J 101 6.34 -0.27 -3.91
CA ALA J 101 6.38 1.18 -4.06
C ALA J 101 7.64 1.63 -4.79
N ILE J 102 8.76 0.94 -4.56
CA ILE J 102 9.99 1.27 -5.27
C ILE J 102 9.80 1.16 -6.77
N GLY J 103 9.31 0.01 -7.23
CA GLY J 103 9.07 -0.18 -8.65
C GLY J 103 7.99 0.75 -9.19
N TYR J 104 6.98 1.04 -8.37
CA TYR J 104 5.92 1.96 -8.78
C TYR J 104 6.49 3.33 -9.10
N TYR J 105 7.25 3.92 -8.16
CA TYR J 105 7.79 5.24 -8.41
C TYR J 105 8.88 5.22 -9.48
N HIS J 106 9.63 4.14 -9.59
CA HIS J 106 10.60 4.01 -10.67
C HIS J 106 9.91 4.06 -12.04
N GLU J 107 8.83 3.29 -12.19
CA GLU J 107 8.14 3.25 -13.48
C GLU J 107 7.43 4.57 -13.77
N THR J 108 6.89 5.22 -12.73
CA THR J 108 6.27 6.53 -12.96
C THR J 108 7.30 7.56 -13.40
N GLN J 109 8.49 7.55 -12.77
CA GLN J 109 9.55 8.47 -13.19
C GLN J 109 10.03 8.16 -14.60
N PHE J 110 10.09 6.88 -14.96
CA PHE J 110 10.53 6.51 -16.30
C PHE J 110 9.51 6.94 -17.34
N LEU J 111 8.21 6.80 -17.03
CA LEU J 111 7.18 7.18 -17.99
C LEU J 111 7.07 8.70 -18.14
N PHE J 112 6.95 9.42 -17.02
CA PHE J 112 6.82 10.87 -17.08
C PHE J 112 8.13 11.53 -17.52
N THR J 113 8.46 11.40 -18.80
CA THR J 113 9.67 12.02 -19.35
C THR J 113 9.36 12.69 -20.68
N LYS J 114 10.06 12.28 -21.74
CA LYS J 114 9.85 12.84 -23.08
C LYS J 114 9.80 11.75 -24.12
N ASP J 115 10.95 11.23 -24.57
CA ASP J 115 11.01 10.14 -25.55
C ASP J 115 11.84 9.01 -24.94
N ALA J 116 11.17 8.08 -24.28
CA ALA J 116 11.85 6.96 -23.63
C ALA J 116 11.13 5.65 -23.90
N LEU J 117 9.80 5.65 -23.78
CA LEU J 117 9.04 4.43 -24.01
C LEU J 117 9.12 4.00 -25.47
N LYS J 118 8.96 4.94 -26.40
CA LYS J 118 9.07 4.62 -27.82
C LYS J 118 10.49 4.17 -28.17
N ASN J 119 11.49 4.82 -27.57
CA ASN J 119 12.89 4.43 -27.82
C ASN J 119 13.16 3.02 -27.32
N LEU J 120 12.58 2.65 -26.17
CA LEU J 120 12.74 1.29 -25.66
C LEU J 120 11.99 0.29 -26.51
N PHE J 121 10.82 0.67 -27.03
CA PHE J 121 10.05 -0.21 -27.91
C PHE J 121 10.68 -0.36 -29.28
N ASN J 122 11.56 0.57 -29.69
CA ASN J 122 12.22 0.45 -30.98
C ASN J 122 13.04 -0.83 -31.09
N GLU J 123 13.54 -1.34 -29.96
CA GLU J 123 14.30 -2.59 -29.95
C GLU J 123 13.41 -3.74 -29.48
N ALA J 124 12.43 -4.08 -30.30
CA ALA J 124 11.50 -5.15 -30.00
C ALA J 124 10.85 -5.70 -31.28
N THR L 1 51.24 -24.98 44.39
CA THR L 1 51.53 -23.80 43.58
C THR L 1 51.75 -24.18 42.12
N ILE L 2 51.20 -23.38 41.21
CA ILE L 2 51.35 -23.65 39.79
C ILE L 2 52.74 -23.25 39.32
N GLU L 3 53.26 -23.99 38.33
CA GLU L 3 54.58 -23.73 37.77
C GLU L 3 54.50 -23.56 36.26
N LYS L 4 53.34 -23.16 35.74
CA LYS L 4 53.13 -23.03 34.31
C LYS L 4 52.61 -21.64 33.98
N ARG L 5 52.88 -21.21 32.74
CA ARG L 5 52.38 -19.96 32.22
C ARG L 5 51.05 -20.20 31.51
N TYR L 6 50.07 -19.33 31.78
CA TYR L 6 48.73 -19.46 31.23
C TYR L 6 48.36 -18.18 30.49
N ASP L 7 47.86 -18.32 29.26
CA ASP L 7 47.35 -17.19 28.50
C ASP L 7 45.93 -17.54 28.06
N PHE L 8 44.94 -16.84 28.61
CA PHE L 8 43.54 -17.17 28.33
C PHE L 8 42.89 -16.01 27.59
N VAL L 9 42.32 -16.33 26.42
CA VAL L 9 41.51 -15.39 25.66
C VAL L 9 40.05 -15.68 25.99
N PHE L 10 39.40 -14.70 26.62
CA PHE L 10 38.05 -14.85 27.15
C PHE L 10 37.09 -14.06 26.25
N LEU L 11 36.18 -14.78 25.59
CA LEU L 11 35.17 -14.19 24.72
C LEU L 11 33.85 -14.19 25.48
N PHE L 12 33.33 -13.00 25.78
CA PHE L 12 32.02 -12.89 26.40
C PHE L 12 31.15 -11.96 25.57
N ASP L 13 29.85 -11.96 25.88
CA ASP L 13 28.90 -11.18 25.09
C ASP L 13 27.86 -10.54 26.01
N VAL L 14 27.29 -9.44 25.52
CA VAL L 14 26.15 -8.79 26.15
C VAL L 14 25.02 -8.79 25.14
N GLN L 15 23.89 -9.40 25.51
CA GLN L 15 22.74 -9.50 24.62
C GLN L 15 21.85 -8.27 24.74
N ASP L 16 21.30 -8.03 25.93
CA ASP L 16 20.39 -6.90 26.16
C ASP L 16 20.80 -6.23 27.45
N GLY L 17 21.38 -5.04 27.35
CA GLY L 17 21.78 -4.28 28.53
C GLY L 17 23.04 -3.49 28.36
N ASN L 18 23.53 -2.90 29.45
CA ASN L 18 24.74 -2.08 29.42
C ASN L 18 25.93 -2.92 29.83
N PRO L 19 26.85 -3.25 28.93
CA PRO L 19 28.02 -4.04 29.31
C PRO L 19 28.95 -3.27 30.25
N ASN L 20 29.30 -2.04 29.86
CA ASN L 20 30.16 -1.19 30.67
C ASN L 20 29.97 0.25 30.20
N GLY L 21 29.11 0.98 30.90
CA GLY L 21 28.86 2.37 30.57
C GLY L 21 30.04 3.27 30.88
N ASP L 22 29.80 4.57 30.73
CA ASP L 22 30.80 5.59 31.01
C ASP L 22 30.29 6.54 32.09
N PRO L 23 30.97 6.64 33.23
CA PRO L 23 30.57 7.65 34.22
C PRO L 23 30.80 9.08 33.76
N ASP L 24 31.67 9.29 32.78
CA ASP L 24 31.96 10.64 32.31
C ASP L 24 30.95 11.10 31.26
N ALA L 25 30.21 10.18 30.64
CA ALA L 25 29.20 10.51 29.64
C ALA L 25 27.90 9.80 30.02
N GLY L 26 27.36 10.14 31.19
CA GLY L 26 26.13 9.54 31.65
C GLY L 26 26.28 8.07 32.00
N ASN L 27 25.99 7.20 31.05
CA ASN L 27 26.08 5.76 31.28
C ASN L 27 26.09 5.00 29.96
N LEU L 28 26.59 5.64 28.90
CA LEU L 28 26.63 4.96 27.60
C LEU L 28 27.79 3.95 27.59
N PRO L 29 27.57 2.78 26.97
CA PRO L 29 28.65 1.78 26.91
C PRO L 29 29.89 2.32 26.24
N ARG L 30 31.05 1.87 26.72
CA ARG L 30 32.33 2.35 26.20
C ARG L 30 32.54 1.85 24.77
N ILE L 31 32.67 2.79 23.84
CA ILE L 31 32.95 2.47 22.45
C ILE L 31 34.20 3.23 22.03
N ASP L 32 34.66 2.95 20.82
CA ASP L 32 35.83 3.65 20.30
C ASP L 32 35.39 4.90 19.54
N PRO L 33 36.11 6.02 19.70
CA PRO L 33 35.72 7.23 18.97
C PRO L 33 36.08 7.18 17.50
N GLN L 34 37.08 6.39 17.11
CA GLN L 34 37.51 6.34 15.71
C GLN L 34 36.87 5.16 14.99
N THR L 35 37.34 3.94 15.28
CA THR L 35 36.81 2.76 14.61
C THR L 35 35.40 2.42 15.04
N GLY L 36 34.99 2.82 16.24
CA GLY L 36 33.64 2.58 16.71
C GLY L 36 33.43 1.31 17.49
N GLU L 37 34.46 0.48 17.64
CA GLU L 37 34.30 -0.79 18.33
C GLU L 37 34.10 -0.56 19.83
N GLY L 38 33.25 -1.39 20.44
CA GLY L 38 32.95 -1.23 21.85
C GLY L 38 34.09 -1.67 22.74
N LEU L 39 34.08 -1.15 23.97
CA LEU L 39 35.11 -1.44 24.95
C LEU L 39 34.47 -1.80 26.27
N VAL L 40 35.15 -2.66 27.02
CA VAL L 40 34.74 -3.03 28.38
C VAL L 40 35.99 -3.08 29.25
N THR L 41 36.04 -2.25 30.28
CA THR L 41 37.20 -2.22 31.17
C THR L 41 37.31 -3.52 31.95
N ASP L 42 38.55 -3.98 32.14
CA ASP L 42 38.80 -5.22 32.86
C ASP L 42 38.46 -5.12 34.34
N VAL L 43 38.30 -3.90 34.86
CA VAL L 43 37.96 -3.74 36.27
C VAL L 43 36.57 -4.29 36.56
N CYS L 44 35.65 -4.21 35.59
CA CYS L 44 34.34 -4.83 35.76
C CYS L 44 34.46 -6.35 35.82
N LEU L 45 35.32 -6.93 34.98
CA LEU L 45 35.57 -8.36 35.04
C LEU L 45 36.14 -8.75 36.40
N LYS L 46 37.09 -7.96 36.91
CA LYS L 46 37.67 -8.24 38.22
C LYS L 46 36.62 -8.17 39.31
N ARG L 47 35.75 -7.16 39.27
CA ARG L 47 34.71 -7.03 40.28
C ARG L 47 33.71 -8.17 40.21
N LYS L 48 33.38 -8.62 39.00
CA LYS L 48 32.46 -9.75 38.87
C LYS L 48 33.10 -11.03 39.38
N VAL L 49 34.40 -11.21 39.14
CA VAL L 49 35.10 -12.37 39.71
C VAL L 49 35.09 -12.30 41.23
N ARG L 50 35.32 -11.10 41.78
CA ARG L 50 35.27 -10.93 43.23
C ARG L 50 33.89 -11.28 43.78
N ASN L 51 32.83 -10.83 43.10
CA ASN L 51 31.48 -11.12 43.55
C ASN L 51 31.17 -12.61 43.48
N PHE L 52 31.59 -13.28 42.41
CA PHE L 52 31.38 -14.72 42.31
C PHE L 52 32.14 -15.46 43.40
N ILE L 53 33.36 -15.02 43.72
CA ILE L 53 34.12 -15.65 44.80
C ILE L 53 33.42 -15.44 46.14
N GLN L 54 32.91 -14.24 46.38
CA GLN L 54 32.17 -13.98 47.61
C GLN L 54 30.91 -14.85 47.69
N MET L 55 30.28 -15.13 46.54
CA MET L 55 29.08 -15.96 46.56
C MET L 55 29.41 -17.42 46.79
N THR L 56 30.52 -17.91 46.23
CA THR L 56 30.84 -19.32 46.27
C THR L 56 31.76 -19.73 47.41
N GLN L 57 32.24 -18.78 48.21
CA GLN L 57 33.17 -19.13 49.29
C GLN L 57 32.59 -18.80 50.66
N ASN L 58 32.71 -17.53 51.08
CA ASN L 58 32.28 -17.09 52.40
C ASN L 58 32.96 -17.89 53.51
N ASP L 59 34.29 -17.99 53.41
CA ASP L 59 35.08 -18.69 54.40
C ASP L 59 36.48 -18.07 54.43
N GLU L 60 37.31 -18.55 55.33
CA GLU L 60 38.66 -18.04 55.48
C GLU L 60 39.54 -18.48 54.30
N HIS L 61 40.62 -17.74 54.09
CA HIS L 61 41.60 -17.97 53.03
C HIS L 61 41.01 -17.88 51.63
N HIS L 62 39.78 -17.39 51.49
CA HIS L 62 39.15 -17.26 50.18
C HIS L 62 38.24 -16.05 50.11
N ASP L 63 38.54 -15.00 50.86
CA ASP L 63 37.74 -13.78 50.83
C ASP L 63 38.14 -12.90 49.65
N ILE L 64 37.90 -11.60 49.75
CA ILE L 64 38.13 -10.69 48.64
C ILE L 64 38.77 -9.40 49.14
N PHE L 65 38.40 -8.99 50.36
CA PHE L 65 38.87 -7.76 50.98
C PHE L 65 38.36 -6.53 50.22
N ILE L 66 38.74 -6.39 48.95
CA ILE L 66 38.25 -5.31 48.12
C ILE L 66 36.78 -5.56 47.80
N ARG L 67 35.90 -5.33 48.77
CA ARG L 67 34.48 -5.62 48.65
C ARG L 67 33.67 -4.32 48.62
N GLU L 68 32.36 -4.46 48.70
CA GLU L 68 31.44 -3.33 48.68
C GLU L 68 30.56 -3.35 49.92
N LYS L 69 29.82 -2.25 50.12
CA LYS L 69 28.90 -2.18 51.26
C LYS L 69 27.56 -2.81 50.93
N GLY L 70 27.11 -2.71 49.69
CA GLY L 70 25.84 -3.26 49.27
C GLY L 70 25.88 -4.71 48.83
N ILE L 71 27.05 -5.34 48.83
CA ILE L 71 27.20 -6.73 48.39
C ILE L 71 27.63 -7.63 49.54
N LEU L 72 28.66 -7.25 50.29
CA LEU L 72 29.16 -8.05 51.41
C LEU L 72 29.49 -7.10 52.56
N ASN L 73 28.56 -6.99 53.51
CA ASN L 73 28.75 -6.11 54.67
C ASN L 73 28.52 -6.87 55.97
N LYS L 93 58.06 -9.95 60.10
CA LYS L 93 57.78 -8.54 60.36
C LYS L 93 56.96 -7.94 59.23
N THR L 94 57.64 -7.57 58.14
CA THR L 94 56.96 -6.98 56.98
C THR L 94 56.42 -8.06 56.04
N GLU L 95 57.32 -8.90 55.50
CA GLU L 95 56.90 -9.97 54.60
C GLU L 95 56.04 -11.00 55.30
N ALA L 96 56.23 -11.21 56.60
CA ALA L 96 55.39 -12.15 57.33
C ALA L 96 53.94 -11.68 57.37
N ALA L 97 53.71 -10.41 57.71
CA ALA L 97 52.36 -9.86 57.66
C ALA L 97 51.84 -9.83 56.23
N ARG L 98 52.71 -9.53 55.26
CA ARG L 98 52.30 -9.54 53.87
C ARG L 98 51.89 -10.95 53.43
N GLN L 99 52.67 -11.96 53.82
CA GLN L 99 52.33 -13.33 53.49
C GLN L 99 51.04 -13.77 54.16
N TYR L 100 50.82 -13.32 55.40
CA TYR L 100 49.57 -13.64 56.10
C TYR L 100 48.38 -13.02 55.38
N MET L 101 48.49 -11.75 54.99
CA MET L 101 47.40 -11.10 54.26
C MET L 101 47.18 -11.74 52.90
N CYS L 102 48.23 -12.23 52.26
CA CYS L 102 48.06 -12.94 51.00
C CYS L 102 47.35 -14.27 51.20
N SER L 103 47.68 -14.98 52.29
CA SER L 103 47.10 -16.29 52.53
C SER L 103 45.64 -16.21 52.94
N ARG L 104 45.27 -15.18 53.73
CA ARG L 104 43.91 -15.08 54.22
C ARG L 104 42.95 -14.42 53.24
N TYR L 105 43.32 -14.31 51.96
CA TYR L 105 42.43 -13.74 50.95
C TYR L 105 42.69 -14.41 49.61
N TYR L 106 41.66 -14.41 48.76
CA TYR L 106 41.75 -14.96 47.41
C TYR L 106 42.08 -13.92 46.36
N ASP L 107 41.51 -12.72 46.47
CA ASP L 107 41.81 -11.65 45.53
C ASP L 107 43.28 -11.27 45.59
N ILE L 108 43.90 -11.39 46.76
CA ILE L 108 45.31 -11.02 46.90
C ILE L 108 46.19 -12.03 46.15
N ARG L 109 45.87 -13.32 46.26
CA ARG L 109 46.60 -14.32 45.49
C ARG L 109 46.26 -14.25 44.00
N THR L 110 45.10 -13.70 43.65
CA THR L 110 44.70 -13.61 42.24
C THR L 110 45.19 -12.30 41.63
N PHE L 111 44.66 -11.17 42.09
CA PHE L 111 44.93 -9.89 41.47
C PHE L 111 46.02 -9.08 42.18
N GLY L 112 46.29 -9.36 43.44
CA GLY L 112 47.36 -8.71 44.17
C GLY L 112 46.83 -7.81 45.27
N ALA L 113 47.75 -7.13 45.94
CA ALA L 113 47.42 -6.24 47.04
C ALA L 113 48.26 -4.98 46.94
N VAL L 114 47.88 -3.98 47.72
CA VAL L 114 48.67 -2.77 47.88
C VAL L 114 48.92 -2.55 49.37
N MET L 115 49.52 -3.55 50.01
CA MET L 115 49.79 -3.46 51.44
C MET L 115 50.80 -2.36 51.71
N THR L 116 50.34 -1.31 52.40
CA THR L 116 51.22 -0.16 52.69
C THR L 116 52.45 -0.60 53.45
N THR L 117 52.31 -1.52 54.40
CA THR L 117 53.43 -2.07 55.15
C THR L 117 54.08 -3.21 54.37
N GLY L 118 54.57 -2.88 53.18
CA GLY L 118 55.20 -3.86 52.31
C GLY L 118 56.66 -3.58 52.04
N LYS L 119 57.20 -4.21 51.00
CA LYS L 119 58.61 -4.03 50.66
C LYS L 119 58.76 -3.14 49.44
N ASN L 120 58.46 -3.69 48.25
CA ASN L 120 58.61 -2.94 47.00
C ASN L 120 57.62 -1.79 46.92
N ALA L 121 57.87 -0.73 47.69
CA ALA L 121 56.99 0.44 47.74
C ALA L 121 55.56 0.06 48.10
N GLY L 122 55.41 -1.01 48.88
CA GLY L 122 54.09 -1.50 49.21
C GLY L 122 53.29 -1.96 48.02
N GLN L 123 53.76 -2.97 47.29
CA GLN L 123 53.12 -3.41 46.06
C GLN L 123 53.16 -4.93 45.94
N VAL L 124 51.99 -5.54 45.96
CA VAL L 124 51.83 -6.96 45.71
C VAL L 124 51.24 -7.08 44.30
N ARG L 125 52.07 -7.43 43.33
CA ARG L 125 51.66 -7.47 41.93
C ARG L 125 50.62 -8.55 41.68
N GLY L 126 51.07 -9.79 41.46
CA GLY L 126 50.16 -10.88 41.21
C GLY L 126 50.29 -11.43 39.81
N PRO L 127 49.98 -12.72 39.63
CA PRO L 127 50.12 -13.33 38.30
C PRO L 127 49.05 -12.89 37.33
N VAL L 128 47.80 -12.72 37.79
CA VAL L 128 46.70 -12.43 36.88
C VAL L 128 46.82 -11.00 36.38
N GLN L 129 46.61 -10.82 35.07
CA GLN L 129 46.68 -9.51 34.43
C GLN L 129 45.73 -9.53 33.24
N LEU L 130 44.57 -8.88 33.39
CA LEU L 130 43.54 -8.92 32.35
C LEU L 130 43.79 -7.87 31.27
N THR L 131 42.72 -7.45 30.58
CA THR L 131 42.83 -6.55 29.44
C THR L 131 41.47 -5.95 29.16
N PHE L 132 41.45 -4.65 28.84
CA PHE L 132 40.23 -3.99 28.40
C PHE L 132 39.67 -4.71 27.17
N SER L 133 38.65 -5.52 27.36
CA SER L 133 38.08 -6.32 26.26
C SER L 133 37.43 -5.40 25.24
N ARG L 134 37.95 -5.42 24.02
CA ARG L 134 37.44 -4.58 22.93
C ARG L 134 36.53 -5.41 22.03
N SER L 135 35.41 -4.82 21.65
CA SER L 135 34.46 -5.50 20.77
C SER L 135 35.04 -5.65 19.37
N ILE L 136 34.49 -6.61 18.61
CA ILE L 136 34.98 -6.87 17.26
C ILE L 136 34.39 -5.86 16.28
N ASP L 137 33.06 -5.78 16.21
CA ASP L 137 32.39 -4.87 15.30
C ASP L 137 31.86 -3.66 16.06
N PRO L 138 31.71 -2.51 15.39
CA PRO L 138 31.16 -1.32 16.06
C PRO L 138 29.71 -1.54 16.47
N ILE L 139 29.47 -1.49 17.77
CA ILE L 139 28.13 -1.74 18.31
C ILE L 139 27.26 -0.50 18.11
N MET L 140 25.97 -0.63 18.42
CA MET L 140 25.00 0.45 18.27
C MET L 140 24.38 0.73 19.62
N THR L 141 24.86 1.78 20.29
CA THR L 141 24.36 2.15 21.61
C THR L 141 22.92 2.66 21.52
N LEU L 142 21.98 1.87 22.03
CA LEU L 142 20.57 2.27 22.07
C LEU L 142 20.30 2.96 23.41
N GLU L 143 19.90 4.22 23.36
CA GLU L 143 19.61 5.01 24.55
C GLU L 143 18.09 5.05 24.74
N HIS L 144 17.62 4.29 25.72
CA HIS L 144 16.18 4.16 26.00
C HIS L 144 15.84 5.06 27.18
N SER L 145 15.41 6.28 26.88
CA SER L 145 15.02 7.25 27.91
C SER L 145 13.65 6.86 28.44
N ILE L 146 13.63 6.09 29.53
CA ILE L 146 12.39 5.61 30.12
C ILE L 146 11.85 6.64 31.10
N THR L 147 10.94 6.24 31.99
CA THR L 147 10.37 7.17 32.95
C THR L 147 10.00 6.40 34.22
N ARG L 148 9.60 7.16 35.25
CA ARG L 148 9.19 6.59 36.53
C ARG L 148 7.98 7.35 37.04
N MET L 149 7.00 6.61 37.56
CA MET L 149 5.78 7.22 38.08
C MET L 149 5.91 7.58 39.55
N ALA L 150 7.09 8.09 39.94
CA ALA L 150 7.34 8.48 41.32
C ALA L 150 8.52 9.43 41.36
N VAL L 151 8.36 10.56 42.04
CA VAL L 151 9.43 11.53 42.16
C VAL L 151 10.32 11.18 43.34
N THR L 152 11.40 11.95 43.55
CA THR L 152 12.32 11.70 44.64
C THR L 152 12.22 12.87 45.61
N ASN L 153 13.21 13.76 45.66
CA ASN L 153 13.17 14.88 46.58
C ASN L 153 12.24 15.97 46.05
N GLU L 154 11.83 16.87 46.96
CA GLU L 154 10.95 17.98 46.62
C GLU L 154 11.68 18.93 45.68
N LYS L 155 11.66 18.58 44.41
CA LYS L 155 12.34 19.36 43.38
C LYS L 155 11.32 20.20 42.60
N ASP L 156 11.82 20.97 41.64
CA ASP L 156 10.93 21.80 40.81
C ASP L 156 10.14 20.97 39.81
N ALA L 157 10.54 19.72 39.57
CA ALA L 157 9.85 18.85 38.63
C ALA L 157 8.81 17.97 39.30
N SER L 158 8.55 18.16 40.60
CA SER L 158 7.57 17.39 41.33
C SER L 158 6.36 18.31 41.61
N GLU L 159 5.52 18.47 40.59
CA GLU L 159 4.34 19.31 40.72
C GLU L 159 3.27 18.61 41.53
N THR L 160 2.27 19.40 41.95
CA THR L 160 1.19 18.86 42.77
C THR L 160 0.22 18.00 41.97
N GLY L 161 0.21 18.14 40.65
CA GLY L 161 -0.70 17.36 39.82
C GLY L 161 -0.30 15.91 39.73
N ASP L 162 0.79 15.62 39.02
CA ASP L 162 1.28 14.26 38.87
C ASP L 162 2.76 14.23 39.22
N ASN L 163 3.19 13.09 39.78
CA ASN L 163 4.57 12.88 40.19
C ASN L 163 5.20 11.86 39.24
N ARG L 164 5.65 12.34 38.09
CA ARG L 164 6.28 11.49 37.08
C ARG L 164 7.60 12.12 36.66
N THR L 165 8.66 11.31 36.65
CA THR L 165 9.98 11.75 36.23
C THR L 165 10.47 10.88 35.08
N MET L 166 11.27 11.48 34.20
CA MET L 166 11.79 10.76 33.04
C MET L 166 13.12 10.11 33.39
N GLY L 167 13.37 8.93 32.82
CA GLY L 167 14.59 8.19 33.07
C GLY L 167 15.50 8.14 31.86
N ARG L 168 16.45 7.21 31.92
CA ARG L 168 17.49 7.07 30.90
C ARG L 168 18.28 5.79 31.12
N LYS L 169 18.21 4.87 30.16
CA LYS L 169 18.96 3.63 30.21
C LYS L 169 19.75 3.47 28.92
N PHE L 170 20.75 2.59 28.95
CA PHE L 170 21.60 2.33 27.80
C PHE L 170 21.72 0.83 27.58
N THR L 171 21.69 0.43 26.31
CA THR L 171 21.79 -0.98 25.98
C THR L 171 22.48 -1.14 24.62
N VAL L 172 22.74 -2.39 24.27
CA VAL L 172 23.35 -2.73 22.98
C VAL L 172 22.62 -3.95 22.43
N PRO L 173 22.25 -3.97 21.15
CA PRO L 173 21.62 -5.19 20.60
C PRO L 173 22.47 -6.43 20.73
N TYR L 174 23.78 -6.30 20.57
CA TYR L 174 24.72 -7.39 20.83
C TYR L 174 26.15 -6.86 20.86
N GLY L 175 26.89 -7.21 21.91
CA GLY L 175 28.28 -6.80 21.99
C GLY L 175 29.19 -7.94 22.41
N LEU L 176 30.05 -8.38 21.50
CA LEU L 176 30.96 -9.49 21.75
C LEU L 176 32.35 -8.91 22.05
N TYR L 177 32.78 -9.04 23.30
CA TYR L 177 34.06 -8.52 23.75
C TYR L 177 35.04 -9.66 24.00
N ARG L 178 36.33 -9.34 23.85
CA ARG L 178 37.42 -10.31 23.88
C ARG L 178 38.53 -9.78 24.77
N CYS L 179 38.73 -10.41 25.92
CA CYS L 179 39.78 -10.04 26.86
C CYS L 179 40.95 -11.02 26.76
N HIS L 180 42.13 -10.54 27.11
CA HIS L 180 43.35 -11.34 27.09
C HIS L 180 43.99 -11.29 28.47
N GLY L 181 44.01 -12.42 29.17
CA GLY L 181 44.55 -12.50 30.52
C GLY L 181 45.77 -13.38 30.58
N PHE L 182 46.71 -13.01 31.45
CA PHE L 182 47.96 -13.73 31.62
C PHE L 182 48.11 -14.14 33.08
N ILE L 183 48.70 -15.32 33.29
CA ILE L 183 48.93 -15.86 34.63
C ILE L 183 50.32 -16.46 34.65
N SER L 184 51.18 -15.97 35.54
CA SER L 184 52.54 -16.46 35.69
C SER L 184 52.61 -17.41 36.88
N THR L 185 53.84 -17.76 37.27
CA THR L 185 54.08 -18.67 38.37
C THR L 185 54.96 -18.11 39.47
N HIS L 186 55.84 -17.15 39.15
CA HIS L 186 56.71 -16.58 40.18
C HIS L 186 55.90 -15.83 41.24
N PHE L 187 54.91 -15.05 40.81
CA PHE L 187 54.05 -14.35 41.77
C PHE L 187 53.10 -15.31 42.45
N ALA L 188 52.74 -16.42 41.78
CA ALA L 188 51.89 -17.42 42.41
C ALA L 188 52.62 -18.14 43.52
N LYS L 189 53.94 -18.32 43.38
CA LYS L 189 54.73 -18.94 44.45
C LYS L 189 54.91 -17.98 45.63
N GLN L 190 54.80 -16.68 45.39
CA GLN L 190 54.96 -15.72 46.47
C GLN L 190 53.64 -15.47 47.21
N THR L 191 52.54 -15.40 46.46
CA THR L 191 51.21 -15.17 47.06
C THR L 191 50.59 -16.48 47.53
N GLY L 192 50.41 -17.42 46.62
CA GLY L 192 49.81 -18.71 46.96
C GLY L 192 48.78 -19.16 45.95
N PHE L 193 48.81 -18.57 44.75
CA PHE L 193 47.88 -18.92 43.68
C PHE L 193 48.22 -20.31 43.18
N SER L 194 47.71 -21.32 43.88
CA SER L 194 47.98 -22.70 43.57
C SER L 194 47.02 -23.19 42.49
N GLU L 195 46.94 -24.52 42.33
CA GLU L 195 46.04 -25.08 41.33
C GLU L 195 44.58 -24.97 41.75
N ASN L 196 44.32 -24.96 43.07
CA ASN L 196 42.95 -24.79 43.53
C ASN L 196 42.42 -23.39 43.22
N ASP L 197 43.23 -22.36 43.47
CA ASP L 197 42.84 -21.00 43.10
C ASP L 197 42.70 -20.86 41.60
N LEU L 198 43.55 -21.56 40.83
CA LEU L 198 43.44 -21.52 39.38
C LEU L 198 42.14 -22.14 38.90
N GLU L 199 41.76 -23.30 39.46
CA GLU L 199 40.50 -23.92 39.11
C GLU L 199 39.31 -23.07 39.52
N LEU L 200 39.40 -22.41 40.67
CA LEU L 200 38.34 -21.50 41.09
C LEU L 200 38.21 -20.32 40.14
N PHE L 201 39.34 -19.78 39.68
CA PHE L 201 39.31 -18.67 38.74
C PHE L 201 38.73 -19.11 37.40
N TRP L 202 39.03 -20.34 36.98
CA TRP L 202 38.44 -20.84 35.73
C TRP L 202 36.93 -21.03 35.88
N GLN L 203 36.49 -21.64 36.99
CA GLN L 203 35.06 -21.80 37.22
C GLN L 203 34.35 -20.46 37.33
N ALA L 204 35.06 -19.43 37.81
CA ALA L 204 34.50 -18.08 37.80
C ALA L 204 34.36 -17.57 36.37
N LEU L 205 35.46 -17.55 35.62
CA LEU L 205 35.44 -17.00 34.26
C LEU L 205 34.39 -17.67 33.40
N VAL L 206 34.21 -19.00 33.53
CA VAL L 206 33.22 -19.69 32.72
C VAL L 206 31.79 -19.46 33.21
N ASN L 207 31.61 -18.89 34.41
CA ASN L 207 30.27 -18.67 34.94
C ASN L 207 30.26 -17.65 36.07
N MET L 208 30.55 -16.39 35.75
CA MET L 208 30.41 -15.31 36.72
C MET L 208 29.46 -14.21 36.29
N PHE L 209 29.21 -14.06 34.98
CA PHE L 209 28.20 -13.10 34.53
C PHE L 209 26.81 -13.51 34.99
N ASP L 210 26.54 -14.81 35.04
CA ASP L 210 25.21 -15.29 35.42
C ASP L 210 24.90 -15.01 36.89
N HIS L 211 25.92 -14.87 37.71
CA HIS L 211 25.73 -14.60 39.14
C HIS L 211 25.64 -13.11 39.44
N ASP L 212 26.15 -12.25 38.58
CA ASP L 212 26.15 -10.81 38.79
C ASP L 212 25.34 -10.16 37.67
N HIS L 213 24.02 -10.12 37.86
CA HIS L 213 23.11 -9.46 36.93
C HIS L 213 22.40 -8.31 37.63
N SER L 214 21.82 -7.43 36.84
CA SER L 214 21.10 -6.26 37.34
C SER L 214 20.16 -5.77 36.27
N ALA L 215 19.57 -4.60 36.49
CA ALA L 215 18.63 -4.04 35.52
C ALA L 215 19.35 -3.26 34.43
N ALA L 216 20.30 -2.40 34.81
CA ALA L 216 21.03 -1.61 33.81
C ALA L 216 21.93 -2.50 32.96
N ARG L 217 22.67 -3.41 33.59
CA ARG L 217 23.53 -4.31 32.85
C ARG L 217 22.73 -5.33 32.05
N GLY L 218 21.54 -5.69 32.54
CA GLY L 218 20.67 -6.58 31.78
C GLY L 218 21.27 -7.96 31.60
N GLN L 219 21.12 -8.49 30.39
CA GLN L 219 21.61 -9.82 30.07
C GLN L 219 23.03 -9.75 29.55
N MET L 220 23.88 -10.65 30.04
CA MET L 220 25.29 -10.70 29.65
C MET L 220 25.85 -12.03 30.11
N ASN L 221 26.55 -12.73 29.21
CA ASN L 221 27.05 -14.07 29.51
C ASN L 221 28.43 -14.24 28.88
N ALA L 222 28.96 -15.45 29.02
CA ALA L 222 30.26 -15.82 28.45
C ALA L 222 30.06 -16.83 27.33
N ARG L 223 30.81 -16.65 26.24
CA ARG L 223 30.69 -17.51 25.08
C ARG L 223 31.98 -18.19 24.67
N GLY L 224 33.11 -17.87 25.30
CA GLY L 224 34.36 -18.49 24.93
C GLY L 224 35.49 -18.22 25.91
N LEU L 225 36.33 -19.24 26.14
CA LEU L 225 37.49 -19.10 27.02
C LEU L 225 38.53 -20.11 26.55
N TYR L 226 39.45 -19.67 25.70
CA TYR L 226 40.49 -20.52 25.15
C TYR L 226 41.78 -20.28 25.93
N VAL L 227 42.28 -21.31 26.61
CA VAL L 227 43.44 -21.20 27.48
C VAL L 227 44.61 -21.94 26.84
N PHE L 228 45.78 -21.29 26.84
CA PHE L 228 47.02 -21.87 26.36
C PHE L 228 47.96 -22.01 27.55
N GLU L 229 48.34 -23.25 27.87
CA GLU L 229 49.24 -23.56 28.96
C GLU L 229 50.61 -23.92 28.41
N HIS L 230 51.65 -23.30 28.95
CA HIS L 230 53.01 -23.49 28.45
C HIS L 230 53.72 -24.56 29.27
N SER L 231 54.69 -25.22 28.62
CA SER L 231 55.44 -26.28 29.29
C SER L 231 56.41 -25.71 30.32
N ASN L 232 57.23 -24.75 29.90
CA ASN L 232 58.17 -24.13 30.82
C ASN L 232 57.46 -23.10 31.70
N ASN L 233 58.18 -22.62 32.71
CA ASN L 233 57.65 -21.61 33.62
C ASN L 233 57.75 -20.20 33.07
N LEU L 234 58.23 -20.03 31.84
CA LEU L 234 58.32 -18.71 31.21
C LEU L 234 57.56 -18.61 29.90
N GLY L 235 57.44 -19.70 29.14
CA GLY L 235 56.72 -19.70 27.89
C GLY L 235 57.48 -20.42 26.80
N ASP L 236 56.88 -20.45 25.62
CA ASP L 236 57.51 -21.07 24.45
C ASP L 236 56.91 -20.52 23.16
N ALA L 237 56.14 -19.45 23.26
CA ALA L 237 55.52 -18.83 22.09
C ALA L 237 55.07 -17.42 22.48
N PRO L 238 55.14 -16.46 21.57
CA PRO L 238 54.72 -15.09 21.90
C PRO L 238 53.21 -14.99 22.04
N ALA L 239 52.78 -13.93 22.73
CA ALA L 239 51.35 -13.72 22.95
C ALA L 239 50.65 -13.17 21.72
N ASP L 240 51.39 -12.46 20.87
CA ASP L 240 50.79 -11.89 19.66
C ASP L 240 50.30 -13.00 18.72
N SER L 241 51.12 -14.04 18.54
CA SER L 241 50.71 -15.16 17.71
C SER L 241 49.52 -15.89 18.32
N LEU L 242 49.52 -16.03 19.65
CA LEU L 242 48.40 -16.69 20.33
C LEU L 242 47.11 -15.90 20.13
N PHE L 243 47.20 -14.57 20.16
CA PHE L 243 46.01 -13.76 19.95
C PHE L 243 45.56 -13.78 18.49
N LYS L 244 46.50 -13.84 17.56
CA LYS L 244 46.15 -13.93 16.15
C LYS L 244 45.64 -15.30 15.74
N ARG L 245 45.91 -16.34 16.55
CA ARG L 245 45.41 -17.67 16.24
C ARG L 245 43.89 -17.72 16.35
N ILE L 246 43.35 -17.46 17.54
CA ILE L 246 41.91 -17.48 17.76
C ILE L 246 41.29 -16.31 17.00
N GLN L 247 40.73 -16.60 15.82
CA GLN L 247 40.16 -15.57 14.96
C GLN L 247 38.65 -15.56 15.13
N VAL L 248 38.13 -14.48 15.69
CA VAL L 248 36.69 -14.31 15.90
C VAL L 248 36.24 -13.14 15.03
N VAL L 249 35.62 -13.45 13.90
CA VAL L 249 35.20 -12.42 12.95
C VAL L 249 33.70 -12.54 12.68
N LYS L 250 33.21 -11.76 11.73
CA LYS L 250 31.81 -11.76 11.34
C LYS L 250 31.62 -12.62 10.10
N LYS L 251 30.46 -13.27 10.01
CA LYS L 251 30.18 -14.18 8.91
C LYS L 251 29.98 -13.40 7.61
N ASP L 252 29.73 -14.14 6.54
CA ASP L 252 29.61 -13.56 5.20
C ASP L 252 28.37 -12.69 5.07
N GLY L 253 27.21 -13.31 4.92
CA GLY L 253 25.97 -12.59 4.72
C GLY L 253 25.35 -12.04 5.99
N VAL L 254 26.17 -11.42 6.83
CA VAL L 254 25.71 -10.82 8.09
C VAL L 254 26.33 -9.44 8.19
N GLU L 255 25.48 -8.40 8.21
CA GLU L 255 25.95 -7.03 8.37
C GLU L 255 25.92 -6.61 9.84
N VAL L 256 24.73 -6.53 10.42
CA VAL L 256 24.57 -6.24 11.84
C VAL L 256 24.38 -7.55 12.58
N VAL L 257 24.84 -7.58 13.84
CA VAL L 257 24.84 -8.79 14.66
C VAL L 257 23.74 -8.67 15.70
N ARG L 258 23.16 -9.81 16.06
CA ARG L 258 22.12 -9.87 17.08
C ARG L 258 22.38 -10.91 18.15
N SER L 259 23.15 -11.95 17.86
CA SER L 259 23.46 -12.98 18.85
C SER L 259 24.81 -13.61 18.47
N PHE L 260 25.17 -14.66 19.21
CA PHE L 260 26.46 -15.32 18.97
C PHE L 260 26.46 -16.16 17.70
N ASP L 261 25.28 -16.51 17.19
CA ASP L 261 25.19 -17.33 15.98
C ASP L 261 25.59 -16.58 14.71
N ASP L 262 25.89 -15.28 14.79
CA ASP L 262 26.33 -14.51 13.65
C ASP L 262 27.84 -14.32 13.61
N TYR L 263 28.56 -14.74 14.65
CA TYR L 263 30.02 -14.65 14.68
C TYR L 263 30.64 -16.00 14.32
N LEU L 264 31.78 -15.93 13.65
CA LEU L 264 32.54 -17.11 13.24
C LEU L 264 33.85 -17.10 14.04
N VAL L 265 34.01 -18.11 14.89
CA VAL L 265 35.20 -18.26 15.72
C VAL L 265 35.96 -19.49 15.23
N SER L 266 37.26 -19.32 14.99
CA SER L 266 38.11 -20.39 14.47
C SER L 266 39.39 -20.43 15.28
N VAL L 267 39.73 -21.63 15.78
CA VAL L 267 40.96 -21.84 16.51
C VAL L 267 42.06 -22.25 15.54
N ASP L 268 43.30 -22.04 15.95
CA ASP L 268 44.47 -22.37 15.13
C ASP L 268 45.42 -23.22 15.98
N ASP L 269 45.03 -24.47 16.22
CA ASP L 269 45.85 -25.41 16.96
C ASP L 269 46.80 -26.21 16.08
N LYS L 270 47.08 -25.72 14.87
CA LYS L 270 47.97 -26.39 13.94
C LYS L 270 49.42 -25.97 14.09
N ASN L 271 49.75 -25.15 15.09
CA ASN L 271 51.11 -24.70 15.28
C ASN L 271 51.50 -24.58 16.75
N LEU L 272 50.65 -25.03 17.67
CA LEU L 272 50.95 -24.99 19.10
C LEU L 272 51.03 -26.38 19.72
N GLU L 273 51.11 -27.43 18.89
CA GLU L 273 51.19 -28.80 19.36
C GLU L 273 52.58 -29.21 19.81
N GLU L 274 53.53 -28.27 19.84
CA GLU L 274 54.89 -28.56 20.28
C GLU L 274 54.94 -28.87 21.76
N THR L 275 55.05 -27.82 22.59
CA THR L 275 55.11 -27.95 24.05
C THR L 275 54.09 -27.01 24.68
N LYS L 276 52.84 -27.09 24.22
CA LYS L 276 51.77 -26.23 24.73
C LYS L 276 50.46 -26.99 24.70
N LEU L 277 49.68 -26.84 25.77
CA LEU L 277 48.36 -27.47 25.88
C LEU L 277 47.28 -26.43 25.63
N LEU L 278 46.19 -26.87 25.01
CA LEU L 278 45.06 -26.01 24.69
C LEU L 278 43.83 -26.53 25.43
N ARG L 279 43.11 -25.62 26.08
CA ARG L 279 41.89 -25.96 26.81
C ARG L 279 40.76 -25.06 26.34
N LYS L 280 39.58 -25.64 26.14
CA LYS L 280 38.39 -24.92 25.70
C LYS L 280 37.34 -24.99 26.79
N LEU L 281 37.55 -24.21 27.85
CA LEU L 281 36.63 -24.17 28.98
C LEU L 281 35.38 -23.36 28.70
N GLY L 282 35.36 -22.57 27.63
CA GLY L 282 34.20 -21.76 27.30
C GLY L 282 33.49 -22.23 26.05
N GLY L 283 34.25 -22.64 25.04
CA GLY L 283 33.68 -23.11 23.79
C GLY L 283 34.71 -23.67 22.83
N ARG M 1 72.98 -4.21 20.53
CA ARG M 1 71.73 -3.48 20.61
C ARG M 1 70.53 -4.42 20.54
N PHE M 2 69.68 -4.36 21.56
CA PHE M 2 68.50 -5.20 21.64
C PHE M 2 67.28 -4.41 21.16
N ILE M 3 66.65 -4.89 20.10
CA ILE M 3 65.49 -4.25 19.51
C ILE M 3 64.24 -5.02 19.95
N LEU M 4 63.25 -4.29 20.47
CA LEU M 4 62.01 -4.89 20.93
C LEU M 4 60.82 -4.16 20.32
N GLU M 5 59.77 -4.91 20.03
CA GLU M 5 58.53 -4.36 19.47
C GLU M 5 57.46 -4.41 20.56
N ILE M 6 57.25 -3.28 21.22
CA ILE M 6 56.26 -3.16 22.29
C ILE M 6 55.00 -2.59 21.65
N SER M 7 54.00 -3.44 21.43
CA SER M 7 52.74 -3.06 20.83
C SER M 7 51.62 -3.19 21.87
N GLY M 8 50.41 -2.80 21.47
CA GLY M 8 49.26 -2.87 22.34
C GLY M 8 48.04 -2.19 21.76
N ASP M 9 46.88 -2.42 22.38
CA ASP M 9 45.64 -1.82 21.92
C ASP M 9 45.28 -0.55 22.66
N LEU M 10 45.69 -0.43 23.92
CA LEU M 10 45.42 0.76 24.71
C LEU M 10 46.64 1.06 25.58
N ALA M 11 46.78 2.34 25.95
CA ALA M 11 47.90 2.78 26.76
C ALA M 11 47.45 3.91 27.67
N CYS M 12 47.94 3.89 28.92
CA CYS M 12 47.59 4.89 29.93
C CYS M 12 48.83 5.15 30.80
N PHE M 13 49.81 5.86 30.23
CA PHE M 13 51.00 6.24 30.97
C PHE M 13 50.67 7.35 31.96
N THR M 14 50.25 6.98 33.16
CA THR M 14 49.78 7.96 34.15
C THR M 14 50.90 8.92 34.53
N ARG M 15 50.66 10.21 34.30
CA ARG M 15 51.62 11.23 34.68
C ARG M 15 51.61 11.44 36.19
N SER M 16 52.76 11.85 36.72
CA SER M 16 52.88 12.06 38.16
C SER M 16 52.21 13.35 38.62
N GLU M 17 52.10 14.35 37.74
CA GLU M 17 51.50 15.62 38.13
C GLU M 17 49.99 15.49 38.31
N LEU M 18 49.35 14.67 37.49
CA LEU M 18 47.90 14.45 37.56
C LEU M 18 47.68 12.96 37.79
N LYS M 19 47.61 12.56 39.06
CA LYS M 19 47.33 11.17 39.40
C LYS M 19 45.87 10.93 39.73
N VAL M 20 45.20 11.91 40.37
CA VAL M 20 43.77 11.77 40.62
C VAL M 20 42.98 11.81 39.32
N GLU M 21 43.57 12.36 38.26
CA GLU M 21 43.00 12.36 36.92
C GLU M 21 44.09 11.83 35.99
N ARG M 22 44.06 10.53 35.72
CA ARG M 22 45.11 9.89 34.94
C ARG M 22 45.16 10.45 33.53
N VAL M 23 46.36 10.79 33.08
CA VAL M 23 46.59 11.33 31.74
C VAL M 23 47.83 10.65 31.16
N SER M 24 47.68 10.09 29.96
CA SER M 24 48.76 9.36 29.32
C SER M 24 49.68 10.31 28.56
N TYR M 25 50.98 10.02 28.58
CA TYR M 25 51.92 10.79 27.80
C TYR M 25 51.65 10.58 26.31
N PRO M 26 51.97 11.57 25.47
CA PRO M 26 51.81 11.36 24.02
C PRO M 26 52.64 10.22 23.47
N VAL M 27 53.76 9.88 24.12
CA VAL M 27 54.57 8.75 23.71
C VAL M 27 54.68 7.77 24.87
N ILE M 28 55.53 6.76 24.74
CA ILE M 28 55.71 5.77 25.79
C ILE M 28 56.72 6.29 26.80
N THR M 29 56.40 6.12 28.08
CA THR M 29 57.28 6.61 29.14
C THR M 29 58.55 5.78 29.19
N PRO M 30 59.73 6.42 29.30
CA PRO M 30 60.96 5.63 29.45
C PRO M 30 60.96 4.74 30.68
N SER M 31 60.38 5.21 31.78
CA SER M 31 60.26 4.38 32.97
C SER M 31 59.34 3.19 32.71
N ALA M 32 58.29 3.39 31.90
CA ALA M 32 57.42 2.28 31.54
C ALA M 32 58.17 1.24 30.72
N ALA M 33 58.99 1.69 29.77
CA ALA M 33 59.77 0.76 28.97
C ALA M 33 60.80 0.02 29.81
N ARG M 34 61.40 0.71 30.79
CA ARG M 34 62.35 0.06 31.68
C ARG M 34 61.66 -0.99 32.54
N ASN M 35 60.46 -0.67 33.06
CA ASN M 35 59.72 -1.66 33.83
C ASN M 35 59.29 -2.83 32.96
N ILE M 36 58.99 -2.58 31.69
CA ILE M 36 58.66 -3.66 30.76
C ILE M 36 59.87 -4.58 30.59
N LEU M 37 61.04 -3.99 30.34
CA LEU M 37 62.25 -4.78 30.19
C LEU M 37 62.58 -5.57 31.44
N MET M 38 62.30 -5.00 32.62
CA MET M 38 62.52 -5.72 33.86
C MET M 38 61.53 -6.87 34.03
N ALA M 39 60.26 -6.64 33.68
CA ALA M 39 59.26 -7.68 33.79
C ALA M 39 59.50 -8.82 32.81
N ILE M 40 60.15 -8.52 31.67
CA ILE M 40 60.50 -9.58 30.73
C ILE M 40 61.66 -10.40 31.27
N LEU M 41 62.73 -9.74 31.69
CA LEU M 41 63.89 -10.42 32.26
C LEU M 41 64.68 -9.43 33.10
N TRP M 42 64.94 -9.79 34.35
CA TRP M 42 65.69 -8.93 35.25
C TRP M 42 66.37 -9.79 36.31
N LYS M 43 67.46 -9.27 36.85
CA LYS M 43 68.25 -9.96 37.86
C LYS M 43 69.08 -8.92 38.60
N PRO M 44 69.30 -9.09 39.91
CA PRO M 44 70.10 -8.10 40.66
C PRO M 44 71.57 -8.02 40.25
N ALA M 45 71.88 -8.51 39.05
CA ALA M 45 73.21 -8.36 38.48
C ALA M 45 73.20 -7.65 37.12
N ILE M 46 72.02 -7.32 36.60
CA ILE M 46 71.87 -6.65 35.32
C ILE M 46 70.98 -5.43 35.51
N ARG M 47 71.44 -4.27 35.04
CA ARG M 47 70.70 -3.02 35.15
C ARG M 47 70.17 -2.65 33.79
N TRP M 48 68.84 -2.70 33.63
CA TRP M 48 68.22 -2.37 32.36
C TRP M 48 68.16 -0.85 32.17
N LYS M 49 68.41 -0.42 30.92
CA LYS M 49 68.37 0.99 30.58
C LYS M 49 67.98 1.14 29.12
N VAL M 50 67.13 2.12 28.83
CA VAL M 50 66.64 2.37 27.49
C VAL M 50 67.56 3.36 26.79
N LEU M 51 67.87 3.09 25.52
CA LEU M 51 68.75 3.93 24.73
C LEU M 51 68.00 4.75 23.69
N LYS M 52 67.11 4.14 22.91
CA LYS M 52 66.39 4.83 21.87
C LYS M 52 64.97 4.29 21.77
N ILE M 53 64.01 5.17 21.50
CA ILE M 53 62.61 4.80 21.33
C ILE M 53 62.11 5.41 20.03
N GLU M 54 61.48 4.58 19.19
CA GLU M 54 60.92 5.02 17.92
C GLU M 54 59.43 4.74 17.91
N ILE M 55 58.63 5.77 17.67
CA ILE M 55 57.18 5.63 17.65
C ILE M 55 56.74 5.03 16.32
N LEU M 56 55.73 4.16 16.37
CA LEU M 56 55.23 3.50 15.18
C LEU M 56 53.76 3.74 14.90
N LYS M 57 53.00 4.30 15.85
CA LYS M 57 51.60 4.58 15.66
C LYS M 57 51.28 5.96 16.24
N PRO M 58 50.39 6.72 15.60
CA PRO M 58 50.12 8.09 16.06
C PRO M 58 49.30 8.10 17.33
N ILE M 59 49.12 9.31 17.87
CA ILE M 59 48.32 9.47 19.07
C ILE M 59 46.85 9.28 18.73
N GLN M 60 46.09 8.77 19.71
CA GLN M 60 44.67 8.48 19.50
C GLN M 60 44.00 8.49 20.88
N TRP M 61 43.57 9.68 21.31
CA TRP M 61 43.04 9.87 22.65
C TRP M 61 41.60 9.37 22.73
N THR M 62 41.29 8.65 23.81
CA THR M 62 39.95 8.18 24.09
C THR M 62 39.62 8.48 25.54
N ASN M 63 38.56 9.25 25.77
CA ASN M 63 38.19 9.66 27.12
C ASN M 63 37.52 8.48 27.83
N ILE M 64 38.18 7.96 28.86
CA ILE M 64 37.69 6.82 29.63
C ILE M 64 37.87 7.16 31.11
N ARG M 65 36.75 7.37 31.80
CA ARG M 65 36.76 7.64 33.23
C ARG M 65 36.25 6.42 33.98
N ARG M 66 36.94 6.07 35.06
CA ARG M 66 36.62 4.89 35.85
C ARG M 66 36.20 5.28 37.27
N ASN M 67 35.60 4.31 37.96
CA ASN M 67 35.18 4.47 39.35
C ASN M 67 36.24 3.81 40.23
N GLU M 68 37.31 4.56 40.50
CA GLU M 68 38.46 4.04 41.22
C GLU M 68 38.34 4.33 42.72
N VAL M 69 39.36 3.94 43.46
CA VAL M 69 39.40 4.14 44.91
C VAL M 69 40.54 5.09 45.24
N GLY M 70 40.47 5.66 46.44
CA GLY M 70 41.49 6.56 46.91
C GLY M 70 42.11 6.11 48.23
N THR M 71 41.67 4.95 48.71
CA THR M 71 42.14 4.41 49.99
C THR M 71 43.15 3.31 49.76
N LYS M 72 44.18 3.28 50.61
CA LYS M 72 45.22 2.27 50.52
C LYS M 72 44.70 0.93 51.04
N MET M 73 45.62 -0.02 51.19
CA MET M 73 45.31 -1.34 51.72
C MET M 73 46.25 -1.63 52.89
N SER M 74 45.68 -1.98 54.03
CA SER M 74 46.44 -2.25 55.24
C SER M 74 45.92 -3.52 55.90
N GLU M 75 46.47 -3.83 57.07
CA GLU M 75 46.10 -5.03 57.81
C GLU M 75 45.14 -4.74 58.97
N ARG M 76 44.98 -3.47 59.37
CA ARG M 76 44.07 -3.13 60.45
C ARG M 76 42.61 -3.25 59.99
N SER M 77 42.21 -2.40 59.04
CA SER M 77 40.85 -2.45 58.50
C SER M 77 40.71 -3.68 57.61
N GLY M 78 39.86 -4.61 58.02
CA GLY M 78 39.66 -5.85 57.29
C GLY M 78 38.80 -5.77 56.05
N SER M 79 38.24 -4.60 55.76
CA SER M 79 37.38 -4.43 54.59
C SER M 79 37.83 -3.18 53.84
N LEU M 80 36.92 -2.60 53.06
CA LEU M 80 37.23 -1.41 52.28
C LEU M 80 35.98 -0.56 52.06
N TYR M 81 34.91 -1.19 51.53
CA TYR M 81 33.66 -0.51 51.22
C TYR M 81 33.88 0.62 50.23
N ILE M 82 33.71 0.34 48.94
CA ILE M 82 33.95 1.32 47.89
C ILE M 82 32.86 2.37 47.79
N GLU M 83 31.80 2.27 48.60
CA GLU M 83 30.73 3.26 48.54
C GLU M 83 31.18 4.60 49.10
N ASP M 84 32.08 4.57 50.08
CA ASP M 84 32.64 5.78 50.67
C ASP M 84 34.04 6.10 50.16
N ASN M 85 34.54 5.32 49.20
CA ASN M 85 35.86 5.54 48.62
C ASN M 85 35.79 5.65 47.10
N ARG M 86 34.65 6.11 46.60
CA ARG M 86 34.46 6.24 45.15
C ARG M 86 35.20 7.48 44.63
N GLN M 87 35.82 7.34 43.47
CA GLN M 87 36.52 8.45 42.82
C GLN M 87 36.29 8.37 41.32
N GLN M 88 35.71 9.42 40.74
CA GLN M 88 35.50 9.48 39.30
C GLN M 88 36.82 9.91 38.67
N ARG M 89 37.70 8.94 38.43
CA ARG M 89 39.06 9.22 37.98
C ARG M 89 39.15 8.94 36.49
N ALA M 90 39.38 9.99 35.70
CA ALA M 90 39.47 9.83 34.25
C ALA M 90 40.84 9.27 33.86
N SER M 91 40.89 8.73 32.64
CA SER M 91 42.13 8.16 32.12
C SER M 91 42.05 8.18 30.59
N MET M 92 42.66 9.20 29.99
CA MET M 92 42.67 9.33 28.53
C MET M 92 43.58 8.24 27.96
N LEU M 93 42.96 7.22 27.37
CA LEU M 93 43.71 6.09 26.84
C LEU M 93 44.21 6.36 25.43
N LEU M 94 45.29 5.70 25.05
CA LEU M 94 45.88 5.80 23.72
C LEU M 94 45.51 4.54 22.95
N LYS M 95 44.51 4.66 22.07
CA LYS M 95 44.05 3.52 21.30
C LYS M 95 44.97 3.24 20.12
N ASP M 96 45.29 1.95 19.93
CA ASP M 96 46.12 1.50 18.83
C ASP M 96 47.48 2.21 18.82
N VAL M 97 48.40 1.73 19.65
CA VAL M 97 49.74 2.30 19.75
C VAL M 97 50.76 1.16 19.69
N ALA M 98 51.92 1.45 19.09
CA ALA M 98 52.99 0.48 18.98
C ALA M 98 54.32 1.23 18.99
N TYR M 99 55.30 0.66 19.70
CA TYR M 99 56.61 1.28 19.82
C TYR M 99 57.69 0.21 19.71
N ARG M 100 58.86 0.61 19.24
CA ARG M 100 60.05 -0.23 19.22
C ARG M 100 61.13 0.45 20.05
N ILE M 101 61.80 -0.33 20.90
CA ILE M 101 62.82 0.19 21.81
C ILE M 101 64.13 -0.49 21.50
N HIS M 102 65.18 0.30 21.27
CA HIS M 102 66.54 -0.19 21.11
C HIS M 102 67.28 0.11 22.42
N ALA M 103 67.53 -0.93 23.20
CA ALA M 103 68.09 -0.79 24.54
C ALA M 103 69.21 -1.81 24.75
N ASP M 104 69.89 -1.67 25.87
CA ASP M 104 70.97 -2.58 26.27
C ASP M 104 70.93 -2.71 27.79
N PHE M 105 72.01 -3.19 28.39
CA PHE M 105 72.06 -3.34 29.83
C PHE M 105 73.52 -3.34 30.28
N ASP M 106 73.72 -3.01 31.56
CA ASP M 106 75.03 -3.00 32.16
C ASP M 106 74.99 -3.84 33.43
N MET M 107 75.98 -3.68 34.30
CA MET M 107 76.07 -4.41 35.55
C MET M 107 75.64 -3.53 36.73
N THR M 108 75.43 -4.18 37.87
CA THR M 108 75.05 -3.51 39.10
C THR M 108 76.18 -3.64 40.12
N SER M 109 75.86 -3.35 41.39
CA SER M 109 76.86 -3.46 42.45
C SER M 109 76.94 -4.88 43.00
N GLU M 110 75.79 -5.55 43.14
CA GLU M 110 75.75 -6.93 43.63
C GLU M 110 75.70 -7.90 42.45
N ALA M 111 76.71 -7.80 41.59
CA ALA M 111 76.77 -8.65 40.41
C ALA M 111 77.00 -10.12 40.78
N GLY M 112 77.76 -10.38 41.84
CA GLY M 112 78.02 -11.75 42.24
C GLY M 112 79.01 -12.45 41.33
N GLU M 113 78.82 -13.76 41.18
CA GLU M 113 79.69 -14.57 40.34
C GLU M 113 79.08 -14.90 38.98
N SER M 114 77.78 -14.71 38.80
CA SER M 114 77.13 -15.00 37.53
C SER M 114 76.69 -13.71 36.85
N ASP M 115 77.65 -12.89 36.42
CA ASP M 115 77.39 -11.63 35.74
C ASP M 115 77.95 -11.64 34.32
N ASN M 116 77.68 -12.69 33.57
CA ASN M 116 78.15 -12.78 32.20
C ASN M 116 77.25 -11.98 31.27
N TYR M 117 77.85 -11.08 30.50
CA TYR M 117 77.08 -10.25 29.58
C TYR M 117 76.45 -11.09 28.47
N VAL M 118 77.22 -12.01 27.89
CA VAL M 118 76.71 -12.82 26.78
C VAL M 118 75.59 -13.73 27.25
N LYS M 119 75.68 -14.23 28.49
CA LYS M 119 74.64 -15.13 29.00
C LYS M 119 73.30 -14.42 29.08
N PHE M 120 73.25 -13.27 29.76
CA PHE M 120 72.00 -12.51 29.83
C PHE M 120 71.57 -12.01 28.46
N ALA M 121 72.52 -11.70 27.59
CA ALA M 121 72.17 -11.27 26.24
C ALA M 121 71.41 -12.35 25.49
N GLU M 122 71.98 -13.56 25.42
CA GLU M 122 71.31 -14.65 24.73
C GLU M 122 70.04 -15.07 25.44
N MET M 123 69.98 -14.93 26.77
CA MET M 123 68.76 -15.25 27.50
C MET M 123 67.63 -14.30 27.11
N PHE M 124 67.91 -13.00 27.08
CA PHE M 124 66.90 -12.04 26.65
C PHE M 124 66.52 -12.25 25.19
N LYS M 125 67.51 -12.62 24.36
CA LYS M 125 67.22 -12.87 22.94
C LYS M 125 66.26 -14.05 22.77
N ARG M 126 66.53 -15.15 23.46
CA ARG M 126 65.65 -16.31 23.34
C ARG M 126 64.30 -16.06 24.00
N ARG M 127 64.26 -15.25 25.05
CA ARG M 127 62.98 -14.89 25.66
C ARG M 127 62.13 -14.05 24.70
N ALA M 128 62.76 -13.12 23.99
CA ALA M 128 62.03 -12.29 23.03
C ALA M 128 61.64 -13.08 21.79
N LYS M 129 62.45 -14.05 21.37
CA LYS M 129 62.13 -14.86 20.20
C LYS M 129 61.08 -15.93 20.50
N LYS M 130 61.02 -16.42 21.74
CA LYS M 130 60.08 -17.48 22.09
C LYS M 130 58.99 -17.01 23.04
N GLY M 131 58.85 -15.70 23.22
CA GLY M 131 57.76 -15.17 24.03
C GLY M 131 57.84 -15.47 25.51
N GLN M 132 59.05 -15.64 26.04
CA GLN M 132 59.25 -15.90 27.46
C GLN M 132 59.40 -14.59 28.21
N TYR M 133 58.85 -14.55 29.43
CA TYR M 133 58.92 -13.35 30.26
C TYR M 133 58.68 -13.73 31.71
N PHE M 134 59.30 -12.97 32.61
CA PHE M 134 59.07 -13.15 34.05
C PHE M 134 57.68 -12.65 34.45
N HIS M 135 57.36 -11.41 34.08
CA HIS M 135 56.06 -10.82 34.34
C HIS M 135 55.53 -10.18 33.06
N GLN M 136 54.22 -10.24 32.87
CA GLN M 136 53.61 -9.66 31.69
C GLN M 136 53.82 -8.16 31.66
N PRO M 137 54.40 -7.60 30.60
CA PRO M 137 54.63 -6.16 30.55
C PRO M 137 53.32 -5.39 30.55
N TYR M 138 53.38 -4.15 31.04
CA TYR M 138 52.23 -3.26 31.10
C TYR M 138 52.50 -2.03 30.24
N LEU M 139 51.47 -1.59 29.51
CA LEU M 139 51.58 -0.41 28.66
C LEU M 139 50.90 0.77 29.35
N GLY M 140 51.63 1.35 30.29
CA GLY M 140 51.09 2.42 31.10
C GLY M 140 50.53 1.91 32.42
N CYS M 141 49.63 0.93 32.32
CA CYS M 141 49.05 0.29 33.50
C CYS M 141 48.90 -1.20 33.22
N ARG M 142 48.77 -1.98 34.29
CA ARG M 142 48.59 -3.42 34.13
C ARG M 142 47.20 -3.81 33.65
N GLU M 143 46.35 -2.85 33.30
CA GLU M 143 45.05 -3.17 32.72
C GLU M 143 45.12 -3.37 31.21
N PHE M 144 46.31 -3.24 30.62
CA PHE M 144 46.52 -3.36 29.19
C PHE M 144 47.56 -4.43 28.89
N PRO M 145 47.44 -5.12 27.76
CA PRO M 145 48.40 -6.16 27.40
C PRO M 145 49.59 -5.58 26.64
N CYS M 146 50.60 -6.43 26.42
CA CYS M 146 51.80 -6.07 25.67
C CYS M 146 52.24 -7.30 24.88
N ASP M 147 51.69 -7.45 23.69
CA ASP M 147 52.04 -8.56 22.79
C ASP M 147 53.37 -8.23 22.12
N PHE M 148 54.45 -8.42 22.88
CA PHE M 148 55.78 -8.09 22.39
C PHE M 148 56.23 -9.08 21.32
N ARG M 149 57.22 -8.67 20.54
CA ARG M 149 57.76 -9.50 19.47
C ARG M 149 59.19 -9.07 19.19
N LEU M 150 60.06 -10.05 18.96
CA LEU M 150 61.46 -9.77 18.67
C LEU M 150 61.62 -9.35 17.22
N LEU M 151 62.38 -8.27 17.00
CA LEU M 151 62.68 -7.77 15.67
C LEU M 151 64.19 -7.55 15.53
N GLU M 152 64.60 -7.08 14.36
CA GLU M 152 66.01 -6.85 14.06
C GLU M 152 66.29 -5.43 13.59
N LYS M 153 65.51 -4.92 12.65
CA LYS M 153 65.74 -3.58 12.12
C LYS M 153 64.45 -2.76 12.09
N ALA M 154 63.71 -2.84 11.00
CA ALA M 154 62.47 -2.10 10.84
C ALA M 154 61.45 -2.99 10.15
N GLU M 155 60.43 -3.41 10.88
CA GLU M 155 59.36 -4.25 10.35
C GLU M 155 58.00 -3.59 10.43
N ASP M 156 57.94 -2.29 10.70
CA ASP M 156 56.68 -1.58 10.81
C ASP M 156 56.93 -0.11 10.49
N GLY M 157 55.98 0.50 9.78
CA GLY M 157 56.11 1.89 9.42
C GLY M 157 55.90 2.82 10.60
N LEU M 158 56.21 4.10 10.38
CA LEU M 158 56.08 5.12 11.40
C LEU M 158 55.46 6.37 10.80
N PRO M 159 54.42 6.93 11.43
CA PRO M 159 53.82 8.16 10.90
C PRO M 159 54.55 9.42 11.33
N LEU M 160 55.12 9.39 12.54
CA LEU M 160 55.88 10.53 13.06
C LEU M 160 57.19 10.62 12.28
N GLU M 161 57.13 11.33 11.15
CA GLU M 161 58.26 11.46 10.24
C GLU M 161 58.91 12.85 10.30
N ASP M 162 58.11 13.91 10.30
CA ASP M 162 58.62 15.26 10.33
C ASP M 162 58.71 15.75 11.78
N ILE M 163 58.90 17.05 11.96
CA ILE M 163 59.00 17.64 13.29
C ILE M 163 57.58 17.85 13.82
N THR M 164 57.18 17.04 14.79
CA THR M 164 55.84 17.12 15.35
C THR M 164 55.77 18.17 16.46
N GLN M 165 55.76 17.71 17.71
CA GLN M 165 55.65 18.61 18.85
C GLN M 165 56.44 18.03 20.03
N ASP M 166 56.78 18.91 20.97
CA ASP M 166 57.55 18.52 22.14
C ASP M 166 56.63 17.91 23.20
N PHE M 167 57.23 17.44 24.29
CA PHE M 167 56.48 16.80 25.37
C PHE M 167 56.81 17.32 26.76
N GLY M 168 57.83 18.18 26.90
CA GLY M 168 58.21 18.67 28.20
C GLY M 168 59.02 17.67 28.99
N PHE M 169 59.25 18.01 30.26
CA PHE M 169 59.97 17.13 31.17
C PHE M 169 59.15 15.89 31.45
N MET M 170 59.60 14.75 30.96
CA MET M 170 58.92 13.47 31.17
C MET M 170 59.66 12.65 32.22
N LEU M 171 58.92 11.72 32.83
CA LEU M 171 59.45 10.88 33.89
C LEU M 171 60.43 9.87 33.29
N TYR M 172 61.73 10.15 33.43
CA TYR M 172 62.76 9.25 32.93
C TYR M 172 62.84 8.00 33.79
N ASP M 173 63.33 8.15 35.02
CA ASP M 173 63.44 7.02 35.94
C ASP M 173 63.59 7.56 37.35
N MET M 174 63.04 6.83 38.32
CA MET M 174 63.16 7.23 39.72
C MET M 174 64.60 7.08 40.19
N ASP M 175 64.93 7.78 41.27
CA ASP M 175 66.27 7.76 41.83
C ASP M 175 66.33 6.66 42.89
N PHE M 176 66.75 5.47 42.46
CA PHE M 176 66.87 4.32 43.34
C PHE M 176 68.23 4.23 44.01
N SER M 177 69.09 5.23 43.82
CA SER M 177 70.41 5.19 44.43
C SER M 177 70.33 5.41 45.95
N LYS M 178 69.47 6.32 46.39
CA LYS M 178 69.30 6.62 47.81
C LYS M 178 68.26 5.73 48.46
N SER M 179 68.32 4.43 48.23
CA SER M 179 67.34 3.51 48.80
C SER M 179 67.93 2.11 48.87
N ASP M 180 67.52 1.37 49.91
CA ASP M 180 67.93 -0.01 50.07
C ASP M 180 67.22 -0.88 49.04
N PRO M 181 67.60 -2.16 48.93
CA PRO M 181 66.82 -3.09 48.12
C PRO M 181 65.35 -3.08 48.54
N ARG M 182 64.48 -3.44 47.59
CA ARG M 182 63.03 -3.26 47.73
C ARG M 182 62.73 -1.78 47.97
N ASP M 183 62.54 -1.03 46.89
CA ASP M 183 62.34 0.41 46.97
C ASP M 183 61.12 0.75 47.81
N SER M 184 61.18 1.89 48.51
CA SER M 184 60.08 2.34 49.35
C SER M 184 60.06 3.85 49.46
N ASN M 185 61.24 4.48 49.43
CA ASN M 185 61.36 5.93 49.54
C ASN M 185 62.31 6.39 48.43
N ASN M 186 61.75 7.06 47.42
CA ASN M 186 62.56 7.57 46.31
C ASN M 186 61.78 8.68 45.62
N ALA M 187 62.52 9.58 44.99
CA ALA M 187 61.93 10.70 44.27
C ALA M 187 61.66 10.31 42.82
N GLU M 188 61.10 11.26 42.06
CA GLU M 188 60.76 11.07 40.65
C GLU M 188 61.44 12.16 39.83
N PRO M 189 62.75 12.01 39.56
CA PRO M 189 63.45 13.02 38.77
C PRO M 189 63.13 12.94 37.28
N MET M 190 62.39 13.91 36.78
CA MET M 190 62.04 13.96 35.36
C MET M 190 63.15 14.66 34.57
N PHE M 191 63.21 14.35 33.28
CA PHE M 191 64.23 14.90 32.40
C PHE M 191 63.63 15.20 31.04
N TYR M 192 64.40 15.91 30.21
CA TYR M 192 63.99 16.25 28.86
C TYR M 192 64.26 15.08 27.91
N GLN M 193 64.13 15.34 26.62
CA GLN M 193 64.40 14.33 25.60
C GLN M 193 65.34 14.88 24.55
N CYS M 194 64.81 15.26 23.39
CA CYS M 194 65.60 15.87 22.33
C CYS M 194 64.78 16.93 21.60
N LYS M 195 63.84 16.48 20.77
CA LYS M 195 62.97 17.40 20.03
C LYS M 195 61.68 16.70 19.63
N ALA M 196 61.44 16.57 18.33
CA ALA M 196 60.23 15.92 17.83
C ALA M 196 60.48 15.24 16.50
N VAL M 197 61.57 14.48 16.41
CA VAL M 197 61.91 13.78 15.18
C VAL M 197 61.09 12.50 15.08
N ASN M 198 61.75 11.35 15.03
CA ASN M 198 61.07 10.06 14.93
C ASN M 198 60.55 9.54 16.26
N GLY M 199 61.20 9.88 17.36
CA GLY M 199 60.77 9.43 18.66
C GLY M 199 61.49 10.15 19.77
N VAL M 200 61.55 9.49 20.93
CA VAL M 200 62.18 10.03 22.12
C VAL M 200 63.47 9.26 22.37
N ILE M 201 64.59 9.98 22.49
CA ILE M 201 65.88 9.37 22.76
C ILE M 201 66.20 9.63 24.22
N THR M 202 66.23 8.57 25.02
CA THR M 202 66.50 8.72 26.44
C THR M 202 67.96 9.03 26.69
N VAL M 203 68.22 9.87 27.69
CA VAL M 203 69.57 10.28 28.05
C VAL M 203 69.96 9.57 29.35
N PRO M 204 71.06 8.82 29.38
CA PRO M 204 71.43 8.14 30.61
C PRO M 204 71.93 9.13 31.65
N PRO M 205 71.65 8.88 32.94
CA PRO M 205 72.07 9.75 34.04
C PRO M 205 73.59 9.90 34.13
#